data_8HKM
#
_entry.id   8HKM
#
_cell.length_a   1.00
_cell.length_b   1.00
_cell.length_c   1.00
_cell.angle_alpha   90.00
_cell.angle_beta   90.00
_cell.angle_gamma   90.00
#
_symmetry.space_group_name_H-M   'P 1'
#
loop_
_entity.id
_entity.type
_entity.pdbx_description
1 polymer 'Potassium channel subfamily T member 1'
2 non-polymer 'POTASSIUM ION'
3 non-polymer 'ZINC ION'
4 non-polymer '[(2~{R})-1-[2-azanylethoxy(oxidanyl)phosphoryl]oxy-3-hexadecanoyloxy-propan-2-yl] (~{Z})-octadec-9-enoate'
#
_entity_poly.entity_id   1
_entity_poly.type   'polypeptide(L)'
_entity_poly.pdbx_seq_one_letter_code
;MPLPDGARTPGGVCREARGGGYTNRTFEFDDGQCAPRRPCAGDGALLDTAGFKMSDLDSEVLPLPPRYRFRDLLLGDPSF
QNDDRVQVEFYVNENTFKERLKLFFIKNQRSSLRIRLFNFSLKLLTCLLYIVRVLLDDPALGIGCWGCPKQNYSFNDSSS
EINWAPILWVERKMTLWAIQVIVAIISFLETMLLIYLSYKGNIWEQIFRVSFVLEMINTLPFIITIFWPPLRNLFIPVFL
NCWLAKHALENMINDFHRAILRTQSAMFNQVLILFCTLLCLVFTGTCGIQHLERAGENLSLLTSFYFCIVTFSTVGYGDV
TPKIWPSQLLVVIMICVALVVLPLQFEELVYLWMERQKSGGNYSRHRAQTEKHVVLCVSSLKIDLLMDFLNEFYAHPRLQ
DYYVVILCPTEMDVQVRRVLQIPLWSQRVIYLQGSALKDQDLMRAKMDNGEACFILSSRNEVDRTAADHQTILRAWAVKD
FAPNCPLYVQILKPENKFHVKFADHVVCEEECKYAMLALNCICPATSTLITLLVHTSRGQEGQESPEQWQRMYGRCSGNE
VYHIRMGDSKFFREYEGKSFTYAAFHAHKKYGVCLIGLKREDNKSILLNPGPRHILAASDTCFYINITKEENSAFIFKQE
EKRKKRAFSGQGLHEGPARLPVHSIIASMGTVAMDLQGTEHRPTQSGGGGGGSKLALPTENGSGSRRPSIAPVLELADSS
ALLPCDLLSDQSEDEVTPSDDEGLSVVEYVKGYPPNSPYIGSSPTLCHLLPVKAPFCCLRLDKGCKHNSYEDAKAYGFKN
KLIIVSAETAGNGLYNFIVPLRAYYRSRKELNPIVLLLDNKPDHHFLEAICCFPMVYYMEGSVDNLDSLLQCGIIYADNL
VVVDKESTMSAEEDYMADAKTIVNVQTMFRLFPSLSITTELTHPSNMRFMQFRAKDSYSLALSKLEKRERENGSNLAFMF
RLPFAAGRVFSISMLDTLLYQSFVKDYMITITRLLLGLDTTPGSGYLCAMKITEGDLWIRTYGRLFQKLCSSSAEIPIGI
YRTESHVFSTSEPHDLRAQSQISVNVEDCEDTREVKGPWGSRAGTGGSSQGRHTGGGDPAEHPLLRRKSLQWARRLSRKA
PKQAGRAAAAEWISQQRLSLYRRSERQELSELVKNRMKHLGLPTTGYDEMNDHQNTLSYVLINPPPDTRLEPSDIVYLIR
SDPLAHVASSSQSRKSSCSHKLSSCNPETRDETQL
;
_entity_poly.pdbx_strand_id   A,B,C,D
#
# COMPACT_ATOMS: atom_id res chain seq x y z
N ARG A 110 6.66 39.96 24.82
CA ARG A 110 7.36 40.64 23.73
C ARG A 110 6.80 42.03 23.49
N SER A 111 7.69 43.02 23.38
CA SER A 111 7.28 44.39 23.13
C SER A 111 6.65 44.56 21.75
N SER A 112 7.15 43.82 20.75
CA SER A 112 6.56 43.89 19.42
C SER A 112 5.17 43.28 19.37
N LEU A 113 4.91 42.27 20.21
CA LEU A 113 3.57 41.71 20.29
C LEU A 113 2.58 42.78 20.75
N ARG A 114 2.99 43.60 21.73
CA ARG A 114 2.16 44.74 22.13
C ARG A 114 1.95 45.70 20.96
N ILE A 115 2.88 45.73 20.00
CA ILE A 115 2.77 46.67 18.89
C ILE A 115 1.68 46.22 17.91
N ARG A 116 1.69 44.94 17.51
CA ARG A 116 0.63 44.48 16.62
C ARG A 116 -0.73 44.46 17.31
N LEU A 117 -0.75 44.10 18.60
CA LEU A 117 -2.03 44.12 19.32
C LEU A 117 -2.58 45.54 19.42
N PHE A 118 -1.69 46.50 19.61
CA PHE A 118 -2.12 47.90 19.66
C PHE A 118 -2.66 48.30 18.31
N ASN A 119 -1.96 47.96 17.25
CA ASN A 119 -2.40 48.32 15.91
C ASN A 119 -3.77 47.73 15.60
N PHE A 120 -3.98 46.45 15.94
CA PHE A 120 -5.29 45.84 15.75
C PHE A 120 -6.36 46.53 16.57
N SER A 121 -6.04 46.87 17.82
CA SER A 121 -6.99 47.62 18.65
C SER A 121 -7.21 49.02 18.09
N LEU A 122 -6.17 49.62 17.49
CA LEU A 122 -6.34 50.92 16.88
C LEU A 122 -7.20 50.85 15.62
N LYS A 123 -7.05 49.77 14.85
CA LYS A 123 -7.85 49.61 13.63
C LYS A 123 -9.33 49.47 13.95
N LEU A 124 -9.67 48.67 14.96
CA LEU A 124 -11.09 48.51 15.30
C LEU A 124 -11.65 49.74 16.00
N LEU A 125 -10.76 50.58 16.57
CA LEU A 125 -11.22 51.80 17.22
C LEU A 125 -11.68 52.84 16.20
N THR A 126 -10.89 53.02 15.13
CA THR A 126 -11.28 54.00 14.11
C THR A 126 -12.47 53.50 13.29
N CYS A 127 -12.63 52.19 13.16
CA CYS A 127 -13.86 51.66 12.57
C CYS A 127 -15.06 51.97 13.46
N LEU A 128 -14.89 51.86 14.78
CA LEU A 128 -15.93 52.27 15.71
C LEU A 128 -16.16 53.77 15.65
N LEU A 129 -15.10 54.56 15.46
CA LEU A 129 -15.24 56.01 15.38
C LEU A 129 -16.07 56.41 14.17
N TYR A 130 -15.92 55.72 13.05
CA TYR A 130 -16.78 55.97 11.90
C TYR A 130 -18.24 55.65 12.22
N ILE A 131 -18.48 54.58 13.00
CA ILE A 131 -19.84 54.20 13.34
C ILE A 131 -20.50 55.27 14.18
N VAL A 132 -19.78 55.79 15.18
CA VAL A 132 -20.35 56.82 16.04
C VAL A 132 -20.55 58.11 15.27
N ARG A 133 -19.74 58.35 14.23
CA ARG A 133 -19.95 59.52 13.39
C ARG A 133 -21.24 59.41 12.59
N VAL A 134 -21.46 58.26 11.94
CA VAL A 134 -22.65 58.12 11.11
C VAL A 134 -23.91 58.00 11.97
N LEU A 135 -23.75 57.59 13.24
CA LEU A 135 -24.90 57.54 14.14
C LEU A 135 -25.29 58.93 14.63
N LEU A 136 -24.31 59.83 14.80
CA LEU A 136 -24.55 61.16 15.31
C LEU A 136 -24.66 62.22 14.21
N ASP A 137 -24.62 61.82 12.95
CA ASP A 137 -24.70 62.74 11.82
C ASP A 137 -26.08 62.66 11.21
N ASP A 138 -26.72 63.82 11.05
CA ASP A 138 -28.05 63.94 10.48
C ASP A 138 -27.97 64.68 9.16
N PRO A 139 -28.35 64.07 8.03
CA PRO A 139 -28.36 64.81 6.77
C PRO A 139 -29.63 65.61 6.54
N ALA A 140 -30.64 65.39 7.38
CA ALA A 140 -31.91 66.11 7.23
C ALA A 140 -31.78 67.59 7.59
N LEU A 141 -30.97 67.91 8.60
CA LEU A 141 -30.88 69.30 9.05
C LEU A 141 -30.09 70.17 8.07
N GLY A 142 -29.28 69.57 7.23
CA GLY A 142 -28.50 70.31 6.26
C GLY A 142 -27.11 69.70 6.10
N ILE A 143 -26.57 69.82 4.89
CA ILE A 143 -25.24 69.33 4.57
C ILE A 143 -24.46 70.44 3.87
N GLY A 144 -23.14 70.36 3.95
CA GLY A 144 -22.30 71.37 3.35
C GLY A 144 -20.84 70.99 3.51
N CYS A 145 -19.96 71.87 3.01
CA CYS A 145 -18.53 71.59 3.05
C CYS A 145 -17.98 71.78 4.46
N TRP A 146 -18.04 73.03 4.96
CA TRP A 146 -17.81 73.32 6.37
C TRP A 146 -18.26 74.73 6.65
N GLY A 147 -19.25 74.88 7.53
CA GLY A 147 -19.70 76.19 7.95
C GLY A 147 -19.86 77.32 6.95
N CYS A 148 -20.11 76.95 5.69
CA CYS A 148 -20.19 77.90 4.61
C CYS A 148 -21.44 77.26 3.99
N PRO A 149 -22.49 78.07 3.66
CA PRO A 149 -23.81 77.53 3.26
C PRO A 149 -23.93 76.02 3.38
N LYS A 150 -24.45 75.58 4.59
CA LYS A 150 -24.99 74.24 4.69
C LYS A 150 -26.36 74.30 4.02
N GLN A 151 -26.70 73.29 3.24
CA GLN A 151 -27.95 73.28 2.49
C GLN A 151 -28.72 71.98 2.76
N ASN A 152 -30.02 72.06 2.59
CA ASN A 152 -30.90 70.91 2.72
C ASN A 152 -31.09 70.25 1.36
N TYR A 153 -30.91 68.94 1.30
CA TYR A 153 -31.00 68.18 0.07
C TYR A 153 -32.10 67.14 0.16
N SER A 154 -32.73 66.86 -0.98
CA SER A 154 -33.83 65.90 -1.05
C SER A 154 -33.69 65.05 -2.30
N PHE A 155 -34.44 63.95 -2.32
CA PHE A 155 -34.42 63.01 -3.44
C PHE A 155 -35.64 63.20 -4.31
N ASN A 156 -35.42 63.29 -5.62
CA ASN A 156 -36.48 63.24 -6.62
C ASN A 156 -36.26 61.99 -7.46
N ASP A 157 -37.24 61.08 -7.47
CA ASP A 157 -37.07 59.81 -8.16
C ASP A 157 -36.94 60.02 -9.66
N SER A 158 -37.71 60.94 -10.24
CA SER A 158 -37.67 61.14 -11.69
C SER A 158 -36.35 61.75 -12.14
N SER A 159 -35.74 62.58 -11.29
CA SER A 159 -34.50 63.26 -11.65
C SER A 159 -33.37 62.28 -11.91
N SER A 160 -32.92 62.20 -13.16
CA SER A 160 -31.81 61.32 -13.51
C SER A 160 -30.47 61.86 -13.02
N GLU A 161 -30.40 63.12 -12.60
CA GLU A 161 -29.18 63.71 -12.07
C GLU A 161 -29.16 63.53 -10.56
N ILE A 162 -28.02 63.06 -10.05
CA ILE A 162 -27.85 62.77 -8.63
C ILE A 162 -26.91 63.81 -8.03
N ASN A 163 -27.34 64.41 -6.93
CA ASN A 163 -26.53 65.39 -6.22
C ASN A 163 -25.45 64.66 -5.43
N TRP A 164 -24.19 64.89 -5.78
CA TRP A 164 -23.07 64.24 -5.12
C TRP A 164 -22.67 64.91 -3.82
N ALA A 165 -23.26 66.06 -3.49
CA ALA A 165 -22.91 66.74 -2.25
C ALA A 165 -23.14 65.91 -0.99
N PRO A 166 -24.27 65.21 -0.82
CA PRO A 166 -24.39 64.33 0.36
C PRO A 166 -23.33 63.24 0.40
N ILE A 167 -22.92 62.72 -0.75
CA ILE A 167 -21.87 61.70 -0.78
C ILE A 167 -20.51 62.32 -0.54
N LEU A 168 -20.21 63.44 -1.20
CA LEU A 168 -18.91 64.06 -1.04
C LEU A 168 -18.70 64.59 0.37
N TRP A 169 -19.68 65.32 0.90
CA TRP A 169 -19.53 66.00 2.18
C TRP A 169 -20.24 65.23 3.29
N VAL A 170 -19.55 65.11 4.42
CA VAL A 170 -20.10 64.48 5.62
C VAL A 170 -19.86 65.43 6.78
N GLU A 171 -20.94 65.83 7.45
CA GLU A 171 -20.83 66.76 8.57
C GLU A 171 -20.17 66.06 9.76
N ARG A 172 -18.97 66.51 10.12
CA ARG A 172 -18.17 65.89 11.17
C ARG A 172 -17.91 66.89 12.27
N LYS A 173 -18.16 66.49 13.51
CA LYS A 173 -18.00 67.38 14.65
C LYS A 173 -16.53 67.71 14.89
N MET A 174 -16.30 68.82 15.60
CA MET A 174 -14.94 69.26 15.86
C MET A 174 -14.21 68.28 16.77
N THR A 175 -14.92 67.68 17.73
CA THR A 175 -14.30 66.70 18.62
C THR A 175 -14.03 65.39 17.89
N LEU A 176 -15.01 64.92 17.11
CA LEU A 176 -14.84 63.65 16.40
C LEU A 176 -13.73 63.74 15.36
N TRP A 177 -13.62 64.88 14.66
CA TRP A 177 -12.56 65.05 13.67
C TRP A 177 -11.19 65.09 14.35
N ALA A 178 -11.10 65.73 15.51
CA ALA A 178 -9.82 65.83 16.21
C ALA A 178 -9.33 64.47 16.68
N ILE A 179 -10.21 63.66 17.29
CA ILE A 179 -9.80 62.35 17.76
C ILE A 179 -9.53 61.41 16.59
N GLN A 180 -10.25 61.59 15.48
CA GLN A 180 -10.08 60.70 14.33
C GLN A 180 -8.71 60.88 13.71
N VAL A 181 -8.27 62.12 13.49
CA VAL A 181 -6.97 62.34 12.86
C VAL A 181 -5.84 61.91 13.77
N ILE A 182 -5.98 62.11 15.08
CA ILE A 182 -4.95 61.66 16.02
C ILE A 182 -4.74 60.16 15.89
N VAL A 183 -5.84 59.41 15.84
CA VAL A 183 -5.73 57.97 15.60
C VAL A 183 -5.21 57.71 14.19
N ALA A 184 -5.61 58.54 13.22
CA ALA A 184 -5.12 58.39 11.86
C ALA A 184 -3.63 58.66 11.77
N ILE A 185 -3.14 59.68 12.48
CA ILE A 185 -1.71 59.98 12.47
C ILE A 185 -0.92 58.83 13.10
N ILE A 186 -1.39 58.33 14.25
CA ILE A 186 -0.73 57.20 14.89
C ILE A 186 -0.82 55.96 14.00
N SER A 187 -1.91 55.83 13.24
CA SER A 187 -2.03 54.74 12.29
C SER A 187 -0.87 54.75 11.29
N PHE A 188 -0.62 55.90 10.67
CA PHE A 188 0.50 56.01 9.73
C PHE A 188 1.85 55.89 10.43
N LEU A 189 1.97 56.48 11.62
CA LEU A 189 3.27 56.47 12.29
C LEU A 189 3.73 55.05 12.60
N GLU A 190 2.81 54.20 13.05
CA GLU A 190 3.16 52.83 13.41
C GLU A 190 3.32 51.94 12.18
N THR A 191 2.53 52.15 11.12
CA THR A 191 2.74 51.39 9.90
C THR A 191 4.11 51.69 9.30
N MET A 192 4.51 52.97 9.28
CA MET A 192 5.86 53.31 8.85
C MET A 192 6.90 52.76 9.80
N LEU A 193 6.55 52.66 11.09
CA LEU A 193 7.45 52.03 12.04
C LEU A 193 7.67 50.56 11.71
N LEU A 194 6.60 49.85 11.36
CA LEU A 194 6.74 48.43 11.00
C LEU A 194 7.43 48.27 9.66
N ILE A 195 7.14 49.15 8.70
CA ILE A 195 7.75 49.05 7.38
C ILE A 195 9.24 49.32 7.47
N TYR A 196 9.62 50.39 8.17
CA TYR A 196 11.04 50.75 8.26
C TYR A 196 11.82 49.81 9.17
N LEU A 197 11.17 49.21 10.17
CA LEU A 197 11.88 48.30 11.07
C LEU A 197 12.34 47.04 10.35
N SER A 198 11.50 46.50 9.47
CA SER A 198 11.77 45.25 8.78
C SER A 198 11.68 45.46 7.28
N TYR A 199 12.84 45.69 6.64
CA TYR A 199 12.91 45.74 5.19
C TYR A 199 13.03 44.36 4.56
N LYS A 200 13.56 43.39 5.31
CA LYS A 200 13.78 42.03 4.82
C LYS A 200 14.65 42.00 3.56
N GLY A 201 15.61 42.91 3.49
CA GLY A 201 16.51 42.94 2.36
C GLY A 201 15.91 43.43 1.06
N ASN A 202 14.79 44.15 1.12
CA ASN A 202 14.15 44.66 -0.08
C ASN A 202 13.54 46.02 0.22
N ILE A 203 13.51 46.88 -0.80
CA ILE A 203 12.93 48.21 -0.67
C ILE A 203 11.63 48.26 -1.45
N TRP A 204 11.55 47.49 -2.52
CA TRP A 204 10.35 47.51 -3.33
C TRP A 204 9.36 46.46 -2.87
N GLU A 205 8.34 46.21 -3.68
CA GLU A 205 7.33 45.19 -3.41
C GLU A 205 6.54 45.49 -2.13
N GLN A 206 6.77 46.66 -1.51
CA GLN A 206 6.00 47.03 -0.35
C GLN A 206 4.66 47.68 -0.73
N ILE A 207 4.57 48.25 -1.92
CA ILE A 207 3.33 48.88 -2.35
C ILE A 207 2.46 47.95 -3.18
N PHE A 208 3.06 46.97 -3.87
CA PHE A 208 2.28 46.07 -4.70
C PHE A 208 1.46 45.09 -3.87
N ARG A 209 1.98 44.68 -2.71
CA ARG A 209 1.17 43.91 -1.77
C ARG A 209 0.00 44.78 -1.30
N VAL A 210 -1.21 44.23 -1.36
CA VAL A 210 -2.41 45.04 -1.08
C VAL A 210 -2.62 44.96 0.43
N SER A 211 -1.79 45.71 1.15
CA SER A 211 -2.08 46.18 2.50
C SER A 211 -1.65 47.62 2.72
N PHE A 212 -0.68 48.11 1.95
CA PHE A 212 -0.19 49.47 2.02
C PHE A 212 -1.12 50.46 1.34
N VAL A 213 -1.71 50.06 0.20
CA VAL A 213 -2.58 50.95 -0.56
C VAL A 213 -3.84 51.29 0.23
N LEU A 214 -4.44 50.29 0.88
CA LEU A 214 -5.63 50.55 1.69
C LEU A 214 -5.32 51.46 2.85
N GLU A 215 -4.13 51.30 3.46
CA GLU A 215 -3.72 52.19 4.53
C GLU A 215 -3.55 53.61 4.01
N MET A 216 -3.08 53.76 2.76
CA MET A 216 -2.91 55.08 2.18
C MET A 216 -4.24 55.80 1.98
N ILE A 217 -5.22 55.10 1.39
CA ILE A 217 -6.49 55.74 1.07
C ILE A 217 -7.24 56.13 2.34
N ASN A 218 -7.06 55.36 3.41
CA ASN A 218 -7.80 55.61 4.65
C ASN A 218 -7.10 56.57 5.61
N THR A 219 -5.86 56.97 5.33
CA THR A 219 -5.09 57.79 6.26
C THR A 219 -4.71 59.15 5.71
N LEU A 220 -4.13 59.22 4.51
CA LEU A 220 -3.70 60.50 3.96
C LEU A 220 -4.79 61.56 3.88
N PRO A 221 -6.02 61.27 3.47
CA PRO A 221 -7.03 62.35 3.41
C PRO A 221 -7.21 63.10 4.72
N PHE A 222 -7.12 62.40 5.86
CA PHE A 222 -7.17 63.11 7.13
C PHE A 222 -5.96 64.02 7.33
N ILE A 223 -4.80 63.60 6.85
CA ILE A 223 -3.62 64.46 6.92
C ILE A 223 -3.84 65.73 6.11
N ILE A 224 -4.46 65.59 4.93
CA ILE A 224 -4.74 66.75 4.10
C ILE A 224 -5.76 67.68 4.74
N THR A 225 -6.69 67.14 5.53
CA THR A 225 -7.72 67.96 6.14
C THR A 225 -7.16 68.98 7.11
N ILE A 226 -5.99 68.74 7.68
CA ILE A 226 -5.37 69.72 8.57
C ILE A 226 -4.97 70.96 7.79
N PHE A 227 -4.48 70.77 6.55
CA PHE A 227 -4.11 71.92 5.72
C PHE A 227 -5.32 72.76 5.37
N TRP A 228 -6.47 72.12 5.13
CA TRP A 228 -7.69 72.81 4.74
C TRP A 228 -8.78 72.61 5.78
N PRO A 229 -8.97 73.54 6.71
CA PRO A 229 -10.06 73.43 7.68
C PRO A 229 -11.43 73.32 7.01
N PRO A 230 -11.67 73.99 5.88
CA PRO A 230 -12.95 73.74 5.17
C PRO A 230 -13.12 72.31 4.69
N LEU A 231 -12.03 71.56 4.55
CA LEU A 231 -12.11 70.18 4.08
C LEU A 231 -12.21 69.16 5.21
N ARG A 232 -12.36 69.61 6.46
CA ARG A 232 -12.41 68.66 7.57
C ARG A 232 -13.69 67.83 7.55
N ASN A 233 -14.78 68.37 7.02
CA ASN A 233 -16.04 67.65 6.94
C ASN A 233 -16.17 66.96 5.57
N LEU A 234 -15.18 66.12 5.28
CA LEU A 234 -15.09 65.39 4.03
C LEU A 234 -15.12 63.90 4.33
N PHE A 235 -15.68 63.12 3.40
CA PHE A 235 -15.88 61.69 3.62
C PHE A 235 -14.65 60.89 3.18
N ILE A 236 -14.24 59.96 4.03
CA ILE A 236 -13.12 59.07 3.75
C ILE A 236 -13.56 57.65 4.03
N PRO A 237 -13.25 56.68 3.16
CA PRO A 237 -13.65 55.30 3.44
C PRO A 237 -12.89 54.70 4.61
N VAL A 238 -13.18 55.21 5.82
CA VAL A 238 -12.56 54.68 7.03
C VAL A 238 -13.01 53.25 7.29
N PHE A 239 -14.22 52.90 6.85
CA PHE A 239 -14.76 51.56 7.08
C PHE A 239 -13.93 50.47 6.44
N LEU A 240 -13.05 50.81 5.49
CA LEU A 240 -12.15 49.85 4.89
C LEU A 240 -11.02 49.44 5.82
N ASN A 241 -10.87 50.12 6.96
CA ASN A 241 -9.88 49.72 7.95
C ASN A 241 -10.17 48.35 8.55
N CYS A 242 -11.31 47.75 8.21
CA CYS A 242 -11.49 46.31 8.37
C CYS A 242 -10.27 45.55 7.93
N TRP A 243 -9.92 45.69 6.65
CA TRP A 243 -9.11 44.69 5.98
C TRP A 243 -7.68 44.77 6.48
N LEU A 244 -7.29 45.93 7.04
CA LEU A 244 -6.04 46.03 7.77
C LEU A 244 -6.14 45.31 9.11
N ALA A 245 -7.26 45.47 9.82
CA ALA A 245 -7.44 44.80 11.10
C ALA A 245 -7.54 43.30 10.94
N LYS A 246 -8.25 42.83 9.92
CA LYS A 246 -8.30 41.39 9.67
C LYS A 246 -6.93 40.87 9.28
N HIS A 247 -6.21 41.61 8.43
CA HIS A 247 -4.85 41.22 8.08
C HIS A 247 -3.93 41.28 9.30
N ALA A 248 -4.13 42.29 10.16
CA ALA A 248 -3.35 42.36 11.40
C ALA A 248 -3.66 41.17 12.30
N LEU A 249 -4.93 40.75 12.35
CA LEU A 249 -5.29 39.58 13.13
C LEU A 249 -4.67 38.32 12.55
N GLU A 250 -4.62 38.23 11.23
CA GLU A 250 -3.99 37.08 10.57
C GLU A 250 -2.50 37.00 10.91
N ASN A 251 -1.81 38.14 10.90
CA ASN A 251 -0.39 38.14 11.23
C ASN A 251 -0.16 37.70 12.68
N MET A 252 -1.04 38.11 13.59
CA MET A 252 -0.86 37.78 14.99
C MET A 252 -1.19 36.33 15.27
N ILE A 253 -2.10 35.76 14.49
CA ILE A 253 -2.52 34.38 14.74
C ILE A 253 -1.38 33.39 14.58
N ASN A 254 -0.34 33.75 13.82
CA ASN A 254 0.83 32.88 13.70
C ASN A 254 1.72 32.93 14.94
N ASP A 255 1.57 33.96 15.78
CA ASP A 255 2.47 34.13 16.91
C ASP A 255 2.07 33.26 18.09
N PHE A 256 0.88 33.47 18.63
CA PHE A 256 0.42 32.78 19.83
C PHE A 256 -1.02 32.31 19.65
N HIS A 257 -1.38 31.30 20.43
CA HIS A 257 -2.75 30.77 20.38
C HIS A 257 -3.76 31.82 20.82
N ARG A 258 -3.44 32.57 21.87
CA ARG A 258 -4.35 33.60 22.36
C ARG A 258 -3.59 34.88 22.70
N SER A 265 -7.41 23.87 18.74
CA SER A 265 -7.12 25.28 18.52
C SER A 265 -6.29 25.48 17.26
N ALA A 266 -6.47 24.60 16.28
CA ALA A 266 -5.78 24.69 14.99
C ALA A 266 -6.73 25.11 13.88
N MET A 267 -7.82 24.36 13.68
CA MET A 267 -8.86 24.78 12.74
C MET A 267 -9.72 25.89 13.32
N PHE A 268 -9.73 26.05 14.64
CA PHE A 268 -10.53 27.10 15.26
C PHE A 268 -10.01 28.49 14.87
N ASN A 269 -8.70 28.62 14.67
CA ASN A 269 -8.14 29.90 14.25
C ASN A 269 -8.63 30.27 12.85
N GLN A 270 -8.68 29.30 11.94
CA GLN A 270 -9.17 29.57 10.59
C GLN A 270 -10.66 29.85 10.58
N VAL A 271 -11.43 29.13 11.39
CA VAL A 271 -12.86 29.38 11.48
C VAL A 271 -13.12 30.78 12.01
N LEU A 272 -12.33 31.22 12.98
CA LEU A 272 -12.43 32.59 13.45
C LEU A 272 -12.06 33.58 12.35
N ILE A 273 -11.03 33.26 11.56
CA ILE A 273 -10.65 34.14 10.45
C ILE A 273 -11.76 34.18 9.40
N LEU A 274 -12.34 33.01 9.09
CA LEU A 274 -13.52 32.99 8.23
C LEU A 274 -14.65 33.80 8.85
N PHE A 275 -14.81 33.71 10.17
CA PHE A 275 -15.84 34.48 10.85
C PHE A 275 -15.55 35.97 10.79
N CYS A 276 -14.26 36.34 10.85
CA CYS A 276 -13.87 37.74 10.76
C CYS A 276 -14.10 38.31 9.36
N THR A 277 -13.74 37.57 8.31
CA THR A 277 -13.91 38.09 6.97
C THR A 277 -15.39 38.18 6.60
N LEU A 278 -16.24 37.46 7.31
CA LEU A 278 -17.68 37.60 7.13
C LEU A 278 -18.20 38.89 7.79
N LEU A 279 -17.70 39.21 8.98
CA LEU A 279 -18.20 40.38 9.70
C LEU A 279 -17.94 41.67 8.93
N CYS A 280 -16.76 41.82 8.34
CA CYS A 280 -16.48 43.06 7.63
C CYS A 280 -17.16 43.10 6.26
N LEU A 281 -17.20 41.98 5.55
CA LEU A 281 -17.90 41.96 4.27
C LEU A 281 -19.34 42.43 4.46
N VAL A 282 -19.92 42.16 5.62
CA VAL A 282 -21.10 42.89 6.07
C VAL A 282 -20.75 44.34 6.40
N PHE A 283 -19.75 44.54 7.24
CA PHE A 283 -19.40 45.89 7.72
C PHE A 283 -19.04 46.80 6.56
N THR A 284 -18.22 46.32 5.63
CA THR A 284 -17.88 47.11 4.45
C THR A 284 -19.12 47.42 3.64
N GLY A 285 -20.00 46.43 3.47
CA GLY A 285 -21.23 46.65 2.73
C GLY A 285 -22.18 47.59 3.43
N THR A 286 -22.38 47.41 4.74
CA THR A 286 -23.37 48.19 5.47
C THR A 286 -23.04 49.68 5.45
N CYS A 287 -21.81 50.03 5.86
CA CYS A 287 -21.43 51.43 5.86
C CYS A 287 -21.30 51.97 4.45
N GLY A 288 -20.85 51.14 3.51
CA GLY A 288 -20.79 51.56 2.13
C GLY A 288 -22.16 51.81 1.53
N ILE A 289 -23.13 50.93 1.82
CA ILE A 289 -24.46 51.08 1.26
C ILE A 289 -25.25 52.15 2.01
N GLN A 290 -24.93 52.39 3.29
CA GLN A 290 -25.61 53.45 4.01
C GLN A 290 -25.17 54.82 3.51
N HIS A 291 -23.87 55.04 3.38
CA HIS A 291 -23.37 56.33 2.92
C HIS A 291 -23.73 56.59 1.46
N LEU A 292 -23.59 55.57 0.62
CA LEU A 292 -23.93 55.75 -0.79
C LEU A 292 -25.42 55.99 -0.98
N GLU A 293 -26.24 55.58 0.00
CA GLU A 293 -27.66 55.87 -0.01
C GLU A 293 -28.01 57.16 0.72
N ARG A 294 -27.02 57.93 1.18
CA ARG A 294 -27.34 59.24 1.72
C ARG A 294 -27.86 60.19 0.65
N ALA A 295 -27.53 59.94 -0.61
CA ALA A 295 -28.14 60.69 -1.71
C ALA A 295 -29.57 60.21 -1.97
N GLY A 296 -29.81 58.91 -1.79
CA GLY A 296 -31.12 58.34 -2.07
C GLY A 296 -31.63 57.35 -1.05
N GLU A 297 -32.85 57.59 -0.56
CA GLU A 297 -33.58 56.76 0.41
C GLU A 297 -33.06 56.91 1.84
N ASN A 298 -31.93 57.61 2.01
CA ASN A 298 -31.37 57.95 3.32
C ASN A 298 -31.51 56.81 4.33
N LEU A 299 -30.93 55.66 3.96
CA LEU A 299 -31.09 54.45 4.76
C LEU A 299 -30.42 54.60 6.12
N SER A 300 -31.14 54.21 7.18
CA SER A 300 -30.55 54.14 8.49
C SER A 300 -29.58 52.96 8.58
N LEU A 301 -28.73 52.98 9.60
CA LEU A 301 -27.72 51.94 9.73
C LEU A 301 -28.34 50.56 9.90
N LEU A 302 -29.34 50.43 10.78
CA LEU A 302 -29.91 49.12 11.05
C LEU A 302 -30.60 48.57 9.81
N THR A 303 -31.31 49.42 9.07
CA THR A 303 -31.92 48.98 7.82
C THR A 303 -30.87 48.56 6.80
N SER A 304 -29.76 49.31 6.71
CA SER A 304 -28.68 48.93 5.81
C SER A 304 -28.04 47.62 6.24
N PHE A 305 -27.88 47.41 7.54
CA PHE A 305 -27.31 46.17 8.03
C PHE A 305 -28.20 44.98 7.70
N TYR A 306 -29.52 45.15 7.86
CA TYR A 306 -30.45 44.09 7.49
C TYR A 306 -30.44 43.85 5.99
N PHE A 307 -30.24 44.92 5.21
CA PHE A 307 -30.18 44.77 3.76
C PHE A 307 -28.97 43.93 3.33
N CYS A 308 -27.83 44.16 3.97
CA CYS A 308 -26.61 43.46 3.55
C CYS A 308 -26.63 42.00 3.99
N ILE A 309 -27.23 41.70 5.13
CA ILE A 309 -27.29 40.32 5.62
C ILE A 309 -28.11 39.47 4.65
N VAL A 310 -29.27 39.97 4.23
CA VAL A 310 -30.10 39.23 3.28
C VAL A 310 -29.54 39.27 1.88
N THR A 311 -28.52 40.09 1.62
CA THR A 311 -27.89 40.13 0.31
C THR A 311 -26.79 39.09 0.20
N PHE A 312 -25.92 38.99 1.22
CA PHE A 312 -24.83 38.04 1.21
C PHE A 312 -25.30 36.62 1.49
N SER A 313 -26.51 36.44 2.00
CA SER A 313 -27.12 35.14 2.15
C SER A 313 -27.94 34.75 0.92
N THR A 314 -27.85 35.53 -0.16
CA THR A 314 -28.55 35.30 -1.41
C THR A 314 -30.06 35.21 -1.24
N VAL A 315 -30.61 35.86 -0.21
CA VAL A 315 -32.06 35.92 -0.04
C VAL A 315 -32.66 36.99 -0.94
N GLY A 316 -32.27 38.25 -0.72
CA GLY A 316 -32.69 39.33 -1.58
C GLY A 316 -34.13 39.77 -1.64
N TYR A 317 -34.73 40.05 -0.47
CA TYR A 317 -36.17 40.26 -0.39
C TYR A 317 -36.65 41.29 -1.41
N GLY A 318 -35.95 42.42 -1.49
CA GLY A 318 -36.35 43.51 -2.35
C GLY A 318 -37.18 44.59 -1.69
N ASP A 319 -37.40 44.52 -0.38
CA ASP A 319 -38.09 45.60 0.31
C ASP A 319 -37.22 46.85 0.40
N VAL A 320 -35.92 46.68 0.60
CA VAL A 320 -34.95 47.78 0.55
C VAL A 320 -33.92 47.43 -0.51
N THR A 321 -33.87 48.24 -1.56
CA THR A 321 -33.00 48.03 -2.70
C THR A 321 -32.28 49.32 -3.05
N PRO A 322 -31.13 49.23 -3.72
CA PRO A 322 -30.52 50.44 -4.29
C PRO A 322 -31.45 51.08 -5.32
N LYS A 323 -31.48 52.41 -5.31
CA LYS A 323 -32.31 53.17 -6.24
C LYS A 323 -31.51 54.14 -7.09
N ILE A 324 -30.20 54.25 -6.89
CA ILE A 324 -29.34 55.07 -7.71
C ILE A 324 -28.20 54.18 -8.21
N TRP A 325 -27.64 54.56 -9.36
CA TRP A 325 -26.56 53.77 -9.94
C TRP A 325 -25.33 53.63 -9.03
N PRO A 326 -24.87 54.65 -8.31
CA PRO A 326 -23.71 54.43 -7.43
C PRO A 326 -23.95 53.35 -6.38
N SER A 327 -25.17 53.28 -5.83
CA SER A 327 -25.48 52.24 -4.85
C SER A 327 -25.64 50.89 -5.52
N GLN A 328 -26.21 50.85 -6.73
CA GLN A 328 -26.32 49.60 -7.47
C GLN A 328 -24.95 49.04 -7.82
N LEU A 329 -24.03 49.91 -8.24
CA LEU A 329 -22.69 49.46 -8.61
C LEU A 329 -21.95 48.90 -7.41
N LEU A 330 -22.10 49.52 -6.24
CA LEU A 330 -21.44 49.04 -5.04
C LEU A 330 -21.91 47.63 -4.66
N VAL A 331 -23.20 47.38 -4.81
CA VAL A 331 -23.73 46.04 -4.54
C VAL A 331 -23.12 45.03 -5.49
N VAL A 332 -22.98 45.41 -6.77
CA VAL A 332 -22.44 44.49 -7.77
C VAL A 332 -21.00 44.12 -7.43
N ILE A 333 -20.17 45.11 -7.10
CA ILE A 333 -18.78 44.82 -6.79
C ILE A 333 -18.65 44.10 -5.44
N MET A 334 -19.58 44.36 -4.52
CA MET A 334 -19.53 43.65 -3.24
C MET A 334 -19.90 42.19 -3.40
N ILE A 335 -20.85 41.88 -4.28
CA ILE A 335 -21.15 40.49 -4.60
C ILE A 335 -19.94 39.83 -5.27
N CYS A 336 -19.30 40.53 -6.20
CA CYS A 336 -18.12 40.00 -6.86
C CYS A 336 -16.98 39.81 -5.86
N VAL A 337 -16.81 40.74 -4.92
CA VAL A 337 -15.78 40.61 -3.91
C VAL A 337 -16.02 39.38 -3.05
N ALA A 338 -17.28 39.14 -2.68
CA ALA A 338 -17.61 37.97 -1.88
C ALA A 338 -17.30 36.67 -2.63
N LEU A 339 -17.56 36.66 -3.94
CA LEU A 339 -17.33 35.46 -4.73
C LEU A 339 -15.84 35.20 -4.98
N VAL A 340 -14.97 36.15 -4.69
CA VAL A 340 -13.53 35.97 -4.91
C VAL A 340 -12.72 35.98 -3.63
N VAL A 341 -13.34 36.23 -2.48
CA VAL A 341 -12.66 36.26 -1.20
C VAL A 341 -13.08 35.08 -0.31
N LEU A 342 -14.38 34.85 -0.20
CA LEU A 342 -14.86 33.73 0.60
C LEU A 342 -14.38 32.37 0.11
N PRO A 343 -14.34 32.07 -1.19
CA PRO A 343 -13.79 30.77 -1.62
C PRO A 343 -12.36 30.55 -1.18
N LEU A 344 -11.55 31.60 -1.07
CA LEU A 344 -10.20 31.45 -0.56
C LEU A 344 -10.21 30.95 0.88
N GLN A 345 -11.12 31.49 1.70
CA GLN A 345 -11.26 31.02 3.07
C GLN A 345 -11.78 29.58 3.11
N PHE A 346 -12.74 29.25 2.24
CA PHE A 346 -13.28 27.89 2.20
C PHE A 346 -12.20 26.89 1.82
N GLU A 347 -11.36 27.23 0.83
CA GLU A 347 -10.31 26.31 0.40
C GLU A 347 -9.33 26.02 1.54
N GLU A 348 -8.95 27.06 2.30
CA GLU A 348 -8.08 26.85 3.45
C GLU A 348 -8.76 25.99 4.51
N LEU A 349 -10.06 26.22 4.73
CA LEU A 349 -10.80 25.41 5.68
C LEU A 349 -10.86 23.95 5.24
N VAL A 350 -11.00 23.71 3.93
CA VAL A 350 -11.03 22.35 3.41
C VAL A 350 -9.69 21.67 3.66
N TYR A 351 -8.59 22.38 3.43
CA TYR A 351 -7.27 21.82 3.68
C TYR A 351 -7.12 21.41 5.14
N LEU A 352 -7.45 22.31 6.06
CA LEU A 352 -7.30 22.00 7.48
C LEU A 352 -8.20 20.85 7.90
N TRP A 353 -9.42 20.79 7.34
CA TRP A 353 -10.31 19.67 7.65
C TRP A 353 -9.76 18.37 7.11
N MET A 354 -9.20 18.39 5.91
CA MET A 354 -8.66 17.16 5.31
C MET A 354 -7.44 16.68 6.08
N GLU A 355 -6.53 17.58 6.43
CA GLU A 355 -5.34 17.18 7.17
C GLU A 355 -5.71 16.68 8.56
N ARG A 356 -6.72 17.30 9.18
CA ARG A 356 -7.18 16.86 10.50
C ARG A 356 -7.76 15.45 10.48
N GLN A 357 -8.21 14.97 9.32
CA GLN A 357 -8.81 13.64 9.20
C GLN A 357 -7.80 12.51 9.42
N LYS A 358 -6.53 12.82 9.67
CA LYS A 358 -5.52 11.79 9.90
C LYS A 358 -4.66 12.12 11.11
N GLN A 369 -18.98 6.71 26.75
CA GLN A 369 -20.22 5.97 26.59
C GLN A 369 -20.79 5.63 27.97
N THR A 370 -21.20 4.37 28.15
CA THR A 370 -21.77 3.90 29.40
C THR A 370 -20.67 3.21 30.22
N GLU A 371 -21.08 2.57 31.32
CA GLU A 371 -20.15 1.82 32.15
C GLU A 371 -20.17 0.35 31.72
N LYS A 372 -19.51 -0.50 32.52
CA LYS A 372 -19.56 -1.95 32.36
C LYS A 372 -19.07 -2.38 30.97
N HIS A 373 -17.78 -2.14 30.72
CA HIS A 373 -17.15 -2.53 29.47
C HIS A 373 -15.98 -3.47 29.72
N VAL A 374 -15.68 -4.28 28.72
CA VAL A 374 -14.54 -5.19 28.74
C VAL A 374 -13.68 -4.87 27.52
N VAL A 375 -12.37 -5.05 27.67
CA VAL A 375 -11.42 -4.76 26.61
C VAL A 375 -10.98 -6.05 25.95
N LEU A 376 -10.74 -6.00 24.64
CA LEU A 376 -10.33 -7.15 23.85
C LEU A 376 -9.03 -6.76 23.14
N CYS A 377 -7.91 -7.01 23.81
CA CYS A 377 -6.59 -6.63 23.30
C CYS A 377 -6.07 -7.75 22.40
N VAL A 378 -5.97 -7.45 21.10
CA VAL A 378 -5.47 -8.41 20.12
C VAL A 378 -4.39 -7.73 19.28
N SER A 379 -3.71 -8.53 18.46
CA SER A 379 -2.72 -8.03 17.52
C SER A 379 -3.30 -7.75 16.15
N SER A 380 -4.17 -8.63 15.65
CA SER A 380 -4.88 -8.42 14.40
C SER A 380 -6.24 -9.07 14.52
N LEU A 381 -7.29 -8.28 14.34
CA LEU A 381 -8.66 -8.74 14.53
C LEU A 381 -9.25 -9.17 13.20
N LYS A 382 -9.66 -10.43 13.11
CA LYS A 382 -10.34 -10.97 11.94
C LYS A 382 -11.81 -11.20 12.26
N ILE A 383 -12.62 -11.30 11.20
CA ILE A 383 -14.05 -11.43 11.38
C ILE A 383 -14.41 -12.75 12.04
N ASP A 384 -13.61 -13.80 11.81
CA ASP A 384 -13.88 -15.09 12.43
C ASP A 384 -13.71 -15.01 13.95
N LEU A 385 -12.68 -14.30 14.41
CA LEU A 385 -12.45 -14.21 15.84
C LEU A 385 -13.45 -13.27 16.52
N LEU A 386 -13.80 -12.17 15.84
CA LEU A 386 -14.71 -11.20 16.43
C LEU A 386 -16.09 -11.80 16.66
N MET A 387 -16.64 -12.49 15.66
CA MET A 387 -17.97 -13.05 15.80
C MET A 387 -18.01 -14.20 16.81
N ASP A 388 -16.91 -14.96 16.92
CA ASP A 388 -16.84 -16.00 17.93
C ASP A 388 -16.89 -15.41 19.33
N PHE A 389 -16.42 -14.18 19.50
CA PHE A 389 -16.52 -13.49 20.78
C PHE A 389 -17.90 -12.89 21.00
N LEU A 390 -18.41 -12.17 20.00
CA LEU A 390 -19.70 -11.49 20.15
C LEU A 390 -20.83 -12.50 20.35
N ASN A 391 -20.80 -13.62 19.62
CA ASN A 391 -21.84 -14.62 19.77
C ASN A 391 -21.81 -15.28 21.14
N GLU A 392 -20.65 -15.28 21.79
CA GLU A 392 -20.50 -15.90 23.11
C GLU A 392 -20.59 -14.90 24.25
N PHE A 393 -19.95 -13.73 24.12
CA PHE A 393 -20.01 -12.73 25.17
C PHE A 393 -21.43 -12.21 25.35
N TYR A 394 -22.16 -12.00 24.26
CA TYR A 394 -23.48 -11.41 24.30
C TYR A 394 -24.60 -12.46 24.33
N ALA A 395 -24.25 -13.74 24.40
CA ALA A 395 -25.26 -14.79 24.56
C ALA A 395 -25.83 -14.83 25.96
N HIS A 396 -25.23 -14.13 26.91
CA HIS A 396 -25.67 -14.08 28.30
C HIS A 396 -26.54 -12.85 28.53
N PRO A 397 -27.73 -13.00 29.09
CA PRO A 397 -28.57 -11.82 29.35
C PRO A 397 -27.94 -10.83 30.31
N ARG A 398 -27.11 -11.30 31.24
CA ARG A 398 -26.43 -10.41 32.16
C ARG A 398 -25.42 -9.50 31.46
N LEU A 399 -24.92 -9.91 30.28
CA LEU A 399 -23.90 -9.18 29.55
C LEU A 399 -24.46 -8.39 28.38
N GLN A 400 -25.68 -7.87 28.51
CA GLN A 400 -26.31 -7.15 27.40
C GLN A 400 -26.01 -5.66 27.41
N ASP A 401 -25.97 -5.04 28.60
CA ASP A 401 -25.62 -3.63 28.69
C ASP A 401 -24.14 -3.36 28.49
N TYR A 402 -23.32 -4.40 28.43
CA TYR A 402 -21.89 -4.24 28.25
C TYR A 402 -21.57 -3.81 26.81
N TYR A 403 -20.54 -2.98 26.67
CA TYR A 403 -19.98 -2.68 25.37
C TYR A 403 -18.52 -3.12 25.35
N VAL A 404 -18.01 -3.41 24.16
CA VAL A 404 -16.73 -4.08 23.99
C VAL A 404 -15.76 -3.13 23.32
N VAL A 405 -14.60 -2.96 23.94
CA VAL A 405 -13.52 -2.14 23.40
C VAL A 405 -12.46 -3.07 22.80
N ILE A 406 -12.08 -2.79 21.57
CA ILE A 406 -11.08 -3.60 20.85
C ILE A 406 -9.85 -2.73 20.65
N LEU A 407 -8.70 -3.25 21.07
CA LEU A 407 -7.43 -2.52 21.03
C LEU A 407 -6.46 -3.32 20.17
N CYS A 408 -6.48 -3.06 18.85
CA CYS A 408 -5.62 -3.72 17.90
C CYS A 408 -4.72 -2.69 17.23
N PRO A 409 -3.40 -2.91 17.19
CA PRO A 409 -2.50 -1.89 16.64
C PRO A 409 -2.59 -1.72 15.13
N THR A 410 -3.37 -2.55 14.43
CA THR A 410 -3.50 -2.46 12.99
C THR A 410 -4.81 -1.78 12.60
N GLU A 411 -4.88 -1.34 11.36
CA GLU A 411 -6.08 -0.71 10.84
C GLU A 411 -7.19 -1.76 10.73
N MET A 412 -8.42 -1.32 10.93
CA MET A 412 -9.55 -2.24 11.01
C MET A 412 -9.72 -3.01 9.71
N ASP A 413 -9.89 -4.33 9.83
CA ASP A 413 -10.12 -5.17 8.66
C ASP A 413 -11.46 -4.79 8.04
N VAL A 414 -11.52 -4.85 6.70
CA VAL A 414 -12.70 -4.37 5.98
C VAL A 414 -13.94 -5.15 6.38
N GLN A 415 -13.82 -6.47 6.50
CA GLN A 415 -14.96 -7.28 6.93
C GLN A 415 -15.39 -6.93 8.35
N VAL A 416 -14.46 -6.44 9.18
CA VAL A 416 -14.83 -6.01 10.52
C VAL A 416 -15.63 -4.72 10.46
N ARG A 417 -15.24 -3.79 9.59
CA ARG A 417 -15.96 -2.52 9.49
C ARG A 417 -17.42 -2.75 9.07
N ARG A 418 -17.65 -3.66 8.13
CA ARG A 418 -19.01 -3.94 7.67
C ARG A 418 -19.88 -4.45 8.82
N VAL A 419 -19.32 -5.31 9.67
CA VAL A 419 -20.05 -5.79 10.83
C VAL A 419 -20.26 -4.67 11.84
N LEU A 420 -19.23 -3.83 12.05
CA LEU A 420 -19.34 -2.76 13.04
C LEU A 420 -20.33 -1.68 12.62
N GLN A 421 -20.67 -1.59 11.34
CA GLN A 421 -21.70 -0.66 10.89
C GLN A 421 -23.10 -1.24 10.97
N ILE A 422 -23.23 -2.52 11.31
CA ILE A 422 -24.55 -3.11 11.57
C ILE A 422 -25.16 -2.45 12.80
N PRO A 423 -26.45 -2.11 12.81
CA PRO A 423 -27.02 -1.42 13.96
C PRO A 423 -26.89 -2.17 15.27
N LEU A 424 -26.86 -3.51 15.23
CA LEU A 424 -26.73 -4.28 16.47
C LEU A 424 -25.38 -4.04 17.13
N TRP A 425 -24.32 -3.96 16.34
CA TRP A 425 -22.96 -3.88 16.89
C TRP A 425 -22.36 -2.48 16.84
N SER A 426 -23.06 -1.49 16.28
CA SER A 426 -22.48 -0.17 16.14
C SER A 426 -22.24 0.50 17.49
N GLN A 427 -23.21 0.40 18.39
CA GLN A 427 -23.11 1.06 19.69
C GLN A 427 -22.40 0.21 20.75
N ARG A 428 -22.17 -1.07 20.48
CA ARG A 428 -21.54 -1.96 21.45
C ARG A 428 -20.04 -2.12 21.21
N VAL A 429 -19.63 -2.48 20.01
CA VAL A 429 -18.22 -2.72 19.72
C VAL A 429 -17.54 -1.39 19.43
N ILE A 430 -16.47 -1.11 20.17
CA ILE A 430 -15.66 0.08 19.96
C ILE A 430 -14.25 -0.38 19.56
N TYR A 431 -13.79 0.08 18.41
CA TYR A 431 -12.49 -0.32 17.88
C TYR A 431 -11.52 0.84 18.06
N LEU A 432 -10.54 0.67 18.94
CA LEU A 432 -9.46 1.63 19.11
C LEU A 432 -8.18 1.03 18.55
N GLN A 433 -7.49 1.79 17.69
CA GLN A 433 -6.23 1.36 17.12
C GLN A 433 -5.11 1.84 18.03
N GLY A 434 -4.44 0.90 18.68
CA GLY A 434 -3.38 1.26 19.61
C GLY A 434 -2.75 0.01 20.19
N SER A 435 -1.79 0.23 21.08
CA SER A 435 -1.03 -0.84 21.70
C SER A 435 -1.30 -0.87 23.20
N ALA A 436 -1.39 -2.08 23.75
CA ALA A 436 -1.51 -2.23 25.20
C ALA A 436 -0.25 -1.78 25.93
N LEU A 437 0.88 -1.69 25.23
CA LEU A 437 2.12 -1.23 25.83
C LEU A 437 2.20 0.28 25.95
N LYS A 438 1.26 1.01 25.37
CA LYS A 438 1.19 2.46 25.47
C LYS A 438 0.07 2.83 26.44
N ASP A 439 0.41 3.64 27.45
CA ASP A 439 -0.56 3.96 28.49
C ASP A 439 -1.69 4.83 27.96
N GLN A 440 -1.43 5.70 26.98
CA GLN A 440 -2.49 6.52 26.43
C GLN A 440 -3.56 5.67 25.76
N ASP A 441 -3.14 4.67 24.99
CA ASP A 441 -4.11 3.74 24.41
C ASP A 441 -4.84 2.97 25.51
N LEU A 442 -4.11 2.59 26.56
CA LEU A 442 -4.74 2.00 27.74
C LEU A 442 -5.71 2.98 28.39
N MET A 443 -5.40 4.27 28.35
CA MET A 443 -6.27 5.27 28.94
C MET A 443 -7.50 5.50 28.07
N ARG A 444 -7.33 5.51 26.74
CA ARG A 444 -8.47 5.68 25.84
C ARG A 444 -9.46 4.53 25.97
N ALA A 445 -8.97 3.33 26.28
CA ALA A 445 -9.84 2.17 26.46
C ALA A 445 -10.48 2.13 27.84
N LYS A 446 -10.10 3.05 28.74
CA LYS A 446 -10.67 3.11 30.09
C LYS A 446 -10.49 1.78 30.81
N MET A 447 -9.32 1.16 30.64
CA MET A 447 -9.10 -0.19 31.15
C MET A 447 -9.09 -0.21 32.69
N ASP A 448 -8.85 0.92 33.33
CA ASP A 448 -8.94 0.97 34.79
C ASP A 448 -10.36 0.70 35.26
N ASN A 449 -11.36 1.10 34.48
CA ASN A 449 -12.75 0.84 34.78
C ASN A 449 -13.27 -0.43 34.12
N GLY A 450 -12.47 -1.07 33.28
CA GLY A 450 -12.94 -2.24 32.57
C GLY A 450 -13.21 -3.41 33.51
N GLU A 451 -14.25 -4.18 33.18
CA GLU A 451 -14.59 -5.36 33.97
C GLU A 451 -13.67 -6.54 33.67
N ALA A 452 -13.00 -6.54 32.51
CA ALA A 452 -12.15 -7.65 32.12
C ALA A 452 -11.29 -7.22 30.95
N CYS A 453 -10.14 -7.89 30.80
CA CYS A 453 -9.27 -7.71 29.66
C CYS A 453 -8.98 -9.06 29.04
N PHE A 454 -9.24 -9.19 27.74
CA PHE A 454 -9.06 -10.44 27.02
C PHE A 454 -7.86 -10.27 26.08
N ILE A 455 -6.69 -10.75 26.52
CA ILE A 455 -5.49 -10.70 25.72
C ILE A 455 -5.39 -12.00 24.95
N LEU A 456 -5.88 -11.99 23.71
CA LEU A 456 -5.84 -13.17 22.86
C LEU A 456 -4.58 -13.17 22.00
N SER A 457 -4.17 -14.36 21.60
CA SER A 457 -2.98 -14.52 20.78
C SER A 457 -3.36 -14.67 19.31
N SER A 458 -2.36 -14.49 18.44
CA SER A 458 -2.54 -14.62 17.01
C SER A 458 -2.02 -15.99 16.57
N ARG A 459 -2.91 -16.78 15.96
CA ARG A 459 -2.56 -18.11 15.49
C ARG A 459 -2.03 -18.11 14.06
N ASN A 460 -2.36 -17.10 13.27
CA ASN A 460 -1.91 -17.04 11.88
C ASN A 460 -0.45 -16.66 11.76
N GLU A 461 0.16 -16.14 12.83
CA GLU A 461 1.55 -15.74 12.78
C GLU A 461 2.45 -16.97 12.60
N VAL A 462 3.54 -16.78 11.84
CA VAL A 462 4.46 -17.87 11.59
C VAL A 462 5.42 -18.11 12.75
N ASP A 463 5.63 -17.12 13.61
CA ASP A 463 6.51 -17.23 14.77
C ASP A 463 5.63 -17.24 16.02
N ARG A 464 5.27 -18.44 16.47
CA ARG A 464 4.39 -18.56 17.63
C ARG A 464 5.10 -18.12 18.91
N THR A 465 6.41 -18.35 19.01
CA THR A 465 7.15 -17.87 20.17
C THR A 465 7.15 -16.35 20.24
N ALA A 466 7.29 -15.69 19.09
CA ALA A 466 7.19 -14.23 19.05
C ALA A 466 5.79 -13.78 19.44
N ALA A 467 4.76 -14.49 18.96
CA ALA A 467 3.39 -14.14 19.32
C ALA A 467 3.15 -14.27 20.81
N ASP A 468 3.66 -15.34 21.42
CA ASP A 468 3.50 -15.53 22.86
C ASP A 468 4.20 -14.44 23.65
N HIS A 469 5.40 -14.04 23.20
CA HIS A 469 6.12 -12.97 23.86
C HIS A 469 5.35 -11.66 23.82
N GLN A 470 4.56 -11.45 22.76
CA GLN A 470 3.75 -10.24 22.68
C GLN A 470 2.64 -10.23 23.72
N THR A 471 1.91 -11.35 23.85
CA THR A 471 0.81 -11.41 24.80
C THR A 471 1.29 -11.49 26.24
N ILE A 472 2.55 -11.88 26.46
CA ILE A 472 3.11 -11.80 27.81
C ILE A 472 3.31 -10.34 28.21
N LEU A 473 3.88 -9.54 27.30
CA LEU A 473 4.00 -8.11 27.56
C LEU A 473 2.62 -7.45 27.63
N ARG A 474 1.69 -7.86 26.76
CA ARG A 474 0.35 -7.30 26.81
C ARG A 474 -0.36 -7.66 28.10
N ALA A 475 0.04 -8.76 28.74
CA ALA A 475 -0.52 -9.10 30.05
C ALA A 475 0.22 -8.36 31.16
N TRP A 476 1.51 -8.08 30.97
CA TRP A 476 2.25 -7.30 31.95
C TRP A 476 1.87 -5.83 31.88
N ALA A 477 1.61 -5.32 30.68
CA ALA A 477 1.26 -3.91 30.52
C ALA A 477 -0.09 -3.60 31.19
N VAL A 478 -1.07 -4.49 31.01
CA VAL A 478 -2.38 -4.25 31.62
C VAL A 478 -2.30 -4.42 33.14
N LYS A 479 -1.56 -5.42 33.62
CA LYS A 479 -1.40 -5.60 35.05
C LYS A 479 -0.63 -4.46 35.68
N ASP A 480 0.28 -3.85 34.93
CA ASP A 480 1.01 -2.68 35.44
C ASP A 480 0.13 -1.44 35.46
N PHE A 481 -0.75 -1.29 34.47
CA PHE A 481 -1.58 -0.10 34.39
C PHE A 481 -2.83 -0.23 35.24
N ALA A 482 -3.51 -1.38 35.16
CA ALA A 482 -4.75 -1.63 35.91
C ALA A 482 -4.57 -2.93 36.68
N PRO A 483 -3.87 -2.88 37.83
CA PRO A 483 -3.65 -4.11 38.61
C PRO A 483 -4.93 -4.78 39.06
N ASN A 484 -5.97 -4.02 39.38
CA ASN A 484 -7.24 -4.61 39.80
C ASN A 484 -8.20 -4.79 38.62
N CYS A 485 -7.69 -5.45 37.58
CA CYS A 485 -8.49 -5.78 36.40
C CYS A 485 -8.22 -7.24 36.08
N PRO A 486 -9.23 -8.13 36.16
CA PRO A 486 -8.98 -9.56 35.90
C PRO A 486 -8.54 -9.79 34.48
N LEU A 487 -7.39 -10.45 34.32
CA LEU A 487 -6.81 -10.73 33.02
C LEU A 487 -7.28 -12.07 32.50
N TYR A 488 -7.49 -12.15 31.18
CA TYR A 488 -7.84 -13.38 30.51
C TYR A 488 -6.89 -13.55 29.32
N VAL A 489 -5.94 -14.47 29.45
CA VAL A 489 -4.85 -14.62 28.48
C VAL A 489 -5.02 -15.95 27.75
N GLN A 490 -4.79 -15.92 26.45
CA GLN A 490 -4.80 -17.11 25.59
C GLN A 490 -3.39 -17.34 25.10
N ILE A 491 -2.68 -18.27 25.74
CA ILE A 491 -1.28 -18.55 25.45
C ILE A 491 -1.19 -19.70 24.47
N LEU A 492 -0.26 -19.60 23.52
CA LEU A 492 -0.08 -20.64 22.51
C LEU A 492 0.86 -21.75 23.00
N LYS A 493 2.09 -21.39 23.38
CA LYS A 493 3.01 -22.48 23.69
C LYS A 493 3.10 -22.69 25.20
N PRO A 494 3.22 -23.95 25.63
CA PRO A 494 3.21 -24.23 27.07
C PRO A 494 4.38 -23.63 27.83
N GLU A 495 5.53 -23.43 27.19
CA GLU A 495 6.70 -22.92 27.90
C GLU A 495 6.53 -21.48 28.32
N ASN A 496 5.63 -20.73 27.67
CA ASN A 496 5.37 -19.34 28.03
C ASN A 496 4.18 -19.20 28.97
N LYS A 497 3.63 -20.30 29.48
CA LYS A 497 2.45 -20.24 30.32
C LYS A 497 2.75 -19.71 31.72
N PHE A 498 3.95 -19.96 32.24
CA PHE A 498 4.26 -19.61 33.62
C PHE A 498 4.65 -18.15 33.79
N HIS A 499 4.83 -17.41 32.70
CA HIS A 499 4.99 -15.97 32.81
C HIS A 499 3.68 -15.26 33.09
N VAL A 500 2.56 -15.85 32.66
CA VAL A 500 1.24 -15.27 32.85
C VAL A 500 0.44 -16.03 33.89
N LYS A 501 1.12 -16.76 34.80
CA LYS A 501 0.42 -17.49 35.83
C LYS A 501 -0.36 -16.57 36.76
N PHE A 502 0.12 -15.32 36.91
CA PHE A 502 -0.56 -14.35 37.74
C PHE A 502 -1.97 -14.04 37.24
N ALA A 503 -2.23 -14.26 35.96
CA ALA A 503 -3.52 -13.90 35.38
C ALA A 503 -4.65 -14.72 35.99
N ASP A 504 -5.85 -14.12 36.00
CA ASP A 504 -7.00 -14.79 36.62
C ASP A 504 -7.36 -16.07 35.89
N HIS A 505 -7.31 -16.06 34.56
CA HIS A 505 -7.73 -17.21 33.76
C HIS A 505 -6.83 -17.30 32.54
N VAL A 506 -6.03 -18.36 32.48
CA VAL A 506 -5.10 -18.60 31.37
C VAL A 506 -5.50 -19.87 30.66
N VAL A 507 -5.47 -19.83 29.32
CA VAL A 507 -5.76 -20.98 28.48
C VAL A 507 -4.58 -21.20 27.55
N CYS A 508 -4.05 -22.42 27.54
CA CYS A 508 -2.94 -22.80 26.68
C CYS A 508 -3.48 -23.60 25.51
N GLU A 509 -3.24 -23.11 24.29
CA GLU A 509 -3.79 -23.77 23.11
C GLU A 509 -3.15 -25.14 22.89
N GLU A 510 -1.81 -25.21 22.91
CA GLU A 510 -1.13 -26.47 22.63
C GLU A 510 -1.41 -27.51 23.71
N GLU A 511 -1.58 -27.08 24.96
CA GLU A 511 -1.88 -28.03 26.03
C GLU A 511 -3.24 -28.68 25.82
N CYS A 512 -4.28 -27.88 25.60
CA CYS A 512 -5.63 -28.42 25.53
C CYS A 512 -5.86 -29.17 24.21
N LYS A 513 -5.29 -28.68 23.12
CA LYS A 513 -5.50 -29.31 21.82
C LYS A 513 -4.97 -30.75 21.82
N TYR A 514 -3.74 -30.92 22.31
CA TYR A 514 -3.11 -32.24 22.26
C TYR A 514 -3.69 -33.19 23.31
N ALA A 515 -4.13 -32.66 24.45
CA ALA A 515 -4.83 -33.49 25.43
C ALA A 515 -6.19 -33.93 24.90
N MET A 516 -6.84 -33.09 24.10
CA MET A 516 -8.11 -33.46 23.49
C MET A 516 -7.92 -34.50 22.39
N LEU A 517 -6.86 -34.35 21.59
CA LEU A 517 -6.56 -35.33 20.56
C LEU A 517 -6.23 -36.69 21.17
N ALA A 518 -5.43 -36.69 22.25
CA ALA A 518 -5.08 -37.94 22.90
C ALA A 518 -6.30 -38.61 23.52
N LEU A 519 -7.21 -37.82 24.10
CA LEU A 519 -8.43 -38.39 24.67
C LEU A 519 -9.34 -38.94 23.59
N ASN A 520 -9.28 -38.39 22.38
CA ASN A 520 -10.05 -38.96 21.27
C ASN A 520 -9.59 -40.39 20.97
N CYS A 521 -8.30 -40.67 21.14
CA CYS A 521 -7.78 -42.02 20.93
C CYS A 521 -8.15 -42.99 22.05
N ILE A 522 -8.64 -42.49 23.18
CA ILE A 522 -9.13 -43.33 24.27
C ILE A 522 -10.65 -43.27 24.36
N CYS A 523 -11.20 -42.08 24.59
CA CYS A 523 -12.65 -41.87 24.58
C CYS A 523 -13.01 -41.15 23.30
N PRO A 524 -13.59 -41.82 22.31
CA PRO A 524 -13.82 -41.18 21.01
C PRO A 524 -14.75 -39.99 21.12
N ALA A 525 -14.49 -38.99 20.27
CA ALA A 525 -15.29 -37.76 20.21
C ALA A 525 -15.29 -37.02 21.53
N THR A 526 -14.20 -37.11 22.30
CA THR A 526 -14.06 -36.29 23.50
C THR A 526 -14.00 -34.81 23.13
N SER A 527 -13.32 -34.49 22.02
CA SER A 527 -13.24 -33.10 21.57
C SER A 527 -14.61 -32.56 21.21
N THR A 528 -15.50 -33.40 20.69
CA THR A 528 -16.87 -32.97 20.42
C THR A 528 -17.65 -32.77 21.70
N LEU A 529 -17.51 -33.69 22.65
CA LEU A 529 -18.19 -33.55 23.94
C LEU A 529 -17.73 -32.30 24.68
N ILE A 530 -16.43 -32.03 24.67
CA ILE A 530 -15.91 -30.81 25.30
C ILE A 530 -16.43 -29.58 24.56
N THR A 531 -16.42 -29.62 23.23
CA THR A 531 -16.84 -28.46 22.45
C THR A 531 -18.30 -28.11 22.72
N LEU A 532 -19.18 -29.10 22.70
CA LEU A 532 -20.59 -28.83 22.92
C LEU A 532 -20.90 -28.43 24.36
N LEU A 533 -19.96 -28.60 25.29
CA LEU A 533 -20.14 -28.16 26.66
C LEU A 533 -19.64 -26.74 26.89
N VAL A 534 -18.71 -26.26 26.08
CA VAL A 534 -18.13 -24.93 26.24
C VAL A 534 -18.82 -23.90 25.34
N HIS A 535 -19.97 -24.24 24.77
CA HIS A 535 -20.75 -23.30 23.96
C HIS A 535 -22.09 -23.07 24.64
N THR A 536 -22.42 -21.80 24.88
CA THR A 536 -23.66 -21.43 25.56
C THR A 536 -24.80 -21.48 24.56
N SER A 537 -25.60 -22.54 24.62
CA SER A 537 -26.75 -22.70 23.74
C SER A 537 -27.89 -23.31 24.53
N ARG A 538 -29.12 -23.02 24.10
CA ARG A 538 -30.31 -23.50 24.77
C ARG A 538 -30.76 -24.87 24.28
N GLY A 539 -30.01 -25.49 23.39
CA GLY A 539 -30.37 -26.80 22.87
C GLY A 539 -31.61 -26.81 22.00
N GLN A 540 -31.78 -25.79 21.17
CA GLN A 540 -32.90 -25.72 20.23
C GLN A 540 -32.50 -26.09 18.81
N GLU A 541 -31.29 -26.60 18.63
CA GLU A 541 -30.81 -26.94 17.29
C GLU A 541 -31.39 -28.27 16.83
N GLY A 542 -31.79 -28.32 15.56
CA GLY A 542 -32.28 -29.55 14.97
C GLY A 542 -33.57 -30.06 15.56
N GLN A 543 -34.37 -29.20 16.17
CA GLN A 543 -35.63 -29.63 16.77
C GLN A 543 -36.74 -29.81 15.75
N GLU A 544 -36.56 -29.31 14.54
CA GLU A 544 -37.53 -29.50 13.46
C GLU A 544 -37.09 -30.57 12.47
N SER A 545 -36.00 -31.27 12.76
CA SER A 545 -35.44 -32.25 11.84
C SER A 545 -36.27 -33.54 11.85
N PRO A 546 -36.54 -34.13 10.68
CA PRO A 546 -37.24 -35.43 10.67
C PRO A 546 -36.42 -36.56 11.25
N GLU A 547 -35.09 -36.43 11.30
CA GLU A 547 -34.24 -37.48 11.84
C GLU A 547 -34.31 -37.51 13.37
N GLN A 548 -34.29 -38.71 13.93
CA GLN A 548 -34.26 -38.85 15.37
C GLN A 548 -32.91 -38.47 15.95
N TRP A 549 -31.82 -38.84 15.26
CA TRP A 549 -30.48 -38.55 15.76
C TRP A 549 -30.16 -37.06 15.72
N GLN A 550 -30.92 -36.27 14.96
CA GLN A 550 -30.67 -34.84 14.91
C GLN A 550 -31.51 -34.06 15.92
N ARG A 551 -32.64 -34.60 16.35
CA ARG A 551 -33.43 -33.98 17.40
C ARG A 551 -32.91 -34.32 18.78
N MET A 552 -32.49 -35.58 18.98
CA MET A 552 -31.99 -36.03 20.27
C MET A 552 -30.58 -35.52 20.54
N TYR A 553 -29.74 -35.42 19.53
CA TYR A 553 -28.39 -34.94 19.69
C TYR A 553 -28.38 -33.44 19.71
N GLY A 554 -29.21 -32.83 18.89
CA GLY A 554 -29.29 -31.38 18.88
C GLY A 554 -29.90 -30.78 20.14
N ARG A 555 -30.63 -31.59 20.91
CA ARG A 555 -31.21 -31.12 22.16
C ARG A 555 -30.22 -31.28 23.31
N CYS A 556 -29.55 -32.43 23.38
CA CYS A 556 -28.55 -32.66 24.41
C CYS A 556 -27.31 -31.80 24.24
N SER A 557 -27.15 -31.12 23.10
CA SER A 557 -26.03 -30.22 22.90
C SER A 557 -26.16 -28.93 23.71
N GLY A 558 -27.31 -28.69 24.32
CA GLY A 558 -27.50 -27.52 25.15
C GLY A 558 -27.01 -27.67 26.57
N ASN A 559 -26.41 -28.81 26.90
CA ASN A 559 -25.89 -29.01 28.25
C ASN A 559 -24.66 -28.15 28.50
N GLU A 560 -24.60 -27.56 29.69
CA GLU A 560 -23.43 -26.84 30.16
C GLU A 560 -23.21 -27.19 31.62
N VAL A 561 -22.00 -26.94 32.10
CA VAL A 561 -21.63 -27.22 33.48
C VAL A 561 -21.89 -25.97 34.30
N TYR A 562 -22.79 -26.08 35.27
CA TYR A 562 -23.13 -24.98 36.16
C TYR A 562 -22.70 -25.32 37.58
N HIS A 563 -22.73 -24.33 38.46
CA HIS A 563 -22.36 -24.52 39.86
C HIS A 563 -23.41 -23.89 40.75
N ILE A 564 -23.60 -24.49 41.92
CA ILE A 564 -24.54 -24.00 42.90
C ILE A 564 -24.15 -24.56 44.26
N ARG A 565 -24.32 -23.76 45.30
CA ARG A 565 -24.05 -24.23 46.65
C ARG A 565 -25.06 -25.32 47.02
N MET A 566 -24.59 -26.33 47.75
CA MET A 566 -25.43 -27.50 48.01
C MET A 566 -26.67 -27.15 48.80
N GLY A 567 -26.54 -26.31 49.83
CA GLY A 567 -27.69 -25.99 50.67
C GLY A 567 -28.79 -25.26 49.92
N ASP A 568 -28.41 -24.35 49.03
CA ASP A 568 -29.37 -23.54 48.28
C ASP A 568 -29.66 -24.12 46.89
N SER A 569 -29.50 -25.41 46.70
CA SER A 569 -29.70 -26.06 45.41
C SER A 569 -30.95 -26.94 45.49
N LYS A 570 -31.99 -26.58 44.74
CA LYS A 570 -33.19 -27.42 44.70
C LYS A 570 -32.93 -28.76 44.04
N PHE A 571 -31.82 -28.89 43.29
CA PHE A 571 -31.47 -30.17 42.71
C PHE A 571 -30.90 -31.14 43.73
N PHE A 572 -30.10 -30.64 44.67
CA PHE A 572 -29.28 -31.52 45.50
C PHE A 572 -29.43 -31.34 47.01
N ARG A 573 -30.17 -30.31 47.47
CA ARG A 573 -30.17 -30.01 48.91
C ARG A 573 -30.77 -31.13 49.74
N GLU A 574 -31.59 -31.99 49.14
CA GLU A 574 -32.22 -33.07 49.89
C GLU A 574 -31.27 -34.23 50.15
N TYR A 575 -30.04 -34.18 49.64
CA TYR A 575 -29.07 -35.25 49.81
C TYR A 575 -28.00 -34.90 50.84
N GLU A 576 -28.31 -34.00 51.78
CA GLU A 576 -27.36 -33.64 52.82
C GLU A 576 -27.04 -34.87 53.68
N GLY A 577 -25.75 -35.07 53.92
CA GLY A 577 -25.29 -36.24 54.64
C GLY A 577 -25.20 -37.51 53.82
N LYS A 578 -25.51 -37.44 52.53
CA LYS A 578 -25.47 -38.60 51.65
C LYS A 578 -24.20 -38.58 50.80
N SER A 579 -23.86 -39.73 50.25
CA SER A 579 -22.66 -39.86 49.45
C SER A 579 -22.82 -39.16 48.10
N PHE A 580 -21.68 -38.80 47.50
CA PHE A 580 -21.70 -38.14 46.20
C PHE A 580 -22.31 -39.03 45.13
N THR A 581 -21.97 -40.32 45.14
CA THR A 581 -22.56 -41.25 44.18
C THR A 581 -24.06 -41.39 44.38
N TYR A 582 -24.52 -41.30 45.64
CA TYR A 582 -25.95 -41.40 45.92
C TYR A 582 -26.71 -40.24 45.30
N ALA A 583 -26.20 -39.01 45.48
CA ALA A 583 -26.89 -37.83 44.98
C ALA A 583 -26.83 -37.72 43.46
N ALA A 584 -25.69 -38.08 42.88
CA ALA A 584 -25.52 -37.94 41.43
C ALA A 584 -26.51 -38.81 40.67
N PHE A 585 -26.80 -40.01 41.19
CA PHE A 585 -27.74 -40.90 40.52
C PHE A 585 -29.17 -40.40 40.66
N HIS A 586 -29.62 -40.17 41.91
CA HIS A 586 -31.02 -39.83 42.14
C HIS A 586 -31.38 -38.49 41.51
N ALA A 587 -30.45 -37.52 41.54
CA ALA A 587 -30.69 -36.26 40.87
C ALA A 587 -30.85 -36.46 39.37
N HIS A 588 -30.02 -37.32 38.78
CA HIS A 588 -30.21 -37.68 37.37
C HIS A 588 -31.48 -38.50 37.18
N LYS A 589 -31.79 -39.37 38.13
CA LYS A 589 -33.01 -40.17 38.04
C LYS A 589 -34.25 -39.30 38.13
N LYS A 590 -34.20 -38.24 38.94
CA LYS A 590 -35.37 -37.43 39.22
C LYS A 590 -35.48 -36.20 38.32
N TYR A 591 -34.43 -35.38 38.25
CA TYR A 591 -34.48 -34.16 37.46
C TYR A 591 -33.65 -34.21 36.17
N GLY A 592 -32.74 -35.17 36.06
CA GLY A 592 -31.94 -35.32 34.86
C GLY A 592 -30.62 -34.58 34.85
N VAL A 593 -30.17 -34.06 35.98
CA VAL A 593 -28.89 -33.36 36.07
C VAL A 593 -27.79 -34.38 36.36
N CYS A 594 -26.60 -34.10 35.85
CA CYS A 594 -25.44 -34.98 36.03
C CYS A 594 -24.45 -34.28 36.96
N LEU A 595 -24.37 -34.76 38.19
CA LEU A 595 -23.46 -34.19 39.18
C LEU A 595 -22.06 -34.75 38.93
N ILE A 596 -21.20 -33.95 38.30
CA ILE A 596 -19.90 -34.43 37.88
C ILE A 596 -18.82 -34.20 38.94
N GLY A 597 -18.99 -33.20 39.80
CA GLY A 597 -17.98 -32.91 40.80
C GLY A 597 -18.44 -31.82 41.74
N LEU A 598 -17.62 -31.59 42.77
CA LEU A 598 -17.90 -30.57 43.76
C LEU A 598 -16.63 -29.83 44.12
N LYS A 599 -16.77 -28.82 44.97
CA LYS A 599 -15.64 -28.05 45.49
C LYS A 599 -15.95 -27.69 46.94
N ARG A 600 -15.15 -28.22 47.85
CA ARG A 600 -15.37 -27.96 49.27
C ARG A 600 -15.05 -26.52 49.61
N GLU A 601 -15.75 -26.00 50.63
CA GLU A 601 -15.54 -24.61 51.05
C GLU A 601 -14.16 -24.41 51.66
N ASP A 602 -13.58 -25.46 52.25
CA ASP A 602 -12.26 -25.34 52.86
C ASP A 602 -11.19 -25.10 51.79
N ASN A 603 -11.21 -25.91 50.72
CA ASN A 603 -10.19 -25.84 49.69
C ASN A 603 -10.68 -25.02 48.50
N LYS A 604 -9.79 -24.83 47.54
CA LYS A 604 -10.16 -24.28 46.24
C LYS A 604 -10.15 -25.34 45.14
N SER A 605 -9.51 -26.48 45.38
CA SER A 605 -9.45 -27.54 44.39
C SER A 605 -10.84 -28.06 44.07
N ILE A 606 -11.10 -28.29 42.79
CA ILE A 606 -12.35 -28.87 42.30
C ILE A 606 -12.11 -30.34 42.00
N LEU A 607 -12.92 -31.21 42.59
CA LEU A 607 -12.79 -32.65 42.41
C LEU A 607 -13.91 -33.14 41.50
N LEU A 608 -13.54 -33.77 40.39
CA LEU A 608 -14.52 -34.43 39.54
C LEU A 608 -14.74 -35.84 40.05
N ASN A 609 -16.00 -36.17 40.36
CA ASN A 609 -16.35 -37.45 40.97
C ASN A 609 -15.47 -37.71 42.19
N PRO A 610 -15.70 -37.00 43.30
CA PRO A 610 -14.86 -37.23 44.49
C PRO A 610 -14.94 -38.64 45.04
N GLY A 611 -16.00 -39.38 44.71
CA GLY A 611 -16.11 -40.76 45.10
C GLY A 611 -17.31 -41.03 45.98
N PRO A 612 -17.56 -42.31 46.28
CA PRO A 612 -18.68 -42.66 47.16
C PRO A 612 -18.34 -42.40 48.62
N ARG A 613 -17.05 -42.45 48.95
CA ARG A 613 -16.60 -42.16 50.31
C ARG A 613 -16.78 -40.71 50.70
N HIS A 614 -17.01 -39.82 49.73
CA HIS A 614 -17.21 -38.41 50.03
C HIS A 614 -18.66 -38.18 50.45
N ILE A 615 -18.83 -37.50 51.59
CA ILE A 615 -20.16 -37.19 52.13
C ILE A 615 -20.45 -35.73 51.88
N LEU A 616 -21.64 -35.45 51.34
CA LEU A 616 -22.00 -34.09 50.98
C LEU A 616 -22.20 -33.23 52.23
N ALA A 617 -22.06 -31.92 52.03
CA ALA A 617 -22.24 -30.95 53.11
C ALA A 617 -22.95 -29.73 52.56
N ALA A 618 -23.60 -28.98 53.45
CA ALA A 618 -24.40 -27.83 53.04
C ALA A 618 -23.59 -26.69 52.46
N SER A 619 -22.27 -26.68 52.66
CA SER A 619 -21.42 -25.60 52.16
C SER A 619 -20.67 -25.97 50.88
N ASP A 620 -20.89 -27.17 50.35
CA ASP A 620 -20.21 -27.57 49.12
C ASP A 620 -20.78 -26.85 47.92
N THR A 621 -19.92 -26.61 46.94
CA THR A 621 -20.32 -26.07 45.64
C THR A 621 -20.42 -27.23 44.65
N CYS A 622 -21.62 -27.50 44.17
CA CYS A 622 -21.88 -28.67 43.32
C CYS A 622 -21.82 -28.27 41.86
N PHE A 623 -21.00 -28.98 41.09
CA PHE A 623 -20.86 -28.75 39.67
C PHE A 623 -21.66 -29.82 38.92
N TYR A 624 -22.64 -29.40 38.14
CA TYR A 624 -23.54 -30.32 37.47
C TYR A 624 -23.67 -29.93 35.99
N ILE A 625 -24.07 -30.90 35.18
CA ILE A 625 -24.31 -30.71 33.76
C ILE A 625 -25.82 -30.77 33.54
N ASN A 626 -26.38 -29.70 32.96
CA ASN A 626 -27.81 -29.63 32.71
C ASN A 626 -28.08 -28.68 31.57
N ILE A 627 -29.24 -28.84 30.94
CA ILE A 627 -29.63 -27.97 29.84
C ILE A 627 -29.80 -26.53 30.31
N THR A 628 -30.45 -26.36 31.45
CA THR A 628 -30.78 -25.03 31.98
C THR A 628 -30.24 -24.88 33.40
N LYS A 629 -29.84 -23.66 33.74
CA LYS A 629 -29.40 -23.35 35.09
C LYS A 629 -30.54 -23.59 36.08
N GLU A 630 -30.17 -23.94 37.31
CA GLU A 630 -31.17 -24.16 38.36
C GLU A 630 -32.02 -22.92 38.57
N GLU A 631 -31.39 -21.73 38.56
CA GLU A 631 -32.15 -20.49 38.65
C GLU A 631 -33.07 -20.32 37.44
N ASN A 632 -32.58 -20.70 36.26
CA ASN A 632 -33.36 -20.59 35.03
C ASN A 632 -34.20 -21.83 34.74
N SER A 633 -34.18 -22.83 35.62
CA SER A 633 -35.01 -24.03 35.49
C SER A 633 -36.23 -23.95 36.37
N ALA A 634 -36.84 -22.77 36.50
CA ALA A 634 -38.04 -22.64 37.31
C ALA A 634 -39.21 -23.43 36.75
N PHE A 635 -39.14 -23.83 35.48
CA PHE A 635 -40.25 -24.57 34.86
C PHE A 635 -40.30 -26.01 35.35
N ILE A 636 -39.16 -26.68 35.49
CA ILE A 636 -39.17 -28.09 35.88
C ILE A 636 -39.65 -28.24 37.32
N PHE A 637 -39.28 -27.31 38.20
CA PHE A 637 -39.87 -27.30 39.53
C PHE A 637 -41.35 -26.99 39.47
N LYS A 638 -41.75 -26.04 38.62
CA LYS A 638 -43.17 -25.77 38.40
C LYS A 638 -43.87 -26.97 37.79
N GLN A 639 -43.22 -27.64 36.84
CA GLN A 639 -43.79 -28.85 36.26
C GLN A 639 -43.86 -29.98 37.30
N GLU A 640 -42.97 -29.96 38.29
CA GLU A 640 -43.04 -30.94 39.36
C GLU A 640 -44.26 -30.73 40.24
N GLU A 641 -44.65 -29.46 40.47
CA GLU A 641 -45.83 -29.16 41.25
C GLU A 641 -47.12 -29.55 40.54
N LYS A 642 -47.10 -29.63 39.21
CA LYS A 642 -48.30 -30.01 38.46
C LYS A 642 -48.70 -31.46 38.74
N ARG A 643 -47.72 -32.37 38.81
CA ARG A 643 -48.03 -33.77 39.04
C ARG A 643 -48.46 -34.02 40.48
N LYS A 644 -47.77 -33.42 41.45
CA LYS A 644 -48.11 -33.60 42.85
C LYS A 644 -49.27 -32.69 43.26
N ILE A 710 -30.37 -55.18 39.31
CA ILE A 710 -29.30 -54.22 39.57
C ILE A 710 -29.27 -53.87 41.06
N ALA A 711 -28.08 -53.90 41.64
CA ALA A 711 -27.95 -53.60 43.06
C ALA A 711 -28.33 -52.15 43.33
N PRO A 712 -28.99 -51.86 44.44
CA PRO A 712 -29.37 -50.47 44.75
C PRO A 712 -28.16 -49.64 45.14
N VAL A 713 -28.34 -48.32 45.04
CA VAL A 713 -27.27 -47.38 45.36
C VAL A 713 -27.28 -47.11 46.85
N LEU A 714 -26.14 -47.30 47.49
CA LEU A 714 -26.04 -47.16 48.94
C LEU A 714 -25.99 -45.69 49.33
N GLU A 715 -26.62 -45.38 50.47
CA GLU A 715 -26.58 -44.02 51.00
C GLU A 715 -25.19 -43.63 51.49
N LEU A 716 -24.36 -44.62 51.86
CA LEU A 716 -22.99 -44.37 52.29
C LEU A 716 -22.08 -45.42 51.65
N ALA A 717 -20.81 -45.06 51.51
CA ALA A 717 -19.83 -45.99 50.94
C ALA A 717 -19.51 -47.11 51.91
N VAL A 747 8.51 -57.04 28.79
CA VAL A 747 9.07 -56.04 29.68
C VAL A 747 7.99 -55.50 30.62
N GLU A 748 8.31 -55.41 31.90
CA GLU A 748 7.38 -54.91 32.90
C GLU A 748 7.60 -53.43 33.14
N TYR A 749 6.53 -52.65 33.05
CA TYR A 749 6.61 -51.20 33.20
C TYR A 749 6.34 -50.79 34.64
N VAL A 750 7.18 -49.91 35.15
CA VAL A 750 6.98 -49.37 36.49
C VAL A 750 6.09 -48.14 36.40
N LYS A 751 5.48 -47.79 37.54
CA LYS A 751 4.62 -46.62 37.64
C LYS A 751 5.35 -45.53 38.40
N GLY A 752 5.56 -44.39 37.73
CA GLY A 752 6.24 -43.27 38.36
C GLY A 752 6.08 -42.02 37.51
N TYR A 753 6.43 -40.90 38.11
CA TYR A 753 6.36 -39.63 37.39
C TYR A 753 7.51 -39.52 36.40
N PRO A 754 7.28 -38.94 35.22
CA PRO A 754 8.37 -38.74 34.26
C PRO A 754 9.46 -37.88 34.85
N PRO A 755 10.73 -38.22 34.60
CA PRO A 755 11.83 -37.49 35.24
C PRO A 755 11.96 -36.04 34.76
N ASN A 756 11.98 -35.84 33.46
CA ASN A 756 12.28 -34.53 32.87
C ASN A 756 10.97 -33.90 32.39
N SER A 757 10.45 -32.97 33.18
CA SER A 757 9.33 -32.15 32.72
C SER A 757 9.84 -31.11 31.74
N PRO A 758 9.35 -31.09 30.50
CA PRO A 758 9.93 -30.17 29.50
C PRO A 758 9.73 -28.71 29.81
N TYR A 759 8.77 -28.34 30.65
CA TYR A 759 8.51 -26.94 30.93
C TYR A 759 7.94 -26.78 32.34
N ILE A 760 7.98 -25.54 32.83
CA ILE A 760 7.44 -25.24 34.14
C ILE A 760 5.93 -25.16 34.06
N GLY A 761 5.25 -25.71 35.06
CA GLY A 761 3.82 -25.81 35.05
C GLY A 761 3.27 -27.10 34.49
N SER A 762 4.14 -27.97 33.95
CA SER A 762 3.71 -29.28 33.47
C SER A 762 3.24 -30.11 34.66
N SER A 763 1.94 -30.36 34.73
CA SER A 763 1.36 -31.05 35.87
C SER A 763 1.90 -32.48 35.94
N PRO A 764 2.51 -32.87 37.06
CA PRO A 764 3.05 -34.23 37.16
C PRO A 764 1.95 -35.28 37.24
N THR A 765 1.84 -36.09 36.20
CA THR A 765 0.87 -37.18 36.15
C THR A 765 1.60 -38.51 36.26
N LEU A 766 1.09 -39.41 37.10
CA LEU A 766 1.68 -40.72 37.25
C LEU A 766 1.47 -41.52 35.97
N CYS A 767 2.56 -41.89 35.31
CA CYS A 767 2.51 -42.54 34.01
C CYS A 767 3.32 -43.83 34.02
N HIS A 768 2.96 -44.73 33.10
CA HIS A 768 3.77 -45.92 32.86
C HIS A 768 5.13 -45.50 32.32
N LEU A 769 6.19 -46.07 32.88
CA LEU A 769 7.55 -45.70 32.51
C LEU A 769 8.38 -46.95 32.27
N LEU A 770 9.37 -46.82 31.39
CA LEU A 770 10.33 -47.89 31.19
C LEU A 770 11.23 -48.01 32.41
N PRO A 771 11.63 -49.23 32.78
CA PRO A 771 12.56 -49.36 33.92
C PRO A 771 13.87 -48.63 33.71
N VAL A 772 14.37 -48.57 32.49
CA VAL A 772 15.57 -47.81 32.14
C VAL A 772 15.22 -46.92 30.96
N LYS A 773 15.65 -45.67 31.01
CA LYS A 773 15.33 -44.71 29.95
C LYS A 773 15.84 -45.23 28.60
N ALA A 774 15.01 -45.07 27.58
CA ALA A 774 15.36 -45.57 26.26
C ALA A 774 16.40 -44.68 25.62
N PRO A 775 17.46 -45.25 25.03
CA PRO A 775 18.42 -44.41 24.30
C PRO A 775 17.77 -43.77 23.08
N PHE A 776 18.32 -42.63 22.68
CA PHE A 776 17.76 -41.88 21.56
C PHE A 776 17.77 -42.67 20.26
N CYS A 777 18.63 -43.69 20.16
CA CYS A 777 18.64 -44.53 18.97
C CYS A 777 17.40 -45.41 18.89
N CYS A 778 16.95 -45.93 20.03
CA CYS A 778 15.82 -46.86 20.05
C CYS A 778 14.48 -46.17 19.81
N LEU A 779 14.40 -44.85 19.99
CA LEU A 779 13.16 -44.11 19.79
C LEU A 779 12.88 -43.84 18.31
N ARG A 780 13.67 -44.41 17.41
CA ARG A 780 13.55 -44.15 15.98
C ARG A 780 13.04 -45.40 15.27
N LEU A 781 12.14 -45.20 14.30
CA LEU A 781 11.56 -46.30 13.54
C LEU A 781 12.35 -46.60 12.27
N ASP A 782 12.66 -45.56 11.49
CA ASP A 782 13.26 -45.78 10.18
C ASP A 782 14.69 -46.29 10.28
N LYS A 783 15.42 -45.90 11.32
CA LYS A 783 16.81 -46.30 11.47
C LYS A 783 16.97 -47.40 12.51
N GLY A 784 17.86 -48.35 12.23
CA GLY A 784 18.16 -49.42 13.15
C GLY A 784 19.37 -49.08 14.02
N CYS A 785 19.53 -49.87 15.09
CA CYS A 785 20.59 -49.60 16.05
C CYS A 785 21.21 -50.89 16.58
N LYS A 786 22.00 -50.79 17.65
CA LYS A 786 22.61 -51.98 18.25
C LYS A 786 21.54 -52.85 18.90
N HIS A 787 20.59 -52.24 19.61
CA HIS A 787 19.56 -53.02 20.30
C HIS A 787 18.59 -53.67 19.33
N ASN A 788 18.29 -53.01 18.22
CA ASN A 788 17.34 -53.52 17.25
C ASN A 788 17.71 -53.04 15.84
N SER A 789 17.42 -53.89 14.87
CA SER A 789 17.65 -53.57 13.46
C SER A 789 16.35 -53.41 12.69
N TYR A 790 15.22 -53.33 13.38
CA TYR A 790 13.94 -53.14 12.71
C TYR A 790 13.92 -51.78 12.02
N GLU A 791 13.35 -51.75 10.81
CA GLU A 791 13.35 -50.55 10.00
C GLU A 791 11.98 -49.94 9.81
N ASP A 792 10.91 -50.65 10.22
CA ASP A 792 9.55 -50.16 10.07
C ASP A 792 8.69 -50.84 11.13
N ALA A 793 7.42 -50.47 11.18
CA ALA A 793 6.52 -50.99 12.19
C ALA A 793 6.25 -52.49 12.02
N LYS A 794 6.36 -53.01 10.80
CA LYS A 794 6.14 -54.43 10.58
C LYS A 794 7.16 -55.28 11.32
N ALA A 795 8.42 -54.88 11.26
CA ALA A 795 9.48 -55.67 11.91
C ALA A 795 9.37 -55.61 13.43
N TYR A 796 8.76 -54.55 13.98
CA TYR A 796 8.58 -54.47 15.42
C TYR A 796 7.59 -55.51 15.93
N GLY A 797 6.60 -55.87 15.12
CA GLY A 797 5.62 -56.86 15.54
C GLY A 797 4.77 -56.42 16.72
N PHE A 798 4.22 -55.21 16.64
CA PHE A 798 3.44 -54.68 17.74
C PHE A 798 2.19 -55.54 18.00
N LYS A 799 1.81 -55.62 19.27
CA LYS A 799 0.65 -56.41 19.68
C LYS A 799 -0.65 -55.65 19.55
N ASN A 800 -0.63 -54.34 19.71
CA ASN A 800 -1.83 -53.51 19.64
C ASN A 800 -1.75 -52.58 18.44
N LYS A 801 -2.89 -51.95 18.13
CA LYS A 801 -2.95 -51.02 17.03
C LYS A 801 -2.15 -49.75 17.34
N LEU A 802 -1.59 -49.16 16.29
CA LEU A 802 -0.70 -48.01 16.43
C LEU A 802 -1.49 -46.70 16.43
N ILE A 803 -0.86 -45.67 16.99
CA ILE A 803 -1.37 -44.30 16.93
C ILE A 803 -0.30 -43.47 16.24
N ILE A 804 -0.66 -42.87 15.10
CA ILE A 804 0.27 -42.13 14.26
C ILE A 804 -0.07 -40.65 14.36
N VAL A 805 0.88 -39.85 14.82
CA VAL A 805 0.72 -38.41 14.99
C VAL A 805 1.56 -37.74 13.91
N SER A 806 0.90 -37.06 12.97
CA SER A 806 1.58 -36.37 11.88
C SER A 806 1.75 -34.90 12.26
N ALA A 807 2.75 -34.64 13.09
CA ALA A 807 3.08 -33.30 13.53
C ALA A 807 4.21 -32.72 12.67
N GLU A 808 4.42 -31.40 12.82
CA GLU A 808 5.52 -30.73 12.10
C GLU A 808 6.77 -30.73 12.97
N THR A 809 6.70 -30.11 14.13
CA THR A 809 7.82 -30.08 15.06
C THR A 809 7.37 -30.67 16.39
N ALA A 810 8.30 -31.36 17.06
CA ALA A 810 8.02 -31.99 18.34
C ALA A 810 8.44 -31.04 19.45
N GLY A 811 7.47 -30.46 20.14
CA GLY A 811 7.72 -29.53 21.22
C GLY A 811 7.01 -29.97 22.48
N ASN A 812 6.72 -29.00 23.33
CA ASN A 812 6.02 -29.29 24.59
C ASN A 812 4.55 -29.62 24.35
N GLY A 813 3.97 -29.11 23.26
CA GLY A 813 2.60 -29.47 22.93
C GLY A 813 2.44 -30.93 22.62
N LEU A 814 3.36 -31.49 21.83
CA LEU A 814 3.31 -32.91 21.51
C LEU A 814 3.60 -33.77 22.75
N TYR A 815 4.31 -33.21 23.73
CA TYR A 815 4.50 -33.93 24.99
C TYR A 815 3.18 -34.15 25.70
N ASN A 816 2.27 -33.18 25.61
CA ASN A 816 0.95 -33.30 26.21
C ASN A 816 0.07 -34.30 25.49
N PHE A 817 0.49 -34.79 24.31
CA PHE A 817 -0.24 -35.86 23.64
C PHE A 817 0.07 -37.22 24.25
N ILE A 818 1.30 -37.42 24.70
CA ILE A 818 1.73 -38.74 25.14
C ILE A 818 1.33 -39.01 26.60
N VAL A 819 1.29 -37.97 27.43
CA VAL A 819 1.02 -38.18 28.86
C VAL A 819 -0.37 -38.78 29.10
N PRO A 820 -1.46 -38.27 28.50
CA PRO A 820 -2.76 -38.95 28.69
C PRO A 820 -2.78 -40.39 28.20
N LEU A 821 -2.06 -40.70 27.12
CA LEU A 821 -2.04 -42.05 26.59
C LEU A 821 -1.22 -43.00 27.44
N ARG A 822 -0.36 -42.46 28.32
CA ARG A 822 0.54 -43.29 29.12
C ARG A 822 0.27 -43.16 30.62
N ALA A 823 -0.85 -42.56 31.01
CA ALA A 823 -1.15 -42.38 32.42
C ALA A 823 -1.38 -43.73 33.10
N TYR A 824 -1.21 -43.74 34.42
CA TYR A 824 -1.21 -45.00 35.17
C TYR A 824 -2.59 -45.64 35.19
N TYR A 825 -3.66 -44.86 35.13
CA TYR A 825 -4.99 -45.45 35.14
C TYR A 825 -5.39 -46.05 33.80
N ARG A 826 -4.62 -45.81 32.75
CA ARG A 826 -4.84 -46.51 31.49
C ARG A 826 -4.42 -47.98 31.63
N SER A 827 -5.04 -48.82 30.81
CA SER A 827 -4.74 -50.26 30.87
C SER A 827 -3.36 -50.54 30.29
N ARG A 828 -2.58 -51.33 31.02
CA ARG A 828 -1.23 -51.65 30.58
C ARG A 828 -1.24 -52.54 29.34
N LYS A 829 -2.24 -53.42 29.23
CA LYS A 829 -2.35 -54.29 28.07
C LYS A 829 -2.92 -53.58 26.85
N GLU A 830 -3.48 -52.38 27.03
CA GLU A 830 -4.07 -51.62 25.94
C GLU A 830 -3.24 -50.41 25.56
N LEU A 831 -1.97 -50.36 25.99
CA LEU A 831 -1.09 -49.26 25.60
C LEU A 831 -0.86 -49.26 24.10
N ASN A 832 -1.37 -48.23 23.44
CA ASN A 832 -1.22 -48.11 21.99
C ASN A 832 0.16 -47.54 21.67
N PRO A 833 0.97 -48.19 20.85
CA PRO A 833 2.24 -47.59 20.43
C PRO A 833 2.00 -46.27 19.72
N ILE A 834 2.87 -45.30 19.97
CA ILE A 834 2.74 -43.96 19.43
C ILE A 834 3.89 -43.71 18.47
N VAL A 835 3.56 -43.43 17.21
CA VAL A 835 4.54 -43.14 16.17
C VAL A 835 4.40 -41.67 15.80
N LEU A 836 5.45 -40.90 16.05
CA LEU A 836 5.46 -39.47 15.76
C LEU A 836 6.04 -39.25 14.37
N LEU A 837 5.17 -39.00 13.39
CA LEU A 837 5.60 -38.75 12.02
C LEU A 837 5.86 -37.26 11.88
N LEU A 838 7.10 -36.87 12.13
CA LEU A 838 7.53 -35.47 12.06
C LEU A 838 8.26 -35.22 10.76
N ASP A 839 8.28 -33.96 10.33
CA ASP A 839 9.05 -33.60 9.15
C ASP A 839 10.38 -32.94 9.52
N ASN A 840 10.52 -32.49 10.77
CA ASN A 840 11.78 -31.99 11.28
C ASN A 840 12.33 -32.96 12.32
N LYS A 841 13.65 -33.13 12.33
CA LYS A 841 14.27 -34.05 13.26
C LYS A 841 14.11 -33.51 14.68
N PRO A 842 13.51 -34.27 15.60
CA PRO A 842 13.18 -33.71 16.91
C PRO A 842 14.41 -33.32 17.70
N ASP A 843 14.28 -32.23 18.45
CA ASP A 843 15.37 -31.75 19.29
C ASP A 843 15.60 -32.70 20.46
N HIS A 844 16.84 -32.70 20.97
CA HIS A 844 17.19 -33.60 22.06
C HIS A 844 16.39 -33.31 23.32
N HIS A 845 15.94 -32.06 23.50
CA HIS A 845 15.13 -31.72 24.65
C HIS A 845 13.82 -32.50 24.65
N PHE A 846 13.18 -32.61 23.48
CA PHE A 846 11.95 -33.40 23.38
C PHE A 846 12.20 -34.87 23.66
N LEU A 847 13.27 -35.42 23.09
CA LEU A 847 13.56 -36.84 23.29
C LEU A 847 13.89 -37.15 24.75
N GLU A 848 14.52 -36.21 25.46
CA GLU A 848 14.78 -36.41 26.88
C GLU A 848 13.49 -36.50 27.68
N ALA A 849 12.42 -35.85 27.20
CA ALA A 849 11.14 -35.94 27.88
C ALA A 849 10.44 -37.27 27.61
N ILE A 850 10.58 -37.80 26.40
CA ILE A 850 9.83 -38.98 25.98
C ILE A 850 10.67 -40.26 26.02
N CYS A 851 11.95 -40.17 26.40
CA CYS A 851 12.81 -41.35 26.44
C CYS A 851 12.38 -42.35 27.51
N CYS A 852 11.53 -41.95 28.45
CA CYS A 852 11.10 -42.83 29.52
C CYS A 852 9.77 -43.53 29.24
N PHE A 853 8.96 -42.98 28.34
CA PHE A 853 7.66 -43.57 28.05
C PHE A 853 7.82 -44.85 27.23
N PRO A 854 6.98 -45.86 27.48
CA PRO A 854 7.08 -47.11 26.74
C PRO A 854 6.40 -47.03 25.38
N MET A 855 7.09 -47.56 24.37
CA MET A 855 6.57 -47.66 23.00
C MET A 855 6.17 -46.28 22.46
N VAL A 856 7.14 -45.38 22.40
CA VAL A 856 7.00 -44.08 21.76
C VAL A 856 8.13 -43.95 20.74
N TYR A 857 7.76 -43.83 19.47
CA TYR A 857 8.72 -43.79 18.38
C TYR A 857 8.44 -42.61 17.47
N TYR A 858 9.45 -42.23 16.68
CA TYR A 858 9.30 -41.16 15.72
C TYR A 858 9.98 -41.56 14.41
N MET A 859 9.54 -40.92 13.33
CA MET A 859 10.11 -41.15 12.01
C MET A 859 9.90 -39.91 11.16
N GLU A 860 10.88 -39.59 10.32
CA GLU A 860 10.76 -38.44 9.43
C GLU A 860 9.72 -38.71 8.35
N GLY A 861 8.90 -37.70 8.07
CA GLY A 861 7.89 -37.80 7.03
C GLY A 861 6.72 -36.90 7.36
N SER A 862 5.65 -37.08 6.57
CA SER A 862 4.44 -36.29 6.75
C SER A 862 3.25 -37.08 6.20
N VAL A 863 2.07 -36.47 6.26
CA VAL A 863 0.86 -37.13 5.77
C VAL A 863 0.70 -37.02 4.26
N ASP A 864 1.46 -36.13 3.62
CA ASP A 864 1.40 -35.98 2.17
C ASP A 864 2.32 -36.95 1.44
N ASN A 865 3.12 -37.74 2.17
CA ASN A 865 4.02 -38.72 1.59
C ASN A 865 3.49 -40.10 1.96
N LEU A 866 3.01 -40.83 0.95
CA LEU A 866 2.43 -42.15 1.19
C LEU A 866 3.47 -43.16 1.67
N ASP A 867 4.72 -43.01 1.22
CA ASP A 867 5.76 -43.96 1.61
C ASP A 867 6.01 -43.94 3.11
N SER A 868 6.09 -42.74 3.70
CA SER A 868 6.38 -42.64 5.12
C SER A 868 5.28 -43.24 5.98
N LEU A 869 4.01 -43.00 5.62
CA LEU A 869 2.90 -43.56 6.40
C LEU A 869 2.89 -45.07 6.33
N LEU A 870 3.21 -45.65 5.17
CA LEU A 870 3.27 -47.10 5.08
C LEU A 870 4.39 -47.67 5.93
N GLN A 871 5.52 -46.97 6.02
CA GLN A 871 6.57 -47.39 6.93
C GLN A 871 6.17 -47.18 8.39
N CYS A 872 5.39 -46.13 8.66
CA CYS A 872 4.94 -45.88 10.02
C CYS A 872 4.05 -46.99 10.55
N GLY A 873 3.32 -47.67 9.67
CA GLY A 873 2.41 -48.71 10.09
C GLY A 873 0.96 -48.31 9.97
N ILE A 874 0.64 -47.54 8.93
CA ILE A 874 -0.72 -47.06 8.74
C ILE A 874 -1.68 -48.19 8.42
N ILE A 875 -1.17 -49.37 8.07
CA ILE A 875 -2.04 -50.51 7.79
C ILE A 875 -2.73 -51.00 9.06
N TYR A 876 -1.96 -51.03 10.16
CA TYR A 876 -2.47 -51.51 11.44
C TYR A 876 -2.46 -50.41 12.47
N ALA A 877 -2.94 -49.25 12.11
CA ALA A 877 -3.05 -48.10 13.00
C ALA A 877 -4.51 -47.82 13.30
N ASP A 878 -4.83 -47.66 14.59
CA ASP A 878 -6.20 -47.38 14.98
C ASP A 878 -6.59 -45.94 14.68
N ASN A 879 -5.65 -45.00 14.82
CA ASN A 879 -5.92 -43.59 14.60
C ASN A 879 -4.76 -42.97 13.85
N LEU A 880 -5.04 -41.82 13.21
CA LEU A 880 -4.02 -41.02 12.55
C LEU A 880 -4.33 -39.55 12.86
N VAL A 881 -3.55 -38.96 13.76
CA VAL A 881 -3.76 -37.59 14.21
C VAL A 881 -2.92 -36.66 13.33
N VAL A 882 -3.58 -35.70 12.70
CA VAL A 882 -2.93 -34.73 11.82
C VAL A 882 -3.01 -33.36 12.48
N VAL A 883 -1.84 -32.79 12.79
CA VAL A 883 -1.75 -31.49 13.43
C VAL A 883 -0.77 -30.55 12.73
N ASP A 884 -0.34 -30.87 11.51
CA ASP A 884 0.68 -30.07 10.85
C ASP A 884 0.15 -28.68 10.53
N LYS A 885 1.03 -27.69 10.68
CA LYS A 885 0.69 -26.31 10.38
C LYS A 885 0.73 -26.07 8.87
N GLU A 886 0.05 -25.02 8.44
CA GLU A 886 -0.01 -24.67 7.03
C GLU A 886 -0.19 -23.15 6.85
N ALA A 891 -1.82 -16.04 4.09
CA ALA A 891 -2.85 -16.07 3.04
C ALA A 891 -3.83 -14.93 3.22
N GLU A 892 -4.10 -14.21 2.12
CA GLU A 892 -5.07 -13.12 2.16
C GLU A 892 -6.48 -13.66 2.39
N GLU A 893 -6.91 -14.60 1.55
CA GLU A 893 -8.18 -15.29 1.77
C GLU A 893 -8.04 -16.16 3.01
N ASP A 894 -8.67 -15.74 4.11
CA ASP A 894 -8.37 -16.34 5.41
C ASP A 894 -8.78 -17.81 5.44
N TYR A 895 -9.91 -18.14 4.83
CA TYR A 895 -10.45 -19.49 4.90
C TYR A 895 -9.59 -20.53 4.18
N MET A 896 -8.66 -20.10 3.34
CA MET A 896 -7.74 -21.01 2.64
C MET A 896 -6.61 -21.50 3.52
N ALA A 897 -6.62 -21.18 4.82
CA ALA A 897 -5.52 -21.58 5.69
C ALA A 897 -5.46 -23.09 5.84
N ASP A 898 -6.61 -23.76 5.85
CA ASP A 898 -6.69 -25.20 6.00
C ASP A 898 -6.78 -25.93 4.67
N ALA A 899 -6.46 -25.26 3.56
CA ALA A 899 -6.58 -25.89 2.26
C ALA A 899 -5.66 -27.09 2.11
N LYS A 900 -4.42 -26.96 2.57
CA LYS A 900 -3.47 -28.07 2.45
C LYS A 900 -3.86 -29.23 3.36
N THR A 901 -4.25 -28.92 4.61
CA THR A 901 -4.55 -29.97 5.57
C THR A 901 -5.77 -30.79 5.15
N ILE A 902 -6.81 -30.13 4.64
CA ILE A 902 -8.02 -30.84 4.25
C ILE A 902 -7.75 -31.79 3.09
N VAL A 903 -7.02 -31.32 2.07
CA VAL A 903 -6.79 -32.15 0.90
C VAL A 903 -5.87 -33.32 1.23
N ASN A 904 -4.81 -33.07 2.00
CA ASN A 904 -3.90 -34.15 2.36
C ASN A 904 -4.59 -35.21 3.21
N VAL A 905 -5.53 -34.81 4.06
CA VAL A 905 -6.33 -35.78 4.80
C VAL A 905 -7.35 -36.44 3.89
N GLN A 906 -7.91 -35.69 2.93
CA GLN A 906 -8.88 -36.27 2.01
C GLN A 906 -8.26 -37.38 1.16
N THR A 907 -6.99 -37.22 0.78
CA THR A 907 -6.31 -38.27 0.02
C THR A 907 -6.29 -39.58 0.80
N MET A 908 -6.00 -39.50 2.11
CA MET A 908 -5.94 -40.71 2.93
C MET A 908 -7.33 -41.23 3.27
N PHE A 909 -8.36 -40.37 3.21
CA PHE A 909 -9.72 -40.85 3.35
C PHE A 909 -10.12 -41.71 2.15
N ARG A 910 -9.54 -41.44 0.99
CA ARG A 910 -9.79 -42.26 -0.19
C ARG A 910 -8.90 -43.49 -0.22
N LEU A 911 -7.61 -43.33 0.10
CA LEU A 911 -6.69 -44.46 0.08
C LEU A 911 -7.01 -45.47 1.17
N PHE A 912 -7.35 -44.99 2.37
CA PHE A 912 -7.62 -45.83 3.54
C PHE A 912 -9.01 -45.48 4.07
N PRO A 913 -10.06 -45.99 3.44
CA PRO A 913 -11.43 -45.66 3.90
C PRO A 913 -11.73 -46.18 5.29
N SER A 914 -11.01 -47.20 5.78
CA SER A 914 -11.25 -47.76 7.10
C SER A 914 -10.43 -47.10 8.20
N LEU A 915 -9.51 -46.21 7.84
CA LEU A 915 -8.66 -45.56 8.84
C LEU A 915 -9.42 -44.44 9.53
N SER A 916 -9.23 -44.33 10.84
CA SER A 916 -9.84 -43.27 11.64
C SER A 916 -8.86 -42.11 11.74
N ILE A 917 -9.21 -40.99 11.11
CA ILE A 917 -8.34 -39.82 11.03
C ILE A 917 -8.91 -38.72 11.90
N THR A 918 -8.08 -38.19 12.80
CA THR A 918 -8.44 -37.05 13.64
C THR A 918 -7.61 -35.85 13.24
N THR A 919 -8.26 -34.71 13.03
CA THR A 919 -7.59 -33.52 12.55
C THR A 919 -8.07 -32.29 13.31
N GLU A 920 -7.20 -31.27 13.34
CA GLU A 920 -7.53 -29.97 13.91
C GLU A 920 -7.48 -28.92 12.80
N LEU A 921 -8.50 -28.06 12.76
CA LEU A 921 -8.64 -27.05 11.74
C LEU A 921 -8.76 -25.67 12.38
N THR A 922 -8.25 -24.66 11.67
CA THR A 922 -8.23 -23.31 12.23
C THR A 922 -9.64 -22.72 12.30
N HIS A 923 -10.45 -22.93 11.26
CA HIS A 923 -11.76 -22.32 11.18
C HIS A 923 -12.87 -23.36 11.28
N PRO A 924 -13.83 -23.18 12.19
CA PRO A 924 -14.91 -24.18 12.32
C PRO A 924 -15.89 -24.20 11.15
N SER A 925 -15.72 -23.36 10.13
CA SER A 925 -16.52 -23.51 8.93
C SER A 925 -15.97 -24.55 7.98
N ASN A 926 -14.73 -25.00 8.19
CA ASN A 926 -14.08 -25.96 7.32
C ASN A 926 -14.34 -27.42 7.72
N MET A 927 -15.15 -27.65 8.75
CA MET A 927 -15.41 -29.01 9.21
C MET A 927 -16.12 -29.84 8.15
N ARG A 928 -16.90 -29.19 7.27
CA ARG A 928 -17.63 -29.88 6.23
C ARG A 928 -16.71 -30.55 5.20
N PHE A 929 -15.46 -30.10 5.10
CA PHE A 929 -14.55 -30.55 4.04
C PHE A 929 -13.70 -31.75 4.44
N MET A 930 -13.74 -32.18 5.71
CA MET A 930 -12.83 -33.23 6.17
C MET A 930 -13.05 -34.54 5.44
N GLN A 931 -14.26 -35.08 5.49
CA GLN A 931 -14.61 -36.30 4.77
C GLN A 931 -15.71 -35.92 3.78
N PHE A 932 -15.28 -35.41 2.64
CA PHE A 932 -16.20 -34.82 1.66
C PHE A 932 -16.61 -35.88 0.66
N ARG A 933 -17.89 -36.23 0.67
CA ARG A 933 -18.48 -37.14 -0.31
C ARG A 933 -19.37 -36.28 -1.20
N ALA A 934 -18.85 -35.88 -2.36
CA ALA A 934 -19.58 -34.97 -3.23
C ALA A 934 -20.81 -35.65 -3.84
N LYS A 935 -20.69 -36.93 -4.17
CA LYS A 935 -21.82 -37.69 -4.71
C LYS A 935 -22.60 -38.38 -3.59
N ASP A 936 -22.98 -37.60 -2.57
CA ASP A 936 -23.72 -38.11 -1.42
C ASP A 936 -24.93 -37.23 -1.19
N SER A 937 -26.12 -37.83 -1.17
CA SER A 937 -27.34 -37.06 -0.96
C SER A 937 -27.49 -36.64 0.49
N TYR A 938 -27.16 -37.54 1.43
CA TYR A 938 -27.40 -37.24 2.84
C TYR A 938 -26.47 -36.16 3.36
N SER A 939 -25.18 -36.24 3.03
CA SER A 939 -24.22 -35.28 3.55
C SER A 939 -24.50 -33.88 3.05
N LEU A 940 -24.83 -33.74 1.77
CA LEU A 940 -25.19 -32.44 1.22
C LEU A 940 -26.54 -31.96 1.73
N ALA A 941 -27.42 -32.87 2.15
CA ALA A 941 -28.66 -32.47 2.79
C ALA A 941 -28.41 -31.79 4.13
N LEU A 942 -27.35 -32.21 4.83
CA LEU A 942 -26.99 -31.57 6.09
C LEU A 942 -26.57 -30.12 5.90
N SER A 943 -26.16 -29.74 4.69
CA SER A 943 -25.80 -28.35 4.44
C SER A 943 -27.02 -27.44 4.60
N LYS A 944 -28.18 -27.88 4.10
CA LYS A 944 -29.39 -27.09 4.28
C LYS A 944 -29.77 -26.99 5.75
N LEU A 945 -29.66 -28.09 6.49
CA LEU A 945 -29.97 -28.08 7.92
C LEU A 945 -29.07 -27.10 8.67
N GLU A 946 -27.83 -26.96 8.23
CA GLU A 946 -26.93 -25.99 8.86
C GLU A 946 -27.31 -24.55 8.53
N LYS A 947 -27.87 -24.32 7.34
CA LYS A 947 -28.32 -22.98 6.98
C LYS A 947 -29.45 -22.51 7.89
N ARG A 948 -30.39 -23.40 8.22
CA ARG A 948 -31.49 -23.03 9.09
C ARG A 948 -30.99 -22.66 10.48
N GLU A 949 -30.01 -23.40 10.99
CA GLU A 949 -29.42 -23.05 12.28
C GLU A 949 -28.75 -21.69 12.23
N ARG A 950 -28.04 -21.40 11.14
CA ARG A 950 -27.45 -20.07 10.96
C ARG A 950 -28.54 -19.00 10.89
N GLU A 951 -29.68 -19.32 10.26
CA GLU A 951 -30.78 -18.37 10.20
C GLU A 951 -31.40 -18.16 11.58
N ASN A 952 -31.47 -19.21 12.39
CA ASN A 952 -32.03 -19.13 13.73
C ASN A 952 -31.05 -18.55 14.75
N GLY A 953 -29.93 -17.98 14.30
CA GLY A 953 -28.96 -17.40 15.20
C GLY A 953 -28.28 -18.39 16.13
N SER A 954 -27.89 -19.55 15.59
CA SER A 954 -27.22 -20.57 16.38
C SER A 954 -25.72 -20.48 16.13
N ASN A 955 -24.94 -20.29 17.20
CA ASN A 955 -23.49 -20.29 17.08
C ASN A 955 -22.94 -21.68 16.83
N LEU A 956 -23.70 -22.72 17.16
CA LEU A 956 -23.29 -24.10 16.90
C LEU A 956 -23.93 -24.59 15.60
N ALA A 957 -23.57 -23.90 14.51
CA ALA A 957 -24.09 -24.27 13.20
C ALA A 957 -23.40 -25.53 12.67
N PHE A 958 -22.11 -25.67 12.93
CA PHE A 958 -21.32 -26.81 12.46
C PHE A 958 -21.69 -28.11 13.17
N MET A 959 -22.61 -28.05 14.14
CA MET A 959 -22.89 -29.20 15.00
C MET A 959 -23.23 -30.46 14.22
N PHE A 960 -23.99 -30.33 13.15
CA PHE A 960 -24.64 -31.48 12.52
C PHE A 960 -23.81 -32.11 11.42
N ARG A 961 -22.58 -31.66 11.20
CA ARG A 961 -21.70 -32.32 10.24
C ARG A 961 -21.30 -33.70 10.75
N LEU A 962 -21.19 -34.65 9.82
CA LEU A 962 -20.79 -36.00 10.18
C LEU A 962 -19.40 -36.08 10.80
N PRO A 963 -18.36 -35.45 10.25
CA PRO A 963 -17.02 -35.63 10.86
C PRO A 963 -16.91 -35.02 12.25
N PHE A 964 -17.43 -33.80 12.45
CA PHE A 964 -17.32 -33.15 13.76
C PHE A 964 -18.09 -33.92 14.82
N ALA A 965 -19.30 -34.37 14.49
CA ALA A 965 -20.13 -35.09 15.45
C ALA A 965 -19.47 -36.40 15.86
N ALA A 966 -18.87 -37.11 14.90
CA ALA A 966 -18.18 -38.36 15.20
C ALA A 966 -16.87 -38.15 15.94
N GLY A 967 -16.41 -36.91 16.06
CA GLY A 967 -15.16 -36.64 16.73
C GLY A 967 -13.94 -36.63 15.85
N ARG A 968 -14.12 -36.67 14.53
CA ARG A 968 -12.99 -36.65 13.61
C ARG A 968 -12.29 -35.31 13.60
N VAL A 969 -13.03 -34.21 13.81
CA VAL A 969 -12.46 -32.88 13.70
C VAL A 969 -12.83 -32.09 14.95
N PHE A 970 -11.97 -31.11 15.27
CA PHE A 970 -12.37 -30.02 16.14
C PHE A 970 -11.52 -28.81 15.78
N SER A 971 -12.10 -27.64 15.95
CA SER A 971 -11.41 -26.38 15.71
C SER A 971 -10.93 -25.85 17.06
N ILE A 972 -9.72 -25.28 17.07
CA ILE A 972 -9.13 -24.82 18.31
C ILE A 972 -9.80 -23.51 18.71
N SER A 973 -10.71 -23.02 17.86
CA SER A 973 -11.51 -21.85 18.20
C SER A 973 -12.46 -22.13 19.36
N MET A 974 -12.67 -23.40 19.71
CA MET A 974 -13.43 -23.72 20.91
C MET A 974 -12.71 -23.27 22.18
N LEU A 975 -11.38 -23.13 22.12
CA LEU A 975 -10.66 -22.57 23.25
C LEU A 975 -10.89 -21.07 23.38
N ASP A 976 -11.23 -20.40 22.27
CA ASP A 976 -11.67 -19.01 22.36
C ASP A 976 -12.92 -18.91 23.21
N THR A 977 -13.89 -19.80 22.96
CA THR A 977 -15.15 -19.76 23.69
C THR A 977 -14.96 -20.18 25.14
N LEU A 978 -13.97 -21.03 25.43
CA LEU A 978 -13.69 -21.42 26.80
C LEU A 978 -13.16 -20.24 27.62
N LEU A 979 -12.49 -19.29 26.97
CA LEU A 979 -11.98 -18.13 27.69
C LEU A 979 -13.05 -17.08 27.91
N TYR A 980 -13.92 -16.85 26.92
CA TYR A 980 -14.98 -15.86 27.09
C TYR A 980 -16.03 -16.36 28.07
N GLN A 981 -16.30 -17.66 28.09
CA GLN A 981 -17.22 -18.23 29.07
C GLN A 981 -16.67 -18.08 30.48
N SER A 982 -15.35 -18.04 30.63
CA SER A 982 -14.75 -17.92 31.96
C SER A 982 -15.04 -16.57 32.60
N PHE A 983 -15.47 -15.58 31.81
CA PHE A 983 -15.94 -14.33 32.39
C PHE A 983 -17.21 -14.54 33.20
N VAL A 984 -18.04 -15.49 32.81
CA VAL A 984 -19.26 -15.82 33.54
C VAL A 984 -19.13 -17.08 34.37
N LYS A 985 -18.29 -18.04 33.95
CA LYS A 985 -18.06 -19.28 34.68
C LYS A 985 -16.56 -19.43 34.91
N ASP A 986 -16.09 -18.92 36.05
CA ASP A 986 -14.68 -18.98 36.37
C ASP A 986 -14.15 -20.40 36.56
N TYR A 987 -15.04 -21.38 36.73
CA TYR A 987 -14.65 -22.76 36.87
C TYR A 987 -14.48 -23.49 35.55
N MET A 988 -14.86 -22.88 34.44
CA MET A 988 -14.82 -23.61 33.18
C MET A 988 -13.44 -24.13 32.87
N ILE A 989 -12.43 -23.28 32.96
CA ILE A 989 -11.09 -23.71 32.58
C ILE A 989 -10.64 -24.87 33.46
N THR A 990 -10.84 -24.75 34.77
CA THR A 990 -10.42 -25.81 35.68
C THR A 990 -11.18 -27.10 35.41
N ILE A 991 -12.48 -27.01 35.16
CA ILE A 991 -13.29 -28.21 34.90
C ILE A 991 -12.81 -28.90 33.63
N THR A 992 -12.53 -28.14 32.58
CA THR A 992 -12.08 -28.73 31.32
C THR A 992 -10.74 -29.41 31.48
N ARG A 993 -9.80 -28.76 32.17
CA ARG A 993 -8.47 -29.35 32.36
C ARG A 993 -8.53 -30.62 33.18
N LEU A 994 -9.41 -30.67 34.18
CA LEU A 994 -9.56 -31.88 34.99
C LEU A 994 -10.05 -33.05 34.14
N LEU A 995 -10.93 -32.78 33.16
CA LEU A 995 -11.36 -33.84 32.25
C LEU A 995 -10.22 -34.29 31.35
N LEU A 996 -9.47 -33.34 30.77
CA LEU A 996 -8.35 -33.67 29.92
C LEU A 996 -7.15 -34.19 30.69
N GLY A 997 -7.11 -34.00 32.01
CA GLY A 997 -5.96 -34.42 32.79
C GLY A 997 -4.80 -33.44 32.77
N LEU A 998 -4.99 -32.23 32.24
CA LEU A 998 -3.92 -31.25 32.20
C LEU A 998 -3.53 -30.76 33.59
N ASP A 999 -4.41 -30.90 34.57
CA ASP A 999 -4.08 -30.68 35.97
C ASP A 999 -4.59 -31.86 36.78
N THR A 1000 -3.74 -32.38 37.65
CA THR A 1000 -4.01 -33.60 38.42
C THR A 1000 -4.21 -33.23 39.88
N THR A 1001 -5.45 -32.92 40.24
CA THR A 1001 -5.78 -32.70 41.64
C THR A 1001 -5.98 -34.03 42.34
N PRO A 1002 -5.28 -34.29 43.44
CA PRO A 1002 -5.49 -35.54 44.17
C PRO A 1002 -6.92 -35.68 44.65
N GLY A 1003 -7.46 -36.90 44.53
CA GLY A 1003 -8.84 -37.16 44.86
C GLY A 1003 -9.83 -36.80 43.77
N SER A 1004 -9.36 -36.34 42.61
CA SER A 1004 -10.22 -35.97 41.49
C SER A 1004 -10.18 -37.07 40.43
N GLY A 1005 -11.33 -37.31 39.80
CA GLY A 1005 -11.44 -38.38 38.83
C GLY A 1005 -10.89 -38.02 37.47
N TYR A 1006 -10.99 -38.98 36.56
CA TYR A 1006 -10.50 -38.85 35.20
C TYR A 1006 -11.56 -39.33 34.23
N LEU A 1007 -11.50 -38.79 33.01
CA LEU A 1007 -12.46 -39.14 31.97
C LEU A 1007 -12.09 -40.50 31.36
N CYS A 1008 -12.95 -41.49 31.56
CA CYS A 1008 -12.76 -42.82 31.02
C CYS A 1008 -13.83 -43.10 29.96
N ALA A 1009 -13.81 -44.31 29.42
CA ALA A 1009 -14.78 -44.71 28.41
C ALA A 1009 -15.03 -46.21 28.53
N MET A 1010 -16.28 -46.60 28.37
CA MET A 1010 -16.67 -48.01 28.39
C MET A 1010 -17.57 -48.30 27.20
N LYS A 1011 -17.46 -49.52 26.68
CA LYS A 1011 -18.20 -49.94 25.50
C LYS A 1011 -19.31 -50.90 25.91
N ILE A 1012 -20.52 -50.62 25.45
CA ILE A 1012 -21.67 -51.49 25.72
C ILE A 1012 -21.76 -52.51 24.60
N THR A 1013 -21.59 -53.78 24.94
CA THR A 1013 -21.73 -54.88 24.01
C THR A 1013 -23.08 -55.56 24.22
N GLU A 1014 -23.29 -56.68 23.53
CA GLU A 1014 -24.52 -57.44 23.72
C GLU A 1014 -24.62 -58.01 25.14
N GLY A 1015 -23.50 -58.17 25.83
CA GLY A 1015 -23.54 -58.63 27.21
C GLY A 1015 -24.09 -57.60 28.18
N ASP A 1016 -24.19 -56.34 27.76
CA ASP A 1016 -24.76 -55.28 28.59
C ASP A 1016 -26.12 -54.83 28.07
N LEU A 1017 -26.70 -55.54 27.10
CA LEU A 1017 -27.98 -55.15 26.54
C LEU A 1017 -29.14 -55.42 27.50
N TRP A 1018 -28.94 -56.27 28.51
CA TRP A 1018 -29.98 -56.47 29.51
C TRP A 1018 -30.27 -55.20 30.29
N ILE A 1019 -29.33 -54.25 30.31
CA ILE A 1019 -29.57 -52.92 30.82
C ILE A 1019 -30.27 -52.13 29.73
N ARG A 1020 -31.60 -51.96 29.87
CA ARG A 1020 -32.39 -51.40 28.78
C ARG A 1020 -32.03 -49.94 28.51
N THR A 1021 -31.88 -49.14 29.55
CA THR A 1021 -31.82 -47.70 29.41
C THR A 1021 -30.55 -47.12 30.03
N TYR A 1022 -30.32 -45.84 29.72
CA TYR A 1022 -29.19 -45.11 30.27
C TYR A 1022 -29.31 -44.95 31.78
N GLY A 1023 -30.54 -44.73 32.27
CA GLY A 1023 -30.74 -44.58 33.70
C GLY A 1023 -30.39 -45.84 34.48
N ARG A 1024 -30.77 -47.00 33.96
CA ARG A 1024 -30.42 -48.26 34.61
C ARG A 1024 -28.91 -48.49 34.62
N LEU A 1025 -28.22 -48.11 33.54
CA LEU A 1025 -26.77 -48.20 33.53
C LEU A 1025 -26.16 -47.25 34.56
N PHE A 1026 -26.74 -46.06 34.70
CA PHE A 1026 -26.30 -45.12 35.73
C PHE A 1026 -26.37 -45.78 37.11
N GLN A 1027 -27.47 -46.46 37.41
CA GLN A 1027 -27.61 -47.11 38.71
C GLN A 1027 -26.57 -48.20 38.90
N LYS A 1028 -26.29 -48.98 37.85
CA LYS A 1028 -25.33 -50.07 37.97
C LYS A 1028 -23.93 -49.55 38.29
N LEU A 1029 -23.52 -48.47 37.63
CA LEU A 1029 -22.16 -47.98 37.79
C LEU A 1029 -21.93 -47.36 39.16
N CYS A 1030 -22.85 -46.51 39.62
CA CYS A 1030 -22.66 -45.80 40.88
C CYS A 1030 -22.95 -46.67 42.10
N SER A 1031 -23.62 -47.81 41.92
CA SER A 1031 -23.85 -48.73 43.03
C SER A 1031 -22.73 -49.76 43.18
N SER A 1032 -21.94 -49.99 42.14
CA SER A 1032 -20.85 -50.95 42.18
C SER A 1032 -19.49 -50.29 41.97
N SER A 1033 -19.30 -49.55 40.87
CA SER A 1033 -18.00 -49.01 40.51
C SER A 1033 -17.88 -47.52 40.78
N ALA A 1034 -18.95 -46.87 41.22
CA ALA A 1034 -18.94 -45.45 41.58
C ALA A 1034 -18.52 -44.56 40.40
N GLU A 1035 -18.85 -44.97 39.19
CA GLU A 1035 -18.58 -44.16 38.00
C GLU A 1035 -19.81 -43.33 37.65
N ILE A 1036 -19.56 -42.14 37.11
CA ILE A 1036 -20.64 -41.21 36.76
C ILE A 1036 -20.59 -40.94 35.26
N PRO A 1037 -21.58 -41.40 34.50
CA PRO A 1037 -21.55 -41.23 33.04
C PRO A 1037 -21.96 -39.83 32.62
N ILE A 1038 -21.14 -39.21 31.78
CA ILE A 1038 -21.52 -37.91 31.20
C ILE A 1038 -22.46 -38.12 30.02
N GLY A 1039 -21.98 -38.81 28.98
CA GLY A 1039 -22.76 -38.96 27.77
C GLY A 1039 -22.63 -40.31 27.09
N ILE A 1040 -23.14 -40.41 25.87
CA ILE A 1040 -23.15 -41.64 25.10
C ILE A 1040 -22.61 -41.36 23.71
N TYR A 1041 -21.75 -42.24 23.22
CA TYR A 1041 -21.27 -42.21 21.84
C TYR A 1041 -22.06 -43.25 21.05
N ARG A 1042 -23.09 -42.80 20.35
CA ARG A 1042 -23.98 -43.69 19.61
C ARG A 1042 -23.55 -43.78 18.17
N THR A 1043 -23.47 -45.01 17.65
CA THR A 1043 -23.10 -45.27 16.27
C THR A 1043 -24.23 -46.01 15.57
N GLU A 1044 -24.58 -45.57 14.37
CA GLU A 1044 -25.66 -46.17 13.58
C GLU A 1044 -25.09 -46.71 12.28
N SER A 1045 -25.96 -47.38 11.52
CA SER A 1045 -25.61 -47.88 10.19
C SER A 1045 -26.19 -46.94 9.15
N HIS A 1046 -25.32 -46.29 8.38
CA HIS A 1046 -25.71 -45.24 7.44
C HIS A 1046 -25.01 -45.46 6.10
N VAL A 1047 -25.16 -46.66 5.54
CA VAL A 1047 -24.58 -47.03 4.26
C VAL A 1047 -24.75 -45.91 3.25
N PHE A 1048 -23.64 -45.48 2.65
CA PHE A 1048 -23.64 -44.33 1.76
C PHE A 1048 -23.86 -44.74 0.30
N ALA A 1128 -2.31 -64.97 -31.42
CA ALA A 1128 -3.43 -65.10 -30.50
C ALA A 1128 -3.18 -64.31 -29.22
N ALA A 1129 -2.01 -63.68 -29.14
CA ALA A 1129 -1.67 -62.87 -27.97
C ALA A 1129 -2.48 -61.59 -27.90
N ALA A 1130 -3.08 -61.16 -29.02
CA ALA A 1130 -3.88 -59.94 -29.02
C ALA A 1130 -5.13 -60.09 -28.16
N GLU A 1131 -5.70 -61.30 -28.10
CA GLU A 1131 -6.87 -61.52 -27.27
C GLU A 1131 -6.56 -61.28 -25.80
N TRP A 1132 -5.42 -61.76 -25.31
CA TRP A 1132 -5.00 -61.45 -23.95
C TRP A 1132 -4.69 -59.96 -23.80
N ILE A 1133 -4.11 -59.35 -24.84
CA ILE A 1133 -3.87 -57.91 -24.82
C ILE A 1133 -5.20 -57.16 -24.75
N SER A 1134 -6.18 -57.59 -25.53
CA SER A 1134 -7.49 -56.95 -25.50
C SER A 1134 -8.26 -57.33 -24.24
N GLN A 1135 -7.94 -58.47 -23.64
CA GLN A 1135 -8.64 -58.88 -22.42
C GLN A 1135 -8.38 -57.93 -21.27
N GLN A 1136 -7.10 -57.60 -21.03
CA GLN A 1136 -6.78 -56.64 -19.98
C GLN A 1136 -7.26 -55.24 -20.34
N ARG A 1137 -7.25 -54.88 -21.62
CA ARG A 1137 -7.66 -53.55 -22.03
C ARG A 1137 -9.11 -53.28 -21.63
N LEU A 1138 -10.00 -54.24 -21.85
CA LEU A 1138 -11.39 -54.08 -21.47
C LEU A 1138 -11.58 -54.13 -19.96
N SER A 1139 -10.61 -54.64 -19.22
CA SER A 1139 -10.71 -54.70 -17.77
C SER A 1139 -10.26 -53.39 -17.12
N LEU A 1140 -9.10 -52.87 -17.53
CA LEU A 1140 -8.62 -51.61 -16.98
C LEU A 1140 -9.54 -50.46 -17.33
N TYR A 1141 -10.27 -50.55 -18.44
CA TYR A 1141 -11.24 -49.52 -18.79
C TYR A 1141 -12.38 -49.47 -17.78
N ARG A 1142 -12.88 -50.64 -17.36
CA ARG A 1142 -14.01 -50.69 -16.45
C ARG A 1142 -13.61 -50.74 -14.98
N ARG A 1143 -12.31 -50.79 -14.67
CA ARG A 1143 -11.91 -50.87 -13.27
C ARG A 1143 -12.23 -49.57 -12.56
N SER A 1144 -12.71 -49.67 -11.33
CA SER A 1144 -13.26 -48.54 -10.60
C SER A 1144 -12.14 -47.68 -10.03
N GLU A 1145 -12.53 -46.52 -9.49
CA GLU A 1145 -11.57 -45.65 -8.82
C GLU A 1145 -11.09 -46.26 -7.51
N ARG A 1146 -11.95 -47.04 -6.85
CA ARG A 1146 -11.51 -47.75 -5.65
C ARG A 1146 -10.40 -48.73 -5.96
N GLN A 1147 -10.50 -49.44 -7.08
CA GLN A 1147 -9.41 -50.32 -7.50
C GLN A 1147 -8.15 -49.51 -7.80
N GLU A 1148 -8.31 -48.38 -8.49
CA GLU A 1148 -7.14 -47.54 -8.80
C GLU A 1148 -6.46 -47.06 -7.53
N LEU A 1149 -7.24 -46.66 -6.53
CA LEU A 1149 -6.67 -46.27 -5.25
C LEU A 1149 -6.05 -47.47 -4.54
N SER A 1150 -6.71 -48.64 -4.62
CA SER A 1150 -6.20 -49.82 -3.93
C SER A 1150 -4.89 -50.31 -4.54
N GLU A 1151 -4.80 -50.37 -5.87
CA GLU A 1151 -3.56 -50.81 -6.50
C GLU A 1151 -2.43 -49.81 -6.28
N LEU A 1152 -2.76 -48.53 -6.17
CA LEU A 1152 -1.71 -47.52 -5.92
C LEU A 1152 -1.01 -47.79 -4.59
N VAL A 1153 -1.78 -48.11 -3.55
CA VAL A 1153 -1.18 -48.41 -2.25
C VAL A 1153 -0.37 -49.70 -2.34
N LYS A 1154 -0.98 -50.76 -2.88
CA LYS A 1154 -0.30 -52.06 -2.92
C LYS A 1154 0.97 -52.00 -3.75
N ASN A 1155 0.99 -51.19 -4.80
CA ASN A 1155 2.21 -51.00 -5.57
C ASN A 1155 3.32 -50.39 -4.72
N ARG A 1156 2.95 -49.46 -3.83
CA ARG A 1156 3.94 -48.84 -2.96
C ARG A 1156 4.39 -49.80 -1.86
N MET A 1157 3.47 -50.60 -1.33
CA MET A 1157 3.83 -51.53 -0.26
C MET A 1157 4.82 -52.58 -0.75
N LYS A 1158 4.55 -53.19 -1.92
CA LYS A 1158 5.49 -54.15 -2.47
C LYS A 1158 6.76 -53.49 -2.97
N HIS A 1159 6.73 -52.18 -3.23
CA HIS A 1159 7.96 -51.44 -3.49
C HIS A 1159 8.80 -51.34 -2.22
N LEU A 1160 8.17 -50.99 -1.10
CA LEU A 1160 8.89 -50.94 0.16
C LEU A 1160 9.21 -52.33 0.69
N GLY A 1161 8.29 -53.27 0.54
CA GLY A 1161 8.48 -54.63 1.00
C GLY A 1161 7.42 -55.14 1.96
N LEU A 1162 6.40 -54.34 2.28
CA LEU A 1162 5.37 -54.78 3.20
C LEU A 1162 4.48 -55.83 2.53
N PRO A 1163 3.90 -56.75 3.31
CA PRO A 1163 3.01 -57.75 2.72
C PRO A 1163 1.70 -57.12 2.28
N THR A 1164 1.34 -57.35 1.02
CA THR A 1164 0.13 -56.77 0.47
C THR A 1164 -1.10 -57.21 1.25
N THR A 1165 -1.17 -58.50 1.60
CA THR A 1165 -2.22 -58.98 2.48
C THR A 1165 -2.12 -58.27 3.83
N GLY A 1166 -3.27 -57.79 4.32
CA GLY A 1166 -3.32 -56.91 5.48
C GLY A 1166 -3.93 -55.56 5.17
N TYR A 1167 -3.74 -55.06 3.95
CA TYR A 1167 -4.44 -53.87 3.50
C TYR A 1167 -5.95 -54.07 3.44
N ASP A 1168 -6.40 -55.32 3.34
CA ASP A 1168 -7.82 -55.64 3.32
C ASP A 1168 -8.51 -55.25 4.63
N HIS A 1173 -16.41 -48.13 2.87
CA HIS A 1173 -15.92 -49.08 3.87
C HIS A 1173 -16.52 -48.78 5.24
N GLN A 1174 -16.65 -47.50 5.57
CA GLN A 1174 -17.17 -47.05 6.87
C GLN A 1174 -18.62 -46.63 6.67
N ASN A 1175 -19.53 -47.61 6.74
CA ASN A 1175 -20.95 -47.35 6.64
C ASN A 1175 -21.55 -47.14 8.03
N THR A 1176 -21.03 -46.12 8.72
CA THR A 1176 -21.44 -45.83 10.09
C THR A 1176 -21.67 -44.34 10.24
N LEU A 1177 -22.52 -43.99 11.21
CA LEU A 1177 -22.82 -42.60 11.54
C LEU A 1177 -22.82 -42.49 13.07
N SER A 1178 -22.01 -41.58 13.60
CA SER A 1178 -21.81 -41.46 15.04
C SER A 1178 -22.07 -40.03 15.51
N TYR A 1179 -22.44 -39.90 16.78
CA TYR A 1179 -22.70 -38.60 17.38
C TYR A 1179 -22.58 -38.74 18.90
N VAL A 1180 -22.55 -37.59 19.58
CA VAL A 1180 -22.34 -37.51 21.02
C VAL A 1180 -23.62 -37.06 21.68
N LEU A 1181 -24.00 -37.72 22.77
CA LEU A 1181 -25.23 -37.42 23.50
C LEU A 1181 -24.88 -37.01 24.92
N ILE A 1182 -24.65 -35.72 25.13
CA ILE A 1182 -24.25 -35.23 26.45
C ILE A 1182 -25.45 -35.27 27.39
N ASN A 1183 -25.31 -36.03 28.47
CA ASN A 1183 -26.32 -36.13 29.51
C ASN A 1183 -27.71 -36.46 28.95
N PRO A 1184 -27.90 -37.65 28.40
CA PRO A 1184 -29.23 -38.05 27.94
C PRO A 1184 -30.14 -38.32 29.13
N PRO A 1185 -31.46 -38.24 28.93
CA PRO A 1185 -32.39 -38.57 30.01
C PRO A 1185 -32.23 -40.02 30.45
N PRO A 1186 -32.70 -40.37 31.64
CA PRO A 1186 -32.52 -41.74 32.13
C PRO A 1186 -33.40 -42.76 31.43
N ASP A 1187 -34.13 -42.34 30.40
CA ASP A 1187 -35.05 -43.22 29.69
C ASP A 1187 -34.59 -43.64 28.30
N THR A 1188 -33.49 -43.08 27.80
CA THR A 1188 -33.02 -43.43 26.46
C THR A 1188 -32.51 -44.87 26.44
N ARG A 1189 -32.95 -45.63 25.43
CA ARG A 1189 -32.53 -47.02 25.30
C ARG A 1189 -31.05 -47.09 24.95
N LEU A 1190 -30.42 -48.19 25.37
CA LEU A 1190 -28.98 -48.38 25.14
C LEU A 1190 -28.79 -49.34 23.97
N GLU A 1191 -28.51 -48.78 22.79
CA GLU A 1191 -28.21 -49.57 21.62
C GLU A 1191 -26.83 -50.23 21.76
N PRO A 1192 -26.58 -51.30 21.01
CA PRO A 1192 -25.24 -51.88 20.99
C PRO A 1192 -24.23 -50.94 20.33
N SER A 1193 -22.96 -51.21 20.59
CA SER A 1193 -21.83 -50.42 20.09
C SER A 1193 -21.86 -48.98 20.58
N ASP A 1194 -22.48 -48.74 21.74
CA ASP A 1194 -22.51 -47.41 22.34
C ASP A 1194 -21.38 -47.28 23.35
N ILE A 1195 -20.59 -46.22 23.21
CA ILE A 1195 -19.49 -45.93 24.11
C ILE A 1195 -19.95 -44.86 25.09
N VAL A 1196 -19.87 -45.16 26.38
CA VAL A 1196 -20.31 -44.26 27.44
C VAL A 1196 -19.11 -43.56 28.03
N TYR A 1197 -19.16 -42.22 28.07
CA TYR A 1197 -18.12 -41.45 28.74
C TYR A 1197 -18.32 -41.53 30.24
N LEU A 1198 -17.23 -41.73 30.97
CA LEU A 1198 -17.30 -41.96 32.41
C LEU A 1198 -16.30 -41.06 33.12
N ILE A 1199 -16.72 -40.54 34.28
CA ILE A 1199 -15.80 -39.88 35.20
C ILE A 1199 -15.54 -40.86 36.33
N ARG A 1200 -14.50 -41.67 36.20
CA ARG A 1200 -14.20 -42.67 37.22
C ARG A 1200 -13.37 -42.04 38.33
N SER A 1201 -13.69 -42.40 39.57
CA SER A 1201 -13.03 -41.81 40.72
C SER A 1201 -11.54 -42.16 40.73
N ASP A 1202 -10.77 -41.32 41.42
CA ASP A 1202 -9.33 -41.47 41.45
C ASP A 1202 -8.95 -42.78 42.14
N PRO A 1203 -8.16 -43.65 41.50
CA PRO A 1203 -7.80 -44.92 42.15
C PRO A 1203 -7.04 -44.74 43.45
N LEU A 1204 -6.21 -43.72 43.57
CA LEU A 1204 -5.40 -43.50 44.75
C LEU A 1204 -6.11 -42.69 45.83
N ALA A 1205 -7.41 -42.44 45.66
CA ALA A 1205 -8.18 -41.71 46.65
C ALA A 1205 -8.79 -42.65 47.69
N ARG B 110 -36.47 -0.10 30.43
CA ARG B 110 -35.77 0.69 31.45
C ARG B 110 -36.59 1.90 31.86
N SER B 111 -36.56 2.22 33.16
CA SER B 111 -37.29 3.37 33.68
C SER B 111 -36.68 4.69 33.24
N SER B 112 -35.36 4.74 33.04
CA SER B 112 -34.71 5.95 32.57
C SER B 112 -35.12 6.28 31.13
N LEU B 113 -35.27 5.26 30.29
CA LEU B 113 -35.72 5.49 28.91
C LEU B 113 -37.14 6.05 28.89
N ARG B 114 -38.00 5.56 29.79
CA ARG B 114 -39.35 6.11 29.88
C ARG B 114 -39.33 7.58 30.29
N ILE B 115 -38.39 7.95 31.18
CA ILE B 115 -38.28 9.34 31.60
C ILE B 115 -37.87 10.22 30.43
N ARG B 116 -36.86 9.80 29.67
CA ARG B 116 -36.40 10.61 28.54
C ARG B 116 -37.46 10.70 27.46
N LEU B 117 -38.17 9.60 27.18
CA LEU B 117 -39.24 9.63 26.20
C LEU B 117 -40.36 10.55 26.66
N PHE B 118 -40.67 10.51 27.96
CA PHE B 118 -41.72 11.36 28.49
C PHE B 118 -41.30 12.82 28.35
N ASN B 119 -40.06 13.12 28.69
CA ASN B 119 -39.57 14.49 28.59
C ASN B 119 -39.62 15.00 27.16
N PHE B 120 -39.26 14.14 26.20
CA PHE B 120 -39.36 14.52 24.79
C PHE B 120 -40.80 14.77 24.38
N SER B 121 -41.72 13.91 24.80
CA SER B 121 -43.13 14.13 24.52
C SER B 121 -43.64 15.37 25.26
N LEU B 122 -43.17 15.58 26.48
CA LEU B 122 -43.56 16.76 27.25
C LEU B 122 -43.07 18.04 26.58
N LYS B 123 -41.85 18.02 26.03
CA LYS B 123 -41.33 19.17 25.31
C LYS B 123 -42.14 19.44 24.05
N LEU B 124 -42.54 18.38 23.34
CA LEU B 124 -43.38 18.55 22.16
C LEU B 124 -44.77 19.05 22.52
N LEU B 125 -45.28 18.69 23.70
CA LEU B 125 -46.63 19.07 24.07
C LEU B 125 -46.73 20.58 24.31
N THR B 126 -45.74 21.17 24.99
CA THR B 126 -45.80 22.60 25.27
C THR B 126 -45.57 23.43 24.02
N CYS B 127 -44.81 22.91 23.05
CA CYS B 127 -44.68 23.60 21.77
C CYS B 127 -46.02 23.63 21.04
N LEU B 128 -46.76 22.52 21.06
CA LEU B 128 -48.10 22.50 20.50
C LEU B 128 -49.02 23.43 21.26
N LEU B 129 -48.88 23.50 22.58
CA LEU B 129 -49.75 24.37 23.38
C LEU B 129 -49.54 25.84 23.02
N TYR B 130 -48.30 26.23 22.69
CA TYR B 130 -48.07 27.57 22.17
C TYR B 130 -48.76 27.77 20.83
N ILE B 131 -48.72 26.75 19.97
CA ILE B 131 -49.38 26.85 18.67
C ILE B 131 -50.88 27.04 18.83
N VAL B 132 -51.48 26.28 19.76
CA VAL B 132 -52.90 26.45 20.04
C VAL B 132 -53.19 27.85 20.57
N ARG B 133 -52.34 28.36 21.46
CA ARG B 133 -52.54 29.69 22.00
C ARG B 133 -52.46 30.76 20.91
N VAL B 134 -51.49 30.65 20.01
CA VAL B 134 -51.35 31.65 18.96
C VAL B 134 -52.50 31.53 17.96
N LEU B 135 -53.09 30.33 17.81
CA LEU B 135 -54.21 30.17 16.91
C LEU B 135 -55.51 30.71 17.51
N LEU B 136 -55.68 30.60 18.82
CA LEU B 136 -56.91 30.99 19.49
C LEU B 136 -56.85 32.40 20.08
N ASP B 137 -55.75 33.13 19.86
CA ASP B 137 -55.59 34.48 20.38
C ASP B 137 -55.76 35.48 19.25
N ASP B 138 -56.68 36.43 19.45
CA ASP B 138 -56.97 37.46 18.46
C ASP B 138 -56.45 38.80 18.97
N PRO B 139 -55.48 39.42 18.31
CA PRO B 139 -55.02 40.75 18.75
C PRO B 139 -55.99 41.85 18.37
N ALA B 140 -56.88 41.57 17.41
CA ALA B 140 -57.77 42.60 16.89
C ALA B 140 -58.81 43.04 17.92
N LEU B 141 -59.31 42.12 18.75
CA LEU B 141 -60.39 42.47 19.66
C LEU B 141 -59.89 43.34 20.81
N GLY B 142 -58.60 43.28 21.11
CA GLY B 142 -58.02 44.07 22.18
C GLY B 142 -56.93 43.30 22.90
N ILE B 143 -55.91 44.02 23.33
CA ILE B 143 -54.79 43.45 24.06
C ILE B 143 -54.56 44.26 25.34
N GLY B 144 -53.97 43.62 26.33
CA GLY B 144 -53.70 44.27 27.60
C GLY B 144 -52.88 43.36 28.49
N CYS B 145 -52.62 43.85 29.70
CA CYS B 145 -51.79 43.08 30.64
C CYS B 145 -52.59 41.91 31.21
N TRP B 146 -53.66 42.20 31.94
CA TRP B 146 -54.64 41.21 32.35
C TRP B 146 -55.85 41.92 32.94
N GLY B 147 -57.02 41.70 32.33
CA GLY B 147 -58.25 42.23 32.88
C GLY B 147 -58.39 43.73 32.70
N CYS B 148 -57.45 44.47 33.30
CA CYS B 148 -57.55 45.92 33.31
C CYS B 148 -57.39 46.49 31.90
N PRO B 149 -58.27 47.44 31.51
CA PRO B 149 -58.12 48.18 30.25
C PRO B 149 -57.58 47.66 28.93
N LYS B 150 -58.05 46.47 28.51
CA LYS B 150 -57.55 45.96 27.23
C LYS B 150 -57.79 47.03 26.17
N GLN B 151 -56.79 47.24 25.32
CA GLN B 151 -56.81 48.32 24.35
C GLN B 151 -56.56 47.79 22.95
N ASN B 152 -57.11 48.49 21.96
CA ASN B 152 -56.93 48.14 20.55
C ASN B 152 -55.73 48.89 19.99
N TYR B 153 -54.90 48.17 19.24
CA TYR B 153 -53.65 48.71 18.72
C TYR B 153 -53.62 48.58 17.20
N SER B 154 -52.97 49.54 16.55
CA SER B 154 -52.94 49.61 15.09
C SER B 154 -51.54 50.03 14.63
N PHE B 155 -51.29 49.80 13.35
CA PHE B 155 -49.98 50.06 12.74
C PHE B 155 -50.09 51.34 11.91
N ASN B 156 -49.23 52.31 12.20
CA ASN B 156 -49.07 53.49 11.35
C ASN B 156 -47.68 53.43 10.72
N ASP B 157 -47.63 53.35 9.39
CA ASP B 157 -46.36 53.10 8.71
C ASP B 157 -45.37 54.24 8.90
N SER B 158 -45.85 55.48 8.90
CA SER B 158 -44.97 56.63 9.08
C SER B 158 -44.38 56.67 10.49
N SER B 159 -45.14 56.17 11.48
CA SER B 159 -44.72 56.23 12.88
C SER B 159 -43.44 55.43 13.11
N SER B 160 -42.35 56.12 13.42
CA SER B 160 -41.08 55.46 13.70
C SER B 160 -41.06 54.81 15.09
N GLU B 161 -42.02 55.12 15.94
CA GLU B 161 -42.12 54.52 17.26
C GLU B 161 -43.04 53.31 17.20
N ILE B 162 -42.60 52.20 17.78
CA ILE B 162 -43.34 50.94 17.76
C ILE B 162 -43.93 50.69 19.15
N ASN B 163 -45.18 50.28 19.18
CA ASN B 163 -45.87 49.96 20.43
C ASN B 163 -45.49 48.54 20.84
N TRP B 164 -44.83 48.41 21.98
CA TRP B 164 -44.35 47.11 22.46
C TRP B 164 -45.42 46.33 23.19
N ALA B 165 -46.59 46.91 23.44
CA ALA B 165 -47.63 46.19 24.16
C ALA B 165 -48.08 44.91 23.45
N PRO B 166 -48.34 44.89 22.14
CA PRO B 166 -48.65 43.60 21.50
C PRO B 166 -47.55 42.57 21.62
N ILE B 167 -46.28 42.99 21.57
CA ILE B 167 -45.18 42.04 21.75
C ILE B 167 -45.06 41.63 23.21
N LEU B 168 -45.12 42.59 24.13
CA LEU B 168 -44.97 42.28 25.55
C LEU B 168 -46.12 41.42 26.05
N TRP B 169 -47.35 41.82 25.74
CA TRP B 169 -48.53 41.18 26.31
C TRP B 169 -49.18 40.26 25.28
N VAL B 170 -49.52 39.05 25.72
CA VAL B 170 -50.22 38.07 24.90
C VAL B 170 -51.43 37.60 25.70
N GLU B 171 -52.61 37.72 25.09
CA GLU B 171 -53.86 37.35 25.77
C GLU B 171 -53.95 35.83 25.86
N ARG B 172 -53.90 35.30 27.08
CA ARG B 172 -53.87 33.86 27.32
C ARG B 172 -55.07 33.47 28.17
N LYS B 173 -55.76 32.42 27.75
CA LYS B 173 -56.98 32.00 28.43
C LYS B 173 -56.65 31.38 29.79
N MET B 174 -57.67 31.32 30.65
CA MET B 174 -57.48 30.79 32.00
C MET B 174 -57.14 29.30 31.97
N THR B 175 -57.77 28.54 31.07
CA THR B 175 -57.48 27.12 30.98
C THR B 175 -56.11 26.87 30.35
N LEU B 176 -55.80 27.57 29.27
CA LEU B 176 -54.53 27.35 28.58
C LEU B 176 -53.34 27.71 29.46
N TRP B 177 -53.46 28.79 30.24
CA TRP B 177 -52.39 29.15 31.16
C TRP B 177 -52.23 28.09 32.24
N ALA B 178 -53.34 27.54 32.73
CA ALA B 178 -53.28 26.56 33.80
C ALA B 178 -52.57 25.28 33.37
N ILE B 179 -52.91 24.75 32.20
CA ILE B 179 -52.27 23.52 31.74
C ILE B 179 -50.80 23.78 31.41
N GLN B 180 -50.51 24.96 30.82
CA GLN B 180 -49.14 25.27 30.42
C GLN B 180 -48.22 25.36 31.64
N VAL B 181 -48.68 26.05 32.70
CA VAL B 181 -47.84 26.20 33.89
C VAL B 181 -47.65 24.87 34.59
N ILE B 182 -48.67 24.00 34.56
CA ILE B 182 -48.51 22.65 35.08
C ILE B 182 -47.45 21.91 34.27
N VAL B 183 -47.52 22.02 32.94
CA VAL B 183 -46.50 21.43 32.08
C VAL B 183 -45.13 22.04 32.37
N ALA B 184 -45.08 23.37 32.53
CA ALA B 184 -43.81 24.04 32.80
C ALA B 184 -43.20 23.58 34.11
N ILE B 185 -44.02 23.44 35.16
CA ILE B 185 -43.50 22.97 36.46
C ILE B 185 -43.01 21.54 36.35
N ILE B 186 -43.78 20.68 35.68
CA ILE B 186 -43.33 19.31 35.43
C ILE B 186 -42.08 19.30 34.57
N SER B 187 -42.02 20.16 33.56
CA SER B 187 -40.82 20.27 32.74
C SER B 187 -39.61 20.63 33.59
N PHE B 188 -39.77 21.61 34.48
CA PHE B 188 -38.67 21.98 35.37
C PHE B 188 -38.36 20.85 36.35
N LEU B 189 -39.39 20.27 36.97
CA LEU B 189 -39.18 19.28 38.03
C LEU B 189 -38.31 18.12 37.55
N GLU B 190 -38.57 17.60 36.35
CA GLU B 190 -37.80 16.49 35.82
C GLU B 190 -36.38 16.90 35.40
N THR B 191 -36.16 18.20 35.16
CA THR B 191 -34.81 18.65 34.79
C THR B 191 -33.85 18.62 35.96
N MET B 192 -34.26 19.11 37.14
CA MET B 192 -33.38 18.94 38.29
C MET B 192 -33.26 17.48 38.64
N LEU B 193 -34.33 16.71 38.44
CA LEU B 193 -34.27 15.28 38.72
C LEU B 193 -33.19 14.61 37.89
N LEU B 194 -33.13 14.92 36.60
CA LEU B 194 -32.03 14.41 35.77
C LEU B 194 -30.70 15.04 36.17
N ILE B 195 -30.71 16.32 36.51
CA ILE B 195 -29.48 16.99 36.92
C ILE B 195 -28.99 16.45 38.25
N TYR B 196 -29.90 16.32 39.24
CA TYR B 196 -29.51 15.85 40.55
C TYR B 196 -29.23 14.34 40.57
N LEU B 197 -29.86 13.57 39.68
CA LEU B 197 -29.62 12.13 39.68
C LEU B 197 -28.18 11.81 39.27
N SER B 198 -27.65 12.52 38.29
CA SER B 198 -26.32 12.24 37.75
C SER B 198 -25.50 13.52 37.77
N TYR B 199 -24.68 13.68 38.80
CA TYR B 199 -23.71 14.77 38.85
C TYR B 199 -22.43 14.44 38.10
N LYS B 200 -22.12 13.16 37.93
CA LYS B 200 -20.92 12.71 37.24
C LYS B 200 -19.64 13.28 37.86
N GLY B 201 -19.64 13.42 39.18
CA GLY B 201 -18.47 13.90 39.88
C GLY B 201 -18.17 15.37 39.70
N ASN B 202 -19.17 16.17 39.30
CA ASN B 202 -18.97 17.59 39.10
C ASN B 202 -20.25 18.32 39.46
N ILE B 203 -20.10 19.55 39.98
CA ILE B 203 -21.23 20.39 40.33
C ILE B 203 -21.29 21.56 39.36
N TRP B 204 -20.14 21.91 38.79
CA TRP B 204 -20.04 23.04 37.87
C TRP B 204 -20.27 22.55 36.45
N GLU B 205 -20.12 23.47 35.48
CA GLU B 205 -20.24 23.16 34.05
C GLU B 205 -21.63 22.72 33.65
N GLN B 206 -22.59 22.77 34.57
CA GLN B 206 -23.96 22.42 34.24
C GLN B 206 -24.72 23.59 33.62
N ILE B 207 -24.26 24.81 33.86
CA ILE B 207 -24.94 25.98 33.31
C ILE B 207 -24.31 26.46 32.02
N PHE B 208 -23.01 26.19 31.80
CA PHE B 208 -22.35 26.70 30.60
C PHE B 208 -22.70 25.90 29.36
N ARG B 209 -22.94 24.60 29.51
CA ARG B 209 -23.50 23.82 28.41
C ARG B 209 -24.85 24.40 28.03
N VAL B 210 -25.07 24.65 26.74
CA VAL B 210 -26.27 25.37 26.30
C VAL B 210 -27.35 24.30 26.14
N SER B 211 -27.87 23.85 27.28
CA SER B 211 -29.18 23.22 27.39
C SER B 211 -29.93 23.67 28.63
N PHE B 212 -29.22 24.10 29.68
CA PHE B 212 -29.84 24.59 30.90
C PHE B 212 -30.35 26.02 30.69
N VAL B 213 -29.60 26.83 29.95
CA VAL B 213 -29.96 28.25 29.80
C VAL B 213 -31.29 28.40 29.09
N LEU B 214 -31.52 27.60 28.04
CA LEU B 214 -32.80 27.65 27.35
C LEU B 214 -33.92 27.12 28.25
N GLU B 215 -33.57 26.29 29.24
CA GLU B 215 -34.59 25.67 30.08
C GLU B 215 -35.22 26.68 31.04
N MET B 216 -34.40 27.48 31.73
CA MET B 216 -34.97 28.38 32.72
C MET B 216 -35.73 29.53 32.05
N ILE B 217 -35.22 29.99 30.91
CA ILE B 217 -35.89 31.08 30.18
C ILE B 217 -37.28 30.66 29.74
N ASN B 218 -37.45 29.39 29.36
CA ASN B 218 -38.74 28.90 28.90
C ASN B 218 -39.63 28.38 30.03
N THR B 219 -39.10 28.25 31.24
CA THR B 219 -39.85 27.68 32.35
C THR B 219 -40.04 28.63 33.52
N LEU B 220 -38.96 29.25 33.99
CA LEU B 220 -39.06 30.11 35.17
C LEU B 220 -40.12 31.21 35.06
N PRO B 221 -40.28 31.92 33.94
CA PRO B 221 -41.32 32.97 33.91
C PRO B 221 -42.72 32.45 34.20
N PHE B 222 -43.04 31.21 33.81
CA PHE B 222 -44.32 30.64 34.19
C PHE B 222 -44.44 30.46 35.70
N ILE B 223 -43.35 30.12 36.38
CA ILE B 223 -43.37 30.05 37.83
C ILE B 223 -43.64 31.43 38.42
N ILE B 224 -43.05 32.47 37.83
CA ILE B 224 -43.26 33.82 38.32
C ILE B 224 -44.70 34.27 38.09
N THR B 225 -45.33 33.84 36.99
CA THR B 225 -46.69 34.26 36.68
C THR B 225 -47.69 33.84 37.74
N ILE B 226 -47.39 32.80 38.52
CA ILE B 226 -48.29 32.40 39.59
C ILE B 226 -48.34 33.48 40.67
N PHE B 227 -47.20 34.10 40.96
CA PHE B 227 -47.15 35.13 41.99
C PHE B 227 -47.99 36.35 41.60
N TRP B 228 -47.92 36.77 40.34
CA TRP B 228 -48.63 37.95 39.86
C TRP B 228 -49.70 37.57 38.86
N PRO B 229 -50.97 37.55 39.24
CA PRO B 229 -52.05 37.28 38.27
C PRO B 229 -52.21 38.32 37.16
N PRO B 230 -51.84 39.60 37.34
CA PRO B 230 -51.73 40.46 36.16
C PRO B 230 -50.68 40.00 35.15
N LEU B 231 -49.64 39.29 35.59
CA LEU B 231 -48.56 38.88 34.71
C LEU B 231 -48.82 37.55 34.01
N ARG B 232 -50.01 36.96 34.19
CA ARG B 232 -50.28 35.66 33.58
C ARG B 232 -50.40 35.76 32.07
N ASN B 233 -50.87 36.89 31.55
CA ASN B 233 -50.98 37.10 30.11
C ASN B 233 -49.74 37.81 29.56
N LEU B 234 -48.59 37.19 29.83
CA LEU B 234 -47.29 37.70 29.42
C LEU B 234 -46.66 36.70 28.45
N PHE B 235 -45.87 37.21 27.51
CA PHE B 235 -45.31 36.37 26.46
C PHE B 235 -43.97 35.79 26.89
N ILE B 236 -43.82 34.48 26.67
CA ILE B 236 -42.59 33.76 26.98
C ILE B 236 -42.22 32.91 25.77
N PRO B 237 -40.95 32.91 25.35
CA PRO B 237 -40.57 32.13 24.16
C PRO B 237 -40.66 30.63 24.39
N VAL B 238 -41.90 30.13 24.49
CA VAL B 238 -42.11 28.68 24.66
C VAL B 238 -41.67 27.92 23.43
N PHE B 239 -41.73 28.57 22.25
CA PHE B 239 -41.34 27.89 21.02
C PHE B 239 -39.88 27.46 21.02
N LEU B 240 -39.06 28.03 21.91
CA LEU B 240 -37.67 27.60 22.05
C LEU B 240 -37.54 26.23 22.72
N ASN B 241 -38.62 25.71 23.30
CA ASN B 241 -38.62 24.32 23.72
C ASN B 241 -38.45 23.36 22.55
N CYS B 242 -38.46 23.90 21.33
CA CYS B 242 -37.79 23.25 20.21
C CYS B 242 -36.45 22.64 20.57
N TRP B 243 -35.49 23.46 20.99
CA TRP B 243 -34.10 23.02 20.98
C TRP B 243 -33.83 22.01 22.08
N LEU B 244 -34.59 22.10 23.17
CA LEU B 244 -34.53 21.06 24.20
C LEU B 244 -35.07 19.74 23.68
N ALA B 245 -36.17 19.80 22.91
CA ALA B 245 -36.76 18.57 22.37
C ALA B 245 -35.81 17.90 21.38
N LYS B 246 -35.14 18.68 20.53
CA LYS B 246 -34.14 18.12 19.63
C LYS B 246 -32.98 17.52 20.41
N HIS B 247 -32.53 18.21 21.46
CA HIS B 247 -31.44 17.69 22.28
C HIS B 247 -31.86 16.42 23.00
N ALA B 248 -33.11 16.34 23.43
CA ALA B 248 -33.62 15.10 24.01
C ALA B 248 -33.62 13.96 22.98
N LEU B 249 -33.95 14.29 21.73
CA LEU B 249 -33.94 13.28 20.68
C LEU B 249 -32.52 12.78 20.41
N GLU B 250 -31.54 13.69 20.40
CA GLU B 250 -30.16 13.28 20.19
C GLU B 250 -29.67 12.38 21.32
N ASN B 251 -30.03 12.71 22.56
CA ASN B 251 -29.65 11.88 23.70
C ASN B 251 -30.28 10.50 23.62
N MET B 252 -31.55 10.44 23.20
CA MET B 252 -32.25 9.16 23.14
C MET B 252 -31.74 8.28 22.01
N ILE B 253 -31.32 8.88 20.89
CA ILE B 253 -30.94 8.11 19.71
C ILE B 253 -29.72 7.24 19.96
N ASN B 254 -28.90 7.57 20.97
CA ASN B 254 -27.77 6.71 21.31
C ASN B 254 -28.19 5.48 22.09
N ASP B 255 -29.40 5.47 22.67
CA ASP B 255 -29.82 4.36 23.51
C ASP B 255 -30.31 3.18 22.67
N PHE B 256 -31.36 3.40 21.88
CA PHE B 256 -31.98 2.33 21.10
C PHE B 256 -32.26 2.83 19.69
N HIS B 257 -32.35 1.87 18.76
CA HIS B 257 -32.64 2.20 17.37
C HIS B 257 -34.01 2.85 17.23
N ARG B 258 -35.01 2.32 17.94
CA ARG B 258 -36.36 2.87 17.88
C ARG B 258 -36.97 3.01 19.27
N SER B 265 -29.83 1.86 9.29
CA SER B 265 -30.34 2.59 10.44
C SER B 265 -29.19 3.21 11.23
N ALA B 266 -28.13 3.62 10.53
CA ALA B 266 -26.99 4.28 11.13
C ALA B 266 -26.91 5.75 10.72
N MET B 267 -26.85 6.02 9.41
CA MET B 267 -26.97 7.38 8.91
C MET B 267 -28.41 7.88 8.94
N PHE B 268 -29.39 6.98 8.85
CA PHE B 268 -30.79 7.38 8.92
C PHE B 268 -31.10 8.11 10.22
N ASN B 269 -30.40 7.76 11.30
CA ASN B 269 -30.55 8.49 12.54
C ASN B 269 -30.05 9.92 12.40
N GLN B 270 -28.92 10.11 11.69
CA GLN B 270 -28.39 11.44 11.49
C GLN B 270 -29.24 12.23 10.51
N VAL B 271 -29.72 11.59 9.45
CA VAL B 271 -30.62 12.25 8.51
C VAL B 271 -31.88 12.70 9.21
N LEU B 272 -32.40 11.86 10.12
CA LEU B 272 -33.54 12.27 10.93
C LEU B 272 -33.20 13.49 11.78
N ILE B 273 -32.00 13.53 12.34
CA ILE B 273 -31.60 14.65 13.18
C ILE B 273 -31.45 15.92 12.35
N LEU B 274 -30.88 15.80 11.15
CA LEU B 274 -30.83 16.94 10.23
C LEU B 274 -32.23 17.40 9.87
N PHE B 275 -33.13 16.45 9.62
CA PHE B 275 -34.53 16.79 9.35
C PHE B 275 -35.16 17.40 10.60
N CYS B 276 -34.80 16.89 11.77
CA CYS B 276 -35.35 17.44 13.02
C CYS B 276 -34.90 18.87 13.24
N THR B 277 -33.63 19.17 12.96
CA THR B 277 -33.14 20.55 13.15
C THR B 277 -33.61 21.46 12.03
N LEU B 278 -34.14 20.90 10.94
CA LEU B 278 -34.66 21.73 9.86
C LEU B 278 -36.08 22.19 10.17
N LEU B 279 -36.96 21.27 10.58
CA LEU B 279 -38.29 21.64 11.04
C LEU B 279 -38.21 22.65 12.17
N CYS B 280 -37.31 22.42 13.11
CA CYS B 280 -37.25 23.24 14.32
C CYS B 280 -36.73 24.64 14.04
N LEU B 281 -35.75 24.76 13.15
CA LEU B 281 -35.30 26.08 12.72
C LEU B 281 -36.45 26.85 12.08
N VAL B 282 -37.27 26.15 11.30
CA VAL B 282 -38.48 26.75 10.75
C VAL B 282 -39.46 27.11 11.88
N PHE B 283 -39.66 26.19 12.82
CA PHE B 283 -40.65 26.40 13.88
C PHE B 283 -40.29 27.63 14.72
N THR B 284 -39.03 27.74 15.11
CA THR B 284 -38.61 28.91 15.88
C THR B 284 -38.77 30.17 15.06
N GLY B 285 -38.48 30.11 13.76
CA GLY B 285 -38.63 31.28 12.92
C GLY B 285 -40.09 31.70 12.75
N THR B 286 -40.96 30.74 12.45
CA THR B 286 -42.36 31.07 12.16
C THR B 286 -43.05 31.69 13.37
N CYS B 287 -42.98 31.02 14.53
CA CYS B 287 -43.57 31.60 15.73
C CYS B 287 -42.85 32.88 16.14
N GLY B 288 -41.53 32.92 15.95
CA GLY B 288 -40.80 34.15 16.25
C GLY B 288 -41.19 35.30 15.35
N ILE B 289 -41.28 35.04 14.04
CA ILE B 289 -41.63 36.12 13.12
C ILE B 289 -43.10 36.50 13.24
N GLN B 290 -43.97 35.53 13.57
CA GLN B 290 -45.38 35.83 13.74
C GLN B 290 -45.62 36.72 14.95
N HIS B 291 -45.05 36.34 16.10
CA HIS B 291 -45.25 37.14 17.31
C HIS B 291 -44.60 38.52 17.18
N LEU B 292 -43.39 38.58 16.65
CA LEU B 292 -42.73 39.87 16.49
C LEU B 292 -43.44 40.73 15.45
N GLU B 293 -44.27 40.11 14.61
CA GLU B 293 -45.12 40.85 13.69
C GLU B 293 -46.50 41.14 14.26
N ARG B 294 -46.76 40.79 15.52
CA ARG B 294 -48.02 41.20 16.12
C ARG B 294 -48.07 42.71 16.32
N ALA B 295 -46.92 43.36 16.48
CA ALA B 295 -46.86 44.81 16.42
C ALA B 295 -47.01 45.31 14.99
N GLY B 296 -46.55 44.51 14.02
CA GLY B 296 -46.55 44.97 12.64
C GLY B 296 -46.96 43.97 11.58
N GLU B 297 -47.98 44.35 10.79
CA GLU B 297 -48.52 43.57 9.68
C GLU B 297 -49.36 42.38 10.14
N ASN B 298 -49.36 42.10 11.45
CA ASN B 298 -50.19 41.07 12.08
C ASN B 298 -50.25 39.80 11.22
N LEU B 299 -49.07 39.24 10.95
CA LEU B 299 -48.96 38.09 10.07
C LEU B 299 -49.66 36.87 10.67
N SER B 300 -50.46 36.19 9.85
CA SER B 300 -51.06 34.94 10.27
C SER B 300 -50.00 33.84 10.34
N LEU B 301 -50.33 32.78 11.07
CA LEU B 301 -49.36 31.71 11.28
C LEU B 301 -48.98 31.02 9.98
N LEU B 302 -49.96 30.74 9.13
CA LEU B 302 -49.66 30.10 7.84
C LEU B 302 -48.84 31.01 6.95
N THR B 303 -49.16 32.30 6.92
CA THR B 303 -48.38 33.25 6.11
C THR B 303 -46.95 33.34 6.61
N SER B 304 -46.76 33.36 7.94
CA SER B 304 -45.42 33.37 8.48
C SER B 304 -44.67 32.08 8.16
N PHE B 305 -45.38 30.95 8.17
CA PHE B 305 -44.75 29.68 7.82
C PHE B 305 -44.27 29.67 6.38
N TYR B 306 -45.08 30.22 5.47
CA TYR B 306 -44.66 30.33 4.07
C TYR B 306 -43.50 31.31 3.93
N PHE B 307 -43.45 32.32 4.79
CA PHE B 307 -42.36 33.29 4.75
C PHE B 307 -41.03 32.65 5.13
N CYS B 308 -41.03 31.84 6.19
CA CYS B 308 -39.77 31.27 6.67
C CYS B 308 -39.23 30.21 5.70
N ILE B 309 -40.12 29.45 5.08
CA ILE B 309 -39.68 28.39 4.16
C ILE B 309 -38.94 28.99 2.97
N VAL B 310 -39.50 30.05 2.38
CA VAL B 310 -38.84 30.70 1.25
C VAL B 310 -37.65 31.54 1.70
N THR B 311 -37.51 31.80 3.00
CA THR B 311 -36.35 32.53 3.50
C THR B 311 -35.16 31.61 3.69
N PHE B 312 -35.37 30.45 4.31
CA PHE B 312 -34.28 29.51 4.55
C PHE B 312 -33.84 28.78 3.29
N SER B 313 -34.69 28.75 2.27
CA SER B 313 -34.31 28.22 0.96
C SER B 313 -33.64 29.27 0.09
N THR B 314 -33.32 30.44 0.66
CA THR B 314 -32.65 31.55 -0.03
C THR B 314 -33.43 32.03 -1.25
N VAL B 315 -34.75 31.82 -1.27
CA VAL B 315 -35.58 32.34 -2.35
C VAL B 315 -35.86 33.83 -2.14
N GLY B 316 -36.53 34.16 -1.04
CA GLY B 316 -36.78 35.54 -0.68
C GLY B 316 -37.70 36.40 -1.53
N TYR B 317 -38.91 35.92 -1.78
CA TYR B 317 -39.80 36.55 -2.77
C TYR B 317 -39.93 38.05 -2.52
N GLY B 318 -40.22 38.43 -1.29
CA GLY B 318 -40.44 39.82 -0.94
C GLY B 318 -41.88 40.26 -0.88
N ASP B 319 -42.83 39.35 -1.04
CA ASP B 319 -44.24 39.71 -0.89
C ASP B 319 -44.62 39.89 0.58
N VAL B 320 -44.03 39.08 1.46
CA VAL B 320 -44.18 39.24 2.90
C VAL B 320 -42.79 39.43 3.49
N THR B 321 -42.53 40.61 4.03
CA THR B 321 -41.24 40.98 4.58
C THR B 321 -41.43 41.63 5.94
N PRO B 322 -40.42 41.59 6.80
CA PRO B 322 -40.47 42.38 8.04
C PRO B 322 -40.57 43.87 7.72
N LYS B 323 -41.34 44.59 8.55
CA LYS B 323 -41.54 46.01 8.36
C LYS B 323 -41.11 46.83 9.57
N ILE B 324 -40.69 46.20 10.66
CA ILE B 324 -40.19 46.88 11.83
C ILE B 324 -38.82 46.30 12.18
N TRP B 325 -38.00 47.09 12.85
CA TRP B 325 -36.64 46.66 13.14
C TRP B 325 -36.55 45.46 14.08
N PRO B 326 -37.47 45.21 15.03
CA PRO B 326 -37.39 43.94 15.76
C PRO B 326 -37.53 42.73 14.87
N SER B 327 -38.51 42.73 13.97
CA SER B 327 -38.71 41.59 13.09
C SER B 327 -37.58 41.48 12.07
N GLN B 328 -37.05 42.61 11.62
CA GLN B 328 -35.87 42.58 10.74
C GLN B 328 -34.68 41.98 11.45
N LEU B 329 -34.47 42.34 12.72
CA LEU B 329 -33.33 41.83 13.47
C LEU B 329 -33.45 40.32 13.67
N LEU B 330 -34.67 39.83 13.91
CA LEU B 330 -34.86 38.39 14.11
C LEU B 330 -34.49 37.60 12.86
N VAL B 331 -34.83 38.12 11.68
CA VAL B 331 -34.46 37.45 10.43
C VAL B 331 -32.95 37.38 10.30
N VAL B 332 -32.25 38.47 10.63
CA VAL B 332 -30.80 38.50 10.52
C VAL B 332 -30.17 37.47 11.44
N ILE B 333 -30.60 37.42 12.70
CA ILE B 333 -30.00 36.49 13.64
C ILE B 333 -30.38 35.05 13.33
N MET B 334 -31.54 34.84 12.70
CA MET B 334 -31.91 33.48 12.31
C MET B 334 -31.14 33.01 11.07
N ILE B 335 -30.86 33.93 10.13
CA ILE B 335 -29.99 33.56 9.02
C ILE B 335 -28.60 33.20 9.54
N CYS B 336 -28.11 33.98 10.50
CA CYS B 336 -26.83 33.66 11.12
C CYS B 336 -26.87 32.34 11.87
N VAL B 337 -27.97 32.08 12.59
CA VAL B 337 -28.09 30.82 13.33
C VAL B 337 -28.07 29.63 12.38
N ALA B 338 -28.77 29.75 11.24
CA ALA B 338 -28.78 28.67 10.25
C ALA B 338 -27.38 28.41 9.69
N LEU B 339 -26.62 29.48 9.45
CA LEU B 339 -25.30 29.34 8.86
C LEU B 339 -24.27 28.76 9.82
N VAL B 340 -24.59 28.71 11.12
CA VAL B 340 -23.65 28.13 12.10
C VAL B 340 -24.18 26.85 12.74
N VAL B 341 -25.40 26.42 12.40
CA VAL B 341 -25.98 25.20 12.94
C VAL B 341 -26.06 24.12 11.88
N LEU B 342 -26.61 24.45 10.70
CA LEU B 342 -26.72 23.47 9.62
C LEU B 342 -25.38 22.91 9.17
N PRO B 343 -24.31 23.70 8.99
CA PRO B 343 -23.02 23.09 8.60
C PRO B 343 -22.53 22.04 9.57
N LEU B 344 -22.85 22.18 10.87
CA LEU B 344 -22.48 21.15 11.83
C LEU B 344 -23.17 19.83 11.50
N GLN B 345 -24.44 19.88 11.11
CA GLN B 345 -25.15 18.67 10.70
C GLN B 345 -24.59 18.13 9.39
N PHE B 346 -24.25 19.01 8.45
CA PHE B 346 -23.71 18.56 7.18
C PHE B 346 -22.35 17.89 7.36
N GLU B 347 -21.52 18.43 8.25
CA GLU B 347 -20.22 17.83 8.51
C GLU B 347 -20.36 16.43 9.08
N GLU B 348 -21.30 16.22 10.01
CA GLU B 348 -21.52 14.89 10.55
C GLU B 348 -22.04 13.94 9.48
N LEU B 349 -22.92 14.43 8.60
CA LEU B 349 -23.42 13.61 7.50
C LEU B 349 -22.28 13.22 6.56
N VAL B 350 -21.35 14.13 6.30
CA VAL B 350 -20.20 13.83 5.47
C VAL B 350 -19.36 12.73 6.10
N TYR B 351 -19.16 12.81 7.42
CA TYR B 351 -18.39 11.77 8.12
C TYR B 351 -19.06 10.41 7.95
N LEU B 352 -20.36 10.33 8.23
CA LEU B 352 -21.06 9.04 8.13
C LEU B 352 -21.06 8.53 6.70
N TRP B 353 -21.23 9.41 5.73
CA TRP B 353 -21.20 8.99 4.33
C TRP B 353 -19.81 8.48 3.95
N MET B 354 -18.76 9.16 4.41
CA MET B 354 -17.40 8.72 4.12
C MET B 354 -17.11 7.36 4.75
N GLU B 355 -17.47 7.19 6.02
CA GLU B 355 -17.22 5.93 6.70
C GLU B 355 -18.06 4.80 6.11
N ARG B 356 -19.28 5.11 5.66
CA ARG B 356 -20.13 4.11 5.03
C ARG B 356 -19.54 3.59 3.73
N GLN B 357 -18.68 4.37 3.07
CA GLN B 357 -18.12 4.00 1.77
C GLN B 357 -17.14 2.83 1.86
N LYS B 358 -16.92 2.29 3.06
CA LYS B 358 -16.02 1.16 3.23
C LYS B 358 -16.63 0.12 4.17
N GLN B 369 -30.65 -8.34 -10.34
CA GLN B 369 -30.73 -8.13 -11.77
C GLN B 369 -31.73 -9.10 -12.40
N THR B 370 -31.35 -9.72 -13.51
CA THR B 370 -32.19 -10.66 -14.21
C THR B 370 -31.83 -12.09 -13.81
N GLU B 371 -32.41 -13.06 -14.51
CA GLU B 371 -32.09 -14.46 -14.29
C GLU B 371 -30.98 -14.90 -15.23
N LYS B 372 -30.71 -16.20 -15.27
CA LYS B 372 -29.80 -16.81 -16.25
C LYS B 372 -28.39 -16.20 -16.15
N HIS B 373 -27.75 -16.43 -15.00
CA HIS B 373 -26.39 -15.97 -14.78
C HIS B 373 -25.47 -17.14 -14.48
N VAL B 374 -24.18 -16.92 -14.74
CA VAL B 374 -23.14 -17.89 -14.45
C VAL B 374 -22.09 -17.21 -13.57
N VAL B 375 -21.50 -17.96 -12.66
CA VAL B 375 -20.52 -17.44 -11.71
C VAL B 375 -19.13 -17.83 -12.17
N LEU B 376 -18.17 -16.93 -11.95
CA LEU B 376 -16.78 -17.12 -12.36
C LEU B 376 -15.91 -16.94 -11.12
N CYS B 377 -15.69 -18.03 -10.39
CA CYS B 377 -14.96 -17.99 -9.13
C CYS B 377 -13.46 -18.15 -9.42
N VAL B 378 -12.70 -17.10 -9.18
CA VAL B 378 -11.26 -17.09 -9.40
C VAL B 378 -10.58 -16.56 -8.14
N SER B 379 -9.25 -16.63 -8.12
CA SER B 379 -8.45 -16.09 -7.04
C SER B 379 -7.95 -14.68 -7.33
N SER B 380 -7.49 -14.42 -8.56
CA SER B 380 -7.13 -13.09 -8.99
C SER B 380 -7.56 -12.93 -10.43
N LEU B 381 -8.36 -11.91 -10.72
CA LEU B 381 -8.93 -11.69 -12.03
C LEU B 381 -8.06 -10.69 -12.79
N LYS B 382 -7.64 -11.07 -13.99
CA LYS B 382 -6.78 -10.24 -14.81
C LYS B 382 -7.46 -10.00 -16.16
N ILE B 383 -7.01 -8.96 -16.86
CA ILE B 383 -7.72 -8.54 -18.08
C ILE B 383 -7.58 -9.57 -19.19
N ASP B 384 -6.46 -10.30 -19.23
CA ASP B 384 -6.28 -11.32 -20.25
C ASP B 384 -7.26 -12.48 -20.04
N LEU B 385 -7.49 -12.87 -18.79
CA LEU B 385 -8.38 -13.98 -18.52
C LEU B 385 -9.85 -13.58 -18.69
N LEU B 386 -10.20 -12.35 -18.26
CA LEU B 386 -11.58 -11.90 -18.38
C LEU B 386 -12.01 -11.80 -19.84
N MET B 387 -11.19 -11.15 -20.67
CA MET B 387 -11.56 -10.98 -22.08
C MET B 387 -11.61 -12.31 -22.81
N ASP B 388 -10.73 -13.25 -22.46
CA ASP B 388 -10.77 -14.56 -23.08
C ASP B 388 -12.05 -15.30 -22.72
N PHE B 389 -12.65 -14.98 -21.57
CA PHE B 389 -13.94 -15.55 -21.20
C PHE B 389 -15.10 -14.82 -21.88
N LEU B 390 -15.09 -13.48 -21.84
CA LEU B 390 -16.18 -12.71 -22.41
C LEU B 390 -16.27 -12.92 -23.92
N ASN B 391 -15.13 -12.98 -24.61
CA ASN B 391 -15.13 -13.18 -26.05
C ASN B 391 -15.69 -14.55 -26.43
N GLU B 392 -15.54 -15.54 -25.55
CA GLU B 392 -16.02 -16.89 -25.82
C GLU B 392 -17.41 -17.16 -25.27
N PHE B 393 -17.70 -16.73 -24.03
CA PHE B 393 -19.01 -16.94 -23.45
C PHE B 393 -20.10 -16.22 -24.23
N TYR B 394 -19.81 -15.00 -24.68
CA TYR B 394 -20.81 -14.16 -25.34
C TYR B 394 -20.73 -14.27 -26.87
N ALA B 395 -19.89 -15.14 -27.40
CA ALA B 395 -19.87 -15.38 -28.84
C ALA B 395 -21.06 -16.20 -29.32
N HIS B 396 -21.83 -16.78 -28.40
CA HIS B 396 -22.98 -17.60 -28.72
C HIS B 396 -24.25 -16.77 -28.58
N PRO B 397 -25.12 -16.77 -29.58
CA PRO B 397 -26.37 -15.99 -29.47
C PRO B 397 -27.27 -16.45 -28.32
N ARG B 398 -27.22 -17.74 -27.98
CA ARG B 398 -28.02 -18.25 -26.87
C ARG B 398 -27.60 -17.67 -25.54
N LEU B 399 -26.36 -17.18 -25.41
CA LEU B 399 -25.81 -16.69 -24.15
C LEU B 399 -25.74 -15.17 -24.13
N GLN B 400 -26.69 -14.48 -24.77
CA GLN B 400 -26.66 -13.03 -24.82
C GLN B 400 -27.38 -12.38 -23.65
N ASP B 401 -28.49 -12.96 -23.20
CA ASP B 401 -29.21 -12.43 -22.04
C ASP B 401 -28.52 -12.77 -20.73
N TYR B 402 -27.51 -13.62 -20.75
CA TYR B 402 -26.80 -14.00 -19.53
C TYR B 402 -25.94 -12.85 -19.02
N TYR B 403 -25.84 -12.73 -17.71
CA TYR B 403 -24.88 -11.84 -17.08
C TYR B 403 -23.93 -12.68 -16.24
N VAL B 404 -22.74 -12.13 -15.99
CA VAL B 404 -21.63 -12.88 -15.43
C VAL B 404 -21.31 -12.32 -14.05
N VAL B 405 -21.27 -13.20 -13.05
CA VAL B 405 -20.87 -12.84 -11.70
C VAL B 405 -19.44 -13.31 -11.46
N ILE B 406 -18.59 -12.41 -10.99
CA ILE B 406 -17.19 -12.71 -10.72
C ILE B 406 -16.96 -12.64 -9.23
N LEU B 407 -16.40 -13.69 -8.66
CA LEU B 407 -16.18 -13.82 -7.22
C LEU B 407 -14.68 -14.00 -6.98
N CYS B 408 -13.98 -12.89 -6.85
CA CYS B 408 -12.55 -12.89 -6.61
C CYS B 408 -12.27 -12.22 -5.26
N PRO B 409 -11.46 -12.84 -4.39
CA PRO B 409 -11.27 -12.28 -3.04
C PRO B 409 -10.39 -11.04 -3.00
N THR B 410 -9.83 -10.60 -4.12
CA THR B 410 -8.95 -9.44 -4.16
C THR B 410 -9.68 -8.24 -4.76
N GLU B 411 -9.12 -7.07 -4.50
CA GLU B 411 -9.66 -5.84 -5.09
C GLU B 411 -9.52 -5.88 -6.60
N MET B 412 -10.50 -5.31 -7.28
CA MET B 412 -10.55 -5.37 -8.74
C MET B 412 -9.33 -4.71 -9.37
N ASP B 413 -8.73 -5.40 -10.33
CA ASP B 413 -7.59 -4.84 -11.06
C ASP B 413 -8.05 -3.61 -11.82
N VAL B 414 -7.15 -2.61 -11.92
CA VAL B 414 -7.50 -1.35 -12.55
C VAL B 414 -7.90 -1.55 -14.00
N GLN B 415 -7.16 -2.40 -14.72
CA GLN B 415 -7.51 -2.68 -16.11
C GLN B 415 -8.86 -3.37 -16.22
N VAL B 416 -9.30 -4.07 -15.18
CA VAL B 416 -10.61 -4.69 -15.19
C VAL B 416 -11.71 -3.63 -15.02
N ARG B 417 -11.47 -2.65 -14.14
CA ARG B 417 -12.46 -1.59 -13.93
C ARG B 417 -12.73 -0.81 -15.21
N ARG B 418 -11.69 -0.52 -15.97
CA ARG B 418 -11.87 0.22 -17.22
C ARG B 418 -12.74 -0.55 -18.19
N VAL B 419 -12.56 -1.87 -18.27
CA VAL B 419 -13.41 -2.68 -19.13
C VAL B 419 -14.83 -2.76 -18.55
N LEU B 420 -14.95 -2.89 -17.23
CA LEU B 420 -16.26 -3.00 -16.62
C LEU B 420 -17.06 -1.71 -16.72
N GLN B 421 -16.41 -0.58 -16.99
CA GLN B 421 -17.12 0.67 -17.21
C GLN B 421 -17.50 0.89 -18.67
N ILE B 422 -17.06 0.01 -19.57
CA ILE B 422 -17.53 0.05 -20.96
C ILE B 422 -19.01 -0.25 -21.00
N PRO B 423 -19.81 0.47 -21.80
CA PRO B 423 -21.27 0.23 -21.79
C PRO B 423 -21.66 -1.19 -22.15
N LEU B 424 -20.85 -1.89 -22.96
CA LEU B 424 -21.18 -3.26 -23.33
C LEU B 424 -21.12 -4.20 -22.13
N TRP B 425 -20.14 -4.01 -21.26
CA TRP B 425 -19.91 -4.94 -20.15
C TRP B 425 -20.39 -4.42 -18.80
N SER B 426 -20.91 -3.19 -18.73
CA SER B 426 -21.31 -2.63 -17.44
C SER B 426 -22.49 -3.38 -16.84
N GLN B 427 -23.48 -3.70 -17.66
CA GLN B 427 -24.70 -4.36 -17.16
C GLN B 427 -24.59 -5.87 -17.14
N ARG B 428 -23.55 -6.45 -17.76
CA ARG B 428 -23.40 -7.90 -17.82
C ARG B 428 -22.45 -8.43 -16.76
N VAL B 429 -21.22 -7.92 -16.71
CA VAL B 429 -20.23 -8.44 -15.77
C VAL B 429 -20.46 -7.82 -14.41
N ILE B 430 -20.62 -8.64 -13.39
CA ILE B 430 -20.79 -8.21 -12.01
C ILE B 430 -19.62 -8.74 -11.20
N TYR B 431 -18.92 -7.84 -10.53
CA TYR B 431 -17.73 -8.18 -9.76
C TYR B 431 -18.05 -8.05 -8.27
N LEU B 432 -18.09 -9.19 -7.58
CA LEU B 432 -18.20 -9.22 -6.13
C LEU B 432 -16.88 -9.68 -5.52
N GLN B 433 -16.39 -8.96 -4.52
CA GLN B 433 -15.16 -9.33 -3.82
C GLN B 433 -15.55 -10.24 -2.65
N GLY B 434 -15.15 -11.50 -2.73
CA GLY B 434 -15.48 -12.46 -1.70
C GLY B 434 -14.87 -13.81 -2.00
N SER B 435 -15.09 -14.73 -1.07
CA SER B 435 -14.54 -16.07 -1.15
C SER B 435 -15.65 -17.08 -1.37
N ALA B 436 -15.36 -18.11 -2.16
CA ALA B 436 -16.31 -19.20 -2.36
C ALA B 436 -16.53 -20.02 -1.09
N LEU B 437 -15.61 -19.92 -0.12
CA LEU B 437 -15.75 -20.66 1.13
C LEU B 437 -16.64 -19.97 2.14
N LYS B 438 -17.11 -18.75 1.86
CA LYS B 438 -18.04 -18.03 2.71
C LYS B 438 -19.43 -18.09 2.07
N ASP B 439 -20.40 -18.61 2.82
CA ASP B 439 -21.74 -18.80 2.27
C ASP B 439 -22.42 -17.47 1.96
N GLN B 440 -22.07 -16.40 2.69
CA GLN B 440 -22.65 -15.09 2.39
C GLN B 440 -22.24 -14.61 1.01
N ASP B 441 -20.95 -14.74 0.67
CA ASP B 441 -20.51 -14.40 -0.67
C ASP B 441 -21.15 -15.31 -1.70
N LEU B 442 -21.30 -16.59 -1.37
CA LEU B 442 -22.04 -17.51 -2.24
C LEU B 442 -23.50 -17.08 -2.37
N MET B 443 -24.07 -16.50 -1.31
CA MET B 443 -25.44 -16.03 -1.38
C MET B 443 -25.55 -14.75 -2.18
N ARG B 444 -24.56 -13.87 -2.06
CA ARG B 444 -24.56 -12.63 -2.85
C ARG B 444 -24.46 -12.93 -4.34
N ALA B 445 -23.71 -13.96 -4.72
CA ALA B 445 -23.57 -14.35 -6.12
C ALA B 445 -24.79 -15.11 -6.64
N LYS B 446 -25.73 -15.46 -5.76
CA LYS B 446 -26.92 -16.22 -6.15
C LYS B 446 -26.55 -17.51 -6.86
N MET B 447 -25.56 -18.22 -6.31
CA MET B 447 -25.06 -19.43 -6.96
C MET B 447 -26.11 -20.52 -7.02
N ASP B 448 -27.06 -20.53 -6.07
CA ASP B 448 -28.11 -21.54 -6.11
C ASP B 448 -28.96 -21.44 -7.37
N ASN B 449 -29.07 -20.23 -7.93
CA ASN B 449 -29.78 -20.01 -9.19
C ASN B 449 -28.85 -19.97 -10.39
N GLY B 450 -27.55 -20.07 -10.19
CA GLY B 450 -26.62 -19.94 -11.30
C GLY B 450 -26.72 -21.11 -12.26
N GLU B 451 -26.53 -20.82 -13.55
CA GLU B 451 -26.54 -21.85 -14.58
C GLU B 451 -25.26 -22.66 -14.62
N ALA B 452 -24.13 -22.08 -14.19
CA ALA B 452 -22.86 -22.78 -14.17
C ALA B 452 -21.89 -22.02 -13.29
N CYS B 453 -20.93 -22.75 -12.73
CA CYS B 453 -19.85 -22.18 -11.93
C CYS B 453 -18.52 -22.55 -12.57
N PHE B 454 -17.70 -21.54 -12.86
CA PHE B 454 -16.39 -21.73 -13.48
C PHE B 454 -15.33 -21.44 -12.42
N ILE B 455 -14.77 -22.50 -11.84
CA ILE B 455 -13.70 -22.38 -10.86
C ILE B 455 -12.39 -22.52 -11.62
N LEU B 456 -11.78 -21.40 -11.96
CA LEU B 456 -10.51 -21.39 -12.70
C LEU B 456 -9.35 -21.28 -11.73
N SER B 457 -8.20 -21.78 -12.17
CA SER B 457 -6.99 -21.79 -11.35
C SER B 457 -6.05 -20.65 -11.77
N SER B 458 -5.17 -20.28 -10.85
CA SER B 458 -4.21 -19.21 -11.08
C SER B 458 -2.89 -19.82 -11.55
N ARG B 459 -2.45 -19.41 -12.74
CA ARG B 459 -1.21 -19.90 -13.31
C ARG B 459 0.01 -19.07 -12.91
N ASN B 460 -0.20 -17.80 -12.53
CA ASN B 460 0.91 -16.94 -12.15
C ASN B 460 1.46 -17.28 -10.78
N GLU B 461 0.72 -18.02 -9.96
CA GLU B 461 1.18 -18.37 -8.62
C GLU B 461 2.42 -19.26 -8.69
N VAL B 462 3.33 -19.05 -7.74
CA VAL B 462 4.57 -19.82 -7.72
C VAL B 462 4.38 -21.21 -7.12
N ASP B 463 3.33 -21.42 -6.32
CA ASP B 463 3.05 -22.71 -5.70
C ASP B 463 1.78 -23.26 -6.37
N ARG B 464 1.97 -24.09 -7.39
CA ARG B 464 0.83 -24.64 -8.11
C ARG B 464 0.05 -25.65 -7.26
N THR B 465 0.74 -26.40 -6.41
CA THR B 465 0.05 -27.32 -5.51
C THR B 465 -0.85 -26.56 -4.53
N ALA B 466 -0.37 -25.42 -4.03
CA ALA B 466 -1.21 -24.58 -3.18
C ALA B 466 -2.40 -24.03 -3.98
N ALA B 467 -2.17 -23.64 -5.23
CA ALA B 467 -3.26 -23.15 -6.07
C ALA B 467 -4.30 -24.22 -6.31
N ASP B 468 -3.87 -25.45 -6.61
CA ASP B 468 -4.82 -26.53 -6.86
C ASP B 468 -5.64 -26.84 -5.62
N HIS B 469 -5.02 -26.82 -4.44
CA HIS B 469 -5.76 -27.07 -3.20
C HIS B 469 -6.84 -26.02 -2.99
N GLN B 470 -6.63 -24.80 -3.48
CA GLN B 470 -7.65 -23.77 -3.32
C GLN B 470 -8.85 -24.02 -4.23
N THR B 471 -8.60 -24.41 -5.49
CA THR B 471 -9.71 -24.67 -6.39
C THR B 471 -10.41 -25.98 -6.08
N ILE B 472 -9.76 -26.89 -5.35
CA ILE B 472 -10.45 -28.08 -4.87
C ILE B 472 -11.45 -27.72 -3.78
N LEU B 473 -11.02 -26.88 -2.83
CA LEU B 473 -11.92 -26.41 -1.79
C LEU B 473 -13.05 -25.57 -2.38
N ARG B 474 -12.72 -24.71 -3.35
CA ARG B 474 -13.75 -23.90 -3.99
C ARG B 474 -14.76 -24.77 -4.73
N ALA B 475 -14.30 -25.85 -5.36
CA ALA B 475 -15.23 -26.79 -5.98
C ALA B 475 -16.06 -27.52 -4.93
N TRP B 476 -15.47 -27.80 -3.77
CA TRP B 476 -16.24 -28.43 -2.70
C TRP B 476 -17.21 -27.44 -2.06
N ALA B 477 -16.81 -26.18 -1.94
CA ALA B 477 -17.68 -25.18 -1.32
C ALA B 477 -18.93 -24.93 -2.16
N VAL B 478 -18.77 -24.85 -3.48
CA VAL B 478 -19.92 -24.64 -4.35
C VAL B 478 -20.80 -25.88 -4.39
N LYS B 479 -20.18 -27.07 -4.44
CA LYS B 479 -20.94 -28.31 -4.44
C LYS B 479 -21.67 -28.52 -3.11
N ASP B 480 -21.10 -28.03 -2.01
CA ASP B 480 -21.77 -28.13 -0.73
C ASP B 480 -22.92 -27.12 -0.62
N PHE B 481 -22.72 -25.92 -1.16
CA PHE B 481 -23.74 -24.87 -1.07
C PHE B 481 -24.85 -25.09 -2.10
N ALA B 482 -24.48 -25.32 -3.36
CA ALA B 482 -25.43 -25.50 -4.45
C ALA B 482 -25.11 -26.82 -5.13
N PRO B 483 -25.57 -27.95 -4.58
CA PRO B 483 -25.25 -29.25 -5.18
C PRO B 483 -25.75 -29.40 -6.61
N ASN B 484 -26.89 -28.81 -6.94
CA ASN B 484 -27.44 -28.91 -8.29
C ASN B 484 -26.98 -27.76 -9.17
N CYS B 485 -25.67 -27.56 -9.24
CA CYS B 485 -25.06 -26.54 -10.08
C CYS B 485 -23.89 -27.18 -10.81
N PRO B 486 -23.88 -27.21 -12.14
CA PRO B 486 -22.78 -27.85 -12.87
C PRO B 486 -21.47 -27.10 -12.68
N LEU B 487 -20.47 -27.79 -12.13
CA LEU B 487 -19.17 -27.20 -11.87
C LEU B 487 -18.26 -27.37 -13.09
N TYR B 488 -17.46 -26.33 -13.35
CA TYR B 488 -16.49 -26.34 -14.43
C TYR B 488 -15.14 -25.95 -13.84
N VAL B 489 -14.31 -26.94 -13.53
CA VAL B 489 -13.07 -26.75 -12.79
C VAL B 489 -11.89 -26.83 -13.74
N GLN B 490 -10.92 -25.95 -13.52
CA GLN B 490 -9.64 -25.95 -14.25
C GLN B 490 -8.56 -26.34 -13.26
N ILE B 491 -7.97 -27.52 -13.44
CA ILE B 491 -6.99 -28.08 -12.51
C ILE B 491 -5.61 -28.01 -13.15
N LEU B 492 -4.62 -27.58 -12.37
CA LEU B 492 -3.26 -27.44 -12.87
C LEU B 492 -2.49 -28.77 -12.82
N LYS B 493 -2.50 -29.43 -11.66
CA LYS B 493 -1.65 -30.61 -11.63
C LYS B 493 -2.47 -31.89 -11.66
N PRO B 494 -1.99 -32.90 -12.39
CA PRO B 494 -2.81 -34.11 -12.58
C PRO B 494 -3.07 -34.89 -11.29
N GLU B 495 -2.22 -34.75 -10.27
CA GLU B 495 -2.41 -35.52 -9.05
C GLU B 495 -3.62 -35.07 -8.25
N ASN B 496 -4.07 -33.82 -8.43
CA ASN B 496 -5.22 -33.28 -7.75
C ASN B 496 -6.50 -33.42 -8.56
N LYS B 497 -6.45 -34.10 -9.71
CA LYS B 497 -7.61 -34.18 -10.60
C LYS B 497 -8.70 -35.09 -10.05
N PHE B 498 -8.35 -36.08 -9.25
CA PHE B 498 -9.32 -37.06 -8.78
C PHE B 498 -10.11 -36.57 -7.56
N HIS B 499 -9.73 -35.45 -6.96
CA HIS B 499 -10.56 -34.84 -5.93
C HIS B 499 -11.77 -34.13 -6.51
N VAL B 500 -11.65 -33.63 -7.74
CA VAL B 500 -12.73 -32.91 -8.40
C VAL B 500 -13.33 -33.74 -9.54
N LYS B 501 -13.22 -35.06 -9.46
CA LYS B 501 -13.82 -35.92 -10.48
C LYS B 501 -15.33 -35.79 -10.51
N PHE B 502 -15.94 -35.41 -9.38
CA PHE B 502 -17.38 -35.23 -9.31
C PHE B 502 -17.87 -34.12 -10.22
N ALA B 503 -17.01 -33.18 -10.60
CA ALA B 503 -17.42 -32.02 -11.37
C ALA B 503 -17.90 -32.45 -12.77
N ASP B 504 -18.80 -31.65 -13.32
CA ASP B 504 -19.38 -31.96 -14.62
C ASP B 504 -18.33 -31.95 -15.72
N HIS B 505 -17.44 -30.96 -15.69
CA HIS B 505 -16.43 -30.80 -16.73
C HIS B 505 -15.13 -30.33 -16.08
N VAL B 506 -14.09 -31.15 -16.18
CA VAL B 506 -12.78 -30.85 -15.59
C VAL B 506 -11.76 -30.81 -16.70
N VAL B 507 -10.87 -29.81 -16.66
CA VAL B 507 -9.77 -29.68 -17.60
C VAL B 507 -8.48 -29.63 -16.80
N CYS B 508 -7.54 -30.50 -17.13
CA CYS B 508 -6.23 -30.53 -16.49
C CYS B 508 -5.22 -29.85 -17.41
N GLU B 509 -4.58 -28.80 -16.90
CA GLU B 509 -3.67 -28.01 -17.73
C GLU B 509 -2.45 -28.81 -18.14
N GLU B 510 -1.78 -29.46 -17.18
CA GLU B 510 -0.56 -30.18 -17.50
C GLU B 510 -0.82 -31.41 -18.36
N GLU B 511 -1.96 -32.06 -18.18
CA GLU B 511 -2.29 -33.22 -19.01
C GLU B 511 -2.43 -32.84 -20.47
N CYS B 512 -3.19 -31.79 -20.77
CA CYS B 512 -3.45 -31.44 -22.16
C CYS B 512 -2.24 -30.76 -22.80
N LYS B 513 -1.51 -29.95 -22.03
CA LYS B 513 -0.37 -29.23 -22.59
C LYS B 513 0.71 -30.19 -23.08
N TYR B 514 1.05 -31.18 -22.26
CA TYR B 514 2.12 -32.11 -22.60
C TYR B 514 1.71 -33.11 -23.66
N ALA B 515 0.43 -33.53 -23.66
CA ALA B 515 -0.05 -34.40 -24.72
C ALA B 515 -0.11 -33.67 -26.06
N MET B 516 -0.40 -32.36 -26.04
CA MET B 516 -0.40 -31.58 -27.26
C MET B 516 1.01 -31.34 -27.78
N LEU B 517 1.96 -31.10 -26.87
CA LEU B 517 3.36 -30.98 -27.27
C LEU B 517 3.90 -32.28 -27.83
N ALA B 518 3.54 -33.41 -27.19
CA ALA B 518 3.99 -34.71 -27.68
C ALA B 518 3.42 -35.02 -29.06
N LEU B 519 2.14 -34.67 -29.28
CA LEU B 519 1.54 -34.90 -30.59
C LEU B 519 2.16 -34.01 -31.65
N ASN B 520 2.63 -32.83 -31.27
CA ASN B 520 3.33 -31.96 -32.23
C ASN B 520 4.58 -32.64 -32.78
N CYS B 521 5.20 -33.52 -31.99
CA CYS B 521 6.37 -34.26 -32.45
C CYS B 521 6.01 -35.45 -33.33
N ILE B 522 4.74 -35.86 -33.36
CA ILE B 522 4.25 -36.91 -34.26
C ILE B 522 3.45 -36.31 -35.40
N CYS B 523 2.36 -35.61 -35.08
CA CYS B 523 1.58 -34.88 -36.08
C CYS B 523 1.84 -33.40 -35.89
N PRO B 524 2.59 -32.76 -36.78
CA PRO B 524 2.98 -31.37 -36.54
C PRO B 524 1.79 -30.44 -36.51
N ALA B 525 1.91 -29.39 -35.69
CA ALA B 525 0.88 -28.37 -35.52
C ALA B 525 -0.44 -28.96 -35.04
N THR B 526 -0.37 -30.04 -34.26
CA THR B 526 -1.58 -30.55 -33.60
C THR B 526 -2.12 -29.52 -32.61
N SER B 527 -1.23 -28.79 -31.94
CA SER B 527 -1.65 -27.73 -31.04
C SER B 527 -2.42 -26.64 -31.78
N THR B 528 -1.99 -26.29 -32.99
CA THR B 528 -2.73 -25.33 -33.80
C THR B 528 -4.07 -25.91 -34.26
N LEU B 529 -4.07 -27.18 -34.67
CA LEU B 529 -5.31 -27.82 -35.10
C LEU B 529 -6.33 -27.86 -33.97
N ILE B 530 -5.91 -28.24 -32.77
CA ILE B 530 -6.82 -28.28 -31.63
C ILE B 530 -7.28 -26.89 -31.25
N THR B 531 -6.36 -25.91 -31.29
CA THR B 531 -6.69 -24.55 -30.88
C THR B 531 -7.78 -23.95 -31.77
N LEU B 532 -7.62 -24.06 -33.09
CA LEU B 532 -8.59 -23.47 -34.00
C LEU B 532 -9.94 -24.18 -33.96
N LEU B 533 -10.00 -25.39 -33.41
CA LEU B 533 -11.26 -26.10 -33.25
C LEU B 533 -12.00 -25.74 -31.97
N VAL B 534 -11.28 -25.27 -30.95
CA VAL B 534 -11.90 -24.94 -29.68
C VAL B 534 -12.19 -23.43 -29.57
N HIS B 535 -12.12 -22.70 -30.67
CA HIS B 535 -12.47 -21.29 -30.70
C HIS B 535 -13.69 -21.12 -31.61
N THR B 536 -14.73 -20.49 -31.06
CA THR B 536 -15.98 -20.31 -31.80
C THR B 536 -15.83 -19.10 -32.72
N SER B 537 -15.57 -19.37 -34.01
CA SER B 537 -15.44 -18.32 -35.00
C SER B 537 -16.19 -18.75 -36.26
N ARG B 538 -16.63 -17.75 -37.03
CA ARG B 538 -17.39 -18.00 -38.25
C ARG B 538 -16.50 -18.13 -39.48
N GLY B 539 -15.18 -18.13 -39.31
CA GLY B 539 -14.28 -18.27 -40.43
C GLY B 539 -14.27 -17.09 -41.38
N GLN B 540 -14.37 -15.87 -40.85
CA GLN B 540 -14.32 -14.66 -41.65
C GLN B 540 -12.97 -13.96 -41.58
N GLU B 541 -11.97 -14.61 -41.00
CA GLU B 541 -10.65 -13.99 -40.84
C GLU B 541 -9.85 -14.10 -42.13
N GLY B 542 -9.15 -13.02 -42.45
CA GLY B 542 -8.27 -13.02 -43.61
C GLY B 542 -8.97 -13.20 -44.94
N GLN B 543 -10.24 -12.80 -45.04
CA GLN B 543 -10.98 -12.96 -46.29
C GLN B 543 -10.72 -11.81 -47.26
N GLU B 544 -10.10 -10.72 -46.81
CA GLU B 544 -9.70 -9.63 -47.67
C GLU B 544 -8.21 -9.66 -48.01
N SER B 545 -7.51 -10.70 -47.57
CA SER B 545 -6.07 -10.79 -47.75
C SER B 545 -5.73 -11.15 -49.20
N PRO B 546 -4.74 -10.48 -49.80
CA PRO B 546 -4.32 -10.86 -51.16
C PRO B 546 -3.69 -12.24 -51.24
N GLU B 547 -3.16 -12.76 -50.13
CA GLU B 547 -2.50 -14.06 -50.14
C GLU B 547 -3.53 -15.18 -50.16
N GLN B 548 -3.23 -16.23 -50.93
CA GLN B 548 -4.12 -17.38 -50.99
C GLN B 548 -4.06 -18.21 -49.70
N TRP B 549 -2.87 -18.34 -49.12
CA TRP B 549 -2.72 -19.14 -47.91
C TRP B 549 -3.40 -18.50 -46.70
N GLN B 550 -3.69 -17.20 -46.77
CA GLN B 550 -4.37 -16.53 -45.67
C GLN B 550 -5.88 -16.56 -45.81
N ARG B 551 -6.40 -16.73 -47.03
CA ARG B 551 -7.85 -16.83 -47.23
C ARG B 551 -8.37 -18.23 -46.96
N MET B 552 -7.66 -19.26 -47.43
CA MET B 552 -8.10 -20.63 -47.22
C MET B 552 -7.86 -21.09 -45.79
N TYR B 553 -6.73 -20.71 -45.19
CA TYR B 553 -6.46 -21.06 -43.81
C TYR B 553 -7.26 -20.21 -42.83
N GLY B 554 -7.60 -18.99 -43.22
CA GLY B 554 -8.48 -18.17 -42.40
C GLY B 554 -9.95 -18.53 -42.52
N ARG B 555 -10.33 -19.26 -43.56
CA ARG B 555 -11.71 -19.70 -43.69
C ARG B 555 -11.86 -21.03 -43.01
N CYS B 556 -10.98 -21.97 -43.32
CA CYS B 556 -11.06 -23.30 -42.73
C CYS B 556 -10.88 -23.28 -41.22
N SER B 557 -10.45 -22.16 -40.65
CA SER B 557 -10.36 -22.04 -39.19
C SER B 557 -11.71 -21.95 -38.52
N GLY B 558 -12.78 -21.71 -39.28
CA GLY B 558 -14.10 -21.62 -38.70
C GLY B 558 -14.73 -22.94 -38.38
N ASN B 559 -14.03 -24.04 -38.67
CA ASN B 559 -14.54 -25.36 -38.35
C ASN B 559 -14.59 -25.55 -36.83
N GLU B 560 -15.68 -26.16 -36.37
CA GLU B 560 -15.83 -26.57 -34.98
C GLU B 560 -16.46 -27.95 -34.96
N VAL B 561 -16.38 -28.61 -33.82
CA VAL B 561 -16.94 -29.94 -33.64
C VAL B 561 -18.35 -29.79 -33.10
N TYR B 562 -19.34 -30.26 -33.85
CA TYR B 562 -20.73 -30.21 -33.47
C TYR B 562 -21.27 -31.62 -33.31
N HIS B 563 -22.50 -31.72 -32.80
CA HIS B 563 -23.15 -33.01 -32.62
C HIS B 563 -24.61 -32.89 -33.03
N ILE B 564 -25.13 -33.99 -33.57
CA ILE B 564 -26.52 -34.05 -33.99
C ILE B 564 -26.94 -35.52 -34.01
N ARG B 565 -28.20 -35.77 -33.64
CA ARG B 565 -28.71 -37.14 -33.68
C ARG B 565 -28.80 -37.60 -35.13
N MET B 566 -28.49 -38.88 -35.36
CA MET B 566 -28.39 -39.40 -36.72
C MET B 566 -29.71 -39.29 -37.47
N GLY B 567 -30.82 -39.64 -36.82
CA GLY B 567 -32.10 -39.62 -37.50
C GLY B 567 -32.54 -38.25 -37.94
N ASP B 568 -32.25 -37.23 -37.12
CA ASP B 568 -32.67 -35.86 -37.41
C ASP B 568 -31.54 -35.01 -37.94
N SER B 569 -30.65 -35.58 -38.74
CA SER B 569 -29.53 -34.86 -39.32
C SER B 569 -29.61 -34.94 -40.84
N LYS B 570 -29.89 -33.80 -41.48
CA LYS B 570 -29.91 -33.77 -42.94
C LYS B 570 -28.55 -34.06 -43.55
N PHE B 571 -27.47 -33.91 -42.77
CA PHE B 571 -26.15 -34.28 -43.25
C PHE B 571 -25.99 -35.78 -43.38
N PHE B 572 -26.55 -36.56 -42.44
CA PHE B 572 -26.22 -37.97 -42.32
C PHE B 572 -27.40 -38.93 -42.34
N ARG B 573 -28.64 -38.44 -42.25
CA ARG B 573 -29.77 -39.34 -42.02
C ARG B 573 -29.98 -40.30 -43.20
N GLU B 574 -29.48 -39.96 -44.39
CA GLU B 574 -29.63 -40.81 -45.56
C GLU B 574 -28.68 -42.01 -45.54
N TYR B 575 -27.82 -42.12 -44.53
CA TYR B 575 -26.86 -43.21 -44.44
C TYR B 575 -27.25 -44.24 -43.37
N GLU B 576 -28.54 -44.33 -43.03
CA GLU B 576 -28.98 -45.33 -42.08
C GLU B 576 -28.70 -46.74 -42.59
N GLY B 577 -28.13 -47.58 -41.73
CA GLY B 577 -27.72 -48.91 -42.13
C GLY B 577 -26.41 -48.98 -42.87
N LYS B 578 -25.74 -47.86 -43.10
CA LYS B 578 -24.46 -47.82 -43.78
C LYS B 578 -23.33 -47.70 -42.78
N SER B 579 -22.13 -48.06 -43.23
CA SER B 579 -20.96 -48.04 -42.36
C SER B 579 -20.55 -46.60 -42.05
N PHE B 580 -19.81 -46.44 -40.94
CA PHE B 580 -19.31 -45.13 -40.56
C PHE B 580 -18.39 -44.56 -41.62
N THR B 581 -17.51 -45.38 -42.18
CA THR B 581 -16.60 -44.91 -43.23
C THR B 581 -17.37 -44.50 -44.48
N TYR B 582 -18.46 -45.20 -44.79
CA TYR B 582 -19.27 -44.84 -45.96
C TYR B 582 -19.91 -43.46 -45.77
N ALA B 583 -20.45 -43.20 -44.59
CA ALA B 583 -21.12 -41.91 -44.35
C ALA B 583 -20.12 -40.78 -44.23
N ALA B 584 -18.95 -41.04 -43.62
CA ALA B 584 -17.97 -39.98 -43.42
C ALA B 584 -17.46 -39.44 -44.75
N PHE B 585 -17.28 -40.31 -45.74
CA PHE B 585 -16.78 -39.87 -47.04
C PHE B 585 -17.87 -39.14 -47.82
N HIS B 586 -19.03 -39.76 -47.99
CA HIS B 586 -20.06 -39.20 -48.86
C HIS B 586 -20.59 -37.88 -48.31
N ALA B 587 -20.71 -37.76 -46.98
CA ALA B 587 -21.09 -36.49 -46.40
C ALA B 587 -20.05 -35.41 -46.68
N HIS B 588 -18.77 -35.78 -46.61
CA HIS B 588 -17.71 -34.84 -46.96
C HIS B 588 -17.68 -34.58 -48.47
N LYS B 589 -17.94 -35.62 -49.28
CA LYS B 589 -18.00 -35.45 -50.72
C LYS B 589 -19.14 -34.54 -51.14
N LYS B 590 -20.26 -34.59 -50.42
CA LYS B 590 -21.47 -33.88 -50.82
C LYS B 590 -21.62 -32.52 -50.15
N TYR B 591 -21.58 -32.48 -48.82
CA TYR B 591 -21.78 -31.23 -48.10
C TYR B 591 -20.51 -30.66 -47.49
N GLY B 592 -19.44 -31.43 -47.39
CA GLY B 592 -18.18 -30.94 -46.87
C GLY B 592 -17.98 -31.11 -45.39
N VAL B 593 -18.79 -31.90 -44.71
CA VAL B 593 -18.65 -32.13 -43.28
C VAL B 593 -17.77 -33.35 -43.05
N CYS B 594 -17.00 -33.32 -41.96
CA CYS B 594 -16.08 -34.40 -41.61
C CYS B 594 -16.64 -35.11 -40.38
N LEU B 595 -17.13 -36.33 -40.59
CA LEU B 595 -17.70 -37.14 -39.50
C LEU B 595 -16.55 -37.84 -38.78
N ILE B 596 -16.18 -37.32 -37.62
CA ILE B 596 -15.00 -37.83 -36.92
C ILE B 596 -15.36 -38.95 -35.94
N GLY B 597 -16.59 -38.98 -35.43
CA GLY B 597 -16.95 -39.99 -34.47
C GLY B 597 -18.43 -39.90 -34.13
N LEU B 598 -18.87 -40.90 -33.36
CA LEU B 598 -20.26 -40.98 -32.94
C LEU B 598 -20.32 -41.41 -31.47
N LYS B 599 -21.54 -41.43 -30.94
CA LYS B 599 -21.79 -41.88 -29.57
C LYS B 599 -23.10 -42.64 -29.57
N ARG B 600 -23.05 -43.92 -29.23
CA ARG B 600 -24.24 -44.75 -29.22
C ARG B 600 -25.16 -44.36 -28.07
N GLU B 601 -26.47 -44.57 -28.28
CA GLU B 601 -27.45 -44.23 -27.25
C GLU B 601 -27.33 -45.14 -26.04
N ASP B 602 -26.87 -46.38 -26.23
CA ASP B 602 -26.72 -47.30 -25.12
C ASP B 602 -25.63 -46.85 -24.16
N ASN B 603 -24.47 -46.47 -24.69
CA ASN B 603 -23.32 -46.10 -23.87
C ASN B 603 -23.21 -44.59 -23.76
N LYS B 604 -22.25 -44.14 -22.94
CA LYS B 604 -21.86 -42.74 -22.89
C LYS B 604 -20.53 -42.47 -23.58
N SER B 605 -19.74 -43.52 -23.85
CA SER B 605 -18.44 -43.35 -24.47
C SER B 605 -18.59 -42.81 -25.88
N ILE B 606 -17.71 -41.87 -26.23
CA ILE B 606 -17.63 -41.31 -27.58
C ILE B 606 -16.46 -41.96 -28.30
N LEU B 607 -16.73 -42.53 -29.47
CA LEU B 607 -15.72 -43.22 -30.27
C LEU B 607 -15.34 -42.33 -31.44
N LEU B 608 -14.06 -41.97 -31.55
CA LEU B 608 -13.56 -41.29 -32.73
C LEU B 608 -13.20 -42.32 -33.78
N ASN B 609 -13.81 -42.19 -34.97
CA ASN B 609 -13.65 -43.15 -36.04
C ASN B 609 -13.92 -44.56 -35.53
N PRO B 610 -15.19 -44.90 -35.25
CA PRO B 610 -15.48 -46.23 -34.71
C PRO B 610 -15.10 -47.37 -35.65
N GLY B 611 -14.95 -47.10 -36.94
CA GLY B 611 -14.48 -48.09 -37.88
C GLY B 611 -15.48 -48.38 -38.97
N PRO B 612 -15.06 -49.14 -39.98
CA PRO B 612 -15.97 -49.51 -41.06
C PRO B 612 -16.92 -50.61 -40.65
N ARG B 613 -16.53 -51.40 -39.65
CA ARG B 613 -17.38 -52.46 -39.13
C ARG B 613 -18.57 -51.91 -38.33
N HIS B 614 -18.56 -50.63 -37.99
CA HIS B 614 -19.65 -50.02 -37.24
C HIS B 614 -20.76 -49.60 -38.20
N ILE B 615 -21.96 -50.08 -37.94
CA ILE B 615 -23.14 -49.78 -38.76
C ILE B 615 -23.93 -48.69 -38.05
N LEU B 616 -24.31 -47.66 -38.81
CA LEU B 616 -25.02 -46.52 -38.23
C LEU B 616 -26.42 -46.92 -37.80
N ALA B 617 -26.97 -46.13 -36.86
CA ALA B 617 -28.32 -46.33 -36.37
C ALA B 617 -28.98 -44.97 -36.17
N ALA B 618 -30.32 -44.96 -36.24
CA ALA B 618 -31.07 -43.72 -36.19
C ALA B 618 -30.97 -43.00 -34.86
N SER B 619 -30.51 -43.67 -33.81
CA SER B 619 -30.42 -43.07 -32.48
C SER B 619 -29.01 -42.62 -32.12
N ASP B 620 -28.04 -42.76 -33.01
CA ASP B 620 -26.68 -42.36 -32.71
C ASP B 620 -26.52 -40.85 -32.76
N THR B 621 -25.62 -40.34 -31.91
CA THR B 621 -25.23 -38.93 -31.93
C THR B 621 -23.95 -38.81 -32.75
N CYS B 622 -24.01 -38.06 -33.85
CA CYS B 622 -22.92 -37.97 -34.80
C CYS B 622 -22.13 -36.70 -34.53
N PHE B 623 -20.82 -36.86 -34.28
CA PHE B 623 -19.92 -35.74 -34.04
C PHE B 623 -19.18 -35.43 -35.33
N TYR B 624 -19.34 -34.21 -35.83
CA TYR B 624 -18.78 -33.82 -37.12
C TYR B 624 -18.09 -32.47 -36.99
N ILE B 625 -17.18 -32.21 -37.93
CA ILE B 625 -16.48 -30.93 -38.02
C ILE B 625 -17.01 -30.20 -39.24
N ASN B 626 -17.46 -28.96 -39.04
CA ASN B 626 -17.99 -28.14 -40.13
C ASN B 626 -17.88 -26.68 -39.74
N ILE B 627 -17.94 -25.82 -40.77
CA ILE B 627 -17.86 -24.37 -40.53
C ILE B 627 -19.06 -23.89 -39.74
N THR B 628 -20.25 -24.36 -40.10
CA THR B 628 -21.49 -23.91 -39.48
C THR B 628 -22.28 -25.10 -38.95
N LYS B 629 -23.04 -24.87 -37.88
CA LYS B 629 -23.91 -25.90 -37.33
C LYS B 629 -24.95 -26.33 -38.35
N GLU B 630 -25.43 -27.56 -38.19
CA GLU B 630 -26.50 -28.06 -39.06
C GLU B 630 -27.73 -27.17 -38.99
N GLU B 631 -28.12 -26.77 -37.79
CA GLU B 631 -29.27 -25.88 -37.63
C GLU B 631 -28.98 -24.51 -38.25
N ASN B 632 -27.74 -24.04 -38.14
CA ASN B 632 -27.34 -22.75 -38.67
C ASN B 632 -26.83 -22.84 -40.10
N SER B 633 -26.89 -24.01 -40.72
CA SER B 633 -26.51 -24.19 -42.12
C SER B 633 -27.73 -24.31 -43.03
N ALA B 634 -28.77 -23.53 -42.76
CA ALA B 634 -29.96 -23.57 -43.60
C ALA B 634 -29.67 -23.09 -45.02
N PHE B 635 -28.57 -22.38 -45.23
CA PHE B 635 -28.25 -21.86 -46.56
C PHE B 635 -27.76 -22.95 -47.50
N ILE B 636 -26.94 -23.89 -47.01
CA ILE B 636 -26.39 -24.91 -47.90
C ILE B 636 -27.49 -25.86 -48.37
N PHE B 637 -28.44 -26.18 -47.49
CA PHE B 637 -29.62 -26.93 -47.93
C PHE B 637 -30.45 -26.11 -48.90
N LYS B 638 -30.61 -24.81 -48.62
CA LYS B 638 -31.30 -23.93 -49.56
C LYS B 638 -30.52 -23.79 -50.87
N GLN B 639 -29.19 -23.71 -50.77
CA GLN B 639 -28.36 -23.66 -51.97
C GLN B 639 -28.42 -24.99 -52.74
N GLU B 640 -28.66 -26.09 -52.02
CA GLU B 640 -28.81 -27.38 -52.70
C GLU B 640 -30.11 -27.42 -53.50
N GLU B 641 -31.18 -26.79 -53.00
CA GLU B 641 -32.43 -26.76 -53.73
C GLU B 641 -32.37 -25.87 -54.96
N LYS B 642 -31.43 -24.92 -54.99
CA LYS B 642 -31.30 -24.05 -56.17
C LYS B 642 -30.85 -24.84 -57.39
N ARG B 643 -29.91 -25.77 -57.21
CA ARG B 643 -29.40 -26.54 -58.35
C ARG B 643 -30.43 -27.55 -58.83
N LYS B 644 -31.08 -28.25 -57.91
CA LYS B 644 -32.08 -29.25 -58.27
C LYS B 644 -33.43 -28.60 -58.58
N ILE B 710 -8.99 -45.33 -58.11
CA ILE B 710 -9.22 -45.48 -56.68
C ILE B 710 -10.40 -46.42 -56.45
N ALA B 711 -10.22 -47.37 -55.53
CA ALA B 711 -11.28 -48.31 -55.24
C ALA B 711 -12.47 -47.59 -54.60
N PRO B 712 -13.69 -48.02 -54.88
CA PRO B 712 -14.86 -47.34 -54.31
C PRO B 712 -15.07 -47.71 -52.85
N VAL B 713 -15.84 -46.86 -52.17
CA VAL B 713 -16.09 -47.03 -50.75
C VAL B 713 -17.25 -47.99 -50.57
N LEU B 714 -17.02 -49.07 -49.81
CA LEU B 714 -18.01 -50.11 -49.63
C LEU B 714 -19.10 -49.65 -48.67
N GLU B 715 -20.34 -50.06 -48.95
CA GLU B 715 -21.46 -49.76 -48.06
C GLU B 715 -21.34 -50.50 -46.73
N LEU B 716 -20.64 -51.63 -46.71
CA LEU B 716 -20.44 -52.41 -45.48
C LEU B 716 -18.99 -52.86 -45.43
N ALA B 717 -18.52 -53.13 -44.21
CA ALA B 717 -17.15 -53.62 -44.03
C ALA B 717 -17.01 -55.05 -44.50
N VAL B 747 17.39 -54.91 -29.18
CA VAL B 747 16.47 -55.23 -28.10
C VAL B 747 15.02 -55.18 -28.60
N GLU B 748 14.24 -56.19 -28.24
CA GLU B 748 12.85 -56.29 -28.66
C GLU B 748 11.95 -55.78 -27.54
N TYR B 749 11.08 -54.83 -27.88
CA TYR B 749 10.19 -54.22 -26.90
C TYR B 749 8.87 -54.96 -26.85
N VAL B 750 8.42 -55.26 -25.63
CA VAL B 750 7.13 -55.88 -25.43
C VAL B 750 6.05 -54.80 -25.38
N LYS B 751 4.80 -55.21 -25.58
CA LYS B 751 3.66 -54.30 -25.52
C LYS B 751 2.87 -54.60 -24.25
N GLY B 752 2.73 -53.60 -23.39
CA GLY B 752 1.99 -53.75 -22.15
C GLY B 752 1.78 -52.42 -21.50
N TYR B 753 0.88 -52.41 -20.51
CA TYR B 753 0.61 -51.19 -19.77
C TYR B 753 1.76 -50.88 -18.82
N PRO B 754 2.09 -49.60 -18.64
CA PRO B 754 3.15 -49.23 -17.68
C PRO B 754 2.78 -49.69 -16.28
N PRO B 755 3.75 -50.21 -15.53
CA PRO B 755 3.44 -50.76 -14.21
C PRO B 755 2.98 -49.73 -13.20
N ASN B 756 3.75 -48.65 -13.04
CA ASN B 756 3.50 -47.65 -12.00
C ASN B 756 2.85 -46.43 -12.62
N SER B 757 1.55 -46.28 -12.42
CA SER B 757 0.86 -45.06 -12.80
C SER B 757 1.16 -43.98 -11.77
N PRO B 758 1.74 -42.84 -12.17
CA PRO B 758 2.16 -41.85 -11.17
C PRO B 758 1.02 -41.23 -10.38
N TYR B 759 -0.21 -41.27 -10.88
CA TYR B 759 -1.32 -40.62 -10.18
C TYR B 759 -2.62 -41.34 -10.50
N ILE B 760 -3.63 -41.12 -9.67
CA ILE B 760 -4.94 -41.69 -9.86
C ILE B 760 -5.63 -40.98 -11.01
N GLY B 761 -6.34 -41.74 -11.85
CA GLY B 761 -6.97 -41.19 -13.01
C GLY B 761 -6.13 -41.20 -14.27
N SER B 762 -4.86 -41.61 -14.17
CA SER B 762 -4.00 -41.73 -15.33
C SER B 762 -4.54 -42.82 -16.24
N SER B 763 -5.04 -42.44 -17.41
CA SER B 763 -5.66 -43.39 -18.31
C SER B 763 -4.64 -44.42 -18.78
N PRO B 764 -4.88 -45.70 -18.58
CA PRO B 764 -3.90 -46.72 -18.99
C PRO B 764 -3.86 -46.87 -20.51
N THR B 765 -2.73 -46.51 -21.11
CA THR B 765 -2.52 -46.65 -22.54
C THR B 765 -1.50 -47.75 -22.79
N LEU B 766 -1.80 -48.63 -23.75
CA LEU B 766 -0.87 -49.68 -24.13
C LEU B 766 0.36 -49.06 -24.80
N CYS B 767 1.51 -49.21 -24.17
CA CYS B 767 2.74 -48.57 -24.61
C CYS B 767 3.83 -49.60 -24.84
N HIS B 768 4.79 -49.22 -25.70
CA HIS B 768 6.01 -50.00 -25.84
C HIS B 768 6.78 -49.96 -24.53
N LEU B 769 7.26 -51.11 -24.07
CA LEU B 769 7.94 -51.21 -22.80
C LEU B 769 9.20 -52.04 -22.93
N LEU B 770 10.19 -51.72 -22.10
CA LEU B 770 11.39 -52.53 -22.02
C LEU B 770 11.05 -53.88 -21.38
N PRO B 771 11.70 -54.96 -21.84
CA PRO B 771 11.46 -56.27 -21.21
C PRO B 771 11.79 -56.29 -19.72
N VAL B 772 12.82 -55.55 -19.30
CA VAL B 772 13.23 -55.48 -17.91
C VAL B 772 13.29 -54.01 -17.50
N LYS B 773 12.74 -53.71 -16.33
CA LYS B 773 12.75 -52.34 -15.81
C LYS B 773 14.16 -51.78 -15.78
N ALA B 774 14.35 -50.65 -16.44
CA ALA B 774 15.67 -50.04 -16.52
C ALA B 774 16.06 -49.44 -15.17
N PRO B 775 17.28 -49.65 -14.72
CA PRO B 775 17.72 -49.05 -13.45
C PRO B 775 17.81 -47.54 -13.57
N PHE B 776 17.73 -46.88 -12.41
CA PHE B 776 17.79 -45.42 -12.37
C PHE B 776 19.12 -44.88 -12.87
N CYS B 777 20.18 -45.69 -12.84
CA CYS B 777 21.48 -45.24 -13.32
C CYS B 777 21.50 -45.14 -14.84
N CYS B 778 20.80 -46.04 -15.53
CA CYS B 778 20.83 -46.07 -16.99
C CYS B 778 19.96 -44.99 -17.62
N LEU B 779 19.07 -44.37 -16.83
CA LEU B 779 18.21 -43.30 -17.34
C LEU B 779 18.91 -41.96 -17.43
N ARG B 780 20.22 -41.91 -17.20
CA ARG B 780 20.97 -40.67 -17.14
C ARG B 780 21.96 -40.62 -18.30
N LEU B 781 22.05 -39.44 -18.92
CA LEU B 781 22.94 -39.25 -20.06
C LEU B 781 24.35 -38.83 -19.65
N ASP B 782 24.45 -37.79 -18.82
CA ASP B 782 25.76 -37.20 -18.51
C ASP B 782 26.65 -38.18 -17.75
N LYS B 783 26.08 -38.92 -16.80
CA LYS B 783 26.86 -39.84 -15.98
C LYS B 783 26.77 -41.26 -16.54
N GLY B 784 27.93 -41.92 -16.59
CA GLY B 784 28.01 -43.30 -17.03
C GLY B 784 27.89 -44.26 -15.86
N CYS B 785 27.52 -45.50 -16.19
CA CYS B 785 27.28 -46.50 -15.15
C CYS B 785 27.88 -47.85 -15.54
N LYS B 786 27.54 -48.90 -14.79
CA LYS B 786 28.10 -50.22 -15.05
C LYS B 786 27.69 -50.73 -16.43
N HIS B 787 26.42 -50.55 -16.81
CA HIS B 787 25.96 -51.07 -18.09
C HIS B 787 26.54 -50.28 -19.26
N ASN B 788 26.71 -48.97 -19.11
CA ASN B 788 27.26 -48.16 -20.18
C ASN B 788 28.00 -46.97 -19.58
N SER B 789 29.13 -46.62 -20.21
CA SER B 789 29.94 -45.50 -19.79
C SER B 789 29.74 -44.29 -20.68
N TYR B 790 28.69 -44.27 -21.48
CA TYR B 790 28.42 -43.13 -22.36
C TYR B 790 28.12 -41.88 -21.55
N GLU B 791 28.60 -40.74 -22.03
CA GLU B 791 28.45 -39.48 -21.31
C GLU B 791 27.62 -38.45 -22.06
N ASP B 792 27.24 -38.72 -23.31
CA ASP B 792 26.46 -37.78 -24.10
C ASP B 792 25.76 -38.55 -25.22
N ALA B 793 24.98 -37.82 -26.02
CA ALA B 793 24.19 -38.46 -27.07
C ALA B 793 25.03 -39.02 -28.20
N LYS B 794 26.22 -38.44 -28.45
CA LYS B 794 27.11 -39.00 -29.46
C LYS B 794 27.55 -40.42 -29.10
N ALA B 795 27.86 -40.65 -27.83
CA ALA B 795 28.34 -41.96 -27.43
C ALA B 795 27.24 -43.02 -27.52
N TYR B 796 25.97 -42.62 -27.39
CA TYR B 796 24.89 -43.58 -27.48
C TYR B 796 24.67 -44.08 -28.90
N GLY B 797 24.97 -43.25 -29.90
CA GLY B 797 24.80 -43.67 -31.29
C GLY B 797 23.36 -43.95 -31.67
N PHE B 798 22.46 -43.03 -31.35
CA PHE B 798 21.04 -43.23 -31.62
C PHE B 798 20.79 -43.37 -33.11
N LYS B 799 19.81 -44.18 -33.48
CA LYS B 799 19.51 -44.40 -34.89
C LYS B 799 18.48 -43.41 -35.43
N ASN B 800 17.69 -42.83 -34.54
CA ASN B 800 16.69 -41.86 -34.96
C ASN B 800 17.00 -40.50 -34.36
N LYS B 801 16.27 -39.48 -34.82
CA LYS B 801 16.43 -38.15 -34.28
C LYS B 801 15.85 -38.07 -32.87
N LEU B 802 16.44 -37.21 -32.05
CA LEU B 802 16.07 -37.10 -30.65
C LEU B 802 14.95 -36.10 -30.45
N ILE B 803 14.34 -36.15 -29.26
CA ILE B 803 13.37 -35.17 -28.81
C ILE B 803 13.82 -34.66 -27.45
N ILE B 804 14.14 -33.37 -27.38
CA ILE B 804 14.70 -32.77 -26.18
C ILE B 804 13.62 -31.93 -25.53
N VAL B 805 13.32 -32.23 -24.27
CA VAL B 805 12.31 -31.52 -23.50
C VAL B 805 13.03 -30.73 -22.41
N SER B 806 12.95 -29.41 -22.48
CA SER B 806 13.61 -28.53 -21.51
C SER B 806 12.60 -28.13 -20.44
N ALA B 807 12.39 -29.02 -19.49
CA ALA B 807 11.49 -28.79 -18.37
C ALA B 807 12.26 -28.30 -17.16
N GLU B 808 11.51 -27.80 -16.18
CA GLU B 808 12.10 -27.36 -14.92
C GLU B 808 12.10 -28.51 -13.92
N THR B 809 10.93 -29.03 -13.59
CA THR B 809 10.80 -30.18 -12.71
C THR B 809 10.05 -31.28 -13.45
N ALA B 810 10.40 -32.53 -13.13
CA ALA B 810 9.78 -33.69 -13.77
C ALA B 810 8.73 -34.25 -12.83
N GLY B 811 7.46 -34.06 -13.17
CA GLY B 811 6.35 -34.54 -12.38
C GLY B 811 5.41 -35.39 -13.23
N ASN B 812 4.13 -35.35 -12.85
CA ASN B 812 3.13 -36.11 -13.59
C ASN B 812 2.82 -35.50 -14.94
N GLY B 813 3.01 -34.19 -15.08
CA GLY B 813 2.78 -33.56 -16.37
C GLY B 813 3.75 -34.03 -17.44
N LEU B 814 5.04 -34.11 -17.10
CA LEU B 814 6.03 -34.59 -18.06
C LEU B 814 5.84 -36.06 -18.37
N TYR B 815 5.20 -36.81 -17.46
CA TYR B 815 4.86 -38.20 -17.76
C TYR B 815 3.89 -38.28 -18.92
N ASN B 816 2.94 -37.34 -18.99
CA ASN B 816 1.99 -37.30 -20.10
C ASN B 816 2.63 -36.89 -21.42
N PHE B 817 3.88 -36.45 -21.40
CA PHE B 817 4.61 -36.20 -22.64
C PHE B 817 5.12 -37.49 -23.26
N ILE B 818 5.51 -38.45 -22.42
CA ILE B 818 6.17 -39.65 -22.93
C ILE B 818 5.17 -40.70 -23.41
N VAL B 819 3.99 -40.78 -22.77
CA VAL B 819 3.04 -41.83 -23.11
C VAL B 819 2.56 -41.74 -24.56
N PRO B 820 2.16 -40.57 -25.09
CA PRO B 820 1.80 -40.52 -26.52
C PRO B 820 2.93 -40.91 -27.45
N LEU B 821 4.17 -40.58 -27.10
CA LEU B 821 5.31 -40.92 -27.95
C LEU B 821 5.64 -42.40 -27.92
N ARG B 822 5.22 -43.12 -26.86
CA ARG B 822 5.55 -44.52 -26.69
C ARG B 822 4.34 -45.43 -26.81
N ALA B 823 3.22 -44.94 -27.33
CA ALA B 823 2.02 -45.74 -27.44
C ALA B 823 2.22 -46.89 -28.44
N TYR B 824 1.41 -47.92 -28.29
CA TYR B 824 1.62 -49.14 -29.07
C TYR B 824 1.35 -48.93 -30.56
N TYR B 825 0.46 -47.99 -30.91
CA TYR B 825 0.17 -47.77 -32.32
C TYR B 825 1.23 -46.91 -33.00
N ARG B 826 2.13 -46.29 -32.25
CA ARG B 826 3.29 -45.65 -32.84
C ARG B 826 4.23 -46.69 -33.43
N SER B 827 4.98 -46.29 -34.44
CA SER B 827 5.92 -47.21 -35.08
C SER B 827 7.09 -47.53 -34.16
N ARG B 828 7.46 -48.81 -34.13
CA ARG B 828 8.58 -49.22 -33.29
C ARG B 828 9.91 -48.76 -33.86
N LYS B 829 10.03 -48.74 -35.19
CA LYS B 829 11.26 -48.30 -35.83
C LYS B 829 11.39 -46.79 -35.87
N GLU B 830 10.31 -46.06 -35.60
CA GLU B 830 10.31 -44.60 -35.60
C GLU B 830 10.26 -44.03 -34.18
N LEU B 831 10.59 -44.83 -33.18
CA LEU B 831 10.59 -44.35 -31.80
C LEU B 831 11.69 -43.31 -31.61
N ASN B 832 11.29 -42.09 -31.27
CA ASN B 832 12.23 -41.00 -31.07
C ASN B 832 12.77 -41.05 -29.64
N PRO B 833 14.09 -41.13 -29.44
CA PRO B 833 14.63 -41.04 -28.08
C PRO B 833 14.25 -39.72 -27.43
N ILE B 834 13.95 -39.77 -26.14
CA ILE B 834 13.48 -38.61 -25.39
C ILE B 834 14.55 -38.24 -24.37
N VAL B 835 15.02 -37.00 -24.42
CA VAL B 835 15.99 -36.47 -23.48
C VAL B 835 15.31 -35.37 -22.67
N LEU B 836 15.19 -35.59 -21.36
CA LEU B 836 14.58 -34.63 -20.46
C LEU B 836 15.67 -33.74 -19.89
N LEU B 837 15.72 -32.48 -20.34
CA LEU B 837 16.72 -31.53 -19.87
C LEU B 837 16.12 -30.76 -18.69
N LEU B 838 16.22 -31.36 -17.52
CA LEU B 838 15.71 -30.76 -16.29
C LEU B 838 16.80 -29.93 -15.63
N ASP B 839 16.38 -28.91 -14.87
CA ASP B 839 17.34 -28.17 -14.07
C ASP B 839 17.34 -28.61 -12.62
N ASN B 840 16.36 -29.41 -12.22
CA ASN B 840 16.32 -30.04 -10.91
C ASN B 840 16.43 -31.55 -11.08
N LYS B 841 17.13 -32.20 -10.16
CA LYS B 841 17.28 -33.65 -10.22
C LYS B 841 15.92 -34.30 -10.05
N PRO B 842 15.50 -35.19 -10.95
CA PRO B 842 14.18 -35.79 -10.86
C PRO B 842 14.03 -36.64 -9.59
N ASP B 843 12.84 -36.60 -9.02
CA ASP B 843 12.53 -37.42 -7.86
C ASP B 843 12.37 -38.87 -8.26
N HIS B 844 12.58 -39.77 -7.29
CA HIS B 844 12.52 -41.20 -7.57
C HIS B 844 11.12 -41.64 -8.00
N HIS B 845 10.09 -40.91 -7.55
CA HIS B 845 8.73 -41.25 -7.97
C HIS B 845 8.57 -41.09 -9.47
N PHE B 846 9.12 -40.02 -10.04
CA PHE B 846 9.04 -39.84 -11.49
C PHE B 846 9.80 -40.92 -12.24
N LEU B 847 11.02 -41.25 -11.77
CA LEU B 847 11.82 -42.26 -12.45
C LEU B 847 11.17 -43.64 -12.36
N GLU B 848 10.44 -43.92 -11.28
CA GLU B 848 9.71 -45.18 -11.18
C GLU B 848 8.63 -45.28 -12.25
N ALA B 849 8.10 -44.14 -12.70
CA ALA B 849 7.08 -44.15 -13.75
C ALA B 849 7.69 -44.37 -15.12
N ILE B 850 8.88 -43.79 -15.37
CA ILE B 850 9.46 -43.78 -16.71
C ILE B 850 10.56 -44.82 -16.90
N CYS B 851 10.92 -45.56 -15.85
CA CYS B 851 11.98 -46.55 -15.98
C CYS B 851 11.61 -47.72 -16.87
N CYS B 852 10.33 -47.88 -17.21
CA CYS B 852 9.89 -48.97 -18.08
C CYS B 852 9.87 -48.58 -19.55
N PHE B 853 9.87 -47.30 -19.87
CA PHE B 853 9.78 -46.86 -21.25
C PHE B 853 11.12 -47.01 -21.97
N PRO B 854 11.09 -47.37 -23.26
CA PRO B 854 12.34 -47.51 -24.02
C PRO B 854 12.89 -46.17 -24.46
N MET B 855 14.20 -45.99 -24.26
CA MET B 855 14.94 -44.82 -24.72
C MET B 855 14.35 -43.52 -24.17
N VAL B 856 14.35 -43.42 -22.84
CA VAL B 856 13.97 -42.20 -22.13
C VAL B 856 15.10 -41.85 -21.17
N TYR B 857 15.72 -40.69 -21.38
CA TYR B 857 16.87 -40.27 -20.60
C TYR B 857 16.66 -38.86 -20.09
N TYR B 858 17.45 -38.50 -19.07
CA TYR B 858 17.41 -37.15 -18.52
C TYR B 858 18.83 -36.67 -18.27
N MET B 859 18.98 -35.34 -18.21
CA MET B 859 20.27 -34.72 -17.93
C MET B 859 20.03 -33.35 -17.32
N GLU B 860 20.85 -32.97 -16.34
CA GLU B 860 20.75 -31.66 -15.73
C GLU B 860 21.14 -30.56 -16.72
N GLY B 861 20.36 -29.49 -16.74
CA GLY B 861 20.64 -28.36 -17.60
C GLY B 861 19.37 -27.60 -17.92
N SER B 862 19.49 -26.71 -18.88
CA SER B 862 18.36 -25.89 -19.32
C SER B 862 18.62 -25.41 -20.75
N VAL B 863 17.69 -24.61 -21.26
CA VAL B 863 17.81 -24.10 -22.63
C VAL B 863 18.67 -22.85 -22.70
N ASP B 864 18.98 -22.22 -21.57
CA ASP B 864 19.83 -21.04 -21.54
C ASP B 864 21.32 -21.39 -21.46
N ASN B 865 21.66 -22.68 -21.37
CA ASN B 865 23.03 -23.13 -21.30
C ASN B 865 23.33 -23.93 -22.56
N LEU B 866 24.22 -23.40 -23.40
CA LEU B 866 24.55 -24.06 -24.67
C LEU B 866 25.29 -25.37 -24.45
N ASP B 867 26.02 -25.49 -23.34
CA ASP B 867 26.81 -26.69 -23.11
C ASP B 867 25.93 -27.91 -22.89
N SER B 868 24.88 -27.77 -22.07
CA SER B 868 24.01 -28.90 -21.78
C SER B 868 23.29 -29.38 -23.03
N LEU B 869 22.80 -28.46 -23.86
CA LEU B 869 22.08 -28.83 -25.07
C LEU B 869 22.97 -29.55 -26.06
N LEU B 870 24.23 -29.13 -26.19
CA LEU B 870 25.15 -29.82 -27.07
C LEU B 870 25.43 -31.24 -26.59
N GLN B 871 25.47 -31.43 -25.26
CA GLN B 871 25.61 -32.79 -24.74
C GLN B 871 24.32 -33.57 -24.88
N CYS B 872 23.17 -32.89 -24.83
CA CYS B 872 21.89 -33.58 -24.99
C CYS B 872 21.75 -34.19 -26.38
N GLY B 873 22.38 -33.59 -27.38
CA GLY B 873 22.25 -34.07 -28.75
C GLY B 873 21.42 -33.15 -29.61
N ILE B 874 21.55 -31.84 -29.38
CA ILE B 874 20.75 -30.86 -30.11
C ILE B 874 21.15 -30.80 -31.58
N ILE B 875 22.31 -31.35 -31.93
CA ILE B 875 22.73 -31.37 -33.33
C ILE B 875 21.84 -32.29 -34.15
N TYR B 876 21.43 -33.42 -33.56
CA TYR B 876 20.67 -34.44 -34.25
C TYR B 876 19.29 -34.61 -33.60
N ALA B 877 18.69 -33.50 -33.19
CA ALA B 877 17.39 -33.50 -32.53
C ALA B 877 16.32 -33.03 -33.50
N ASP B 878 15.25 -33.81 -33.63
CA ASP B 878 14.15 -33.42 -34.49
C ASP B 878 13.37 -32.24 -33.91
N ASN B 879 13.18 -32.23 -32.60
CA ASN B 879 12.42 -31.17 -31.94
C ASN B 879 13.10 -30.79 -30.63
N LEU B 880 12.81 -29.57 -30.17
CA LEU B 880 13.26 -29.10 -28.86
C LEU B 880 12.06 -28.45 -28.20
N VAL B 881 11.48 -29.15 -27.23
CA VAL B 881 10.27 -28.68 -26.53
C VAL B 881 10.71 -27.90 -25.30
N VAL B 882 10.20 -26.69 -25.16
CA VAL B 882 10.53 -25.81 -24.04
C VAL B 882 9.26 -25.58 -23.24
N VAL B 883 9.28 -25.97 -21.96
CA VAL B 883 8.16 -25.79 -21.05
C VAL B 883 8.56 -25.14 -19.74
N ASP B 884 9.77 -24.61 -19.64
CA ASP B 884 10.27 -24.09 -18.37
C ASP B 884 9.44 -22.90 -17.90
N LYS B 885 9.22 -22.84 -16.59
CA LYS B 885 8.48 -21.74 -15.99
C LYS B 885 9.36 -20.51 -15.85
N GLU B 886 8.72 -19.36 -15.68
CA GLU B 886 9.43 -18.10 -15.54
C GLU B 886 8.62 -17.10 -14.72
N ALA B 891 5.74 -10.70 -11.48
CA ALA B 891 5.96 -9.50 -12.27
C ALA B 891 4.70 -8.66 -12.34
N GLU B 892 4.85 -7.34 -12.18
CA GLU B 892 3.69 -6.45 -12.26
C GLU B 892 3.25 -6.28 -13.70
N GLU B 893 4.17 -5.91 -14.59
CA GLU B 893 3.84 -5.83 -16.01
C GLU B 893 3.58 -7.24 -16.51
N ASP B 894 2.31 -7.54 -16.80
CA ASP B 894 1.86 -8.93 -16.90
C ASP B 894 2.44 -9.63 -18.12
N TYR B 895 2.53 -8.93 -19.25
CA TYR B 895 2.98 -9.58 -20.48
C TYR B 895 4.47 -9.90 -20.46
N MET B 896 5.22 -9.39 -19.48
CA MET B 896 6.63 -9.71 -19.32
C MET B 896 6.87 -11.09 -18.71
N ALA B 897 5.81 -11.87 -18.47
CA ALA B 897 5.98 -13.17 -17.84
C ALA B 897 6.79 -14.12 -18.73
N ASP B 898 6.60 -14.03 -20.04
CA ASP B 898 7.29 -14.90 -21.00
C ASP B 898 8.58 -14.27 -21.52
N ALA B 899 9.09 -13.22 -20.87
CA ALA B 899 10.27 -12.53 -21.37
C ALA B 899 11.48 -13.45 -21.40
N LYS B 900 11.68 -14.25 -20.35
CA LYS B 900 12.84 -15.13 -20.31
C LYS B 900 12.71 -16.26 -21.31
N THR B 901 11.52 -16.85 -21.41
CA THR B 901 11.32 -17.98 -22.32
C THR B 901 11.49 -17.56 -23.78
N ILE B 902 10.95 -16.40 -24.15
CA ILE B 902 11.03 -15.96 -25.54
C ILE B 902 12.47 -15.71 -25.96
N VAL B 903 13.25 -15.03 -25.11
CA VAL B 903 14.61 -14.68 -25.48
C VAL B 903 15.49 -15.94 -25.53
N ASN B 904 15.34 -16.83 -24.54
CA ASN B 904 16.14 -18.05 -24.52
C ASN B 904 15.84 -18.94 -25.71
N VAL B 905 14.57 -19.01 -26.13
CA VAL B 905 14.25 -19.72 -27.36
C VAL B 905 14.80 -18.98 -28.58
N GLN B 906 14.76 -17.64 -28.55
CA GLN B 906 15.28 -16.85 -29.66
C GLN B 906 16.77 -17.09 -29.89
N THR B 907 17.53 -17.26 -28.80
CA THR B 907 18.96 -17.51 -28.95
C THR B 907 19.21 -18.79 -29.73
N MET B 908 18.42 -19.84 -29.46
CA MET B 908 18.59 -21.08 -30.20
C MET B 908 18.03 -20.98 -31.62
N PHE B 909 17.09 -20.08 -31.86
CA PHE B 909 16.62 -19.85 -33.22
C PHE B 909 17.72 -19.23 -34.07
N ARG B 910 18.65 -18.51 -33.45
CA ARG B 910 19.78 -17.94 -34.18
C ARG B 910 20.94 -18.92 -34.27
N LEU B 911 21.23 -19.65 -33.18
CA LEU B 911 22.34 -20.59 -33.20
C LEU B 911 22.03 -21.81 -34.05
N PHE B 912 20.78 -22.29 -34.01
CA PHE B 912 20.35 -23.48 -34.74
C PHE B 912 19.14 -23.11 -35.59
N PRO B 913 19.36 -22.44 -36.72
CA PRO B 913 18.21 -22.02 -37.56
C PRO B 913 17.43 -23.19 -38.13
N SER B 914 18.02 -24.38 -38.23
CA SER B 914 17.32 -25.54 -38.75
C SER B 914 16.58 -26.34 -37.68
N LEU B 915 16.77 -26.00 -36.41
CA LEU B 915 16.12 -26.74 -35.34
C LEU B 915 14.65 -26.37 -35.23
N SER B 916 13.82 -27.37 -34.95
CA SER B 916 12.38 -27.18 -34.78
C SER B 916 12.10 -27.06 -33.29
N ILE B 917 11.74 -25.85 -32.84
CA ILE B 917 11.50 -25.58 -31.43
C ILE B 917 9.99 -25.44 -31.21
N THR B 918 9.48 -26.15 -30.22
CA THR B 918 8.09 -26.04 -29.81
C THR B 918 8.04 -25.44 -28.40
N THR B 919 7.19 -24.43 -28.22
CA THR B 919 7.17 -23.65 -26.99
C THR B 919 5.74 -23.43 -26.53
N GLU B 920 5.59 -23.23 -25.23
CA GLU B 920 4.32 -22.86 -24.61
C GLU B 920 4.48 -21.51 -23.94
N LEU B 921 3.51 -20.62 -24.17
CA LEU B 921 3.54 -19.27 -23.65
C LEU B 921 2.27 -18.98 -22.86
N THR B 922 2.41 -18.16 -21.82
CA THR B 922 1.27 -17.85 -20.95
C THR B 922 0.24 -17.02 -21.69
N HIS B 923 0.67 -16.03 -22.45
CA HIS B 923 -0.23 -15.10 -23.12
C HIS B 923 -0.15 -15.28 -24.62
N PRO B 924 -1.27 -15.49 -25.32
CA PRO B 924 -1.21 -15.70 -26.77
C PRO B 924 -0.70 -14.51 -27.55
N SER B 925 -0.76 -13.29 -26.99
CA SER B 925 -0.25 -12.13 -27.70
C SER B 925 1.27 -12.14 -27.81
N ASN B 926 1.95 -13.00 -27.06
CA ASN B 926 3.40 -13.14 -27.14
C ASN B 926 3.83 -14.11 -28.23
N MET B 927 2.89 -14.73 -28.95
CA MET B 927 3.25 -15.68 -30.00
C MET B 927 4.01 -15.02 -31.14
N ARG B 928 3.84 -13.72 -31.34
CA ARG B 928 4.57 -13.01 -32.38
C ARG B 928 6.07 -12.98 -32.13
N PHE B 929 6.49 -13.15 -30.88
CA PHE B 929 7.89 -13.00 -30.50
C PHE B 929 8.68 -14.30 -30.56
N MET B 930 8.05 -15.42 -30.95
CA MET B 930 8.71 -16.71 -30.86
C MET B 930 9.93 -16.78 -31.76
N GLN B 931 9.77 -16.47 -33.05
CA GLN B 931 10.86 -16.46 -34.02
C GLN B 931 10.82 -15.10 -34.69
N PHE B 932 11.45 -14.13 -34.05
CA PHE B 932 11.32 -12.73 -34.43
C PHE B 932 12.39 -12.38 -35.45
N ARG B 933 11.95 -11.98 -36.65
CA ARG B 933 12.83 -11.48 -37.70
C ARG B 933 12.50 -10.00 -37.87
N ALA B 934 13.29 -9.15 -37.21
CA ALA B 934 12.99 -7.72 -37.23
C ALA B 934 13.24 -7.11 -38.61
N LYS B 935 14.24 -7.61 -39.32
CA LYS B 935 14.52 -7.14 -40.68
C LYS B 935 13.79 -8.00 -41.71
N ASP B 936 12.48 -8.16 -41.52
CA ASP B 936 11.64 -8.96 -42.40
C ASP B 936 10.42 -8.16 -42.80
N SER B 937 10.21 -8.00 -44.10
CA SER B 937 9.05 -7.24 -44.57
C SER B 937 7.76 -8.04 -44.41
N TYR B 938 7.81 -9.34 -44.70
CA TYR B 938 6.58 -10.15 -44.70
C TYR B 938 6.06 -10.35 -43.28
N SER B 939 6.94 -10.69 -42.34
CA SER B 939 6.48 -10.99 -40.98
C SER B 939 5.88 -9.77 -40.32
N LEU B 940 6.50 -8.60 -40.49
CA LEU B 940 5.94 -7.37 -39.95
C LEU B 940 4.69 -6.93 -40.68
N ALA B 941 4.51 -7.37 -41.93
CA ALA B 941 3.26 -7.09 -42.64
C ALA B 941 2.09 -7.84 -42.02
N LEU B 942 2.34 -9.02 -41.46
CA LEU B 942 1.29 -9.77 -40.78
C LEU B 942 0.76 -9.04 -39.56
N SER B 943 1.55 -8.13 -38.99
CA SER B 943 1.07 -7.35 -37.85
C SER B 943 -0.11 -6.48 -38.23
N LYS B 944 -0.04 -5.85 -39.41
CA LYS B 944 -1.16 -5.04 -39.88
C LYS B 944 -2.41 -5.89 -40.11
N LEU B 945 -2.23 -7.08 -40.69
CA LEU B 945 -3.36 -7.98 -40.89
C LEU B 945 -3.98 -8.38 -39.56
N GLU B 946 -3.17 -8.58 -38.53
CA GLU B 946 -3.70 -8.90 -37.21
C GLU B 946 -4.49 -7.74 -36.62
N LYS B 947 -4.09 -6.50 -36.90
CA LYS B 947 -4.83 -5.34 -36.41
C LYS B 947 -6.23 -5.29 -37.00
N ARG B 948 -6.36 -5.63 -38.29
CA ARG B 948 -7.68 -5.62 -38.93
C ARG B 948 -8.61 -6.64 -38.28
N GLU B 949 -8.10 -7.83 -37.99
CA GLU B 949 -8.92 -8.84 -37.32
C GLU B 949 -9.33 -8.37 -35.92
N ARG B 950 -8.42 -7.72 -35.20
CA ARG B 950 -8.77 -7.15 -33.91
C ARG B 950 -9.85 -6.07 -34.07
N GLU B 951 -9.76 -5.27 -35.14
CA GLU B 951 -10.80 -4.28 -35.40
C GLU B 951 -12.12 -4.94 -35.75
N ASN B 952 -12.08 -6.07 -36.47
CA ASN B 952 -13.29 -6.80 -36.84
C ASN B 952 -13.84 -7.66 -35.72
N GLY B 953 -13.33 -7.50 -34.49
CA GLY B 953 -13.82 -8.29 -33.37
C GLY B 953 -13.53 -9.76 -33.46
N SER B 954 -12.34 -10.13 -33.92
CA SER B 954 -11.97 -11.53 -34.05
C SER B 954 -11.12 -11.94 -32.84
N ASN B 955 -11.55 -13.01 -32.15
CA ASN B 955 -10.75 -13.53 -31.05
C ASN B 955 -9.53 -14.31 -31.53
N LEU B 956 -9.52 -14.74 -32.79
CA LEU B 956 -8.38 -15.43 -33.37
C LEU B 956 -7.50 -14.44 -34.12
N ALA B 957 -7.03 -13.44 -33.38
CA ALA B 957 -6.14 -12.43 -33.95
C ALA B 957 -4.72 -12.97 -34.13
N PHE B 958 -4.22 -13.71 -33.15
CA PHE B 958 -2.89 -14.32 -33.22
C PHE B 958 -2.80 -15.38 -34.31
N MET B 959 -3.90 -15.59 -35.05
CA MET B 959 -4.03 -16.72 -35.96
C MET B 959 -2.97 -16.72 -37.05
N PHE B 960 -2.65 -15.55 -37.60
CA PHE B 960 -1.87 -15.45 -38.82
C PHE B 960 -0.37 -15.34 -38.57
N ARG B 961 0.07 -15.43 -37.33
CA ARG B 961 1.51 -15.45 -37.04
C ARG B 961 2.14 -16.73 -37.56
N LEU B 962 3.34 -16.60 -38.12
CA LEU B 962 4.05 -17.76 -38.66
C LEU B 962 4.33 -18.83 -37.63
N PRO B 963 4.82 -18.54 -36.42
CA PRO B 963 5.10 -19.64 -35.48
C PRO B 963 3.85 -20.40 -35.06
N PHE B 964 2.78 -19.71 -34.69
CA PHE B 964 1.57 -20.39 -34.23
C PHE B 964 0.94 -21.21 -35.36
N ALA B 965 0.91 -20.64 -36.57
CA ALA B 965 0.32 -21.37 -37.70
C ALA B 965 1.10 -22.63 -38.03
N ALA B 966 2.42 -22.59 -37.84
CA ALA B 966 3.26 -23.77 -38.08
C ALA B 966 3.27 -24.74 -36.91
N GLY B 967 2.65 -24.38 -35.78
CA GLY B 967 2.63 -25.23 -34.61
C GLY B 967 3.78 -25.04 -33.67
N ARG B 968 4.62 -24.01 -33.88
CA ARG B 968 5.78 -23.81 -33.01
C ARG B 968 5.37 -23.36 -31.60
N VAL B 969 4.28 -22.60 -31.47
CA VAL B 969 3.85 -22.09 -30.18
C VAL B 969 2.33 -22.20 -30.06
N PHE B 970 1.90 -22.59 -28.86
CA PHE B 970 0.52 -22.49 -28.47
C PHE B 970 0.48 -21.95 -27.04
N SER B 971 -0.59 -21.24 -26.72
CA SER B 971 -0.80 -20.73 -25.38
C SER B 971 -1.79 -21.62 -24.66
N ILE B 972 -1.58 -21.82 -23.36
CA ILE B 972 -2.43 -22.70 -22.57
C ILE B 972 -3.72 -21.96 -22.25
N SER B 973 -3.81 -20.70 -22.68
CA SER B 973 -5.07 -19.97 -22.59
C SER B 973 -6.14 -20.61 -23.47
N MET B 974 -5.75 -21.43 -24.43
CA MET B 974 -6.72 -22.21 -25.20
C MET B 974 -7.48 -23.20 -24.34
N LEU B 975 -6.90 -23.64 -23.22
CA LEU B 975 -7.63 -24.53 -22.32
C LEU B 975 -8.70 -23.78 -21.55
N ASP B 976 -8.54 -22.46 -21.40
CA ASP B 976 -9.63 -21.65 -20.86
C ASP B 976 -10.84 -21.70 -21.78
N THR B 977 -10.61 -21.55 -23.08
CA THR B 977 -11.70 -21.56 -24.05
C THR B 977 -12.36 -22.93 -24.15
N LEU B 978 -11.58 -24.00 -23.98
CA LEU B 978 -12.15 -25.34 -24.01
C LEU B 978 -13.10 -25.57 -22.84
N LEU B 979 -12.89 -24.89 -21.72
CA LEU B 979 -13.79 -25.03 -20.59
C LEU B 979 -15.05 -24.18 -20.75
N TYR B 980 -14.91 -22.96 -21.27
CA TYR B 980 -16.09 -22.12 -21.49
C TYR B 980 -16.97 -22.67 -22.59
N GLN B 981 -16.36 -23.29 -23.61
CA GLN B 981 -17.13 -23.93 -24.67
C GLN B 981 -17.93 -25.10 -24.13
N SER B 982 -17.44 -25.75 -23.08
CA SER B 982 -18.12 -26.91 -22.52
C SER B 982 -19.48 -26.55 -21.93
N PHE B 983 -19.72 -25.26 -21.64
CA PHE B 983 -21.05 -24.84 -21.23
C PHE B 983 -22.07 -25.05 -22.35
N VAL B 984 -21.66 -24.91 -23.60
CA VAL B 984 -22.54 -25.11 -24.74
C VAL B 984 -22.26 -26.41 -25.48
N LYS B 985 -21.04 -26.94 -25.39
CA LYS B 985 -20.67 -28.20 -26.01
C LYS B 985 -20.05 -29.09 -24.93
N ASP B 986 -20.90 -29.87 -24.25
CA ASP B 986 -20.44 -30.73 -23.16
C ASP B 986 -19.53 -31.85 -23.65
N TYR B 987 -19.46 -32.09 -24.94
CA TYR B 987 -18.61 -33.13 -25.52
C TYR B 987 -17.21 -32.64 -25.85
N MET B 988 -16.96 -31.34 -25.77
CA MET B 988 -15.73 -30.78 -26.29
C MET B 988 -14.51 -31.31 -25.55
N ILE B 989 -14.60 -31.40 -24.22
CA ILE B 989 -13.47 -31.91 -23.43
C ILE B 989 -13.18 -33.36 -23.79
N THR B 990 -14.22 -34.19 -23.87
CA THR B 990 -14.01 -35.59 -24.20
C THR B 990 -13.46 -35.75 -25.61
N ILE B 991 -13.96 -34.96 -26.55
CA ILE B 991 -13.49 -35.05 -27.93
C ILE B 991 -12.01 -34.69 -28.03
N THR B 992 -11.60 -33.62 -27.35
CA THR B 992 -10.20 -33.20 -27.41
C THR B 992 -9.28 -34.24 -26.76
N ARG B 993 -9.68 -34.78 -25.61
CA ARG B 993 -8.85 -35.78 -24.94
C ARG B 993 -8.71 -37.04 -25.78
N LEU B 994 -9.77 -37.45 -26.48
CA LEU B 994 -9.68 -38.61 -27.34
C LEU B 994 -8.69 -38.39 -28.47
N LEU B 995 -8.61 -37.17 -28.99
CA LEU B 995 -7.60 -36.86 -30.00
C LEU B 995 -6.20 -36.91 -29.41
N LEU B 996 -6.01 -36.29 -28.23
CA LEU B 996 -4.71 -36.29 -27.57
C LEU B 996 -4.36 -37.64 -26.96
N GLY B 997 -5.32 -38.56 -26.86
CA GLY B 997 -5.08 -39.84 -26.22
C GLY B 997 -5.08 -39.80 -24.71
N LEU B 998 -5.50 -38.69 -24.10
CA LEU B 998 -5.52 -38.59 -22.65
C LEU B 998 -6.54 -39.52 -22.02
N ASP B 999 -7.54 -39.97 -22.78
CA ASP B 999 -8.44 -41.03 -22.35
C ASP B 999 -8.59 -42.03 -23.49
N THR B 1000 -8.41 -43.31 -23.18
CA THR B 1000 -8.40 -44.37 -24.18
C THR B 1000 -9.66 -45.21 -24.03
N THR B 1001 -10.72 -44.78 -24.72
CA THR B 1001 -11.94 -45.57 -24.76
C THR B 1001 -11.75 -46.73 -25.74
N PRO B 1002 -12.02 -47.97 -25.33
CA PRO B 1002 -11.90 -49.10 -26.27
C PRO B 1002 -12.79 -48.91 -27.48
N GLY B 1003 -12.24 -49.21 -28.65
CA GLY B 1003 -12.95 -49.01 -29.90
C GLY B 1003 -12.89 -47.61 -30.46
N SER B 1004 -12.10 -46.72 -29.87
CA SER B 1004 -11.98 -45.34 -30.33
C SER B 1004 -10.63 -45.14 -31.01
N GLY B 1005 -10.61 -44.27 -32.01
CA GLY B 1005 -9.41 -44.06 -32.81
C GLY B 1005 -8.43 -43.11 -32.16
N TYR B 1006 -7.34 -42.89 -32.88
CA TYR B 1006 -6.26 -42.02 -32.43
C TYR B 1006 -5.82 -41.10 -33.57
N LEU B 1007 -5.27 -39.96 -33.20
CA LEU B 1007 -4.81 -38.97 -34.18
C LEU B 1007 -3.48 -39.40 -34.76
N CYS B 1008 -3.46 -39.70 -36.05
CA CYS B 1008 -2.25 -40.08 -36.77
C CYS B 1008 -1.89 -38.99 -37.76
N ALA B 1009 -0.82 -39.24 -38.52
CA ALA B 1009 -0.37 -38.29 -39.54
C ALA B 1009 0.31 -39.06 -40.65
N MET B 1010 0.04 -38.67 -41.89
CA MET B 1010 0.65 -39.26 -43.07
C MET B 1010 1.21 -38.16 -43.97
N LYS B 1011 2.31 -38.47 -44.62
CA LYS B 1011 3.02 -37.50 -45.45
C LYS B 1011 2.80 -37.82 -46.92
N ILE B 1012 2.35 -36.81 -47.67
CA ILE B 1012 2.13 -36.96 -49.11
C ILE B 1012 3.43 -36.65 -49.83
N THR B 1013 3.99 -37.65 -50.50
CA THR B 1013 5.18 -37.50 -51.31
C THR B 1013 4.79 -37.44 -52.78
N GLU B 1014 5.80 -37.43 -53.66
CA GLU B 1014 5.52 -37.44 -55.10
C GLU B 1014 4.85 -38.74 -55.53
N GLY B 1015 5.03 -39.82 -54.78
CA GLY B 1015 4.35 -41.07 -55.08
C GLY B 1015 2.85 -41.02 -54.86
N ASP B 1016 2.37 -40.02 -54.13
CA ASP B 1016 0.94 -39.84 -53.89
C ASP B 1016 0.37 -38.65 -54.66
N LEU B 1017 1.15 -38.05 -55.55
CA LEU B 1017 0.67 -36.89 -56.29
C LEU B 1017 -0.34 -37.26 -57.36
N TRP B 1018 -0.46 -38.55 -57.72
CA TRP B 1018 -1.49 -38.96 -58.65
C TRP B 1018 -2.88 -38.74 -58.08
N ILE B 1019 -3.00 -38.65 -56.76
CA ILE B 1019 -4.24 -38.21 -56.12
C ILE B 1019 -4.27 -36.68 -56.20
N ARG B 1020 -5.13 -36.15 -57.07
CA ARG B 1020 -5.09 -34.72 -57.36
C ARG B 1020 -5.57 -33.89 -56.18
N THR B 1021 -6.66 -34.29 -55.54
CA THR B 1021 -7.35 -33.44 -54.57
C THR B 1021 -7.50 -34.14 -53.23
N TYR B 1022 -7.92 -33.34 -52.24
CA TYR B 1022 -8.16 -33.85 -50.90
C TYR B 1022 -9.34 -34.82 -50.88
N GLY B 1023 -10.36 -34.56 -51.70
CA GLY B 1023 -11.50 -35.46 -51.74
C GLY B 1023 -11.14 -36.85 -52.25
N ARG B 1024 -10.29 -36.92 -53.27
CA ARG B 1024 -9.86 -38.22 -53.78
C ARG B 1024 -9.03 -38.98 -52.75
N LEU B 1025 -8.18 -38.27 -52.00
CA LEU B 1025 -7.45 -38.92 -50.91
C LEU B 1025 -8.39 -39.43 -49.84
N PHE B 1026 -9.44 -38.66 -49.54
CA PHE B 1026 -10.46 -39.12 -48.60
C PHE B 1026 -11.05 -40.45 -49.03
N GLN B 1027 -11.40 -40.57 -50.31
CA GLN B 1027 -11.97 -41.82 -50.81
C GLN B 1027 -10.99 -42.97 -50.69
N LYS B 1028 -9.72 -42.72 -50.99
CA LYS B 1028 -8.71 -43.78 -50.95
C LYS B 1028 -8.56 -44.35 -49.54
N LEU B 1029 -8.52 -43.47 -48.54
CA LEU B 1029 -8.27 -43.92 -47.17
C LEU B 1029 -9.46 -44.69 -46.60
N CYS B 1030 -10.68 -44.16 -46.77
CA CYS B 1030 -11.85 -44.79 -46.17
C CYS B 1030 -12.30 -46.03 -46.92
N SER B 1031 -11.83 -46.25 -48.15
CA SER B 1031 -12.15 -47.46 -48.89
C SER B 1031 -11.14 -48.56 -48.67
N SER B 1032 -9.93 -48.24 -48.22
CA SER B 1032 -8.89 -49.23 -47.98
C SER B 1032 -8.48 -49.30 -46.51
N SER B 1033 -8.07 -48.17 -45.92
CA SER B 1033 -7.54 -48.14 -44.57
C SER B 1033 -8.54 -47.61 -43.55
N ALA B 1034 -9.71 -47.15 -43.98
CA ALA B 1034 -10.78 -46.69 -43.09
C ALA B 1034 -10.33 -45.53 -42.19
N GLU B 1035 -9.45 -44.67 -42.69
CA GLU B 1035 -9.03 -43.49 -41.96
C GLU B 1035 -9.85 -42.28 -42.38
N ILE B 1036 -10.13 -41.41 -41.42
CA ILE B 1036 -10.88 -40.19 -41.68
C ILE B 1036 -9.94 -39.01 -41.52
N PRO B 1037 -9.65 -38.27 -42.60
CA PRO B 1037 -8.71 -37.14 -42.50
C PRO B 1037 -9.40 -35.90 -41.96
N ILE B 1038 -8.76 -35.27 -40.97
CA ILE B 1038 -9.26 -33.99 -40.46
C ILE B 1038 -8.78 -32.83 -41.34
N GLY B 1039 -7.46 -32.64 -41.43
CA GLY B 1039 -6.92 -31.50 -42.13
C GLY B 1039 -5.63 -31.75 -42.87
N ILE B 1040 -5.02 -30.67 -43.35
CA ILE B 1040 -3.79 -30.73 -44.13
C ILE B 1040 -2.77 -29.78 -43.52
N TYR B 1041 -1.56 -30.27 -43.32
CA TYR B 1041 -0.42 -29.44 -42.93
C TYR B 1041 0.33 -29.07 -44.20
N ARG B 1042 0.09 -27.87 -44.70
CA ARG B 1042 0.62 -27.42 -45.98
C ARG B 1042 1.83 -26.52 -45.76
N THR B 1043 2.92 -26.80 -46.46
CA THR B 1043 4.16 -26.04 -46.35
C THR B 1043 4.53 -25.50 -47.72
N GLU B 1044 4.93 -24.22 -47.74
CA GLU B 1044 5.31 -23.53 -48.97
C GLU B 1044 6.76 -23.06 -48.87
N SER B 1045 7.26 -22.52 -49.98
CA SER B 1045 8.59 -21.93 -50.02
C SER B 1045 8.48 -20.43 -49.89
N HIS B 1046 9.04 -19.87 -48.81
CA HIS B 1046 8.85 -18.47 -48.45
C HIS B 1046 10.20 -17.84 -48.08
N VAL B 1047 11.17 -17.95 -48.99
CA VAL B 1047 12.51 -17.40 -48.80
C VAL B 1047 12.45 -16.01 -48.17
N PHE B 1048 13.18 -15.83 -47.07
CA PHE B 1048 13.11 -14.60 -46.29
C PHE B 1048 14.17 -13.60 -46.72
N ALA B 1128 57.20 -9.77 -42.84
CA ALA B 1128 56.17 -10.13 -43.81
C ALA B 1128 54.96 -10.75 -43.11
N ALA B 1129 55.09 -10.98 -41.80
CA ALA B 1129 53.99 -11.54 -41.02
C ALA B 1129 52.84 -10.57 -40.87
N ALA B 1130 53.07 -9.26 -41.07
CA ALA B 1130 51.99 -8.29 -40.94
C ALA B 1130 50.92 -8.50 -42.01
N GLU B 1131 51.32 -8.94 -43.20
CA GLU B 1131 50.34 -9.18 -44.26
C GLU B 1131 49.34 -10.27 -43.85
N TRP B 1132 49.83 -11.36 -43.27
CA TRP B 1132 48.92 -12.38 -42.74
C TRP B 1132 48.12 -11.82 -41.56
N ILE B 1133 48.76 -11.00 -40.72
CA ILE B 1133 48.03 -10.36 -39.63
C ILE B 1133 46.95 -9.44 -40.19
N SER B 1134 47.27 -8.68 -41.23
CA SER B 1134 46.26 -7.82 -41.86
C SER B 1134 45.27 -8.63 -42.68
N GLN B 1135 45.67 -9.81 -43.16
CA GLN B 1135 44.76 -10.65 -43.94
C GLN B 1135 43.58 -11.10 -43.10
N GLN B 1136 43.84 -11.63 -41.90
CA GLN B 1136 42.76 -12.05 -41.03
C GLN B 1136 41.97 -10.86 -40.48
N ARG B 1137 42.60 -9.68 -40.40
CA ARG B 1137 41.92 -8.52 -39.86
C ARG B 1137 40.74 -8.11 -40.74
N LEU B 1138 40.94 -8.10 -42.06
CA LEU B 1138 39.86 -7.76 -42.97
C LEU B 1138 38.80 -8.85 -43.05
N SER B 1139 39.19 -10.11 -42.86
CA SER B 1139 38.24 -11.21 -42.90
C SER B 1139 37.29 -11.16 -41.71
N LEU B 1140 37.82 -10.89 -40.51
CA LEU B 1140 36.98 -10.82 -39.32
C LEU B 1140 36.05 -9.62 -39.36
N TYR B 1141 36.49 -8.51 -39.97
CA TYR B 1141 35.65 -7.33 -40.07
C TYR B 1141 34.44 -7.60 -40.95
N ARG B 1142 34.62 -8.30 -42.07
CA ARG B 1142 33.54 -8.54 -43.02
C ARG B 1142 32.77 -9.82 -42.73
N ARG B 1143 33.17 -10.60 -41.74
CA ARG B 1143 32.45 -11.84 -41.46
C ARG B 1143 31.08 -11.53 -40.88
N SER B 1144 30.08 -12.31 -41.30
CA SER B 1144 28.70 -12.02 -40.98
C SER B 1144 28.37 -12.48 -39.56
N GLU B 1145 27.18 -12.09 -39.08
CA GLU B 1145 26.71 -12.55 -37.79
C GLU B 1145 26.42 -14.05 -37.80
N ARG B 1146 26.01 -14.58 -38.96
CA ARG B 1146 25.83 -16.02 -39.08
C ARG B 1146 27.14 -16.76 -38.87
N GLN B 1147 28.23 -16.25 -39.44
CA GLN B 1147 29.54 -16.85 -39.17
C GLN B 1147 29.92 -16.70 -37.71
N GLU B 1148 29.62 -15.55 -37.10
CA GLU B 1148 29.88 -15.38 -35.68
C GLU B 1148 29.05 -16.33 -34.83
N LEU B 1149 27.77 -16.51 -35.18
CA LEU B 1149 26.94 -17.47 -34.47
C LEU B 1149 27.41 -18.91 -34.71
N SER B 1150 27.79 -19.23 -35.95
CA SER B 1150 28.22 -20.59 -36.27
C SER B 1150 29.53 -20.92 -35.56
N GLU B 1151 30.48 -19.98 -35.51
CA GLU B 1151 31.76 -20.27 -34.88
C GLU B 1151 31.63 -20.39 -33.36
N LEU B 1152 30.66 -19.68 -32.77
CA LEU B 1152 30.45 -19.78 -31.32
C LEU B 1152 30.07 -21.20 -30.92
N VAL B 1153 29.15 -21.82 -31.66
CA VAL B 1153 28.75 -23.19 -31.35
C VAL B 1153 29.92 -24.15 -31.56
N LYS B 1154 30.56 -24.07 -32.73
CA LYS B 1154 31.64 -25.01 -33.04
C LYS B 1154 32.79 -24.90 -32.05
N ASN B 1155 33.00 -23.71 -31.48
CA ASN B 1155 34.02 -23.57 -30.44
C ASN B 1155 33.64 -24.38 -29.21
N ARG B 1156 32.34 -24.46 -28.90
CA ARG B 1156 31.90 -25.22 -27.73
C ARG B 1156 31.92 -26.72 -28.01
N MET B 1157 31.56 -27.13 -29.24
CA MET B 1157 31.57 -28.55 -29.55
C MET B 1157 32.98 -29.14 -29.48
N LYS B 1158 33.96 -28.41 -30.00
CA LYS B 1158 35.34 -28.87 -29.87
C LYS B 1158 35.87 -28.67 -28.45
N HIS B 1159 35.26 -27.79 -27.67
CA HIS B 1159 35.58 -27.71 -26.25
C HIS B 1159 35.07 -28.95 -25.52
N LEU B 1160 33.82 -29.34 -25.77
CA LEU B 1160 33.26 -30.52 -25.12
C LEU B 1160 33.82 -31.80 -25.73
N GLY B 1161 34.10 -31.79 -27.03
CA GLY B 1161 34.64 -32.95 -27.72
C GLY B 1161 33.78 -33.47 -28.85
N LEU B 1162 32.64 -32.85 -29.16
CA LEU B 1162 31.80 -33.32 -30.24
C LEU B 1162 32.46 -33.01 -31.59
N PRO B 1163 32.17 -33.83 -32.62
CA PRO B 1163 32.73 -33.54 -33.95
C PRO B 1163 32.07 -32.31 -34.54
N THR B 1164 32.89 -31.37 -35.02
CA THR B 1164 32.37 -30.15 -35.61
C THR B 1164 31.51 -30.45 -36.83
N THR B 1165 31.96 -31.37 -37.67
CA THR B 1165 31.13 -31.84 -38.79
C THR B 1165 29.87 -32.50 -38.24
N GLY B 1166 28.72 -32.15 -38.81
CA GLY B 1166 27.41 -32.53 -38.31
C GLY B 1166 26.54 -31.35 -37.94
N TYR B 1167 27.16 -30.26 -37.46
CA TYR B 1167 26.45 -29.01 -37.27
C TYR B 1167 25.91 -28.45 -38.58
N ASP B 1168 26.50 -28.85 -39.71
CA ASP B 1168 26.05 -28.39 -41.03
C ASP B 1168 24.66 -28.94 -41.34
N HIS B 1173 17.85 -20.21 -43.15
CA HIS B 1173 17.95 -21.63 -43.38
C HIS B 1173 16.56 -22.21 -43.64
N GLN B 1174 15.69 -22.15 -42.65
CA GLN B 1174 14.32 -22.65 -42.78
C GLN B 1174 13.56 -21.68 -43.67
N ASN B 1175 13.61 -21.93 -44.98
CA ASN B 1175 12.93 -21.08 -45.96
C ASN B 1175 11.57 -21.67 -46.32
N THR B 1176 10.75 -21.87 -45.28
CA THR B 1176 9.45 -22.51 -45.43
C THR B 1176 8.39 -21.74 -44.66
N LEU B 1177 7.15 -21.89 -45.11
CA LEU B 1177 6.00 -21.30 -44.45
C LEU B 1177 4.90 -22.35 -44.40
N SER B 1178 4.40 -22.64 -43.20
CA SER B 1178 3.46 -23.73 -42.98
C SER B 1178 2.20 -23.22 -42.29
N TYR B 1179 1.10 -23.94 -42.51
CA TYR B 1179 -0.18 -23.60 -41.91
C TYR B 1179 -1.08 -24.83 -41.91
N VAL B 1180 -2.17 -24.75 -41.15
CA VAL B 1180 -3.07 -25.87 -40.93
C VAL B 1180 -4.39 -25.57 -41.64
N LEU B 1181 -4.92 -26.54 -42.37
CA LEU B 1181 -6.17 -26.41 -43.10
C LEU B 1181 -7.18 -27.41 -42.54
N ILE B 1182 -7.96 -26.98 -41.55
CA ILE B 1182 -8.92 -27.86 -40.90
C ILE B 1182 -10.10 -28.11 -41.83
N ASN B 1183 -10.38 -29.38 -42.11
CA ASN B 1183 -11.50 -29.79 -42.94
C ASN B 1183 -11.57 -29.01 -44.26
N PRO B 1184 -10.57 -29.13 -45.11
CA PRO B 1184 -10.60 -28.41 -46.39
C PRO B 1184 -11.65 -29.01 -47.31
N PRO B 1185 -12.15 -28.24 -48.27
CA PRO B 1185 -13.12 -28.77 -49.23
C PRO B 1185 -12.56 -29.95 -49.99
N PRO B 1186 -13.42 -30.81 -50.55
CA PRO B 1186 -12.91 -32.01 -51.26
C PRO B 1186 -12.30 -31.69 -52.61
N ASP B 1187 -12.09 -30.41 -52.90
CA ASP B 1187 -11.56 -29.99 -54.19
C ASP B 1187 -10.17 -29.35 -54.10
N THR B 1188 -9.62 -29.16 -52.91
CA THR B 1188 -8.31 -28.56 -52.79
C THR B 1188 -7.23 -29.50 -53.31
N ARG B 1189 -6.34 -28.98 -54.15
CA ARG B 1189 -5.27 -29.78 -54.71
C ARG B 1189 -4.28 -30.19 -53.62
N LEU B 1190 -3.67 -31.36 -53.79
CA LEU B 1190 -2.73 -31.90 -52.83
C LEU B 1190 -1.31 -31.59 -53.28
N GLU B 1191 -0.74 -30.52 -52.74
CA GLU B 1191 0.64 -30.18 -53.01
C GLU B 1191 1.58 -31.18 -52.34
N PRO B 1192 2.80 -31.31 -52.84
CA PRO B 1192 3.78 -32.18 -52.17
C PRO B 1192 4.17 -31.61 -50.81
N SER B 1193 4.75 -32.48 -49.99
CA SER B 1193 5.18 -32.17 -48.62
C SER B 1193 4.01 -31.77 -47.73
N ASP B 1194 2.80 -32.22 -48.05
CA ASP B 1194 1.62 -31.95 -47.24
C ASP B 1194 1.36 -33.11 -46.29
N ILE B 1195 1.26 -32.82 -45.00
CA ILE B 1195 0.98 -33.81 -43.98
C ILE B 1195 -0.51 -33.77 -43.68
N VAL B 1196 -1.16 -34.93 -43.74
CA VAL B 1196 -2.59 -35.04 -43.52
C VAL B 1196 -2.83 -35.63 -42.14
N TYR B 1197 -3.66 -34.96 -41.34
CA TYR B 1197 -4.03 -35.47 -40.03
C TYR B 1197 -5.12 -36.53 -40.18
N LEU B 1198 -4.96 -37.65 -39.50
CA LEU B 1198 -5.83 -38.80 -39.67
C LEU B 1198 -6.35 -39.27 -38.32
N ILE B 1199 -7.61 -39.71 -38.31
CA ILE B 1199 -8.16 -40.42 -37.16
C ILE B 1199 -8.27 -41.89 -37.55
N ARG B 1200 -7.22 -42.66 -37.27
CA ARG B 1200 -7.20 -44.06 -37.65
C ARG B 1200 -7.90 -44.90 -36.59
N SER B 1201 -8.70 -45.86 -37.05
CA SER B 1201 -9.50 -46.67 -36.14
C SER B 1201 -8.59 -47.50 -35.24
N ASP B 1202 -9.14 -47.87 -34.09
CA ASP B 1202 -8.38 -48.57 -33.07
C ASP B 1202 -7.92 -49.94 -33.58
N PRO B 1203 -6.62 -50.25 -33.52
CA PRO B 1203 -6.15 -51.54 -34.04
C PRO B 1203 -6.76 -52.74 -33.33
N LEU B 1204 -7.06 -52.64 -32.04
CA LEU B 1204 -7.61 -53.76 -31.29
C LEU B 1204 -9.13 -53.82 -31.35
N ALA B 1205 -9.77 -52.97 -32.13
CA ALA B 1205 -11.22 -52.98 -32.28
C ALA B 1205 -11.65 -54.01 -33.33
N ARG C 110 -37.48 -7.39 -28.14
CA ARG C 110 -38.29 -7.98 -27.07
C ARG C 110 -39.64 -7.29 -26.96
N SER C 111 -40.70 -8.08 -26.78
CA SER C 111 -42.03 -7.54 -26.64
C SER C 111 -42.23 -6.79 -25.33
N SER C 112 -41.54 -7.21 -24.27
CA SER C 112 -41.62 -6.49 -23.00
C SER C 112 -41.07 -5.07 -23.12
N LEU C 113 -39.97 -4.91 -23.85
CA LEU C 113 -39.40 -3.57 -24.05
C LEU C 113 -40.38 -2.68 -24.80
N ARG C 114 -41.07 -3.24 -25.81
CA ARG C 114 -42.09 -2.47 -26.52
C ARG C 114 -43.21 -2.04 -25.58
N ILE C 115 -43.52 -2.87 -24.57
CA ILE C 115 -44.56 -2.51 -23.61
C ILE C 115 -44.11 -1.33 -22.75
N ARG C 116 -42.88 -1.41 -22.23
CA ARG C 116 -42.36 -0.33 -21.40
C ARG C 116 -42.21 0.96 -22.19
N LEU C 117 -41.70 0.87 -23.42
CA LEU C 117 -41.56 2.06 -24.25
C LEU C 117 -42.92 2.68 -24.55
N PHE C 118 -43.92 1.84 -24.81
CA PHE C 118 -45.26 2.34 -25.06
C PHE C 118 -45.78 3.01 -23.82
N ASN C 119 -45.58 2.39 -22.66
CA ASN C 119 -46.06 2.96 -21.41
C ASN C 119 -45.42 4.33 -21.15
N PHE C 120 -44.11 4.44 -21.40
CA PHE C 120 -43.45 5.74 -21.24
C PHE C 120 -44.01 6.76 -22.22
N SER C 121 -44.23 6.35 -23.47
CA SER C 121 -44.85 7.25 -24.44
C SER C 121 -46.28 7.59 -24.04
N LEU C 122 -46.97 6.66 -23.39
CA LEU C 122 -48.35 6.90 -22.98
C LEU C 122 -48.42 7.87 -21.82
N LYS C 123 -47.43 7.82 -20.91
CA LYS C 123 -47.41 8.77 -19.80
C LYS C 123 -47.09 10.18 -20.28
N LEU C 124 -46.14 10.31 -21.20
CA LEU C 124 -45.82 11.63 -21.73
C LEU C 124 -46.94 12.16 -22.62
N LEU C 125 -47.75 11.27 -23.18
CA LEU C 125 -48.87 11.71 -24.01
C LEU C 125 -49.95 12.36 -23.17
N THR C 126 -50.30 11.75 -22.04
CA THR C 126 -51.36 12.30 -21.19
C THR C 126 -50.90 13.54 -20.45
N CYS C 127 -49.59 13.67 -20.19
CA CYS C 127 -49.08 14.92 -19.65
C CYS C 127 -49.24 16.05 -20.66
N LEU C 128 -48.97 15.78 -21.94
CA LEU C 128 -49.18 16.77 -22.98
C LEU C 128 -50.65 17.13 -23.11
N LEU C 129 -51.54 16.15 -23.05
CA LEU C 129 -52.96 16.41 -23.26
C LEU C 129 -53.55 17.21 -22.10
N TYR C 130 -52.91 17.17 -20.94
CA TYR C 130 -53.23 18.13 -19.88
C TYR C 130 -52.86 19.54 -20.30
N ILE C 131 -51.69 19.71 -20.92
CA ILE C 131 -51.24 21.03 -21.33
C ILE C 131 -52.18 21.60 -22.39
N VAL C 132 -52.58 20.77 -23.35
CA VAL C 132 -53.51 21.23 -24.38
C VAL C 132 -54.87 21.57 -23.77
N ARG C 133 -55.22 20.94 -22.65
CA ARG C 133 -56.46 21.30 -21.96
C ARG C 133 -56.32 22.65 -21.28
N VAL C 134 -55.22 22.88 -20.56
CA VAL C 134 -55.03 24.15 -19.88
C VAL C 134 -54.80 25.28 -20.87
N LEU C 135 -54.30 24.96 -22.07
CA LEU C 135 -54.09 25.98 -23.09
C LEU C 135 -55.39 26.37 -23.77
N LEU C 136 -56.34 25.45 -23.87
CA LEU C 136 -57.60 25.67 -24.59
C LEU C 136 -58.77 25.96 -23.64
N ASP C 137 -58.51 26.10 -22.35
CA ASP C 137 -59.56 26.36 -21.37
C ASP C 137 -59.49 27.81 -20.93
N ASP C 138 -60.63 28.51 -21.02
CA ASP C 138 -60.72 29.92 -20.63
C ASP C 138 -61.62 30.04 -19.41
N PRO C 139 -61.08 30.37 -18.24
CA PRO C 139 -61.92 30.52 -17.05
C PRO C 139 -62.72 31.83 -17.07
N ALA C 140 -62.23 32.81 -17.82
CA ALA C 140 -62.90 34.10 -17.87
C ALA C 140 -64.28 34.01 -18.49
N LEU C 141 -64.49 33.06 -19.41
CA LEU C 141 -65.80 32.92 -20.04
C LEU C 141 -66.82 32.36 -19.08
N GLY C 142 -66.40 31.56 -18.10
CA GLY C 142 -67.29 30.98 -17.12
C GLY C 142 -66.85 29.58 -16.77
N ILE C 143 -67.04 29.21 -15.50
CA ILE C 143 -66.71 27.89 -15.00
C ILE C 143 -67.96 27.29 -14.37
N GLY C 144 -67.98 25.97 -14.29
CA GLY C 144 -69.11 25.27 -13.72
C GLY C 144 -68.83 23.79 -13.63
N CYS C 145 -69.82 23.05 -13.11
CA CYS C 145 -69.65 21.60 -12.96
C CYS C 145 -69.74 20.90 -14.31
N TRP C 146 -70.90 20.94 -14.93
CA TRP C 146 -71.06 20.53 -16.32
C TRP C 146 -72.41 21.02 -16.83
N GLY C 147 -72.39 21.88 -17.84
CA GLY C 147 -73.63 22.31 -18.46
C GLY C 147 -74.44 23.26 -17.61
N CYS C 148 -74.88 22.78 -16.45
CA CYS C 148 -75.78 23.53 -15.60
C CYS C 148 -75.11 24.79 -15.08
N PRO C 149 -75.80 25.96 -15.16
CA PRO C 149 -75.30 27.21 -14.59
C PRO C 149 -73.86 27.71 -14.55
N LYS C 150 -73.10 27.50 -15.60
CA LYS C 150 -71.73 28.01 -15.60
C LYS C 150 -71.71 29.44 -15.10
N GLN C 151 -70.78 29.75 -14.21
CA GLN C 151 -70.74 31.05 -13.54
C GLN C 151 -69.37 31.69 -13.71
N ASN C 152 -69.37 33.02 -13.69
CA ASN C 152 -68.15 33.81 -13.78
C ASN C 152 -67.65 34.10 -12.37
N TYR C 153 -66.34 33.92 -12.16
CA TYR C 153 -65.73 34.10 -10.86
C TYR C 153 -64.63 35.16 -10.94
N SER C 154 -64.45 35.88 -9.83
CA SER C 154 -63.49 36.97 -9.77
C SER C 154 -62.75 36.93 -8.44
N PHE C 155 -61.59 37.57 -8.41
CA PHE C 155 -60.73 37.61 -7.23
C PHE C 155 -60.89 38.96 -6.54
N ASN C 156 -61.22 38.94 -5.26
CA ASN C 156 -61.18 40.11 -4.39
C ASN C 156 -60.07 39.91 -3.37
N ASP C 157 -59.10 40.83 -3.35
CA ASP C 157 -57.95 40.68 -2.49
C ASP C 157 -58.34 40.73 -1.02
N SER C 158 -59.27 41.61 -0.65
CA SER C 158 -59.65 41.74 0.75
C SER C 158 -60.40 40.51 1.25
N SER C 159 -61.12 39.83 0.36
CA SER C 159 -61.92 38.67 0.75
C SER C 159 -61.03 37.54 1.25
N SER C 160 -61.12 37.22 2.54
CA SER C 160 -60.35 36.13 3.11
C SER C 160 -60.88 34.76 2.71
N GLU C 161 -62.08 34.69 2.14
CA GLU C 161 -62.66 33.44 1.67
C GLU C 161 -62.35 33.26 0.19
N ILE C 162 -61.84 32.09 -0.16
CA ILE C 162 -61.41 31.78 -1.51
C ILE C 162 -62.39 30.81 -2.14
N ASN C 163 -62.86 31.13 -3.34
CA ASN C 163 -63.82 30.30 -4.06
C ASN C 163 -63.10 29.08 -4.62
N TRP C 164 -63.48 27.89 -4.14
CA TRP C 164 -62.84 26.66 -4.58
C TRP C 164 -63.39 26.14 -5.90
N ALA C 165 -64.47 26.73 -6.42
CA ALA C 165 -65.04 26.26 -7.67
C ALA C 165 -64.06 26.33 -8.84
N PRO C 166 -63.29 27.40 -9.05
CA PRO C 166 -62.26 27.34 -10.10
C PRO C 166 -61.25 26.23 -9.90
N ILE C 167 -60.85 25.96 -8.66
CA ILE C 167 -59.92 24.88 -8.39
C ILE C 167 -60.60 23.52 -8.59
N LEU C 168 -61.80 23.35 -8.05
CA LEU C 168 -62.45 22.05 -8.11
C LEU C 168 -62.90 21.71 -9.52
N TRP C 169 -63.53 22.66 -10.20
CA TRP C 169 -64.07 22.43 -11.53
C TRP C 169 -63.13 22.96 -12.61
N VAL C 170 -62.95 22.17 -13.65
CA VAL C 170 -62.17 22.55 -14.83
C VAL C 170 -63.00 22.23 -16.06
N GLU C 171 -63.22 23.22 -16.91
CA GLU C 171 -64.04 23.04 -18.10
C GLU C 171 -63.26 22.21 -19.12
N ARG C 172 -63.75 21.01 -19.41
CA ARG C 172 -63.07 20.05 -20.27
C ARG C 172 -63.95 19.73 -21.47
N LYS C 173 -63.36 19.75 -22.66
CA LYS C 173 -64.14 19.53 -23.87
C LYS C 173 -64.56 18.07 -23.98
N MET C 174 -65.62 17.84 -24.77
CA MET C 174 -66.14 16.50 -24.95
C MET C 174 -65.10 15.59 -25.61
N THR C 175 -64.46 16.07 -26.67
CA THR C 175 -63.43 15.27 -27.33
C THR C 175 -62.23 15.05 -26.41
N LEU C 176 -61.80 16.10 -25.70
CA LEU C 176 -60.63 15.98 -24.84
C LEU C 176 -60.89 15.01 -23.69
N TRP C 177 -62.07 15.05 -23.10
CA TRP C 177 -62.40 14.12 -22.04
C TRP C 177 -62.47 12.68 -22.57
N ALA C 178 -62.94 12.52 -23.80
CA ALA C 178 -63.04 11.18 -24.38
C ALA C 178 -61.66 10.57 -24.60
N ILE C 179 -60.73 11.33 -25.19
CA ILE C 179 -59.41 10.78 -25.45
C ILE C 179 -58.64 10.59 -24.14
N GLN C 180 -58.91 11.44 -23.14
CA GLN C 180 -58.23 11.31 -21.85
C GLN C 180 -58.59 10.00 -21.16
N VAL C 181 -59.88 9.69 -21.07
CA VAL C 181 -60.29 8.49 -20.35
C VAL C 181 -59.86 7.24 -21.10
N ILE C 182 -59.81 7.30 -22.44
CA ILE C 182 -59.31 6.17 -23.21
C ILE C 182 -57.85 5.89 -22.84
N VAL C 183 -57.02 6.93 -22.82
CA VAL C 183 -55.62 6.76 -22.44
C VAL C 183 -55.51 6.33 -20.98
N ALA C 184 -56.33 6.92 -20.11
CA ALA C 184 -56.29 6.57 -18.69
C ALA C 184 -56.66 5.11 -18.47
N ILE C 185 -57.68 4.61 -19.17
CA ILE C 185 -58.05 3.21 -19.05
C ILE C 185 -56.92 2.31 -19.57
N ILE C 186 -56.33 2.69 -20.71
CA ILE C 186 -55.18 1.95 -21.22
C ILE C 186 -54.02 2.00 -20.21
N SER C 187 -53.85 3.14 -19.54
CA SER C 187 -52.83 3.25 -18.51
C SER C 187 -53.07 2.22 -17.39
N PHE C 188 -54.31 2.12 -16.92
CA PHE C 188 -54.61 1.17 -15.85
C PHE C 188 -54.51 -0.26 -16.34
N LEU C 189 -54.94 -0.53 -17.57
CA LEU C 189 -54.93 -1.90 -18.08
C LEU C 189 -53.52 -2.45 -18.15
N GLU C 190 -52.57 -1.64 -18.62
CA GLU C 190 -51.19 -2.10 -18.77
C GLU C 190 -50.45 -2.15 -17.43
N THR C 191 -50.71 -1.21 -16.52
CA THR C 191 -50.12 -1.30 -15.19
C THR C 191 -50.62 -2.54 -14.46
N MET C 192 -51.90 -2.86 -14.65
CA MET C 192 -52.43 -4.08 -14.05
C MET C 192 -51.80 -5.28 -14.75
N LEU C 193 -51.58 -5.19 -16.06
CA LEU C 193 -50.92 -6.27 -16.78
C LEU C 193 -49.51 -6.49 -16.25
N LEU C 194 -48.76 -5.41 -16.05
CA LEU C 194 -47.39 -5.54 -15.54
C LEU C 194 -47.39 -6.08 -14.11
N ILE C 195 -48.33 -5.62 -13.28
CA ILE C 195 -48.41 -6.11 -11.90
C ILE C 195 -48.79 -7.58 -11.89
N TYR C 196 -49.79 -7.97 -12.69
CA TYR C 196 -50.23 -9.36 -12.70
C TYR C 196 -49.25 -10.28 -13.42
N LEU C 197 -48.47 -9.76 -14.38
CA LEU C 197 -47.53 -10.61 -15.10
C LEU C 197 -46.40 -11.08 -14.19
N SER C 198 -45.88 -10.20 -13.34
CA SER C 198 -44.73 -10.50 -12.49
C SER C 198 -45.10 -10.21 -11.04
N TYR C 199 -45.45 -11.27 -10.30
CA TYR C 199 -45.66 -11.16 -8.87
C TYR C 199 -44.38 -11.29 -8.07
N LYS C 200 -43.38 -11.98 -8.63
CA LYS C 200 -42.09 -12.20 -7.98
C LYS C 200 -42.25 -12.87 -6.62
N GLY C 201 -43.20 -13.80 -6.51
CA GLY C 201 -43.38 -14.54 -5.28
C GLY C 201 -43.97 -13.76 -4.14
N ASN C 202 -44.62 -12.63 -4.41
CA ASN C 202 -45.21 -11.82 -3.37
C ASN C 202 -46.49 -11.16 -3.89
N ILE C 203 -47.46 -11.00 -3.00
CA ILE C 203 -48.73 -10.36 -3.35
C ILE C 203 -48.78 -8.99 -2.72
N TRP C 204 -48.18 -8.85 -1.54
CA TRP C 204 -48.18 -7.58 -0.82
C TRP C 204 -47.02 -6.72 -1.33
N GLU C 205 -46.78 -5.60 -0.64
CA GLU C 205 -45.66 -4.69 -0.93
C GLU C 205 -45.76 -4.07 -2.33
N GLN C 206 -46.89 -4.24 -2.99
CA GLN C 206 -47.08 -3.59 -4.29
C GLN C 206 -47.67 -2.19 -4.12
N ILE C 207 -48.38 -1.94 -3.03
CA ILE C 207 -48.98 -0.63 -2.81
C ILE C 207 -48.09 0.28 -1.97
N PHE C 208 -47.24 -0.29 -1.11
CA PHE C 208 -46.39 0.54 -0.27
C PHE C 208 -45.30 1.23 -1.08
N ARG C 209 -44.78 0.57 -2.11
CA ARG C 209 -43.90 1.25 -3.05
C ARG C 209 -44.64 2.39 -3.72
N VAL C 210 -44.04 3.57 -3.73
CA VAL C 210 -44.73 4.77 -4.24
C VAL C 210 -44.49 4.82 -5.75
N SER C 211 -45.19 3.94 -6.45
CA SER C 211 -45.45 4.05 -7.87
C SER C 211 -46.87 3.67 -8.23
N PHE C 212 -47.54 2.90 -7.38
CA PHE C 212 -48.89 2.42 -7.62
C PHE C 212 -49.95 3.37 -7.06
N VAL C 213 -49.62 4.07 -5.97
CA VAL C 213 -50.56 5.03 -5.38
C VAL C 213 -50.74 6.23 -6.30
N LEU C 214 -49.64 6.70 -6.89
CA LEU C 214 -49.73 7.79 -7.86
C LEU C 214 -50.52 7.35 -9.09
N GLU C 215 -50.35 6.10 -9.51
CA GLU C 215 -51.11 5.62 -10.66
C GLU C 215 -52.60 5.56 -10.32
N MET C 216 -52.95 5.24 -9.08
CA MET C 216 -54.35 5.25 -8.68
C MET C 216 -54.93 6.66 -8.74
N ILE C 217 -54.26 7.63 -8.10
CA ILE C 217 -54.81 8.97 -7.97
C ILE C 217 -55.01 9.62 -9.34
N ASN C 218 -54.11 9.37 -10.29
CA ASN C 218 -54.25 9.92 -11.63
C ASN C 218 -55.23 9.15 -12.51
N THR C 219 -55.50 7.88 -12.23
CA THR C 219 -56.28 7.04 -13.15
C THR C 219 -57.73 6.85 -12.73
N LEU C 220 -57.99 6.45 -11.48
CA LEU C 220 -59.36 6.10 -11.11
C LEU C 220 -60.38 7.23 -11.28
N PRO C 221 -60.09 8.52 -11.02
CA PRO C 221 -61.15 9.52 -11.17
C PRO C 221 -61.74 9.57 -12.58
N PHE C 222 -60.92 9.39 -13.61
CA PHE C 222 -61.47 9.37 -14.97
C PHE C 222 -62.38 8.18 -15.19
N ILE C 223 -62.08 7.05 -14.55
CA ILE C 223 -63.01 5.92 -14.57
C ILE C 223 -64.31 6.30 -13.90
N ILE C 224 -64.23 7.02 -12.78
CA ILE C 224 -65.44 7.45 -12.07
C ILE C 224 -66.22 8.48 -12.90
N THR C 225 -65.53 9.33 -13.67
CA THR C 225 -66.22 10.33 -14.46
C THR C 225 -67.15 9.71 -15.51
N ILE C 226 -66.89 8.46 -15.90
CA ILE C 226 -67.80 7.78 -16.81
C ILE C 226 -69.17 7.59 -16.17
N PHE C 227 -69.19 7.22 -14.88
CA PHE C 227 -70.46 7.00 -14.19
C PHE C 227 -71.26 8.28 -14.08
N TRP C 228 -70.59 9.41 -13.82
CA TRP C 228 -71.27 10.69 -13.66
C TRP C 228 -70.91 11.64 -14.79
N PRO C 229 -71.76 11.80 -15.80
CA PRO C 229 -71.51 12.80 -16.84
C PRO C 229 -71.37 14.21 -16.27
N PRO C 230 -72.13 14.58 -15.23
CA PRO C 230 -71.88 15.90 -14.62
C PRO C 230 -70.48 16.04 -14.03
N LEU C 231 -69.80 14.95 -13.69
CA LEU C 231 -68.47 15.01 -13.10
C LEU C 231 -67.36 14.92 -14.14
N ARG C 232 -67.68 14.98 -15.43
CA ARG C 232 -66.64 14.86 -16.45
C ARG C 232 -65.74 16.07 -16.49
N ASN C 233 -66.26 17.26 -16.17
CA ASN C 233 -65.46 18.48 -16.14
C ASN C 233 -64.89 18.72 -14.74
N LEU C 234 -64.16 17.70 -14.27
CA LEU C 234 -63.55 17.69 -12.95
C LEU C 234 -62.04 17.65 -13.09
N PHE C 235 -61.34 18.27 -12.15
CA PHE C 235 -59.89 18.37 -12.21
C PHE C 235 -59.22 17.19 -11.51
N ILE C 236 -58.23 16.61 -12.18
CA ILE C 236 -57.48 15.49 -11.65
C ILE C 236 -55.99 15.80 -11.80
N PRO C 237 -55.16 15.50 -10.81
CA PRO C 237 -53.72 15.79 -10.95
C PRO C 237 -53.05 14.91 -11.99
N VAL C 238 -53.40 15.14 -13.26
CA VAL C 238 -52.80 14.38 -14.36
C VAL C 238 -51.33 14.77 -14.53
N PHE C 239 -50.97 16.01 -14.19
CA PHE C 239 -49.60 16.47 -14.34
C PHE C 239 -48.61 15.66 -13.50
N LEU C 240 -49.10 14.91 -12.50
CA LEU C 240 -48.24 14.04 -11.71
C LEU C 240 -47.80 12.80 -12.47
N ASN C 241 -48.37 12.56 -13.65
CA ASN C 241 -47.90 11.45 -14.48
C ASN C 241 -46.46 11.62 -14.93
N CYS C 242 -45.85 12.76 -14.59
CA CYS C 242 -44.39 12.85 -14.55
C CYS C 242 -43.74 11.63 -13.94
N TRP C 243 -44.02 11.39 -12.67
CA TRP C 243 -43.12 10.59 -11.84
C TRP C 243 -43.21 9.13 -12.26
N LEU C 244 -44.36 8.72 -12.79
CA LEU C 244 -44.46 7.42 -13.44
C LEU C 244 -43.62 7.38 -14.71
N ALA C 245 -43.68 8.44 -15.51
CA ALA C 245 -42.90 8.48 -16.76
C ALA C 245 -41.41 8.50 -16.47
N LYS C 246 -40.97 9.29 -15.47
CA LYS C 246 -39.57 9.28 -15.11
C LYS C 246 -39.18 7.92 -14.52
N HIS C 247 -40.04 7.34 -13.68
CA HIS C 247 -39.77 6.01 -13.14
C HIS C 247 -39.73 4.97 -14.25
N ALA C 248 -40.63 5.10 -15.23
CA ALA C 248 -40.62 4.16 -16.36
C ALA C 248 -39.33 4.29 -17.16
N LEU C 249 -38.81 5.52 -17.29
CA LEU C 249 -37.54 5.71 -17.99
C LEU C 249 -36.38 5.12 -17.18
N GLU C 250 -36.46 5.23 -15.85
CA GLU C 250 -35.45 4.63 -15.00
C GLU C 250 -35.42 3.11 -15.14
N ASN C 251 -36.60 2.49 -15.18
CA ASN C 251 -36.66 1.04 -15.37
C ASN C 251 -36.13 0.64 -16.74
N MET C 252 -36.44 1.44 -17.76
CA MET C 252 -35.99 1.11 -19.12
C MET C 252 -34.49 1.29 -19.27
N ILE C 253 -33.90 2.28 -18.59
CA ILE C 253 -32.49 2.57 -18.75
C ILE C 253 -31.60 1.41 -18.32
N ASN C 254 -32.12 0.51 -17.49
CA ASN C 254 -31.37 -0.69 -17.13
C ASN C 254 -31.36 -1.73 -18.24
N ASP C 255 -32.25 -1.61 -19.22
CA ASP C 255 -32.37 -2.63 -20.26
C ASP C 255 -31.32 -2.41 -21.35
N PHE C 256 -31.36 -1.26 -22.02
CA PHE C 256 -30.50 -0.99 -23.15
C PHE C 256 -29.96 0.43 -23.08
N HIS C 257 -28.86 0.67 -23.79
CA HIS C 257 -28.26 2.00 -23.83
C HIS C 257 -29.20 3.01 -24.48
N ARG C 258 -29.88 2.62 -25.55
CA ARG C 258 -30.81 3.50 -26.24
C ARG C 258 -32.12 2.79 -26.53
N SER C 265 -21.26 6.16 -21.95
CA SER C 265 -22.70 6.19 -21.79
C SER C 265 -23.13 5.52 -20.48
N ALA C 266 -22.37 5.78 -19.41
CA ALA C 266 -22.68 5.27 -18.08
C ALA C 266 -23.09 6.39 -17.14
N MET C 267 -22.26 7.43 -17.03
CA MET C 267 -22.64 8.62 -16.27
C MET C 267 -23.69 9.45 -16.99
N PHE C 268 -23.75 9.34 -18.33
CA PHE C 268 -24.72 10.10 -19.10
C PHE C 268 -26.15 9.68 -18.74
N ASN C 269 -26.37 8.40 -18.46
CA ASN C 269 -27.70 7.93 -18.10
C ASN C 269 -28.19 8.58 -16.81
N GLN C 270 -27.30 8.73 -15.83
CA GLN C 270 -27.68 9.41 -14.59
C GLN C 270 -27.88 10.90 -14.82
N VAL C 271 -27.04 11.51 -15.65
CA VAL C 271 -27.19 12.93 -15.96
C VAL C 271 -28.53 13.19 -16.65
N LEU C 272 -28.91 12.32 -17.57
CA LEU C 272 -30.21 12.42 -18.21
C LEU C 272 -31.34 12.27 -17.18
N ILE C 273 -31.18 11.35 -16.24
CA ILE C 273 -32.18 11.17 -15.20
C ILE C 273 -32.28 12.41 -14.32
N LEU C 274 -31.13 13.00 -13.97
CA LEU C 274 -31.14 14.24 -13.20
C LEU C 274 -31.84 15.35 -13.99
N PHE C 275 -31.56 15.43 -15.30
CA PHE C 275 -32.28 16.39 -16.13
C PHE C 275 -33.76 16.04 -16.19
N CYS C 276 -34.09 14.75 -16.25
CA CYS C 276 -35.49 14.32 -16.29
C CYS C 276 -36.22 14.73 -15.01
N THR C 277 -35.59 14.52 -13.85
CA THR C 277 -36.25 14.92 -12.60
C THR C 277 -36.23 16.44 -12.43
N LEU C 278 -35.29 17.13 -13.06
CA LEU C 278 -35.32 18.58 -13.09
C LEU C 278 -36.42 19.08 -14.01
N LEU C 279 -36.55 18.46 -15.19
CA LEU C 279 -37.56 18.89 -16.16
C LEU C 279 -38.96 18.78 -15.57
N CYS C 280 -39.25 17.69 -14.87
CA CYS C 280 -40.58 17.55 -14.27
C CYS C 280 -40.76 18.42 -13.04
N LEU C 281 -39.75 18.51 -12.18
CA LEU C 281 -39.91 19.27 -10.95
C LEU C 281 -40.36 20.70 -11.26
N VAL C 282 -39.95 21.20 -12.43
CA VAL C 282 -40.59 22.38 -13.01
C VAL C 282 -42.01 22.06 -13.47
N PHE C 283 -42.19 20.97 -14.23
CA PHE C 283 -43.48 20.64 -14.82
C PHE C 283 -44.54 20.47 -13.73
N THR C 284 -44.21 19.72 -12.68
CA THR C 284 -45.17 19.52 -11.59
C THR C 284 -45.48 20.85 -10.91
N GLY C 285 -44.48 21.68 -10.73
CA GLY C 285 -44.71 22.99 -10.14
C GLY C 285 -45.54 23.89 -11.02
N THR C 286 -45.22 23.95 -12.32
CA THR C 286 -45.87 24.90 -13.21
C THR C 286 -47.37 24.62 -13.35
N CYS C 287 -47.72 23.38 -13.67
CA CYS C 287 -49.14 23.04 -13.77
C CYS C 287 -49.82 23.19 -12.41
N GLY C 288 -49.13 22.81 -11.34
CA GLY C 288 -49.68 23.00 -10.01
C GLY C 288 -49.86 24.46 -9.63
N ILE C 289 -48.84 25.29 -9.89
CA ILE C 289 -48.95 26.70 -9.52
C ILE C 289 -49.98 27.41 -10.38
N GLN C 290 -50.10 27.02 -11.66
CA GLN C 290 -51.06 27.67 -12.55
C GLN C 290 -52.49 27.33 -12.16
N HIS C 291 -52.78 26.04 -11.96
CA HIS C 291 -54.14 25.63 -11.60
C HIS C 291 -54.55 26.17 -10.24
N LEU C 292 -53.66 26.09 -9.25
CA LEU C 292 -53.98 26.63 -7.94
C LEU C 292 -54.13 28.14 -7.98
N GLU C 293 -53.60 28.79 -9.02
CA GLU C 293 -53.79 30.21 -9.24
C GLU C 293 -55.00 30.52 -10.12
N ARG C 294 -55.78 29.51 -10.51
CA ARG C 294 -57.03 29.80 -11.20
C ARG C 294 -58.04 30.47 -10.28
N ALA C 295 -57.90 30.29 -8.97
CA ALA C 295 -58.73 31.01 -8.02
C ALA C 295 -58.26 32.46 -7.88
N GLY C 296 -56.95 32.68 -7.94
CA GLY C 296 -56.40 34.01 -7.80
C GLY C 296 -55.25 34.34 -8.72
N GLU C 297 -55.33 35.52 -9.36
CA GLU C 297 -54.32 36.08 -10.26
C GLU C 297 -54.31 35.42 -11.64
N ASN C 298 -55.04 34.31 -11.79
CA ASN C 298 -55.24 33.62 -13.07
C ASN C 298 -53.97 33.60 -13.92
N LEU C 299 -52.92 33.03 -13.35
CA LEU C 299 -51.62 33.05 -14.01
C LEU C 299 -51.65 32.23 -15.30
N SER C 300 -51.08 32.80 -16.36
CA SER C 300 -50.93 32.07 -17.61
C SER C 300 -49.84 31.00 -17.46
N LEU C 301 -49.86 30.03 -18.39
CA LEU C 301 -48.92 28.92 -18.30
C LEU C 301 -47.48 29.39 -18.43
N LEU C 302 -47.21 30.31 -19.37
CA LEU C 302 -45.85 30.80 -19.55
C LEU C 302 -45.38 31.58 -18.32
N THR C 303 -46.25 32.43 -17.77
CA THR C 303 -45.88 33.19 -16.57
C THR C 303 -45.60 32.27 -15.40
N SER C 304 -46.42 31.23 -15.23
CA SER C 304 -46.17 30.25 -14.18
C SER C 304 -44.86 29.51 -14.42
N PHE C 305 -44.55 29.18 -15.68
CA PHE C 305 -43.31 28.51 -15.99
C PHE C 305 -42.11 29.38 -15.66
N TYR C 306 -42.19 30.68 -15.96
CA TYR C 306 -41.13 31.61 -15.56
C TYR C 306 -41.05 31.73 -14.05
N PHE C 307 -42.20 31.64 -13.37
CA PHE C 307 -42.21 31.72 -11.92
C PHE C 307 -41.47 30.53 -11.29
N CYS C 308 -41.70 29.33 -11.84
CA CYS C 308 -41.11 28.14 -11.24
C CYS C 308 -39.60 28.07 -11.47
N ILE C 309 -39.14 28.51 -12.64
CA ILE C 309 -37.71 28.46 -12.95
C ILE C 309 -36.93 29.34 -11.99
N VAL C 310 -37.41 30.57 -11.76
CA VAL C 310 -36.74 31.47 -10.83
C VAL C 310 -36.96 31.08 -9.39
N THR C 311 -37.88 30.15 -9.12
CA THR C 311 -38.09 29.68 -7.76
C THR C 311 -37.14 28.55 -7.40
N PHE C 312 -37.01 27.55 -8.27
CA PHE C 312 -36.13 26.43 -8.00
C PHE C 312 -34.66 26.79 -8.14
N SER C 313 -34.34 27.89 -8.81
CA SER C 313 -32.99 28.41 -8.88
C SER C 313 -32.67 29.34 -7.72
N THR C 314 -33.58 29.45 -6.76
CA THR C 314 -33.43 30.29 -5.56
C THR C 314 -33.22 31.76 -5.89
N VAL C 315 -33.71 32.21 -7.05
CA VAL C 315 -33.64 33.64 -7.37
C VAL C 315 -34.76 34.39 -6.68
N GLY C 316 -36.01 34.01 -6.94
CA GLY C 316 -37.15 34.58 -6.24
C GLY C 316 -37.42 36.06 -6.46
N TYR C 317 -37.49 36.50 -7.71
CA TYR C 317 -37.79 37.89 -8.01
C TYR C 317 -38.88 38.54 -7.17
N GLY C 318 -40.06 37.92 -7.12
CA GLY C 318 -41.19 38.48 -6.41
C GLY C 318 -42.17 39.27 -7.25
N ASP C 319 -41.97 39.33 -8.56
CA ASP C 319 -42.96 40.00 -9.42
C ASP C 319 -44.22 39.17 -9.57
N VAL C 320 -44.09 37.85 -9.63
CA VAL C 320 -45.23 36.93 -9.61
C VAL C 320 -45.06 36.01 -8.42
N THR C 321 -45.97 36.11 -7.46
CA THR C 321 -45.92 35.36 -6.22
C THR C 321 -47.29 34.75 -5.93
N PRO C 322 -47.33 33.68 -5.14
CA PRO C 322 -48.63 33.21 -4.64
C PRO C 322 -49.30 34.27 -3.79
N LYS C 323 -50.62 34.36 -3.92
CA LYS C 323 -51.41 35.33 -3.16
C LYS C 323 -52.52 34.68 -2.34
N ILE C 324 -52.71 33.36 -2.45
CA ILE C 324 -53.68 32.65 -1.65
C ILE C 324 -52.97 31.49 -0.95
N TRP C 325 -53.52 31.10 0.20
CA TRP C 325 -52.87 30.07 1.00
C TRP C 325 -52.72 28.72 0.29
N PRO C 326 -53.68 28.22 -0.50
CA PRO C 326 -53.40 26.97 -1.23
C PRO C 326 -52.21 27.08 -2.16
N SER C 327 -52.05 28.23 -2.80
CA SER C 327 -50.92 28.44 -3.70
C SER C 327 -49.62 28.60 -2.93
N GLN C 328 -49.67 29.26 -1.78
CA GLN C 328 -48.48 29.39 -0.95
C GLN C 328 -48.04 28.04 -0.40
N LEU C 329 -49.00 27.23 0.03
CA LEU C 329 -48.68 25.92 0.61
C LEU C 329 -48.00 25.01 -0.42
N LEU C 330 -48.47 25.04 -1.67
CA LEU C 330 -47.88 24.21 -2.71
C LEU C 330 -46.42 24.57 -2.95
N VAL C 331 -46.10 25.86 -2.95
CA VAL C 331 -44.72 26.29 -3.15
C VAL C 331 -43.85 25.78 -2.01
N VAL C 332 -44.34 25.86 -0.78
CA VAL C 332 -43.58 25.36 0.37
C VAL C 332 -43.34 23.87 0.23
N ILE C 333 -44.39 23.11 -0.12
CA ILE C 333 -44.24 21.67 -0.31
C ILE C 333 -43.30 21.38 -1.47
N MET C 334 -43.44 22.12 -2.58
CA MET C 334 -42.62 21.86 -3.75
C MET C 334 -41.14 22.13 -3.46
N ILE C 335 -40.85 23.16 -2.67
CA ILE C 335 -39.48 23.41 -2.24
C ILE C 335 -38.97 22.25 -1.39
N CYS C 336 -39.79 21.77 -0.45
CA CYS C 336 -39.39 20.66 0.39
C CYS C 336 -39.16 19.40 -0.43
N VAL C 337 -39.99 19.19 -1.45
CA VAL C 337 -39.80 18.04 -2.33
C VAL C 337 -38.47 18.13 -3.06
N ALA C 338 -38.11 19.32 -3.52
CA ALA C 338 -36.84 19.50 -4.22
C ALA C 338 -35.66 19.21 -3.29
N LEU C 339 -35.77 19.62 -2.02
CA LEU C 339 -34.68 19.40 -1.08
C LEU C 339 -34.53 17.95 -0.67
N VAL C 340 -35.52 17.10 -0.95
CA VAL C 340 -35.45 15.69 -0.59
C VAL C 340 -35.42 14.76 -1.81
N VAL C 341 -35.44 15.30 -3.03
CA VAL C 341 -35.39 14.50 -4.25
C VAL C 341 -34.11 14.76 -5.03
N LEU C 342 -33.77 16.03 -5.22
CA LEU C 342 -32.55 16.37 -5.93
C LEU C 342 -31.28 15.85 -5.25
N PRO C 343 -31.11 15.95 -3.93
CA PRO C 343 -29.89 15.39 -3.31
C PRO C 343 -29.68 13.91 -3.59
N LEU C 344 -30.76 13.14 -3.73
CA LEU C 344 -30.62 11.73 -4.09
C LEU C 344 -29.97 11.58 -5.46
N GLN C 345 -30.35 12.45 -6.41
CA GLN C 345 -29.72 12.43 -7.72
C GLN C 345 -28.26 12.86 -7.64
N PHE C 346 -27.96 13.87 -6.81
CA PHE C 346 -26.59 14.34 -6.68
C PHE C 346 -25.70 13.28 -6.05
N GLU C 347 -26.21 12.57 -5.05
CA GLU C 347 -25.41 11.53 -4.39
C GLU C 347 -25.08 10.40 -5.37
N GLU C 348 -26.05 9.98 -6.17
CA GLU C 348 -25.78 8.96 -7.18
C GLU C 348 -24.81 9.48 -8.24
N LEU C 349 -24.91 10.78 -8.58
CA LEU C 349 -23.98 11.39 -9.51
C LEU C 349 -22.56 11.40 -8.92
N VAL C 350 -22.44 11.64 -7.62
CA VAL C 350 -21.13 11.65 -6.97
C VAL C 350 -20.50 10.26 -7.02
N TYR C 351 -21.31 9.22 -6.79
CA TYR C 351 -20.80 7.85 -6.83
C TYR C 351 -20.23 7.53 -8.21
N LEU C 352 -21.01 7.80 -9.26
CA LEU C 352 -20.56 7.47 -10.61
C LEU C 352 -19.32 8.26 -10.99
N TRP C 353 -19.26 9.53 -10.59
CA TRP C 353 -18.07 10.34 -10.87
C TRP C 353 -16.87 9.81 -10.11
N MET C 354 -17.06 9.38 -8.86
CA MET C 354 -15.96 8.84 -8.07
C MET C 354 -15.46 7.52 -8.65
N GLU C 355 -16.39 6.63 -9.01
CA GLU C 355 -15.99 5.35 -9.59
C GLU C 355 -15.32 5.55 -10.94
N ARG C 356 -15.78 6.53 -11.73
CA ARG C 356 -15.19 6.82 -13.02
C ARG C 356 -13.75 7.31 -12.90
N GLN C 357 -13.37 7.84 -11.74
CA GLN C 357 -12.03 8.38 -11.53
C GLN C 357 -10.95 7.30 -11.52
N LYS C 358 -11.31 6.03 -11.66
CA LYS C 358 -10.32 4.95 -11.67
C LYS C 358 -10.61 3.95 -12.79
N GLN C 369 -2.71 16.07 -29.27
CA GLN C 369 -1.93 17.30 -29.18
C GLN C 369 -1.42 17.70 -30.56
N THR C 370 -0.14 18.05 -30.64
CA THR C 370 0.50 18.46 -31.88
C THR C 370 1.24 17.27 -32.49
N GLU C 371 2.02 17.53 -33.53
CA GLU C 371 2.82 16.50 -34.18
C GLU C 371 4.24 16.53 -33.60
N LYS C 372 5.14 15.74 -34.21
CA LYS C 372 6.57 15.77 -33.87
C LYS C 372 6.80 15.42 -32.40
N HIS C 373 6.48 14.17 -32.06
CA HIS C 373 6.68 13.68 -30.71
C HIS C 373 7.58 12.44 -30.73
N VAL C 374 8.23 12.21 -29.59
CA VAL C 374 9.06 11.03 -29.38
C VAL C 374 8.52 10.28 -28.16
N VAL C 375 8.73 8.98 -28.13
CA VAL C 375 8.25 8.14 -27.05
C VAL C 375 9.43 7.68 -26.21
N LEU C 376 9.23 7.58 -24.90
CA LEU C 376 10.27 7.20 -23.94
C LEU C 376 9.75 6.00 -23.16
N CYS C 377 9.97 4.81 -23.70
CA CYS C 377 9.46 3.58 -23.11
C CYS C 377 10.44 3.10 -22.04
N VAL C 378 10.03 3.13 -20.78
CA VAL C 378 10.84 2.70 -19.66
C VAL C 378 10.01 1.76 -18.79
N SER C 379 10.67 1.18 -17.79
CA SER C 379 10.01 0.32 -16.81
C SER C 379 9.63 1.08 -15.55
N SER C 380 10.53 1.92 -15.04
CA SER C 380 10.22 2.78 -13.91
C SER C 380 10.93 4.11 -14.13
N LEU C 381 10.17 5.20 -14.10
CA LEU C 381 10.69 6.53 -14.37
C LEU C 381 11.02 7.22 -13.05
N LYS C 382 12.27 7.64 -12.91
CA LYS C 382 12.73 8.39 -11.75
C LYS C 382 13.08 9.81 -12.16
N ILE C 383 13.15 10.69 -11.16
CA ILE C 383 13.38 12.10 -11.44
C ILE C 383 14.78 12.32 -12.02
N ASP C 384 15.77 11.51 -11.62
CA ASP C 384 17.12 11.68 -12.14
C ASP C 384 17.18 11.34 -13.62
N LEU C 385 16.49 10.27 -14.04
CA LEU C 385 16.52 9.88 -15.45
C LEU C 385 15.74 10.85 -16.31
N LEU C 386 14.61 11.35 -15.81
CA LEU C 386 13.77 12.25 -16.60
C LEU C 386 14.48 13.55 -16.93
N MET C 387 15.06 14.20 -15.91
CA MET C 387 15.73 15.48 -16.14
C MET C 387 16.96 15.32 -17.01
N ASP C 388 17.68 14.20 -16.89
CA ASP C 388 18.81 13.95 -17.77
C ASP C 388 18.37 13.86 -19.22
N PHE C 389 17.12 13.46 -19.47
CA PHE C 389 16.58 13.43 -20.83
C PHE C 389 16.09 14.82 -21.25
N LEU C 390 15.31 15.48 -20.39
CA LEU C 390 14.75 16.78 -20.74
C LEU C 390 15.84 17.83 -20.95
N ASN C 391 16.87 17.81 -20.09
CA ASN C 391 17.96 18.78 -20.23
C ASN C 391 18.75 18.55 -21.50
N GLU C 392 18.74 17.33 -22.04
CA GLU C 392 19.46 17.01 -23.26
C GLU C 392 18.59 17.04 -24.51
N PHE C 393 17.39 16.46 -24.44
CA PHE C 393 16.51 16.45 -25.60
C PHE C 393 16.08 17.86 -25.99
N TYR C 394 15.81 18.72 -25.01
CA TYR C 394 15.31 20.06 -25.26
C TYR C 394 16.42 21.11 -25.27
N ALA C 395 17.68 20.69 -25.18
CA ALA C 395 18.78 21.63 -25.32
C ALA C 395 19.03 22.05 -26.75
N HIS C 396 18.39 21.40 -27.72
CA HIS C 396 18.54 21.71 -29.14
C HIS C 396 17.39 22.57 -29.61
N PRO C 397 17.66 23.68 -30.30
CA PRO C 397 16.55 24.53 -30.78
C PRO C 397 15.64 23.81 -31.77
N ARG C 398 16.17 22.86 -32.55
CA ARG C 398 15.35 22.11 -33.48
C ARG C 398 14.32 21.24 -32.77
N LEU C 399 14.56 20.88 -31.52
CA LEU C 399 13.68 19.99 -30.75
C LEU C 399 12.83 20.73 -29.74
N GLN C 400 12.43 21.98 -30.04
CA GLN C 400 11.65 22.76 -29.10
C GLN C 400 10.15 22.52 -29.24
N ASP C 401 9.65 22.36 -30.46
CA ASP C 401 8.24 22.09 -30.66
C ASP C 401 7.85 20.65 -30.33
N TYR C 402 8.84 19.78 -30.10
CA TYR C 402 8.56 18.39 -29.79
C TYR C 402 7.97 18.25 -28.40
N TYR C 403 7.06 17.29 -28.25
CA TYR C 403 6.58 16.89 -26.94
C TYR C 403 6.92 15.43 -26.71
N VAL C 404 7.00 15.04 -25.44
CA VAL C 404 7.56 13.74 -25.05
C VAL C 404 6.45 12.89 -24.44
N VAL C 405 6.31 11.68 -24.95
CA VAL C 405 5.38 10.69 -24.42
C VAL C 405 6.17 9.66 -23.62
N ILE C 406 5.77 9.45 -22.37
CA ILE C 406 6.44 8.50 -21.49
C ILE C 406 5.50 7.33 -21.25
N LEU C 407 5.99 6.13 -21.52
CA LEU C 407 5.20 4.90 -21.43
C LEU C 407 5.83 4.00 -20.38
N CYS C 408 5.46 4.19 -19.13
CA CYS C 408 5.96 3.40 -18.03
C CYS C 408 4.81 2.64 -17.39
N PRO C 409 4.97 1.33 -17.14
CA PRO C 409 3.84 0.55 -16.60
C PRO C 409 3.52 0.83 -15.15
N THR C 410 4.29 1.67 -14.46
CA THR C 410 4.07 1.96 -13.06
C THR C 410 3.46 3.35 -12.88
N GLU C 411 2.92 3.57 -11.68
CA GLU C 411 2.30 4.85 -11.36
C GLU C 411 3.38 5.91 -11.17
N MET C 412 3.05 7.13 -11.61
CA MET C 412 4.03 8.20 -11.71
C MET C 412 4.64 8.54 -10.36
N ASP C 413 5.97 8.58 -10.32
CA ASP C 413 6.67 8.90 -9.09
C ASP C 413 6.31 10.31 -8.63
N VAL C 414 6.18 10.48 -7.31
CA VAL C 414 5.71 11.75 -6.76
C VAL C 414 6.61 12.90 -7.19
N GLN C 415 7.93 12.68 -7.19
CA GLN C 415 8.85 13.70 -7.65
C GLN C 415 8.66 14.01 -9.13
N VAL C 416 8.19 13.04 -9.91
CA VAL C 416 7.92 13.29 -11.32
C VAL C 416 6.67 14.14 -11.48
N ARG C 417 5.64 13.88 -10.67
CA ARG C 417 4.41 14.67 -10.76
C ARG C 417 4.67 16.14 -10.48
N ARG C 418 5.52 16.43 -9.48
CA ARG C 418 5.83 17.83 -9.17
C ARG C 418 6.52 18.52 -10.35
N VAL C 419 7.42 17.81 -11.02
CA VAL C 419 8.07 18.38 -12.20
C VAL C 419 7.08 18.52 -13.35
N LEU C 420 6.23 17.51 -13.55
CA LEU C 420 5.27 17.57 -14.64
C LEU C 420 4.20 18.64 -14.42
N GLN C 421 4.04 19.13 -13.20
CA GLN C 421 3.13 20.24 -12.95
C GLN C 421 3.81 21.60 -13.11
N ILE C 422 5.11 21.62 -13.35
CA ILE C 422 5.79 22.88 -13.68
C ILE C 422 5.28 23.38 -15.02
N PRO C 423 5.02 24.68 -15.18
CA PRO C 423 4.47 25.18 -16.46
C PRO C 423 5.35 24.87 -17.66
N LEU C 424 6.67 24.78 -17.47
CA LEU C 424 7.55 24.48 -18.60
C LEU C 424 7.30 23.08 -19.15
N TRP C 425 7.12 22.09 -18.27
CA TRP C 425 7.03 20.69 -18.68
C TRP C 425 5.60 20.17 -18.74
N SER C 426 4.61 20.97 -18.33
CA SER C 426 3.23 20.46 -18.28
C SER C 426 2.70 20.14 -19.66
N GLN C 427 2.98 21.01 -20.64
CA GLN C 427 2.44 20.84 -21.99
C GLN C 427 3.31 19.97 -22.88
N ARG C 428 4.56 19.72 -22.50
CA ARG C 428 5.48 18.93 -23.31
C ARG C 428 5.50 17.45 -22.90
N VAL C 429 5.77 17.17 -21.63
CA VAL C 429 5.91 15.79 -21.18
C VAL C 429 4.52 15.20 -20.96
N ILE C 430 4.25 14.07 -21.59
CA ILE C 430 3.00 13.33 -21.42
C ILE C 430 3.34 11.97 -20.83
N TYR C 431 2.72 11.64 -19.71
CA TYR C 431 2.96 10.38 -19.01
C TYR C 431 1.77 9.46 -19.23
N LEU C 432 2.00 8.37 -19.95
CA LEU C 432 1.00 7.32 -20.14
C LEU C 432 1.44 6.08 -19.38
N GLN C 433 0.55 5.54 -18.55
CA GLN C 433 0.83 4.32 -17.81
C GLN C 433 0.38 3.14 -18.66
N GLY C 434 1.34 2.34 -19.11
CA GLY C 434 1.02 1.21 -19.97
C GLY C 434 2.28 0.45 -20.32
N SER C 435 2.09 -0.60 -21.13
CA SER C 435 3.17 -1.48 -21.54
C SER C 435 3.38 -1.39 -23.04
N ALA C 436 4.64 -1.43 -23.46
CA ALA C 436 4.96 -1.47 -24.88
C ALA C 436 4.49 -2.76 -25.54
N LEU C 437 4.24 -3.81 -24.75
CA LEU C 437 3.75 -5.08 -25.30
C LEU C 437 2.25 -5.08 -25.55
N LYS C 438 1.53 -4.06 -25.08
CA LYS C 438 0.10 -3.93 -25.32
C LYS C 438 -0.11 -2.91 -26.42
N ASP C 439 -0.80 -3.32 -27.49
CA ASP C 439 -0.96 -2.47 -28.66
C ASP C 439 -1.80 -1.23 -28.37
N GLN C 440 -2.76 -1.32 -27.44
CA GLN C 440 -3.57 -0.16 -27.11
C GLN C 440 -2.72 0.94 -26.47
N ASP C 441 -1.82 0.56 -25.56
CA ASP C 441 -0.89 1.54 -24.99
C ASP C 441 0.01 2.12 -26.08
N LEU C 442 0.44 1.27 -27.02
CA LEU C 442 1.19 1.76 -28.17
C LEU C 442 0.34 2.69 -29.02
N MET C 443 -0.96 2.41 -29.14
CA MET C 443 -1.85 3.27 -29.91
C MET C 443 -2.08 4.60 -29.20
N ARG C 444 -2.22 4.57 -27.87
CA ARG C 444 -2.39 5.80 -27.12
C ARG C 444 -1.18 6.71 -27.24
N ALA C 445 0.02 6.13 -27.26
CA ALA C 445 1.24 6.90 -27.41
C ALA C 445 1.47 7.40 -28.82
N LYS C 446 0.66 6.96 -29.79
CA LYS C 446 0.80 7.36 -31.19
C LYS C 446 2.20 7.03 -31.71
N MET C 447 2.69 5.84 -31.38
CA MET C 447 4.05 5.44 -31.76
C MET C 447 4.22 5.39 -33.28
N ASP C 448 3.16 5.09 -34.02
CA ASP C 448 3.26 5.05 -35.47
C ASP C 448 3.67 6.40 -36.04
N ASN C 449 3.27 7.49 -35.38
CA ASN C 449 3.68 8.83 -35.78
C ASN C 449 4.86 9.36 -34.98
N GLY C 450 5.41 8.57 -34.06
CA GLY C 450 6.53 9.05 -33.26
C GLY C 450 7.79 9.20 -34.10
N GLU C 451 8.55 10.26 -33.80
CA GLU C 451 9.81 10.49 -34.49
C GLU C 451 10.93 9.59 -34.01
N ALA C 452 10.83 9.06 -32.79
CA ALA C 452 11.83 8.15 -32.24
C ALA C 452 11.25 7.49 -31.00
N CYS C 453 11.74 6.28 -30.72
CA CYS C 453 11.39 5.55 -29.52
C CYS C 453 12.64 5.25 -28.72
N PHE C 454 12.68 5.70 -27.47
CA PHE C 454 13.82 5.50 -26.58
C PHE C 454 13.45 4.41 -25.57
N ILE C 455 13.97 3.21 -25.79
CA ILE C 455 13.75 2.09 -24.89
C ILE C 455 14.95 2.04 -23.95
N LEU C 456 14.78 2.58 -22.75
CA LEU C 456 15.84 2.62 -21.76
C LEU C 456 15.68 1.47 -20.77
N SER C 457 16.80 1.01 -20.24
CA SER C 457 16.82 -0.09 -19.30
C SER C 457 16.89 0.43 -17.86
N SER C 458 16.52 -0.43 -16.93
CA SER C 458 16.50 -0.09 -15.51
C SER C 458 17.77 -0.61 -14.85
N ARG C 459 18.52 0.28 -14.22
CA ARG C 459 19.77 -0.09 -13.56
C ARG C 459 19.58 -0.45 -12.09
N ASN C 460 18.52 0.06 -11.46
CA ASN C 460 18.28 -0.25 -10.05
C ASN C 460 17.79 -1.67 -9.83
N GLU C 461 17.36 -2.36 -10.88
CA GLU C 461 16.87 -3.72 -10.74
C GLU C 461 18.00 -4.65 -10.33
N VAL C 462 17.66 -5.63 -9.48
CA VAL C 462 18.66 -6.58 -9.00
C VAL C 462 18.96 -7.67 -10.00
N ASP C 463 18.09 -7.90 -10.97
CA ASP C 463 18.28 -8.92 -12.00
C ASP C 463 18.45 -8.19 -13.33
N ARG C 464 19.71 -7.99 -13.73
CA ARG C 464 19.99 -7.25 -14.95
C ARG C 464 19.63 -8.06 -16.19
N THR C 465 19.79 -9.38 -16.15
CA THR C 465 19.39 -10.20 -17.28
C THR C 465 17.87 -10.17 -17.48
N ALA C 466 17.12 -10.15 -16.37
CA ALA C 466 15.67 -9.98 -16.47
C ALA C 466 15.32 -8.62 -17.07
N ALA C 467 16.04 -7.58 -16.66
CA ALA C 467 15.80 -6.26 -17.23
C ALA C 467 16.11 -6.23 -18.71
N ASP C 468 17.22 -6.85 -19.12
CA ASP C 468 17.58 -6.88 -20.54
C ASP C 468 16.54 -7.60 -21.37
N HIS C 469 15.98 -8.69 -20.84
CA HIS C 469 14.94 -9.41 -21.56
C HIS C 469 13.70 -8.56 -21.76
N GLN C 470 13.44 -7.61 -20.85
CA GLN C 470 12.27 -6.76 -20.99
C GLN C 470 12.47 -5.72 -22.09
N THR C 471 13.64 -5.09 -22.15
CA THR C 471 13.89 -4.11 -23.21
C THR C 471 14.09 -4.77 -24.56
N ILE C 472 14.45 -6.06 -24.60
CA ILE C 472 14.48 -6.78 -25.87
C ILE C 472 13.07 -6.99 -26.39
N LEU C 473 12.15 -7.41 -25.52
CA LEU C 473 10.76 -7.56 -25.91
C LEU C 473 10.13 -6.21 -26.27
N ARG C 474 10.45 -5.17 -25.49
CA ARG C 474 9.94 -3.84 -25.79
C ARG C 474 10.43 -3.34 -27.15
N ALA C 475 11.69 -3.60 -27.47
CA ALA C 475 12.19 -3.25 -28.80
C ALA C 475 11.49 -4.04 -29.88
N TRP C 476 11.24 -5.33 -29.64
CA TRP C 476 10.49 -6.13 -30.60
C TRP C 476 9.05 -5.66 -30.72
N ALA C 477 8.45 -5.26 -29.60
CA ALA C 477 7.06 -4.83 -29.62
C ALA C 477 6.88 -3.55 -30.43
N VAL C 478 7.78 -2.59 -30.27
CA VAL C 478 7.69 -1.34 -31.03
C VAL C 478 8.01 -1.61 -32.49
N LYS C 479 9.01 -2.45 -32.77
CA LYS C 479 9.35 -2.78 -34.14
C LYS C 479 8.24 -3.55 -34.82
N ASP C 480 7.48 -4.35 -34.07
CA ASP C 480 6.34 -5.07 -34.65
C ASP C 480 5.16 -4.15 -34.88
N PHE C 481 4.93 -3.18 -33.97
CA PHE C 481 3.80 -2.28 -34.10
C PHE C 481 4.09 -1.16 -35.09
N ALA C 482 5.26 -0.53 -34.96
CA ALA C 482 5.66 0.60 -35.82
C ALA C 482 7.02 0.26 -36.41
N PRO C 483 7.07 -0.54 -37.48
CA PRO C 483 8.36 -0.92 -38.06
C PRO C 483 9.17 0.25 -38.56
N ASN C 484 8.53 1.30 -39.08
CA ASN C 484 9.23 2.48 -39.56
C ASN C 484 9.34 3.55 -38.48
N CYS C 485 9.94 3.18 -37.35
CA CYS C 485 10.20 4.09 -36.25
C CYS C 485 11.61 3.81 -35.74
N PRO C 486 12.51 4.79 -35.77
CA PRO C 486 13.90 4.54 -35.34
C PRO C 486 13.96 4.23 -33.85
N LEU C 487 14.43 3.03 -33.52
CA LEU C 487 14.54 2.58 -32.14
C LEU C 487 15.87 3.02 -31.55
N TYR C 488 15.84 3.42 -30.28
CA TYR C 488 17.03 3.82 -29.53
C TYR C 488 17.05 3.02 -28.24
N VAL C 489 17.83 1.94 -28.23
CA VAL C 489 17.80 0.96 -27.16
C VAL C 489 19.05 1.10 -26.30
N GLN C 490 18.87 1.00 -24.99
CA GLN C 490 19.96 1.01 -24.02
C GLN C 490 20.01 -0.38 -23.39
N ILE C 491 21.09 -1.10 -23.67
CA ILE C 491 21.25 -2.49 -23.25
C ILE C 491 22.27 -2.55 -22.12
N LEU C 492 21.95 -3.32 -21.08
CA LEU C 492 22.85 -3.45 -19.92
C LEU C 492 23.93 -4.49 -20.16
N LYS C 493 23.54 -5.72 -20.50
CA LYS C 493 24.59 -6.74 -20.59
C LYS C 493 24.96 -7.02 -22.04
N PRO C 494 26.25 -7.21 -22.31
CA PRO C 494 26.69 -7.37 -23.71
C PRO C 494 26.12 -8.60 -24.39
N GLU C 495 25.80 -9.66 -23.65
CA GLU C 495 25.35 -10.89 -24.28
C GLU C 495 23.98 -10.74 -24.93
N ASN C 496 23.18 -9.78 -24.50
CA ASN C 496 21.86 -9.53 -25.07
C ASN C 496 21.88 -8.47 -26.16
N LYS C 497 23.05 -7.98 -26.54
CA LYS C 497 23.15 -6.89 -27.51
C LYS C 497 22.77 -7.33 -28.92
N PHE C 498 22.99 -8.60 -29.27
CA PHE C 498 22.77 -9.04 -30.63
C PHE C 498 21.31 -9.37 -30.94
N HIS C 499 20.44 -9.36 -29.92
CA HIS C 499 19.00 -9.47 -30.18
C HIS C 499 18.44 -8.15 -30.69
N VAL C 500 19.02 -7.03 -30.29
CA VAL C 500 18.55 -5.72 -30.69
C VAL C 500 19.52 -5.05 -31.67
N LYS C 501 20.30 -5.86 -32.41
CA LYS C 501 21.19 -5.29 -33.42
C LYS C 501 20.41 -4.59 -34.52
N PHE C 502 19.16 -4.98 -34.74
CA PHE C 502 18.32 -4.34 -35.74
C PHE C 502 18.03 -2.89 -35.41
N ALA C 503 18.17 -2.49 -34.14
CA ALA C 503 17.83 -1.13 -33.75
C ALA C 503 18.77 -0.12 -34.39
N ASP C 504 18.23 1.08 -34.62
CA ASP C 504 19.00 2.12 -35.29
C ASP C 504 20.22 2.54 -34.49
N HIS C 505 20.06 2.68 -33.17
CA HIS C 505 21.15 3.14 -32.31
C HIS C 505 21.07 2.37 -30.99
N VAL C 506 22.10 1.59 -30.70
CA VAL C 506 22.16 0.76 -29.51
C VAL C 506 23.36 1.17 -28.67
N VAL C 507 23.15 1.27 -27.36
CA VAL C 507 24.21 1.57 -26.41
C VAL C 507 24.27 0.46 -25.38
N CYS C 508 25.45 -0.13 -25.20
CA CYS C 508 25.66 -1.17 -24.21
C CYS C 508 26.33 -0.56 -22.99
N GLU C 509 25.70 -0.70 -21.82
CA GLU C 509 26.20 -0.05 -20.62
C GLU C 509 27.52 -0.67 -20.15
N GLU C 510 27.56 -1.99 -20.06
CA GLU C 510 28.76 -2.65 -19.54
C GLU C 510 29.92 -2.54 -20.52
N GLU C 511 29.66 -2.56 -21.82
CA GLU C 511 30.73 -2.42 -22.81
C GLU C 511 31.43 -1.08 -22.67
N CYS C 512 30.66 0.01 -22.60
CA CYS C 512 31.26 1.34 -22.55
C CYS C 512 31.88 1.63 -21.20
N LYS C 513 31.22 1.20 -20.12
CA LYS C 513 31.70 1.53 -18.77
C LYS C 513 33.09 0.93 -18.52
N TYR C 514 33.28 -0.33 -18.88
CA TYR C 514 34.55 -0.99 -18.62
C TYR C 514 35.64 -0.55 -19.59
N ALA C 515 35.27 -0.24 -20.83
CA ALA C 515 36.26 0.28 -21.78
C ALA C 515 36.74 1.68 -21.38
N MET C 516 35.86 2.47 -20.77
CA MET C 516 36.26 3.78 -20.27
C MET C 516 37.18 3.66 -19.06
N LEU C 517 36.86 2.73 -18.15
CA LEU C 517 37.71 2.50 -16.99
C LEU C 517 39.09 2.00 -17.40
N ALA C 518 39.14 1.09 -18.39
CA ALA C 518 40.42 0.60 -18.87
C ALA C 518 41.23 1.72 -19.52
N LEU C 519 40.57 2.57 -20.31
CA LEU C 519 41.27 3.69 -20.92
C LEU C 519 41.77 4.69 -19.89
N ASN C 520 41.07 4.82 -18.77
CA ASN C 520 41.55 5.67 -17.68
C ASN C 520 42.89 5.17 -17.14
N CYS C 521 43.18 3.88 -17.32
CA CYS C 521 44.45 3.30 -16.89
C CYS C 521 45.56 3.48 -17.91
N ILE C 522 45.25 3.88 -19.15
CA ILE C 522 46.25 4.26 -20.14
C ILE C 522 46.30 5.77 -20.29
N CYS C 523 45.20 6.38 -20.73
CA CYS C 523 45.07 7.82 -20.84
C CYS C 523 44.18 8.33 -19.72
N PRO C 524 44.71 9.03 -18.72
CA PRO C 524 43.89 9.39 -17.56
C PRO C 524 42.75 10.33 -17.91
N ALA C 525 41.67 10.21 -17.15
CA ALA C 525 40.50 11.08 -17.28
C ALA C 525 39.87 11.01 -18.67
N THR C 526 39.95 9.84 -19.32
CA THR C 526 39.20 9.63 -20.54
C THR C 526 37.70 9.66 -20.27
N SER C 527 37.29 9.14 -19.12
CA SER C 527 35.88 9.21 -18.74
C SER C 527 35.39 10.65 -18.61
N THR C 528 36.30 11.57 -18.31
CA THR C 528 35.94 12.99 -18.29
C THR C 528 35.95 13.58 -19.69
N LEU C 529 36.92 13.19 -20.51
CA LEU C 529 36.99 13.67 -21.89
C LEU C 529 35.75 13.26 -22.69
N ILE C 530 35.34 12.00 -22.53
CA ILE C 530 34.15 11.53 -23.24
C ILE C 530 32.90 12.19 -22.66
N THR C 531 32.87 12.40 -21.35
CA THR C 531 31.70 13.00 -20.71
C THR C 531 31.45 14.41 -21.22
N LEU C 532 32.49 15.24 -21.27
CA LEU C 532 32.30 16.62 -21.69
C LEU C 532 32.06 16.75 -23.19
N LEU C 533 32.34 15.70 -23.96
CA LEU C 533 32.06 15.71 -25.39
C LEU C 533 30.64 15.26 -25.72
N VAL C 534 30.01 14.47 -24.87
CA VAL C 534 28.68 13.94 -25.13
C VAL C 534 27.60 14.74 -24.40
N HIS C 535 27.94 15.93 -23.91
CA HIS C 535 26.98 16.84 -23.27
C HIS C 535 26.89 18.12 -24.08
N THR C 536 25.67 18.47 -24.50
CA THR C 536 25.44 19.64 -25.32
C THR C 536 25.47 20.89 -24.45
N SER C 537 26.59 21.59 -24.45
CA SER C 537 26.73 22.83 -23.69
C SER C 537 27.49 23.84 -24.54
N ARG C 538 27.24 25.12 -24.27
CA ARG C 538 27.87 26.20 -25.01
C ARG C 538 29.20 26.65 -24.41
N GLY C 539 29.67 25.97 -23.37
CA GLY C 539 30.92 26.34 -22.73
C GLY C 539 30.89 27.68 -22.02
N GLN C 540 29.78 28.01 -21.37
CA GLN C 540 29.66 29.23 -20.59
C GLN C 540 29.86 28.99 -19.10
N GLU C 541 30.25 27.78 -18.71
CA GLU C 541 30.39 27.44 -17.31
C GLU C 541 31.71 27.98 -16.75
N GLY C 542 31.65 28.52 -15.54
CA GLY C 542 32.84 29.00 -14.88
C GLY C 542 33.50 30.17 -15.55
N GLN C 543 32.76 30.96 -16.33
CA GLN C 543 33.33 32.11 -17.00
C GLN C 543 33.47 33.32 -16.10
N GLU C 544 32.81 33.31 -14.94
CA GLU C 544 32.93 34.37 -13.95
C GLU C 544 33.86 33.99 -12.81
N SER C 545 34.47 32.80 -12.87
CA SER C 545 35.32 32.31 -11.80
C SER C 545 36.65 33.04 -11.80
N PRO C 546 37.20 33.38 -10.63
CA PRO C 546 38.51 34.02 -10.58
C PRO C 546 39.66 33.10 -10.96
N GLU C 547 39.47 31.78 -10.84
CA GLU C 547 40.54 30.84 -11.14
C GLU C 547 40.72 30.69 -12.64
N GLN C 548 41.99 30.63 -13.07
CA GLN C 548 42.28 30.44 -14.49
C GLN C 548 41.91 29.04 -14.95
N TRP C 549 42.17 28.02 -14.12
CA TRP C 549 41.88 26.65 -14.51
C TRP C 549 40.39 26.38 -14.62
N GLN C 550 39.55 27.21 -14.00
CA GLN C 550 38.11 27.03 -14.06
C GLN C 550 37.47 27.74 -15.26
N ARG C 551 38.15 28.74 -15.83
CA ARG C 551 37.66 29.40 -17.02
C ARG C 551 38.03 28.65 -18.30
N MET C 552 39.24 28.12 -18.37
CA MET C 552 39.66 27.37 -19.55
C MET C 552 39.08 25.96 -19.56
N TYR C 553 39.01 25.29 -18.41
CA TYR C 553 38.39 23.98 -18.35
C TYR C 553 36.88 24.06 -18.48
N GLY C 554 36.30 25.19 -18.05
CA GLY C 554 34.88 25.41 -18.24
C GLY C 554 34.49 25.87 -19.63
N ARG C 555 35.40 26.54 -20.35
CA ARG C 555 35.08 26.95 -21.71
C ARG C 555 35.37 25.84 -22.71
N CYS C 556 36.48 25.12 -22.52
CA CYS C 556 36.81 24.01 -23.41
C CYS C 556 35.84 22.84 -23.27
N SER C 557 35.00 22.83 -22.24
CA SER C 557 33.99 21.79 -22.09
C SER C 557 32.81 21.97 -23.03
N GLY C 558 32.72 23.09 -23.73
CA GLY C 558 31.69 23.29 -24.71
C GLY C 558 31.93 22.63 -26.03
N ASN C 559 33.06 21.94 -26.17
CA ASN C 559 33.37 21.23 -27.40
C ASN C 559 32.45 20.03 -27.56
N GLU C 560 32.01 19.80 -28.80
CA GLU C 560 31.25 18.61 -29.16
C GLU C 560 31.77 18.10 -30.50
N VAL C 561 31.33 16.92 -30.88
CA VAL C 561 31.73 16.30 -32.14
C VAL C 561 30.64 16.58 -33.17
N TYR C 562 30.97 17.34 -34.20
CA TYR C 562 30.04 17.70 -35.26
C TYR C 562 30.52 17.07 -36.57
N HIS C 563 29.65 17.13 -37.58
CA HIS C 563 29.98 16.58 -38.88
C HIS C 563 29.50 17.53 -39.96
N ILE C 564 30.23 17.54 -41.09
CA ILE C 564 29.89 18.38 -42.22
C ILE C 564 30.54 17.78 -43.45
N ARG C 565 29.88 17.91 -44.59
CA ARG C 565 30.45 17.47 -45.86
C ARG C 565 31.64 18.35 -46.21
N MET C 566 32.67 17.75 -46.80
CA MET C 566 33.89 18.49 -47.11
C MET C 566 33.63 19.65 -48.06
N GLY C 567 32.86 19.40 -49.13
CA GLY C 567 32.66 20.42 -50.14
C GLY C 567 31.97 21.66 -49.61
N ASP C 568 31.06 21.48 -48.66
CA ASP C 568 30.27 22.58 -48.11
C ASP C 568 30.73 23.01 -46.73
N SER C 569 32.00 22.83 -46.40
CA SER C 569 32.54 23.15 -45.08
C SER C 569 33.53 24.30 -45.23
N LYS C 570 33.18 25.47 -44.70
CA LYS C 570 34.09 26.60 -44.73
C LYS C 570 35.34 26.36 -43.88
N PHE C 571 35.29 25.38 -42.96
CA PHE C 571 36.48 25.03 -42.19
C PHE C 571 37.48 24.25 -43.02
N PHE C 572 37.00 23.40 -43.94
CA PHE C 572 37.86 22.41 -44.58
C PHE C 572 37.86 22.42 -46.10
N ARG C 573 36.93 23.15 -46.75
CA ARG C 573 36.77 23.01 -48.19
C ARG C 573 38.02 23.47 -48.96
N GLU C 574 38.85 24.32 -48.35
CA GLU C 574 40.07 24.78 -49.01
C GLU C 574 41.18 23.74 -49.00
N TYR C 575 40.96 22.58 -48.38
CA TYR C 575 41.96 21.52 -48.31
C TYR C 575 41.66 20.37 -49.27
N GLU C 576 40.90 20.63 -50.33
CA GLU C 576 40.61 19.60 -51.31
C GLU C 576 41.90 19.12 -51.97
N GLY C 577 42.05 17.80 -52.04
CA GLY C 577 43.27 17.20 -52.56
C GLY C 577 44.43 17.16 -51.60
N LYS C 578 44.25 17.60 -50.37
CA LYS C 578 45.30 17.62 -49.36
C LYS C 578 45.12 16.45 -48.40
N SER C 579 46.22 16.10 -47.73
CA SER C 579 46.18 14.98 -46.80
C SER C 579 45.39 15.33 -45.55
N PHE C 580 44.89 14.29 -44.88
CA PHE C 580 44.07 14.49 -43.68
C PHE C 580 44.87 15.17 -42.58
N THR C 581 46.13 14.77 -42.39
CA THR C 581 46.97 15.40 -41.38
C THR C 581 47.25 16.86 -41.72
N TYR C 582 47.34 17.19 -43.01
CA TYR C 582 47.54 18.57 -43.42
C TYR C 582 46.33 19.43 -43.04
N ALA C 583 45.13 18.96 -43.35
CA ALA C 583 43.92 19.74 -43.07
C ALA C 583 43.65 19.82 -41.57
N ALA C 584 43.95 18.74 -40.84
CA ALA C 584 43.67 18.73 -39.40
C ALA C 584 44.48 19.79 -38.67
N PHE C 585 45.73 20.00 -39.09
CA PHE C 585 46.58 21.00 -38.44
C PHE C 585 46.13 22.41 -38.78
N HIS C 586 46.05 22.73 -40.07
CA HIS C 586 45.81 24.11 -40.49
C HIS C 586 44.43 24.58 -40.06
N ALA C 587 43.44 23.68 -40.07
CA ALA C 587 42.13 24.05 -39.57
C ALA C 587 42.19 24.39 -38.08
N HIS C 588 42.97 23.63 -37.31
CA HIS C 588 43.16 23.95 -35.90
C HIS C 588 44.01 25.20 -35.74
N LYS C 589 45.00 25.38 -36.61
CA LYS C 589 45.83 26.58 -36.57
C LYS C 589 45.04 27.84 -36.89
N LYS C 590 44.10 27.74 -37.83
CA LYS C 590 43.33 28.89 -38.30
C LYS C 590 42.07 29.13 -37.48
N TYR C 591 41.19 28.13 -37.40
CA TYR C 591 39.89 28.30 -36.76
C TYR C 591 39.77 27.64 -35.40
N GLY C 592 40.68 26.72 -35.05
CA GLY C 592 40.64 26.06 -33.77
C GLY C 592 39.84 24.78 -33.72
N VAL C 593 39.38 24.26 -34.86
CA VAL C 593 38.63 23.01 -34.91
C VAL C 593 39.61 21.85 -35.00
N CYS C 594 39.23 20.72 -34.41
CA CYS C 594 40.06 19.52 -34.39
C CYS C 594 39.40 18.46 -35.26
N LEU C 595 39.99 18.19 -36.42
CA LEU C 595 39.46 17.20 -37.36
C LEU C 595 39.92 15.82 -36.91
N ILE C 596 39.03 15.09 -36.24
CA ILE C 596 39.41 13.80 -35.68
C ILE C 596 39.26 12.65 -36.67
N GLY C 597 38.31 12.76 -37.61
CA GLY C 597 38.09 11.67 -38.53
C GLY C 597 37.12 12.07 -39.62
N LEU C 598 36.95 11.16 -40.57
CA LEU C 598 36.08 11.38 -41.72
C LEU C 598 35.28 10.11 -41.99
N LYS C 599 34.38 10.20 -42.97
CA LYS C 599 33.61 9.06 -43.46
C LYS C 599 33.42 9.23 -44.96
N ARG C 600 33.95 8.29 -45.73
CA ARG C 600 33.86 8.38 -47.19
C ARG C 600 32.44 8.12 -47.66
N GLU C 601 32.08 8.71 -48.80
CA GLU C 601 30.74 8.53 -49.35
C GLU C 601 30.52 7.10 -49.83
N ASP C 602 31.59 6.39 -50.21
CA ASP C 602 31.43 5.02 -50.66
C ASP C 602 31.05 4.09 -49.52
N ASN C 603 31.71 4.22 -48.38
CA ASN C 603 31.49 3.33 -47.25
C ASN C 603 30.60 3.99 -46.21
N LYS C 604 30.24 3.22 -45.18
CA LYS C 604 29.57 3.74 -44.00
C LYS C 604 30.51 3.85 -42.80
N SER C 605 31.65 3.16 -42.84
CA SER C 605 32.57 3.14 -41.72
C SER C 605 33.14 4.54 -41.46
N ILE C 606 33.23 4.90 -40.19
CA ILE C 606 33.85 6.16 -39.77
C ILE C 606 35.27 5.84 -39.30
N LEU C 607 36.24 6.56 -39.85
CA LEU C 607 37.65 6.37 -39.54
C LEU C 607 38.14 7.53 -38.69
N LEU C 608 38.69 7.24 -37.52
CA LEU C 608 39.33 8.25 -36.70
C LEU C 608 40.80 8.36 -37.11
N ASN C 609 41.21 9.56 -37.52
CA ASN C 609 42.55 9.80 -38.04
C ASN C 609 42.89 8.79 -39.12
N PRO C 610 42.29 8.91 -40.32
CA PRO C 610 42.56 7.92 -41.38
C PRO C 610 44.02 7.86 -41.79
N GLY C 611 44.81 8.89 -41.53
CA GLY C 611 46.22 8.87 -41.79
C GLY C 611 46.68 9.95 -42.74
N PRO C 612 47.98 10.13 -42.86
CA PRO C 612 48.52 11.11 -43.80
C PRO C 612 48.39 10.65 -45.25
N ARG C 613 48.36 9.33 -45.44
CA ARG C 613 48.20 8.77 -46.77
C ARG C 613 46.80 8.96 -47.33
N HIS C 614 45.84 9.36 -46.50
CA HIS C 614 44.48 9.57 -46.96
C HIS C 614 44.35 10.96 -47.57
N ILE C 615 43.87 11.03 -48.80
CA ILE C 615 43.71 12.29 -49.52
C ILE C 615 42.24 12.69 -49.47
N LEU C 616 41.99 13.94 -49.09
CA LEU C 616 40.63 14.41 -48.89
C LEU C 616 39.91 14.56 -50.24
N ALA C 617 38.57 14.53 -50.17
CA ALA C 617 37.73 14.64 -51.35
C ALA C 617 36.49 15.46 -51.01
N ALA C 618 35.87 16.03 -52.04
CA ALA C 618 34.73 16.92 -51.86
C ALA C 618 33.49 16.21 -51.32
N SER C 619 33.42 14.88 -51.41
CA SER C 619 32.25 14.13 -50.97
C SER C 619 32.42 13.53 -49.58
N ASP C 620 33.55 13.74 -48.93
CA ASP C 620 33.77 13.18 -47.60
C ASP C 620 32.98 13.95 -46.56
N THR C 621 32.60 13.23 -45.49
CA THR C 621 31.97 13.84 -44.33
C THR C 621 33.03 14.00 -43.25
N CYS C 622 33.30 15.24 -42.86
CA CYS C 622 34.38 15.57 -41.95
C CYS C 622 33.83 15.68 -40.54
N PHE C 623 34.40 14.91 -39.61
CA PHE C 623 34.02 14.93 -38.21
C PHE C 623 35.03 15.74 -37.42
N TYR C 624 34.57 16.80 -36.78
CA TYR C 624 35.46 17.73 -36.09
C TYR C 624 34.92 18.03 -34.69
N ILE C 625 35.84 18.43 -33.81
CA ILE C 625 35.51 18.85 -32.45
C ILE C 625 35.64 20.37 -32.39
N ASN C 626 34.59 21.04 -31.94
CA ASN C 626 34.59 22.49 -31.84
C ASN C 626 33.53 22.92 -30.82
N ILE C 627 33.69 24.15 -30.33
CA ILE C 627 32.73 24.70 -29.38
C ILE C 627 31.37 24.88 -30.03
N THR C 628 31.34 25.40 -31.25
CA THR C 628 30.10 25.73 -31.94
C THR C 628 30.05 25.03 -33.29
N LYS C 629 28.83 24.72 -33.73
CA LYS C 629 28.64 24.11 -35.04
C LYS C 629 29.09 25.08 -36.14
N GLU C 630 29.49 24.51 -37.27
CA GLU C 630 29.88 25.33 -38.41
C GLU C 630 28.75 26.25 -38.86
N GLU C 631 27.52 25.71 -38.91
CA GLU C 631 26.37 26.53 -39.24
C GLU C 631 26.13 27.60 -38.18
N ASN C 632 26.35 27.26 -36.91
CA ASN C 632 26.15 28.19 -35.81
C ASN C 632 27.40 29.00 -35.49
N SER C 633 28.49 28.84 -36.24
CA SER C 633 29.70 29.62 -36.07
C SER C 633 29.80 30.75 -37.09
N ALA C 634 28.68 31.37 -37.42
CA ALA C 634 28.71 32.49 -38.36
C ALA C 634 29.51 33.67 -37.82
N PHE C 635 29.75 33.73 -36.52
CA PHE C 635 30.49 34.86 -35.94
C PHE C 635 31.98 34.78 -36.24
N ILE C 636 32.57 33.58 -36.19
CA ILE C 636 34.01 33.48 -36.40
C ILE C 636 34.37 33.80 -37.84
N PHE C 637 33.53 33.38 -38.80
CA PHE C 637 33.72 33.82 -40.18
C PHE C 637 33.45 35.31 -40.32
N LYS C 638 32.46 35.83 -39.59
CA LYS C 638 32.23 37.27 -39.57
C LYS C 638 33.40 38.00 -38.92
N GLN C 639 33.94 37.42 -37.84
CA GLN C 639 35.13 38.00 -37.23
C GLN C 639 36.35 37.88 -38.13
N GLU C 640 36.37 36.88 -39.01
CA GLU C 640 37.46 36.76 -39.97
C GLU C 640 37.41 37.88 -41.00
N GLU C 641 36.22 38.31 -41.41
CA GLU C 641 36.11 39.41 -42.34
C GLU C 641 36.47 40.76 -41.73
N LYS C 642 36.42 40.87 -40.40
CA LYS C 642 36.77 42.12 -39.75
C LYS C 642 38.26 42.43 -39.91
N ARG C 643 39.11 41.41 -39.76
CA ARG C 643 40.55 41.63 -39.87
C ARG C 643 40.97 41.89 -41.31
N LYS C 644 40.45 41.11 -42.24
CA LYS C 644 40.80 41.26 -43.65
C LYS C 644 40.02 42.40 -44.28
N ILE C 710 60.75 23.15 -35.93
CA ILE C 710 59.78 22.08 -36.17
C ILE C 710 59.59 21.89 -37.66
N ALA C 711 59.62 20.63 -38.09
CA ALA C 711 59.45 20.32 -39.50
C ALA C 711 58.05 20.73 -39.96
N PRO C 712 57.92 21.24 -41.18
CA PRO C 712 56.60 21.67 -41.66
C PRO C 712 55.71 20.49 -42.01
N VAL C 713 54.41 20.78 -42.11
CA VAL C 713 53.42 19.75 -42.38
C VAL C 713 53.30 19.57 -43.89
N LEU C 714 53.53 18.34 -44.36
CA LEU C 714 53.53 18.06 -45.78
C LEU C 714 52.11 18.03 -46.34
N GLU C 715 51.97 18.55 -47.56
CA GLU C 715 50.68 18.50 -48.25
C GLU C 715 50.27 17.08 -48.64
N LEU C 716 51.24 16.17 -48.78
CA LEU C 716 50.98 14.78 -49.10
C LEU C 716 51.89 13.89 -48.27
N ALA C 717 51.46 12.64 -48.08
CA ALA C 717 52.25 11.68 -47.33
C ALA C 717 53.47 11.25 -48.14
N VAL C 747 59.17 -14.53 -21.20
CA VAL C 747 58.21 -15.12 -22.13
C VAL C 747 57.85 -14.10 -23.21
N GLU C 748 57.86 -14.55 -24.46
CA GLU C 748 57.54 -13.70 -25.60
C GLU C 748 56.07 -13.87 -25.96
N TYR C 749 55.35 -12.76 -26.05
CA TYR C 749 53.91 -12.78 -26.34
C TYR C 749 53.67 -12.69 -27.84
N VAL C 750 52.75 -13.51 -28.32
CA VAL C 750 52.37 -13.48 -29.72
C VAL C 750 51.23 -12.49 -29.92
N LYS C 751 51.08 -12.00 -31.14
CA LYS C 751 50.01 -11.07 -31.50
C LYS C 751 48.97 -11.82 -32.30
N GLY C 752 47.74 -11.88 -31.78
CA GLY C 752 46.66 -12.57 -32.45
C GLY C 752 45.34 -12.28 -31.77
N TYR C 753 44.27 -12.65 -32.44
CA TYR C 753 42.93 -12.45 -31.89
C TYR C 753 42.65 -13.48 -30.81
N PRO C 754 41.94 -13.09 -29.74
CA PRO C 754 41.58 -14.04 -28.70
C PRO C 754 40.73 -15.17 -29.26
N PRO C 755 40.97 -16.41 -28.82
CA PRO C 755 40.24 -17.56 -29.40
C PRO C 755 38.76 -17.57 -29.08
N ASN C 756 38.40 -17.41 -27.81
CA ASN C 756 37.02 -17.59 -27.35
C ASN C 756 36.42 -16.22 -27.08
N SER C 757 35.63 -15.73 -28.03
CA SER C 757 34.85 -14.51 -27.80
C SER C 757 33.69 -14.84 -26.87
N PRO C 758 33.58 -14.18 -25.72
CA PRO C 758 32.54 -14.57 -24.75
C PRO C 758 31.11 -14.36 -25.24
N TYR C 759 30.89 -13.48 -26.23
CA TYR C 759 29.54 -13.21 -26.68
C TYR C 759 29.56 -12.80 -28.15
N ILE C 760 28.38 -12.87 -28.77
CA ILE C 760 28.23 -12.48 -30.17
C ILE C 760 28.23 -10.96 -30.25
N GLY C 761 28.89 -10.42 -31.28
CA GLY C 761 29.06 -9.00 -31.42
C GLY C 761 30.31 -8.43 -30.78
N SER C 762 31.07 -9.26 -30.06
CA SER C 762 32.34 -8.83 -29.48
C SER C 762 33.31 -8.54 -30.61
N SER C 763 33.66 -7.26 -30.79
CA SER C 763 34.52 -6.86 -31.89
C SER C 763 35.90 -7.48 -31.73
N PRO C 764 36.39 -8.24 -32.70
CA PRO C 764 37.71 -8.87 -32.56
C PRO C 764 38.83 -7.85 -32.62
N THR C 765 39.53 -7.66 -31.51
CA THR C 765 40.65 -6.74 -31.41
C THR C 765 41.95 -7.53 -31.30
N LEU C 766 42.94 -7.14 -32.10
CA LEU C 766 44.24 -7.80 -32.04
C LEU C 766 44.92 -7.49 -30.71
N CYS C 767 45.14 -8.52 -29.91
CA CYS C 767 45.66 -8.36 -28.56
C CYS C 767 46.91 -9.21 -28.35
N HIS C 768 47.72 -8.79 -27.39
CA HIS C 768 48.84 -9.62 -26.94
C HIS C 768 48.29 -10.89 -26.32
N LEU C 769 48.88 -12.03 -26.69
CA LEU C 769 48.40 -13.33 -26.23
C LEU C 769 49.56 -14.19 -25.77
N LEU C 770 49.28 -15.05 -24.79
CA LEU C 770 50.25 -16.05 -24.38
C LEU C 770 50.42 -17.08 -25.48
N PRO C 771 51.63 -17.60 -25.69
CA PRO C 771 51.81 -18.66 -26.70
C PRO C 771 50.97 -19.89 -26.44
N VAL C 772 50.74 -20.23 -25.17
CA VAL C 772 49.89 -21.35 -24.78
C VAL C 772 48.89 -20.83 -23.76
N LYS C 773 47.62 -21.23 -23.92
CA LYS C 773 46.58 -20.77 -23.01
C LYS C 773 46.92 -21.14 -21.57
N ALA C 774 46.71 -20.19 -20.66
CA ALA C 774 47.05 -20.41 -19.26
C ALA C 774 46.02 -21.32 -18.61
N PRO C 775 46.44 -22.32 -17.85
CA PRO C 775 45.48 -23.16 -17.12
C PRO C 775 44.73 -22.34 -16.08
N PHE C 776 43.52 -22.80 -15.75
CA PHE C 776 42.69 -22.10 -14.79
C PHE C 776 43.33 -22.00 -13.42
N CYS C 777 44.28 -22.88 -13.10
CA CYS C 777 44.97 -22.81 -11.82
C CYS C 777 45.94 -21.63 -11.78
N CYS C 778 46.57 -21.32 -12.91
CA CYS C 778 47.57 -20.25 -12.96
C CYS C 778 46.95 -18.86 -12.98
N LEU C 779 45.62 -18.76 -13.13
CA LEU C 779 44.95 -17.47 -13.14
C LEU C 779 44.59 -16.98 -11.75
N ARG C 780 45.00 -17.69 -10.71
CA ARG C 780 44.60 -17.40 -9.34
C ARG C 780 45.79 -16.89 -8.55
N LEU C 781 45.56 -15.85 -7.75
CA LEU C 781 46.61 -15.23 -6.94
C LEU C 781 46.81 -15.93 -5.61
N ASP C 782 45.74 -16.11 -4.84
CA ASP C 782 45.88 -16.60 -3.47
C ASP C 782 46.37 -18.05 -3.44
N LYS C 783 45.87 -18.89 -4.33
CA LYS C 783 46.22 -20.30 -4.31
C LYS C 783 47.38 -20.60 -5.24
N GLY C 784 48.23 -21.54 -4.83
CA GLY C 784 49.36 -21.97 -5.63
C GLY C 784 49.05 -23.24 -6.39
N CYS C 785 49.79 -23.45 -7.48
CA CYS C 785 49.59 -24.62 -8.33
C CYS C 785 50.92 -25.31 -8.62
N LYS C 786 50.91 -26.28 -9.54
CA LYS C 786 52.14 -26.99 -9.88
C LYS C 786 53.15 -26.07 -10.55
N HIS C 787 52.69 -25.16 -11.40
CA HIS C 787 53.61 -24.24 -12.07
C HIS C 787 54.22 -23.24 -11.09
N ASN C 788 53.43 -22.72 -10.14
CA ASN C 788 53.93 -21.73 -9.21
C ASN C 788 53.22 -21.89 -7.87
N SER C 789 53.98 -21.71 -6.80
CA SER C 789 53.46 -21.77 -5.45
C SER C 789 53.25 -20.38 -4.84
N TYR C 790 53.28 -19.33 -5.67
CA TYR C 790 53.10 -17.97 -5.17
C TYR C 790 51.68 -17.81 -4.63
N GLU C 791 51.57 -17.06 -3.52
CA GLU C 791 50.30 -16.88 -2.84
C GLU C 791 49.79 -15.44 -2.87
N ASP C 792 50.59 -14.48 -3.32
CA ASP C 792 50.17 -13.09 -3.39
C ASP C 792 51.07 -12.37 -4.38
N ALA C 793 50.83 -11.06 -4.52
CA ALA C 793 51.52 -10.28 -5.55
C ALA C 793 53.01 -10.11 -5.28
N LYS C 794 53.43 -10.13 -4.01
CA LYS C 794 54.85 -9.94 -3.71
C LYS C 794 55.67 -11.11 -4.25
N ALA C 795 55.16 -12.32 -4.14
CA ALA C 795 55.91 -13.49 -4.59
C ALA C 795 56.05 -13.52 -6.11
N TYR C 796 55.09 -12.94 -6.84
CA TYR C 796 55.18 -12.94 -8.30
C TYR C 796 56.31 -12.03 -8.79
N GLY C 797 56.64 -10.98 -8.03
CA GLY C 797 57.72 -10.09 -8.42
C GLY C 797 57.45 -9.34 -9.71
N PHE C 798 56.26 -8.74 -9.83
CA PHE C 798 55.88 -8.05 -11.05
C PHE C 798 56.83 -6.89 -11.34
N LYS C 799 57.12 -6.68 -12.62
CA LYS C 799 58.01 -5.61 -13.05
C LYS C 799 57.31 -4.26 -13.11
N ASN C 800 56.02 -4.23 -13.44
CA ASN C 800 55.25 -2.99 -13.56
C ASN C 800 54.22 -2.90 -12.45
N LYS C 801 53.61 -1.73 -12.33
CA LYS C 801 52.56 -1.53 -11.35
C LYS C 801 51.30 -2.29 -11.74
N LEU C 802 50.54 -2.69 -10.73
CA LEU C 802 49.36 -3.52 -10.94
C LEU C 802 48.10 -2.67 -11.12
N ILE C 803 47.11 -3.28 -11.76
CA ILE C 803 45.78 -2.71 -11.90
C ILE C 803 44.81 -3.66 -11.20
N ILE C 804 44.11 -3.13 -10.18
CA ILE C 804 43.22 -3.94 -9.35
C ILE C 804 41.80 -3.52 -9.65
N VAL C 805 40.95 -4.50 -9.99
CA VAL C 805 39.55 -4.27 -10.32
C VAL C 805 38.71 -4.96 -9.25
N SER C 806 37.98 -4.16 -8.48
CA SER C 806 37.10 -4.69 -7.43
C SER C 806 35.70 -4.87 -8.00
N ALA C 807 35.50 -5.99 -8.69
CA ALA C 807 34.24 -6.32 -9.31
C ALA C 807 33.46 -7.32 -8.47
N GLU C 808 32.17 -7.44 -8.76
CA GLU C 808 31.32 -8.39 -8.04
C GLU C 808 31.28 -9.73 -8.78
N THR C 809 30.83 -9.72 -10.03
CA THR C 809 30.79 -10.91 -10.86
C THR C 809 31.55 -10.66 -12.14
N ALA C 810 32.42 -11.60 -12.52
CA ALA C 810 33.21 -11.48 -13.72
C ALA C 810 32.43 -12.06 -14.89
N GLY C 811 31.90 -11.17 -15.74
CA GLY C 811 31.12 -11.56 -16.89
C GLY C 811 31.74 -11.00 -18.16
N ASN C 812 30.85 -10.76 -19.14
CA ASN C 812 31.31 -10.21 -20.42
C ASN C 812 31.70 -8.74 -20.29
N GLY C 813 31.14 -8.04 -19.30
CA GLY C 813 31.52 -6.64 -19.09
C GLY C 813 32.96 -6.49 -18.66
N LEU C 814 33.40 -7.33 -17.71
CA LEU C 814 34.78 -7.26 -17.26
C LEU C 814 35.75 -7.73 -18.33
N TYR C 815 35.27 -8.51 -19.30
CA TYR C 815 36.10 -8.88 -20.43
C TYR C 815 36.49 -7.66 -21.25
N ASN C 816 35.56 -6.71 -21.41
CA ASN C 816 35.83 -5.48 -22.13
C ASN C 816 36.78 -4.55 -21.37
N PHE C 817 37.07 -4.86 -20.10
CA PHE C 817 38.10 -4.11 -19.38
C PHE C 817 39.50 -4.57 -19.77
N ILE C 818 39.67 -5.86 -20.03
CA ILE C 818 41.00 -6.40 -20.28
C ILE C 818 41.46 -6.16 -21.71
N VAL C 819 40.54 -6.18 -22.67
CA VAL C 819 40.95 -6.07 -24.08
C VAL C 819 41.65 -4.75 -24.38
N PRO C 820 41.16 -3.58 -23.97
CA PRO C 820 41.93 -2.35 -24.19
C PRO C 820 43.29 -2.35 -23.53
N LEU C 821 43.43 -2.98 -22.36
CA LEU C 821 44.73 -3.02 -21.69
C LEU C 821 45.69 -3.97 -22.37
N ARG C 822 45.21 -4.88 -23.21
CA ARG C 822 46.04 -5.89 -23.85
C ARG C 822 46.08 -5.76 -25.37
N ALA C 823 45.61 -4.65 -25.92
CA ALA C 823 45.59 -4.48 -27.36
C ALA C 823 47.00 -4.41 -27.92
N TYR C 824 47.13 -4.72 -29.21
CA TYR C 824 48.45 -4.88 -29.81
C TYR C 824 49.20 -3.56 -29.91
N TYR C 825 48.48 -2.44 -30.05
CA TYR C 825 49.16 -1.15 -30.14
C TYR C 825 49.63 -0.64 -28.79
N ARG C 826 49.19 -1.25 -27.69
CA ARG C 826 49.76 -0.96 -26.39
C ARG C 826 51.19 -1.49 -26.30
N SER C 827 51.99 -0.86 -25.44
CA SER C 827 53.38 -1.25 -25.30
C SER C 827 53.49 -2.57 -24.56
N ARG C 828 54.34 -3.47 -25.09
CA ARG C 828 54.58 -4.75 -24.43
C ARG C 828 55.29 -4.53 -23.09
N LYS C 829 56.29 -3.67 -23.06
CA LYS C 829 57.06 -3.44 -21.84
C LYS C 829 56.28 -2.67 -20.79
N GLU C 830 55.16 -2.05 -21.18
CA GLU C 830 54.31 -1.31 -20.25
C GLU C 830 53.02 -2.05 -19.93
N LEU C 831 52.97 -3.36 -20.18
CA LEU C 831 51.78 -4.15 -19.88
C LEU C 831 51.56 -4.20 -18.38
N ASN C 832 50.44 -3.62 -17.93
CA ASN C 832 50.11 -3.59 -16.51
C ASN C 832 49.44 -4.91 -16.11
N PRO C 833 49.98 -5.65 -15.14
CA PRO C 833 49.28 -6.84 -14.67
C PRO C 833 47.91 -6.48 -14.10
N ILE C 834 46.94 -7.36 -14.34
CA ILE C 834 45.55 -7.13 -13.95
C ILE C 834 45.19 -8.14 -12.88
N VAL C 835 44.74 -7.64 -11.73
CA VAL C 835 44.26 -8.48 -10.63
C VAL C 835 42.79 -8.20 -10.44
N LEU C 836 41.95 -9.20 -10.70
CA LEU C 836 40.51 -9.08 -10.56
C LEU C 836 40.11 -9.47 -9.14
N LEU C 837 39.66 -8.50 -8.35
CA LEU C 837 39.25 -8.76 -6.98
C LEU C 837 37.75 -8.98 -6.97
N LEU C 838 37.35 -10.23 -7.19
CA LEU C 838 35.95 -10.63 -7.17
C LEU C 838 35.58 -11.15 -5.78
N ASP C 839 34.29 -11.09 -5.46
CA ASP C 839 33.80 -11.75 -4.26
C ASP C 839 33.08 -13.06 -4.57
N ASN C 840 32.69 -13.26 -5.83
CA ASN C 840 32.16 -14.52 -6.30
C ASN C 840 33.18 -15.20 -7.18
N LYS C 841 33.33 -16.51 -7.02
CA LYS C 841 34.31 -17.26 -7.81
C LYS C 841 33.91 -17.21 -9.27
N PRO C 842 34.82 -16.86 -10.18
CA PRO C 842 34.44 -16.72 -11.58
C PRO C 842 34.02 -18.05 -12.20
N ASP C 843 33.05 -17.96 -13.11
CA ASP C 843 32.61 -19.13 -13.86
C ASP C 843 33.66 -19.51 -14.90
N HIS C 844 33.60 -20.77 -15.35
CA HIS C 844 34.61 -21.25 -16.29
C HIS C 844 34.49 -20.58 -17.65
N HIS C 845 33.31 -20.05 -17.99
CA HIS C 845 33.14 -19.36 -19.26
C HIS C 845 34.00 -18.10 -19.31
N PHE C 846 34.04 -17.34 -18.21
CA PHE C 846 34.86 -16.14 -18.17
C PHE C 846 36.35 -16.49 -18.25
N LEU C 847 36.78 -17.51 -17.50
CA LEU C 847 38.19 -17.89 -17.51
C LEU C 847 38.61 -18.42 -18.86
N GLU C 848 37.71 -19.09 -19.59
CA GLU C 848 38.02 -19.54 -20.95
C GLU C 848 38.30 -18.35 -21.86
N ALA C 849 37.68 -17.21 -21.59
CA ALA C 849 37.90 -16.01 -22.42
C ALA C 849 39.23 -15.35 -22.10
N ILE C 850 39.62 -15.34 -20.82
CA ILE C 850 40.80 -14.59 -20.38
C ILE C 850 42.02 -15.47 -20.15
N CYS C 851 41.92 -16.78 -20.39
CA CYS C 851 43.07 -17.66 -20.19
C CYS C 851 44.19 -17.41 -21.17
N CYS C 852 43.93 -16.69 -22.27
CA CYS C 852 44.94 -16.42 -23.27
C CYS C 852 45.67 -15.11 -23.05
N PHE C 853 45.12 -14.20 -22.25
CA PHE C 853 45.74 -12.90 -22.04
C PHE C 853 46.93 -13.01 -21.09
N PRO C 854 47.98 -12.23 -21.33
CA PRO C 854 49.16 -12.28 -20.44
C PRO C 854 48.94 -11.48 -19.18
N MET C 855 49.32 -12.08 -18.05
CA MET C 855 49.31 -11.44 -16.73
C MET C 855 47.92 -10.92 -16.37
N VAL C 856 46.98 -11.86 -16.29
CA VAL C 856 45.62 -11.59 -15.81
C VAL C 856 45.32 -12.60 -14.71
N TYR C 857 45.08 -12.10 -13.50
CA TYR C 857 44.86 -12.94 -12.33
C TYR C 857 43.59 -12.50 -11.60
N TYR C 858 43.06 -13.39 -10.78
CA TYR C 858 41.90 -13.09 -9.96
C TYR C 858 42.11 -13.66 -8.57
N MET C 859 41.39 -13.09 -7.60
CA MET C 859 41.42 -13.58 -6.24
C MET C 859 40.15 -13.12 -5.53
N GLU C 860 39.71 -13.91 -4.55
CA GLU C 860 38.50 -13.58 -3.82
C GLU C 860 38.75 -12.44 -2.83
N GLY C 861 37.76 -11.57 -2.70
CA GLY C 861 37.84 -10.45 -1.79
C GLY C 861 36.98 -9.30 -2.29
N SER C 862 37.18 -8.15 -1.66
CA SER C 862 36.43 -6.94 -2.01
C SER C 862 37.21 -5.73 -1.50
N VAL C 863 36.73 -4.54 -1.87
CA VAL C 863 37.39 -3.30 -1.47
C VAL C 863 37.13 -2.93 -0.03
N ASP C 864 36.14 -3.54 0.62
CA ASP C 864 35.84 -3.27 2.01
C ASP C 864 36.64 -4.15 2.96
N ASN C 865 37.51 -5.02 2.44
CA ASN C 865 38.27 -5.97 3.24
C ASN C 865 39.75 -5.70 2.99
N LEU C 866 40.45 -5.22 4.03
CA LEU C 866 41.80 -4.70 3.85
C LEU C 866 42.80 -5.80 3.53
N ASP C 867 42.66 -6.98 4.14
CA ASP C 867 43.67 -8.02 3.97
C ASP C 867 43.74 -8.50 2.52
N SER C 868 42.57 -8.65 1.87
CA SER C 868 42.55 -9.10 0.48
C SER C 868 43.25 -8.10 -0.43
N LEU C 869 43.02 -6.80 -0.21
CA LEU C 869 43.67 -5.77 -1.00
C LEU C 869 45.19 -5.79 -0.81
N LEU C 870 45.64 -6.04 0.43
CA LEU C 870 47.07 -6.10 0.68
C LEU C 870 47.70 -7.32 0.00
N GLN C 871 46.97 -8.43 -0.07
CA GLN C 871 47.48 -9.59 -0.80
C GLN C 871 47.38 -9.39 -2.30
N CYS C 872 46.42 -8.58 -2.75
CA CYS C 872 46.30 -8.29 -4.17
C CYS C 872 47.51 -7.53 -4.69
N GLY C 873 48.17 -6.75 -3.84
CA GLY C 873 49.30 -5.95 -4.26
C GLY C 873 48.98 -4.48 -4.36
N ILE C 874 48.14 -3.99 -3.44
CA ILE C 874 47.73 -2.60 -3.47
C ILE C 874 48.87 -1.66 -3.13
N ILE C 875 49.96 -2.17 -2.55
CA ILE C 875 51.12 -1.34 -2.26
C ILE C 875 51.79 -0.88 -3.54
N TYR C 876 51.81 -1.74 -4.56
CA TYR C 876 52.45 -1.45 -5.84
C TYR C 876 51.43 -1.48 -6.97
N ALA C 877 50.28 -0.86 -6.74
CA ALA C 877 49.22 -0.76 -7.74
C ALA C 877 49.12 0.67 -8.24
N ASP C 878 49.12 0.83 -9.57
CA ASP C 878 48.97 2.16 -10.15
C ASP C 878 47.53 2.65 -10.05
N ASN C 879 46.56 1.75 -10.19
CA ASN C 879 45.15 2.11 -10.15
C ASN C 879 44.39 1.06 -9.36
N LEU C 880 43.23 1.46 -8.83
CA LEU C 880 42.31 0.55 -8.16
C LEU C 880 40.90 0.89 -8.66
N VAL C 881 40.38 0.04 -9.55
CA VAL C 881 39.07 0.27 -10.15
C VAL C 881 38.02 -0.39 -9.29
N VAL C 882 36.97 0.37 -8.94
CA VAL C 882 35.88 -0.11 -8.11
C VAL C 882 34.60 -0.05 -8.94
N VAL C 883 33.97 -1.21 -9.15
CA VAL C 883 32.74 -1.30 -9.93
C VAL C 883 31.66 -2.10 -9.21
N ASP C 884 31.85 -2.47 -7.95
CA ASP C 884 30.92 -3.35 -7.28
C ASP C 884 29.55 -2.71 -7.15
N LYS C 885 28.52 -3.54 -7.31
CA LYS C 885 27.15 -3.09 -7.19
C LYS C 885 26.76 -2.97 -5.72
N GLU C 886 25.71 -2.18 -5.46
CA GLU C 886 25.23 -1.97 -4.10
C GLU C 886 23.73 -1.70 -4.10
N ALA C 891 16.61 0.53 -2.26
CA ALA C 891 16.52 1.66 -1.35
C ALA C 891 15.50 2.69 -1.83
N GLU C 892 14.63 3.12 -0.92
CA GLU C 892 13.62 4.12 -1.28
C GLU C 892 14.27 5.47 -1.57
N GLU C 893 15.16 5.91 -0.69
CA GLU C 893 15.91 7.14 -0.93
C GLU C 893 16.92 6.87 -2.05
N ASP C 894 16.63 7.41 -3.24
CA ASP C 894 17.33 6.98 -4.45
C ASP C 894 18.83 7.30 -4.39
N TYR C 895 19.19 8.46 -3.85
CA TYR C 895 20.59 8.86 -3.87
C TYR C 895 21.46 8.05 -2.92
N MET C 896 20.87 7.30 -2.00
CA MET C 896 21.62 6.46 -1.07
C MET C 896 22.11 5.16 -1.69
N ALA C 897 21.90 4.97 -3.00
CA ALA C 897 22.33 3.73 -3.65
C ALA C 897 23.84 3.58 -3.63
N ASP C 898 24.56 4.69 -3.79
CA ASP C 898 26.02 4.69 -3.84
C ASP C 898 26.65 4.87 -2.47
N ALA C 899 25.88 4.77 -1.40
CA ALA C 899 26.42 5.03 -0.06
C ALA C 899 27.53 4.06 0.30
N LYS C 900 27.34 2.77 0.01
CA LYS C 900 28.35 1.77 0.38
C LYS C 900 29.61 1.93 -0.46
N THR C 901 29.46 2.16 -1.76
CA THR C 901 30.63 2.31 -2.62
C THR C 901 31.43 3.56 -2.26
N ILE C 902 30.75 4.66 -1.94
CA ILE C 902 31.44 5.90 -1.63
C ILE C 902 32.25 5.76 -0.36
N VAL C 903 31.66 5.17 0.69
CA VAL C 903 32.35 5.06 1.97
C VAL C 903 33.51 4.08 1.88
N ASN C 904 33.30 2.94 1.21
CA ASN C 904 34.36 1.95 1.08
C ASN C 904 35.54 2.49 0.29
N VAL C 905 35.29 3.28 -0.75
CA VAL C 905 36.38 3.94 -1.45
C VAL C 905 37.02 5.01 -0.57
N GLN C 906 36.21 5.72 0.23
CA GLN C 906 36.75 6.74 1.13
C GLN C 906 37.72 6.13 2.14
N THR C 907 37.44 4.94 2.65
CA THR C 907 38.36 4.28 3.56
C THR C 907 39.73 4.06 2.88
N MET C 908 39.72 3.67 1.60
CA MET C 908 40.97 3.48 0.89
C MET C 908 41.65 4.81 0.59
N PHE C 909 40.88 5.88 0.43
CA PHE C 909 41.46 7.20 0.20
C PHE C 909 42.24 7.68 1.42
N ARG C 910 41.84 7.23 2.62
CA ARG C 910 42.56 7.60 3.83
C ARG C 910 43.75 6.69 4.08
N LEU C 911 43.56 5.37 3.95
CA LEU C 911 44.63 4.43 4.21
C LEU C 911 45.76 4.56 3.19
N PHE C 912 45.42 4.79 1.92
CA PHE C 912 46.40 4.92 0.84
C PHE C 912 46.14 6.23 0.11
N PRO C 913 46.61 7.36 0.67
CA PRO C 913 46.37 8.65 0.01
C PRO C 913 47.03 8.79 -1.36
N SER C 914 48.07 8.01 -1.63
CA SER C 914 48.78 8.09 -2.90
C SER C 914 48.20 7.18 -3.98
N LEU C 915 47.25 6.33 -3.63
CA LEU C 915 46.67 5.42 -4.60
C LEU C 915 45.65 6.13 -5.48
N SER C 916 45.66 5.79 -6.77
CA SER C 916 44.73 6.37 -7.74
C SER C 916 43.53 5.44 -7.87
N ILE C 917 42.40 5.86 -7.31
CA ILE C 917 41.18 5.06 -7.30
C ILE C 917 40.24 5.59 -8.37
N THR C 918 39.73 4.68 -9.20
CA THR C 918 38.74 5.01 -10.21
C THR C 918 37.43 4.32 -9.87
N THR C 919 36.32 5.06 -9.90
CA THR C 919 35.04 4.57 -9.42
C THR C 919 33.93 4.95 -10.40
N GLU C 920 32.87 4.16 -10.37
CA GLU C 920 31.65 4.43 -11.12
C GLU C 920 30.49 4.58 -10.16
N LEU C 921 29.69 5.64 -10.35
CA LEU C 921 28.57 5.94 -9.47
C LEU C 921 27.29 6.04 -10.27
N THR C 922 26.18 5.63 -9.63
CA THR C 922 24.90 5.61 -10.32
C THR C 922 24.40 7.03 -10.62
N HIS C 923 24.54 7.94 -9.67
CA HIS C 923 24.01 9.28 -9.80
C HIS C 923 25.15 10.30 -9.87
N PRO C 924 25.15 11.19 -10.87
CA PRO C 924 26.27 12.14 -11.01
C PRO C 924 26.41 13.12 -9.85
N SER C 925 25.33 13.39 -9.10
CA SER C 925 25.44 14.33 -7.99
C SER C 925 26.20 13.76 -6.81
N ASN C 926 26.51 12.46 -6.84
CA ASN C 926 27.34 11.85 -5.81
C ASN C 926 28.83 11.95 -6.11
N MET C 927 29.20 12.61 -7.21
CA MET C 927 30.62 12.79 -7.52
C MET C 927 31.36 13.56 -6.44
N ARG C 928 30.68 14.45 -5.72
CA ARG C 928 31.31 15.27 -4.70
C ARG C 928 31.79 14.46 -3.50
N PHE C 929 31.29 13.24 -3.33
CA PHE C 929 31.59 12.43 -2.15
C PHE C 929 32.73 11.44 -2.36
N MET C 930 33.37 11.44 -3.53
CA MET C 930 34.36 10.42 -3.84
C MET C 930 35.59 10.54 -2.93
N GLN C 931 36.22 11.71 -2.94
CA GLN C 931 37.40 11.98 -2.10
C GLN C 931 37.06 13.22 -1.29
N PHE C 932 36.35 13.01 -0.19
CA PHE C 932 35.75 14.10 0.57
C PHE C 932 36.74 14.61 1.61
N ARG C 933 37.12 15.87 1.49
CA ARG C 933 37.96 16.55 2.47
C ARG C 933 37.06 17.60 3.14
N ALA C 934 36.50 17.24 4.28
CA ALA C 934 35.56 18.14 4.96
C ALA C 934 36.26 19.40 5.46
N LYS C 935 37.48 19.26 5.97
CA LYS C 935 38.26 20.40 6.45
C LYS C 935 39.10 20.99 5.32
N ASP C 936 38.46 21.30 4.20
CA ASP C 936 39.13 21.85 3.02
C ASP C 936 38.34 23.06 2.54
N SER C 937 38.96 24.23 2.60
CA SER C 937 38.28 25.46 2.16
C SER C 937 38.04 25.44 0.65
N TYR C 938 39.02 24.97 -0.13
CA TYR C 938 38.90 25.02 -1.58
C TYR C 938 37.82 24.08 -2.09
N SER C 939 37.80 22.84 -1.60
CA SER C 939 36.85 21.85 -2.09
C SER C 939 35.42 22.27 -1.78
N LEU C 940 35.17 22.78 -0.58
CA LEU C 940 33.84 23.27 -0.24
C LEU C 940 33.50 24.57 -0.97
N ALA C 941 34.52 25.33 -1.40
CA ALA C 941 34.26 26.52 -2.20
C ALA C 941 33.69 26.16 -3.56
N LEU C 942 34.11 25.02 -4.13
CA LEU C 942 33.56 24.58 -5.41
C LEU C 942 32.09 24.25 -5.33
N SER C 943 31.56 24.00 -4.13
CA SER C 943 30.13 23.75 -3.98
C SER C 943 29.32 24.99 -4.37
N LYS C 944 29.79 26.16 -3.95
CA LYS C 944 29.09 27.41 -4.30
C LYS C 944 29.13 27.64 -5.80
N LEU C 945 30.28 27.38 -6.44
CA LEU C 945 30.39 27.55 -7.88
C LEU C 945 29.44 26.61 -8.62
N GLU C 946 29.26 25.39 -8.12
CA GLU C 946 28.33 24.45 -8.74
C GLU C 946 26.88 24.93 -8.62
N LYS C 947 26.56 25.62 -7.52
CA LYS C 947 25.22 26.20 -7.39
C LYS C 947 24.98 27.27 -8.46
N ARG C 948 25.99 28.08 -8.75
CA ARG C 948 25.86 29.10 -9.78
C ARG C 948 25.63 28.48 -11.15
N GLU C 949 26.30 27.37 -11.44
CA GLU C 949 26.03 26.66 -12.68
C GLU C 949 24.60 26.09 -12.69
N ARG C 950 24.14 25.59 -11.53
CA ARG C 950 22.76 25.12 -11.44
C ARG C 950 21.76 26.25 -11.60
N GLU C 951 22.08 27.45 -11.10
CA GLU C 951 21.16 28.57 -11.26
C GLU C 951 21.15 29.07 -12.71
N ASN C 952 22.26 28.89 -13.43
CA ASN C 952 22.34 29.28 -14.83
C ASN C 952 21.81 28.21 -15.78
N GLY C 953 21.15 27.18 -15.26
CA GLY C 953 20.61 26.13 -16.12
C GLY C 953 21.66 25.31 -16.82
N SER C 954 22.76 24.98 -16.14
CA SER C 954 23.82 24.18 -16.72
C SER C 954 23.66 22.72 -16.31
N ASN C 955 23.63 21.83 -17.29
CA ASN C 955 23.57 20.40 -17.00
C ASN C 955 24.92 19.85 -16.55
N LEU C 956 26.01 20.56 -16.84
CA LEU C 956 27.35 20.14 -16.40
C LEU C 956 27.70 20.86 -15.09
N ALA C 957 26.83 20.67 -14.10
CA ALA C 957 27.06 21.26 -12.79
C ALA C 957 28.17 20.53 -12.03
N PHE C 958 28.17 19.19 -12.08
CA PHE C 958 29.18 18.38 -11.42
C PHE C 958 30.56 18.56 -12.03
N MET C 959 30.69 19.38 -13.07
CA MET C 959 31.92 19.44 -13.86
C MET C 959 33.12 19.91 -13.04
N PHE C 960 32.91 20.80 -12.07
CA PHE C 960 34.02 21.43 -11.37
C PHE C 960 34.49 20.66 -10.14
N ARG C 961 33.91 19.49 -9.87
CA ARG C 961 34.39 18.67 -8.77
C ARG C 961 35.78 18.13 -9.09
N LEU C 962 36.65 18.14 -8.09
CA LEU C 962 38.01 17.64 -8.26
C LEU C 962 38.08 16.17 -8.67
N PRO C 963 37.35 15.24 -8.05
CA PRO C 963 37.46 13.85 -8.49
C PRO C 963 37.02 13.63 -9.92
N PHE C 964 35.89 14.21 -10.34
CA PHE C 964 35.41 14.01 -11.70
C PHE C 964 36.33 14.68 -12.72
N ALA C 965 36.79 15.89 -12.41
CA ALA C 965 37.66 16.61 -13.35
C ALA C 965 38.98 15.89 -13.56
N ALA C 966 39.46 15.19 -12.53
CA ALA C 966 40.69 14.42 -12.64
C ALA C 966 40.46 13.02 -13.20
N GLY C 967 39.22 12.67 -13.53
CA GLY C 967 38.93 11.36 -14.07
C GLY C 967 38.79 10.26 -13.05
N ARG C 968 38.75 10.60 -11.76
CA ARG C 968 38.64 9.57 -10.73
C ARG C 968 37.27 8.88 -10.74
N VAL C 969 36.21 9.62 -11.07
CA VAL C 969 34.86 9.06 -11.07
C VAL C 969 34.11 9.54 -12.31
N PHE C 970 33.29 8.65 -12.85
CA PHE C 970 32.31 8.99 -13.87
C PHE C 970 31.02 8.28 -13.52
N SER C 971 29.91 8.84 -14.00
CA SER C 971 28.59 8.24 -13.84
C SER C 971 28.14 7.67 -15.17
N ILE C 972 27.47 6.53 -15.12
CA ILE C 972 27.04 5.84 -16.33
C ILE C 972 25.81 6.54 -16.89
N SER C 973 25.33 7.55 -16.15
CA SER C 973 24.26 8.40 -16.67
C SER C 973 24.69 9.15 -17.92
N MET C 974 26.00 9.20 -18.19
CA MET C 974 26.49 9.74 -19.44
C MET C 974 26.00 8.96 -20.65
N LEU C 975 25.83 7.63 -20.52
CA LEU C 975 25.37 6.81 -21.62
C LEU C 975 23.93 7.12 -21.99
N ASP C 976 23.14 7.62 -21.03
CA ASP C 976 21.83 8.15 -21.35
C ASP C 976 21.94 9.32 -22.31
N THR C 977 22.84 10.26 -22.01
CA THR C 977 23.02 11.43 -22.85
C THR C 977 23.60 11.07 -24.21
N LEU C 978 24.45 10.05 -24.26
CA LEU C 978 24.98 9.60 -25.54
C LEU C 978 23.88 9.03 -26.42
N LEU C 979 22.87 8.40 -25.82
CA LEU C 979 21.76 7.87 -26.59
C LEU C 979 20.80 8.98 -27.05
N TYR C 980 20.50 9.94 -26.17
CA TYR C 980 19.61 11.03 -26.56
C TYR C 980 20.26 11.91 -27.62
N GLN C 981 21.57 12.14 -27.52
CA GLN C 981 22.27 12.92 -28.52
C GLN C 981 22.25 12.24 -29.88
N SER C 982 22.12 10.92 -29.90
CA SER C 982 22.10 10.19 -31.17
C SER C 982 20.87 10.52 -32.00
N PHE C 983 19.81 11.07 -31.38
CA PHE C 983 18.67 11.53 -32.14
C PHE C 983 19.05 12.68 -33.08
N VAL C 984 20.00 13.52 -32.67
CA VAL C 984 20.46 14.61 -33.51
C VAL C 984 21.85 14.36 -34.09
N LYS C 985 22.63 13.46 -33.51
CA LYS C 985 23.96 13.10 -34.01
C LYS C 985 24.03 11.58 -34.08
N ASP C 986 23.61 11.02 -35.21
CA ASP C 986 23.60 9.57 -35.40
C ASP C 986 24.98 8.96 -35.36
N TYR C 987 26.03 9.76 -35.55
CA TYR C 987 27.41 9.28 -35.53
C TYR C 987 27.99 9.23 -34.12
N MET C 988 27.30 9.78 -33.13
CA MET C 988 27.91 9.97 -31.81
C MET C 988 28.27 8.64 -31.16
N ILE C 989 27.40 7.65 -31.28
CA ILE C 989 27.68 6.33 -30.70
C ILE C 989 28.90 5.71 -31.37
N THR C 990 28.94 5.75 -32.70
CA THR C 990 30.06 5.17 -33.44
C THR C 990 31.36 5.90 -33.12
N ILE C 991 31.31 7.22 -33.03
CA ILE C 991 32.51 8.00 -32.73
C ILE C 991 33.06 7.63 -31.36
N THR C 992 32.19 7.52 -30.35
CA THR C 992 32.64 7.19 -29.01
C THR C 992 33.23 5.79 -28.94
N ARG C 993 32.58 4.81 -29.57
CA ARG C 993 33.07 3.44 -29.54
C ARG C 993 34.43 3.34 -30.24
N LEU C 994 34.63 4.11 -31.31
CA LEU C 994 35.92 4.11 -31.97
C LEU C 994 37.03 4.63 -31.06
N LEU C 995 36.74 5.65 -30.26
CA LEU C 995 37.72 6.13 -29.28
C LEU C 995 37.99 5.07 -28.23
N LEU C 996 36.95 4.45 -27.68
CA LEU C 996 37.13 3.41 -26.68
C LEU C 996 37.64 2.10 -27.27
N GLY C 997 37.63 1.96 -28.59
CA GLY C 997 38.05 0.72 -29.22
C GLY C 997 37.03 -0.38 -29.17
N LEU C 998 35.79 -0.09 -28.78
CA LEU C 998 34.75 -1.11 -28.73
C LEU C 998 34.41 -1.67 -30.11
N ASP C 999 34.65 -0.90 -31.17
CA ASP C 999 34.56 -1.40 -32.53
C ASP C 999 35.82 -1.01 -33.28
N THR C 1000 36.44 -1.98 -33.95
CA THR C 1000 37.74 -1.80 -34.59
C THR C 1000 37.53 -1.82 -36.10
N THR C 1001 37.24 -0.66 -36.67
CA THR C 1001 37.15 -0.52 -38.12
C THR C 1001 38.55 -0.47 -38.70
N PRO C 1002 38.87 -1.31 -39.70
CA PRO C 1002 40.20 -1.25 -40.33
C PRO C 1002 40.46 0.13 -40.91
N GLY C 1003 41.68 0.62 -40.69
CA GLY C 1003 42.06 1.95 -41.12
C GLY C 1003 41.66 3.07 -40.18
N SER C 1004 41.15 2.76 -39.01
CA SER C 1004 40.73 3.75 -38.02
C SER C 1004 41.69 3.75 -36.85
N GLY C 1005 41.92 4.95 -36.30
CA GLY C 1005 42.91 5.11 -35.25
C GLY C 1005 42.38 4.74 -33.87
N TYR C 1006 43.22 4.96 -32.87
CA TYR C 1006 42.92 4.62 -31.49
C TYR C 1006 43.35 5.77 -30.58
N LEU C 1007 42.72 5.84 -29.42
CA LEU C 1007 43.01 6.89 -28.45
C LEU C 1007 44.28 6.55 -27.67
N CYS C 1008 45.31 7.36 -27.83
CA CYS C 1008 46.57 7.20 -27.13
C CYS C 1008 46.78 8.37 -26.17
N ALA C 1009 47.94 8.38 -25.51
CA ALA C 1009 48.30 9.46 -24.61
C ALA C 1009 49.81 9.61 -24.60
N MET C 1010 50.27 10.85 -24.62
CA MET C 1010 51.69 11.16 -24.57
C MET C 1010 51.95 12.13 -23.42
N LYS C 1011 53.09 11.94 -22.76
CA LYS C 1011 53.46 12.70 -21.58
C LYS C 1011 54.52 13.74 -21.95
N ILE C 1012 54.24 14.99 -21.66
CA ILE C 1012 55.18 16.08 -21.94
C ILE C 1012 56.11 16.22 -20.74
N THR C 1013 57.40 15.98 -20.97
CA THR C 1013 58.43 16.15 -19.96
C THR C 1013 59.18 17.45 -20.20
N GLU C 1014 60.23 17.69 -19.41
CA GLU C 1014 61.06 18.86 -19.63
C GLU C 1014 61.78 18.82 -20.97
N GLY C 1015 62.01 17.62 -21.52
CA GLY C 1015 62.61 17.50 -22.83
C GLY C 1015 61.73 17.99 -23.97
N ASP C 1016 60.42 18.11 -23.72
CA ASP C 1016 59.48 18.63 -24.71
C ASP C 1016 59.07 20.07 -24.40
N LEU C 1017 59.69 20.71 -23.41
CA LEU C 1017 59.32 22.07 -23.05
C LEU C 1017 59.76 23.09 -24.09
N TRP C 1018 60.67 22.72 -24.99
CA TRP C 1018 61.05 23.63 -26.08
C TRP C 1018 59.88 23.89 -27.01
N ILE C 1019 58.88 23.01 -27.04
CA ILE C 1019 57.62 23.28 -27.72
C ILE C 1019 56.80 24.18 -26.81
N ARG C 1020 56.64 25.45 -27.18
CA ARG C 1020 56.04 26.40 -26.26
C ARG C 1020 54.53 26.16 -26.10
N THR C 1021 53.82 25.94 -27.19
CA THR C 1021 52.36 25.94 -27.15
C THR C 1021 51.78 24.63 -27.67
N TYR C 1022 50.46 24.50 -27.47
CA TYR C 1022 49.73 23.33 -27.96
C TYR C 1022 49.66 23.32 -29.48
N GLY C 1023 49.61 24.49 -30.11
CA GLY C 1023 49.59 24.53 -31.56
C GLY C 1023 50.89 24.04 -32.17
N ARG C 1024 52.02 24.38 -31.55
CA ARG C 1024 53.31 23.91 -32.05
C ARG C 1024 53.47 22.41 -31.86
N LEU C 1025 52.97 21.86 -30.76
CA LEU C 1025 52.97 20.41 -30.60
C LEU C 1025 52.10 19.74 -31.65
N PHE C 1026 50.97 20.38 -31.99
CA PHE C 1026 50.13 19.87 -33.06
C PHE C 1026 50.90 19.77 -34.37
N GLN C 1027 51.67 20.81 -34.71
CA GLN C 1027 52.45 20.80 -35.95
C GLN C 1027 53.49 19.69 -35.94
N LYS C 1028 54.17 19.49 -34.80
CA LYS C 1028 55.22 18.48 -34.72
C LYS C 1028 54.66 17.07 -34.93
N LEU C 1029 53.52 16.78 -34.32
CA LEU C 1029 52.98 15.43 -34.37
C LEU C 1029 52.46 15.08 -35.77
N CYS C 1030 51.69 15.99 -36.38
CA CYS C 1030 51.11 15.70 -37.68
C CYS C 1030 52.12 15.78 -38.81
N SER C 1031 53.29 16.36 -38.58
CA SER C 1031 54.34 16.41 -39.59
C SER C 1031 55.28 15.21 -39.51
N SER C 1032 55.37 14.56 -38.35
CA SER C 1032 56.26 13.42 -38.17
C SER C 1032 55.50 12.14 -37.87
N SER C 1033 54.66 12.12 -36.84
CA SER C 1033 53.99 10.89 -36.40
C SER C 1033 52.53 10.83 -36.82
N ALA C 1034 52.01 11.89 -37.44
CA ALA C 1034 50.63 11.92 -37.96
C ALA C 1034 49.60 11.69 -36.86
N GLU C 1035 49.92 12.07 -35.63
CA GLU C 1035 48.96 12.00 -34.54
C GLU C 1035 48.16 13.29 -34.45
N ILE C 1036 46.92 13.17 -33.99
CA ILE C 1036 46.03 14.31 -33.88
C ILE C 1036 45.59 14.47 -32.43
N PRO C 1037 46.06 15.50 -31.73
CA PRO C 1037 45.74 15.64 -30.29
C PRO C 1037 44.33 16.17 -30.09
N ILE C 1038 43.58 15.51 -29.20
CA ILE C 1038 42.27 16.02 -28.81
C ILE C 1038 42.41 17.09 -27.73
N GLY C 1039 42.97 16.72 -26.58
CA GLY C 1039 43.07 17.64 -25.47
C GLY C 1039 44.31 17.48 -24.62
N ILE C 1040 44.32 18.13 -23.45
CA ILE C 1040 45.46 18.11 -22.55
C ILE C 1040 44.97 17.77 -21.15
N TYR C 1041 45.69 16.88 -20.47
CA TYR C 1041 45.47 16.58 -19.06
C TYR C 1041 46.52 17.35 -18.27
N ARG C 1042 46.12 18.48 -17.69
CA ARG C 1042 47.03 19.39 -17.02
C ARG C 1042 46.90 19.24 -15.51
N THR C 1043 48.03 19.08 -14.82
CA THR C 1043 48.07 18.92 -13.38
C THR C 1043 48.83 20.08 -12.75
N GLU C 1044 48.27 20.64 -11.69
CA GLU C 1044 48.87 21.75 -10.96
C GLU C 1044 49.18 21.33 -9.53
N SER C 1045 49.89 22.21 -8.82
CA SER C 1045 50.21 21.98 -7.41
C SER C 1045 49.18 22.73 -6.55
N HIS C 1046 48.41 21.98 -5.78
CA HIS C 1046 47.28 22.52 -5.03
C HIS C 1046 47.29 21.96 -3.60
N VAL C 1047 48.42 22.13 -2.92
CA VAL C 1047 48.62 21.66 -1.55
C VAL C 1047 47.39 21.95 -0.69
N PHE C 1048 46.85 20.91 -0.05
CA PHE C 1048 45.60 21.01 0.67
C PHE C 1048 45.82 21.37 2.14
N ALA C 1128 61.17 2.63 38.09
CA ALA C 1128 61.56 3.59 37.05
C ALA C 1128 60.88 3.25 35.73
N ALA C 1129 60.20 2.10 35.68
CA ALA C 1129 59.50 1.69 34.48
C ALA C 1129 58.29 2.57 34.19
N ALA C 1130 57.79 3.31 35.18
CA ALA C 1130 56.65 4.18 34.97
C ALA C 1130 56.97 5.32 34.00
N GLU C 1131 58.23 5.80 34.02
CA GLU C 1131 58.61 6.88 33.12
C GLU C 1131 58.50 6.43 31.66
N TRP C 1132 58.96 5.22 31.35
CA TRP C 1132 58.78 4.69 30.01
C TRP C 1132 57.30 4.44 29.71
N ILE C 1133 56.55 3.99 30.71
CA ILE C 1133 55.11 3.84 30.55
C ILE C 1133 54.46 5.19 30.29
N SER C 1134 54.86 6.22 31.05
CA SER C 1134 54.33 7.55 30.81
C SER C 1134 54.88 8.15 29.53
N GLN C 1135 56.07 7.71 29.09
CA GLN C 1135 56.65 8.24 27.85
C GLN C 1135 55.78 7.88 26.64
N GLN C 1136 55.37 6.62 26.55
CA GLN C 1136 54.53 6.21 25.44
C GLN C 1136 53.12 6.78 25.56
N ARG C 1137 52.65 7.00 26.79
CA ARG C 1137 51.30 7.52 26.99
C ARG C 1137 51.15 8.91 26.38
N LEU C 1138 52.16 9.77 26.59
CA LEU C 1138 52.12 11.10 26.01
C LEU C 1138 52.29 11.08 24.50
N SER C 1139 52.93 10.04 23.96
CA SER C 1139 53.15 9.97 22.51
C SER C 1139 51.89 9.51 21.78
N LEU C 1140 51.25 8.45 22.28
CA LEU C 1140 50.02 7.98 21.64
C LEU C 1140 48.90 9.01 21.73
N TYR C 1141 48.95 9.90 22.72
CA TYR C 1141 47.95 10.96 22.82
C TYR C 1141 48.05 11.92 21.64
N ARG C 1142 49.27 12.32 21.26
CA ARG C 1142 49.46 13.33 20.23
C ARG C 1142 49.63 12.75 18.84
N ARG C 1143 49.66 11.44 18.69
CA ARG C 1143 49.83 10.85 17.36
C ARG C 1143 48.61 11.15 16.50
N SER C 1144 48.87 11.53 15.25
CA SER C 1144 47.83 12.04 14.38
C SER C 1144 46.99 10.89 13.82
N GLU C 1145 45.87 11.25 13.18
CA GLU C 1145 45.04 10.25 12.52
C GLU C 1145 45.79 9.61 11.35
N ARG C 1146 46.70 10.34 10.72
CA ARG C 1146 47.54 9.76 9.68
C ARG C 1146 48.40 8.64 10.23
N GLN C 1147 48.98 8.83 11.41
CA GLN C 1147 49.74 7.76 12.04
C GLN C 1147 48.84 6.58 12.41
N GLU C 1148 47.64 6.87 12.92
CA GLU C 1148 46.71 5.79 13.26
C GLU C 1148 46.32 4.99 12.02
N LEU C 1149 46.08 5.68 10.90
CA LEU C 1149 45.76 4.98 9.66
C LEU C 1149 46.98 4.24 9.12
N SER C 1150 48.17 4.85 9.24
CA SER C 1150 49.37 4.22 8.73
C SER C 1150 49.74 2.97 9.52
N GLU C 1151 49.62 3.03 10.85
CA GLU C 1151 49.94 1.87 11.67
C GLU C 1151 48.94 0.73 11.46
N LEU C 1152 47.68 1.07 11.16
CA LEU C 1152 46.67 0.03 10.94
C LEU C 1152 47.03 -0.84 9.76
N VAL C 1153 47.48 -0.24 8.66
CA VAL C 1153 47.85 -1.02 7.48
C VAL C 1153 49.11 -1.84 7.74
N LYS C 1154 50.11 -1.22 8.37
CA LYS C 1154 51.35 -1.93 8.66
C LYS C 1154 51.13 -3.08 9.63
N ASN C 1155 50.21 -2.90 10.60
CA ASN C 1155 49.87 -3.99 11.50
C ASN C 1155 49.26 -5.15 10.73
N ARG C 1156 48.39 -4.86 9.76
CA ARG C 1156 47.84 -5.92 8.93
C ARG C 1156 48.87 -6.49 7.97
N MET C 1157 49.83 -5.67 7.53
CA MET C 1157 50.83 -6.14 6.59
C MET C 1157 51.77 -7.13 7.22
N LYS C 1158 52.28 -6.83 8.43
CA LYS C 1158 53.13 -7.78 9.13
C LYS C 1158 52.33 -8.96 9.68
N HIS C 1159 51.00 -8.83 9.79
CA HIS C 1159 50.17 -9.99 10.10
C HIS C 1159 50.17 -10.97 8.94
N LEU C 1160 49.96 -10.47 7.72
CA LEU C 1160 49.95 -11.35 6.55
C LEU C 1160 51.36 -11.80 6.19
N GLY C 1161 52.35 -10.92 6.31
CA GLY C 1161 53.72 -11.24 5.99
C GLY C 1161 54.38 -10.32 4.98
N LEU C 1162 53.68 -9.30 4.48
CA LEU C 1162 54.27 -8.40 3.51
C LEU C 1162 55.33 -7.53 4.18
N PRO C 1163 56.34 -7.08 3.42
CA PRO C 1163 57.36 -6.20 4.01
C PRO C 1163 56.78 -4.84 4.34
N THR C 1164 57.04 -4.38 5.57
CA THR C 1164 56.52 -3.08 6.00
C THR C 1164 57.07 -1.96 5.14
N THR C 1165 58.38 -2.01 4.84
CA THR C 1165 58.96 -1.04 3.92
C THR C 1165 58.35 -1.23 2.53
N GLY C 1166 58.03 -0.11 1.88
CA GLY C 1166 57.30 -0.09 0.62
C GLY C 1166 55.98 0.64 0.70
N TYR C 1167 55.34 0.62 1.88
CA TYR C 1167 54.14 1.43 2.11
C TYR C 1167 54.41 2.91 2.00
N ASP C 1168 55.66 3.34 2.19
CA ASP C 1168 56.03 4.74 2.08
C ASP C 1168 55.82 5.33 0.68
N HIS C 1173 49.05 13.55 0.81
CA HIS C 1173 50.06 12.95 -0.03
C HIS C 1173 49.96 13.46 -1.47
N GLN C 1174 48.72 13.52 -1.99
CA GLN C 1174 48.47 13.95 -3.35
C GLN C 1174 48.09 15.43 -3.33
N ASN C 1175 49.11 16.28 -3.42
CA ASN C 1175 48.90 17.72 -3.47
C ASN C 1175 48.86 18.20 -4.93
N THR C 1176 47.91 17.64 -5.67
CA THR C 1176 47.78 17.91 -7.09
C THR C 1176 46.33 18.20 -7.44
N LEU C 1177 46.14 18.95 -8.52
CA LEU C 1177 44.82 19.28 -9.04
C LEU C 1177 44.87 19.17 -10.55
N SER C 1178 44.06 18.29 -11.12
CA SER C 1178 44.11 17.98 -12.54
C SER C 1178 42.75 18.19 -13.19
N TYR C 1179 42.79 18.46 -14.50
CA TYR C 1179 41.58 18.74 -15.26
C TYR C 1179 41.87 18.47 -16.73
N VAL C 1180 40.80 18.40 -17.52
CA VAL C 1180 40.87 18.05 -18.94
C VAL C 1180 40.51 19.26 -19.77
N LEU C 1181 41.33 19.56 -20.78
CA LEU C 1181 41.11 20.69 -21.68
C LEU C 1181 40.84 20.15 -23.08
N ILE C 1182 39.57 19.97 -23.42
CA ILE C 1182 39.22 19.41 -24.73
C ILE C 1182 39.42 20.48 -25.80
N ASN C 1183 40.21 20.16 -26.81
CA ASN C 1183 40.48 21.03 -27.94
C ASN C 1183 40.85 22.46 -27.49
N PRO C 1184 41.96 22.62 -26.76
CA PRO C 1184 42.37 23.96 -26.35
C PRO C 1184 42.84 24.76 -27.54
N PRO C 1185 42.82 26.09 -27.45
CA PRO C 1185 43.33 26.93 -28.55
C PRO C 1185 44.78 26.61 -28.85
N PRO C 1186 45.25 26.92 -30.07
CA PRO C 1186 46.63 26.57 -30.43
C PRO C 1186 47.66 27.50 -29.80
N ASP C 1187 47.24 28.32 -28.83
CA ASP C 1187 48.13 29.26 -28.17
C ASP C 1187 48.36 28.97 -26.69
N THR C 1188 47.72 27.95 -26.13
CA THR C 1188 47.91 27.64 -24.72
C THR C 1188 49.31 27.09 -24.48
N ARG C 1189 49.99 27.61 -23.46
CA ARG C 1189 51.33 27.15 -23.14
C ARG C 1189 51.31 25.72 -22.64
N LEU C 1190 52.39 24.99 -22.92
CA LEU C 1190 52.51 23.59 -22.54
C LEU C 1190 53.31 23.50 -21.24
N GLU C 1191 52.61 23.41 -20.12
CA GLU C 1191 53.28 23.23 -18.83
C GLU C 1191 53.86 21.82 -18.73
N PRO C 1192 54.85 21.63 -17.85
CA PRO C 1192 55.35 20.27 -17.60
C PRO C 1192 54.27 19.40 -16.96
N SER C 1193 54.54 18.10 -16.97
CA SER C 1193 53.63 17.08 -16.43
C SER C 1193 52.28 17.07 -17.15
N ASP C 1194 52.26 17.38 -18.44
CA ASP C 1194 51.03 17.44 -19.20
C ASP C 1194 50.86 16.18 -20.04
N ILE C 1195 49.67 15.57 -19.95
CA ILE C 1195 49.32 14.42 -20.75
C ILE C 1195 48.44 14.88 -21.90
N VAL C 1196 48.83 14.58 -23.13
CA VAL C 1196 48.09 14.97 -24.32
C VAL C 1196 47.43 13.73 -24.92
N TYR C 1197 46.11 13.77 -24.99
CA TYR C 1197 45.37 12.69 -25.64
C TYR C 1197 45.58 12.73 -27.13
N LEU C 1198 45.77 11.57 -27.74
CA LEU C 1198 46.11 11.47 -29.16
C LEU C 1198 45.22 10.46 -29.84
N ILE C 1199 44.90 10.73 -31.11
CA ILE C 1199 44.30 9.74 -31.97
C ILE C 1199 45.34 9.32 -32.99
N ARG C 1200 46.11 8.29 -32.66
CA ARG C 1200 47.18 7.83 -33.53
C ARG C 1200 46.60 6.96 -34.64
N SER C 1201 47.10 7.15 -35.85
CA SER C 1201 46.61 6.41 -37.00
C SER C 1201 46.88 4.92 -36.83
N ASP C 1202 46.05 4.11 -37.46
CA ASP C 1202 46.11 2.66 -37.29
C ASP C 1202 47.45 2.13 -37.77
N PRO C 1203 48.19 1.39 -36.95
CA PRO C 1203 49.49 0.86 -37.39
C PRO C 1203 49.40 -0.05 -38.60
N LEU C 1204 48.31 -0.78 -38.76
CA LEU C 1204 48.15 -1.75 -39.84
C LEU C 1204 47.59 -1.14 -41.11
N ALA C 1205 47.31 0.16 -41.11
CA ALA C 1205 46.77 0.82 -42.29
C ALA C 1205 47.90 1.27 -43.22
N ARG D 110 5.70 32.69 -33.84
CA ARG D 110 4.90 31.93 -34.81
C ARG D 110 3.80 32.78 -35.42
N SER D 111 3.64 32.68 -36.74
CA SER D 111 2.60 33.42 -37.44
C SER D 111 1.20 32.98 -37.07
N SER D 112 0.99 31.68 -36.89
CA SER D 112 -0.34 31.18 -36.53
C SER D 112 -0.78 31.69 -35.16
N LEU D 113 0.17 31.93 -34.26
CA LEU D 113 -0.18 32.57 -32.98
C LEU D 113 -0.72 33.97 -33.21
N ARG D 114 -0.13 34.71 -34.15
CA ARG D 114 -0.61 36.06 -34.44
C ARG D 114 -2.01 36.05 -35.02
N ILE D 115 -2.33 35.05 -35.85
CA ILE D 115 -3.67 34.94 -36.41
C ILE D 115 -4.69 34.66 -35.30
N ARG D 116 -4.36 33.72 -34.41
CA ARG D 116 -5.27 33.43 -33.30
C ARG D 116 -5.43 34.63 -32.39
N LEU D 117 -4.34 35.33 -32.08
CA LEU D 117 -4.44 36.53 -31.24
C LEU D 117 -5.24 37.62 -31.94
N PHE D 118 -5.07 37.72 -33.25
CA PHE D 118 -5.81 38.73 -34.01
C PHE D 118 -7.28 38.41 -33.96
N ASN D 119 -7.64 37.15 -34.16
CA ASN D 119 -9.04 36.75 -34.14
C ASN D 119 -9.67 37.03 -32.78
N PHE D 120 -8.96 36.70 -31.70
CA PHE D 120 -9.48 37.01 -30.37
C PHE D 120 -9.61 38.51 -30.16
N SER D 121 -8.63 39.28 -30.64
CA SER D 121 -8.72 40.73 -30.59
C SER D 121 -9.83 41.24 -31.52
N LEU D 122 -10.10 40.51 -32.60
CA LEU D 122 -11.19 40.90 -33.49
C LEU D 122 -12.55 40.60 -32.86
N LYS D 123 -12.64 39.52 -32.08
CA LYS D 123 -13.92 39.17 -31.46
C LYS D 123 -14.29 40.14 -30.34
N LEU D 124 -13.32 40.54 -29.52
CA LEU D 124 -13.65 41.48 -28.44
C LEU D 124 -13.84 42.89 -28.97
N LEU D 125 -13.32 43.18 -30.17
CA LEU D 125 -13.54 44.49 -30.77
C LEU D 125 -14.99 44.66 -31.21
N THR D 126 -15.54 43.65 -31.89
CA THR D 126 -16.93 43.74 -32.34
C THR D 126 -17.90 43.63 -31.17
N CYS D 127 -17.51 42.94 -30.09
CA CYS D 127 -18.31 42.98 -28.88
C CYS D 127 -18.34 44.38 -28.30
N LEU D 128 -17.20 45.08 -28.32
CA LEU D 128 -17.17 46.48 -27.91
C LEU D 128 -17.97 47.35 -28.86
N LEU D 129 -17.94 47.03 -30.16
CA LEU D 129 -18.68 47.83 -31.14
C LEU D 129 -20.19 47.75 -30.88
N TYR D 130 -20.67 46.59 -30.45
CA TYR D 130 -22.08 46.48 -30.08
C TYR D 130 -22.40 47.33 -28.86
N ILE D 131 -21.48 47.35 -27.88
CA ILE D 131 -21.69 48.13 -26.67
C ILE D 131 -21.80 49.62 -27.01
N VAL D 132 -20.88 50.11 -27.85
CA VAL D 132 -20.90 51.52 -28.22
C VAL D 132 -22.10 51.84 -29.09
N ARG D 133 -22.64 50.83 -29.79
CA ARG D 133 -23.87 51.07 -30.56
C ARG D 133 -25.07 51.24 -29.64
N VAL D 134 -25.20 50.37 -28.64
CA VAL D 134 -26.33 50.49 -27.72
C VAL D 134 -26.15 51.71 -26.81
N LEU D 135 -24.92 52.16 -26.60
CA LEU D 135 -24.69 53.36 -25.82
C LEU D 135 -25.04 54.62 -26.59
N LEU D 136 -24.84 54.61 -27.92
CA LEU D 136 -25.11 55.76 -28.77
C LEU D 136 -26.45 55.67 -29.47
N ASP D 137 -27.26 54.65 -29.18
CA ASP D 137 -28.59 54.50 -29.77
C ASP D 137 -29.64 54.82 -28.72
N ASP D 138 -30.55 55.72 -29.09
CA ASP D 138 -31.64 56.14 -28.21
C ASP D 138 -32.95 55.87 -28.93
N PRO D 139 -33.84 55.03 -28.41
CA PRO D 139 -35.10 54.76 -29.12
C PRO D 139 -36.19 55.79 -28.84
N ALA D 140 -35.87 56.76 -27.99
CA ALA D 140 -36.87 57.77 -27.60
C ALA D 140 -37.30 58.65 -28.77
N LEU D 141 -36.36 59.06 -29.63
CA LEU D 141 -36.73 59.98 -30.71
C LEU D 141 -37.49 59.27 -31.82
N GLY D 142 -37.35 57.95 -31.92
CA GLY D 142 -38.07 57.16 -32.90
C GLY D 142 -37.25 55.96 -33.36
N ILE D 143 -37.97 54.92 -33.79
CA ILE D 143 -37.36 53.71 -34.33
C ILE D 143 -37.99 53.41 -35.68
N GLY D 144 -37.26 52.66 -36.50
CA GLY D 144 -37.74 52.31 -37.83
C GLY D 144 -36.76 51.41 -38.54
N CYS D 145 -37.12 51.04 -39.76
CA CYS D 145 -36.28 50.12 -40.54
C CYS D 145 -35.01 50.83 -41.03
N TRP D 146 -35.17 51.84 -41.87
CA TRP D 146 -34.09 52.73 -42.27
C TRP D 146 -34.68 53.92 -43.01
N GLY D 147 -34.51 55.11 -42.44
CA GLY D 147 -34.96 56.32 -43.12
C GLY D 147 -36.25 56.38 -43.89
N CYS D 148 -37.22 55.59 -43.43
CA CYS D 148 -38.49 55.43 -44.11
C CYS D 148 -39.31 55.39 -42.81
N PRO D 149 -40.41 56.18 -42.72
CA PRO D 149 -41.13 56.40 -41.44
C PRO D 149 -39.99 56.20 -40.46
N LYS D 150 -40.21 56.56 -39.20
CA LYS D 150 -39.17 56.24 -38.23
C LYS D 150 -40.35 56.69 -37.37
N GLN D 151 -40.72 55.86 -36.39
CA GLN D 151 -41.89 56.14 -35.58
C GLN D 151 -41.62 55.84 -34.12
N ASN D 152 -42.27 56.59 -33.25
CA ASN D 152 -42.08 56.52 -31.81
C ASN D 152 -42.94 55.41 -31.22
N TYR D 153 -42.42 54.73 -30.20
CA TYR D 153 -43.14 53.64 -29.58
C TYR D 153 -43.24 53.87 -28.07
N SER D 154 -44.29 53.32 -27.47
CA SER D 154 -44.51 53.44 -26.03
C SER D 154 -45.02 52.10 -25.50
N PHE D 155 -44.83 51.90 -24.21
CA PHE D 155 -45.24 50.67 -23.55
C PHE D 155 -46.55 50.89 -22.80
N ASN D 156 -47.51 49.99 -23.04
CA ASN D 156 -48.75 49.94 -22.28
C ASN D 156 -48.80 48.61 -21.54
N ASP D 157 -48.85 48.68 -20.20
CA ASP D 157 -48.78 47.45 -19.41
C ASP D 157 -49.99 46.56 -19.64
N SER D 158 -51.18 47.14 -19.81
CA SER D 158 -52.38 46.35 -19.99
C SER D 158 -52.38 45.62 -21.33
N SER D 159 -51.76 46.21 -22.35
CA SER D 159 -51.76 45.63 -23.70
C SER D 159 -51.07 44.28 -23.72
N SER D 160 -51.85 43.21 -23.96
CA SER D 160 -51.29 41.87 -24.04
C SER D 160 -50.47 41.65 -25.31
N GLU D 161 -50.63 42.50 -26.32
CA GLU D 161 -49.84 42.43 -27.54
C GLU D 161 -48.57 43.25 -27.37
N ILE D 162 -47.43 42.67 -27.73
CA ILE D 162 -46.13 43.30 -27.61
C ILE D 162 -45.69 43.73 -29.00
N ASN D 163 -45.01 44.88 -29.07
CA ASN D 163 -44.59 45.45 -30.33
C ASN D 163 -43.16 45.03 -30.64
N TRP D 164 -42.98 44.26 -31.71
CA TRP D 164 -41.67 43.72 -32.05
C TRP D 164 -40.80 44.70 -32.82
N ALA D 165 -41.33 45.83 -33.24
CA ALA D 165 -40.54 46.79 -34.02
C ALA D 165 -39.32 47.29 -33.26
N PRO D 166 -39.38 47.69 -31.98
CA PRO D 166 -38.14 48.00 -31.25
C PRO D 166 -37.16 46.85 -31.18
N ILE D 167 -37.67 45.61 -31.05
CA ILE D 167 -36.78 44.46 -31.01
C ILE D 167 -36.21 44.16 -32.40
N LEU D 168 -37.06 44.17 -33.42
CA LEU D 168 -36.60 43.84 -34.77
C LEU D 168 -35.62 44.88 -35.29
N TRP D 169 -35.92 46.15 -35.09
CA TRP D 169 -35.14 47.23 -35.68
C TRP D 169 -34.29 47.93 -34.63
N VAL D 170 -33.03 48.19 -34.98
CA VAL D 170 -32.09 48.92 -34.13
C VAL D 170 -31.47 50.02 -34.98
N GLU D 171 -31.61 51.26 -34.55
CA GLU D 171 -31.09 52.40 -35.30
C GLU D 171 -29.57 52.40 -35.24
N ARG D 172 -28.93 52.14 -36.38
CA ARG D 172 -27.48 52.01 -36.47
C ARG D 172 -26.94 53.12 -37.38
N LYS D 173 -25.90 53.80 -36.91
CA LYS D 173 -25.35 54.91 -37.66
C LYS D 173 -24.61 54.43 -38.91
N MET D 174 -24.37 55.36 -39.83
CA MET D 174 -23.69 55.03 -41.07
C MET D 174 -22.27 54.56 -40.82
N THR D 175 -21.50 55.32 -40.03
CA THR D 175 -20.12 54.93 -39.75
C THR D 175 -20.06 53.65 -38.93
N LEU D 176 -20.95 53.52 -37.94
CA LEU D 176 -20.93 52.32 -37.09
C LEU D 176 -21.25 51.06 -37.88
N TRP D 177 -22.22 51.14 -38.80
CA TRP D 177 -22.52 49.99 -39.63
C TRP D 177 -21.35 49.65 -40.55
N ALA D 178 -20.69 50.67 -41.10
CA ALA D 178 -19.60 50.43 -42.05
C ALA D 178 -18.43 49.72 -41.38
N ILE D 179 -18.03 50.19 -40.18
CA ILE D 179 -16.91 49.54 -39.50
C ILE D 179 -17.30 48.15 -39.04
N GLN D 180 -18.56 47.96 -38.61
CA GLN D 180 -18.99 46.67 -38.11
C GLN D 180 -19.01 45.62 -39.21
N VAL D 181 -19.52 45.96 -40.39
CA VAL D 181 -19.60 44.98 -41.47
C VAL D 181 -18.20 44.62 -41.98
N ILE D 182 -17.27 45.59 -41.95
CA ILE D 182 -15.89 45.29 -42.34
C ILE D 182 -15.30 44.25 -41.40
N VAL D 183 -15.47 44.45 -40.09
CA VAL D 183 -14.95 43.50 -39.12
C VAL D 183 -15.64 42.15 -39.25
N ALA D 184 -16.94 42.17 -39.54
CA ALA D 184 -17.67 40.91 -39.74
C ALA D 184 -17.12 40.13 -40.92
N ILE D 185 -16.84 40.82 -42.02
CA ILE D 185 -16.28 40.15 -43.20
C ILE D 185 -14.89 39.60 -42.88
N ILE D 186 -14.07 40.38 -42.18
CA ILE D 186 -12.75 39.91 -41.78
C ILE D 186 -12.89 38.73 -40.82
N SER D 187 -13.84 38.79 -39.90
CA SER D 187 -14.09 37.67 -39.00
C SER D 187 -14.45 36.41 -39.78
N PHE D 188 -15.35 36.55 -40.76
CA PHE D 188 -15.71 35.39 -41.58
C PHE D 188 -14.53 34.91 -42.41
N LEU D 189 -13.77 35.83 -43.01
CA LEU D 189 -12.67 35.45 -43.88
C LEU D 189 -11.61 34.65 -43.12
N GLU D 190 -11.29 35.09 -41.90
CA GLU D 190 -10.30 34.36 -41.11
C GLU D 190 -10.81 33.00 -40.64
N THR D 191 -12.11 32.89 -40.37
CA THR D 191 -12.66 31.59 -39.96
C THR D 191 -12.57 30.56 -41.10
N MET D 192 -12.92 30.96 -42.32
CA MET D 192 -12.73 30.05 -43.44
C MET D 192 -11.25 29.77 -43.68
N LEU D 193 -10.40 30.76 -43.42
CA LEU D 193 -8.96 30.54 -43.54
C LEU D 193 -8.50 29.46 -42.57
N LEU D 194 -8.95 29.52 -41.32
CA LEU D 194 -8.59 28.50 -40.35
C LEU D 194 -9.24 27.16 -40.68
N ILE D 195 -10.49 27.18 -41.14
CA ILE D 195 -11.17 25.95 -41.50
C ILE D 195 -10.52 25.30 -42.71
N TYR D 196 -10.23 26.09 -43.75
CA TYR D 196 -9.63 25.54 -44.96
C TYR D 196 -8.16 25.19 -44.77
N LEU D 197 -7.44 25.88 -43.88
CA LEU D 197 -6.03 25.57 -43.67
C LEU D 197 -5.86 24.18 -43.08
N SER D 198 -6.70 23.81 -42.12
CA SER D 198 -6.58 22.54 -41.40
C SER D 198 -7.89 21.77 -41.52
N TYR D 199 -7.96 20.84 -42.48
CA TYR D 199 -9.09 19.93 -42.55
C TYR D 199 -8.92 18.73 -41.64
N LYS D 200 -7.68 18.38 -41.29
CA LYS D 200 -7.39 17.25 -40.41
C LYS D 200 -7.95 15.95 -40.96
N GLY D 201 -7.93 15.78 -42.27
CA GLY D 201 -8.39 14.54 -42.88
C GLY D 201 -9.88 14.35 -42.87
N ASN D 202 -10.65 15.40 -42.62
CA ASN D 202 -12.11 15.29 -42.58
C ASN D 202 -12.72 16.56 -43.14
N ILE D 203 -13.83 16.41 -43.85
CA ILE D 203 -14.58 17.54 -44.39
C ILE D 203 -15.83 17.73 -43.53
N TRP D 204 -16.20 16.68 -42.80
CA TRP D 204 -17.44 16.68 -42.03
C TRP D 204 -17.09 17.06 -40.59
N GLU D 205 -18.10 17.11 -39.71
CA GLU D 205 -17.94 17.40 -38.29
C GLU D 205 -17.43 18.81 -38.03
N GLN D 206 -17.52 19.67 -39.04
CA GLN D 206 -17.15 21.07 -38.86
C GLN D 206 -18.33 21.93 -38.43
N ILE D 207 -19.55 21.45 -38.64
CA ILE D 207 -20.73 22.26 -38.35
C ILE D 207 -21.42 21.85 -37.05
N PHE D 208 -21.39 20.55 -36.68
CA PHE D 208 -22.02 20.15 -35.43
C PHE D 208 -21.22 20.57 -34.21
N ARG D 209 -19.89 20.68 -34.34
CA ARG D 209 -19.12 21.33 -33.29
C ARG D 209 -19.62 22.76 -33.13
N VAL D 210 -20.02 23.13 -31.92
CA VAL D 210 -20.75 24.38 -31.71
C VAL D 210 -19.68 25.46 -31.52
N SER D 211 -19.08 25.85 -32.64
CA SER D 211 -18.38 27.13 -32.80
C SER D 211 -18.65 27.78 -34.15
N PHE D 212 -19.07 26.98 -35.13
CA PHE D 212 -19.41 27.52 -36.43
C PHE D 212 -20.84 28.02 -36.41
N VAL D 213 -21.71 27.34 -35.68
CA VAL D 213 -23.13 27.70 -35.62
C VAL D 213 -23.30 29.11 -35.06
N LEU D 214 -22.48 29.46 -34.06
CA LEU D 214 -22.53 30.83 -33.54
C LEU D 214 -21.90 31.81 -34.50
N GLU D 215 -20.97 31.34 -35.34
CA GLU D 215 -20.22 32.26 -36.19
C GLU D 215 -21.09 32.87 -37.28
N MET D 216 -21.83 32.04 -38.03
CA MET D 216 -22.52 32.57 -39.21
C MET D 216 -23.90 33.13 -38.85
N ILE D 217 -24.43 32.77 -37.67
CA ILE D 217 -25.59 33.48 -37.14
C ILE D 217 -25.25 34.96 -36.91
N ASN D 218 -24.03 35.23 -36.46
CA ASN D 218 -23.66 36.58 -36.05
C ASN D 218 -22.96 37.34 -37.19
N THR D 219 -22.32 36.63 -38.12
CA THR D 219 -21.58 37.26 -39.20
C THR D 219 -22.39 37.40 -40.49
N LEU D 220 -23.00 36.32 -40.96
CA LEU D 220 -23.70 36.37 -42.25
C LEU D 220 -24.76 37.48 -42.36
N PRO D 221 -25.60 37.75 -41.36
CA PRO D 221 -26.62 38.80 -41.55
C PRO D 221 -26.03 40.14 -41.94
N PHE D 222 -24.85 40.50 -41.44
CA PHE D 222 -24.20 41.71 -41.90
C PHE D 222 -23.85 41.65 -43.38
N ILE D 223 -23.47 40.47 -43.87
CA ILE D 223 -23.22 40.31 -45.31
C ILE D 223 -24.51 40.56 -46.09
N ILE D 224 -25.64 40.08 -45.57
CA ILE D 224 -26.92 40.27 -46.24
C ILE D 224 -27.33 41.73 -46.21
N THR D 225 -26.99 42.46 -45.15
CA THR D 225 -27.38 43.87 -45.04
C THR D 225 -26.77 44.72 -46.13
N ILE D 226 -25.65 44.30 -46.73
CA ILE D 226 -25.08 45.03 -47.84
C ILE D 226 -26.03 45.01 -49.03
N PHE D 227 -26.72 43.89 -49.24
CA PHE D 227 -27.60 43.75 -50.41
C PHE D 227 -28.81 44.67 -50.31
N TRP D 228 -29.42 44.73 -49.13
CA TRP D 228 -30.63 45.54 -48.95
C TRP D 228 -30.36 46.82 -48.11
N PRO D 229 -30.42 48.02 -48.74
CA PRO D 229 -30.16 49.27 -47.99
C PRO D 229 -31.09 49.50 -46.81
N PRO D 230 -32.39 49.18 -46.88
CA PRO D 230 -33.23 49.34 -45.67
C PRO D 230 -32.82 48.46 -44.50
N LEU D 231 -32.07 47.40 -44.73
CA LEU D 231 -31.81 46.39 -43.71
C LEU D 231 -30.54 46.63 -42.91
N ARG D 232 -29.84 47.76 -43.12
CA ARG D 232 -28.62 47.99 -42.36
C ARG D 232 -28.92 48.20 -40.89
N ASN D 233 -30.01 48.88 -40.57
CA ASN D 233 -30.41 49.13 -39.17
C ASN D 233 -31.25 47.97 -38.65
N LEU D 234 -30.64 46.79 -38.67
CA LEU D 234 -31.29 45.56 -38.24
C LEU D 234 -30.48 44.95 -37.10
N PHE D 235 -31.17 44.22 -36.22
CA PHE D 235 -30.55 43.71 -35.02
C PHE D 235 -29.95 42.34 -35.29
N ILE D 236 -28.68 42.17 -34.95
CA ILE D 236 -28.01 40.87 -35.06
C ILE D 236 -27.37 40.57 -33.72
N PRO D 237 -27.46 39.33 -33.23
CA PRO D 237 -26.86 39.01 -31.93
C PRO D 237 -25.39 39.13 -32.31
N VAL D 238 -24.77 40.23 -31.87
CA VAL D 238 -23.34 40.45 -32.14
C VAL D 238 -22.73 40.10 -30.80
N PHE D 239 -23.48 40.31 -29.71
CA PHE D 239 -22.97 40.04 -28.38
C PHE D 239 -22.65 38.57 -28.17
N LEU D 240 -23.14 37.69 -29.05
CA LEU D 240 -22.81 36.27 -28.97
C LEU D 240 -21.39 35.97 -29.42
N ASN D 241 -20.68 36.92 -30.01
CA ASN D 241 -19.25 36.75 -30.27
C ASN D 241 -18.44 36.64 -28.98
N CYS D 242 -19.02 37.03 -27.83
CA CYS D 242 -18.37 36.81 -26.55
C CYS D 242 -17.95 35.36 -26.37
N TRP D 243 -18.85 34.42 -26.69
CA TRP D 243 -18.52 33.00 -26.53
C TRP D 243 -17.41 32.57 -27.49
N LEU D 244 -17.42 33.10 -28.72
CA LEU D 244 -16.34 32.80 -29.65
C LEU D 244 -15.00 33.31 -29.14
N ALA D 245 -15.00 34.48 -28.49
CA ALA D 245 -13.78 35.00 -27.91
C ALA D 245 -13.26 34.09 -26.80
N LYS D 246 -14.17 33.56 -25.98
CA LYS D 246 -13.76 32.64 -24.93
C LYS D 246 -13.19 31.35 -25.51
N HIS D 247 -13.83 30.82 -26.55
CA HIS D 247 -13.33 29.61 -27.20
C HIS D 247 -11.96 29.83 -27.82
N ALA D 248 -11.75 30.99 -28.45
CA ALA D 248 -10.44 31.31 -28.99
C ALA D 248 -9.40 31.41 -27.88
N LEU D 249 -9.78 31.96 -26.73
CA LEU D 249 -8.88 31.99 -25.59
C LEU D 249 -8.54 30.58 -25.12
N GLU D 250 -9.53 29.69 -25.13
CA GLU D 250 -9.29 28.29 -24.75
C GLU D 250 -8.27 27.63 -25.69
N ASN D 251 -8.39 27.88 -26.99
CA ASN D 251 -7.45 27.30 -27.95
C ASN D 251 -6.05 27.85 -27.75
N MET D 252 -5.94 29.14 -27.45
CA MET D 252 -4.62 29.77 -27.31
C MET D 252 -3.92 29.41 -26.00
N ILE D 253 -4.70 29.12 -24.97
CA ILE D 253 -4.12 28.83 -23.67
C ILE D 253 -3.32 27.53 -23.67
N ASN D 254 -3.57 26.64 -24.64
CA ASN D 254 -2.76 25.44 -24.76
C ASN D 254 -1.42 25.70 -25.45
N ASP D 255 -1.27 26.85 -26.09
CA ASP D 255 -0.06 27.12 -26.86
C ASP D 255 1.07 27.63 -25.96
N PHE D 256 0.86 28.76 -25.29
CA PHE D 256 1.87 29.38 -24.46
C PHE D 256 1.27 29.86 -23.16
N HIS D 257 2.14 30.04 -22.16
CA HIS D 257 1.68 30.54 -20.86
C HIS D 257 1.09 31.93 -20.96
N ARG D 258 1.73 32.80 -21.74
CA ARG D 258 1.25 34.17 -21.92
C ARG D 258 1.24 34.55 -23.39
N SER D 265 1.02 28.76 -12.62
CA SER D 265 0.41 29.11 -13.90
C SER D 265 -0.18 27.88 -14.58
N ALA D 266 -0.71 26.95 -13.78
CA ALA D 266 -1.36 25.75 -14.29
C ALA D 266 -2.86 25.78 -14.05
N MET D 267 -3.29 25.94 -12.80
CA MET D 267 -4.70 26.12 -12.51
C MET D 267 -5.15 27.55 -12.76
N PHE D 268 -4.21 28.51 -12.76
CA PHE D 268 -4.55 29.90 -12.99
C PHE D 268 -5.18 30.09 -14.37
N ASN D 269 -4.76 29.28 -15.35
CA ASN D 269 -5.38 29.35 -16.67
C ASN D 269 -6.85 28.95 -16.61
N GLN D 270 -7.17 27.92 -15.82
CA GLN D 270 -8.55 27.48 -15.70
C GLN D 270 -9.37 28.48 -14.88
N VAL D 271 -8.78 29.03 -13.81
CA VAL D 271 -9.48 30.02 -13.00
C VAL D 271 -9.80 31.25 -13.82
N LEU D 272 -8.84 31.71 -14.62
CA LEU D 272 -9.11 32.81 -15.55
C LEU D 272 -10.20 32.41 -16.54
N ILE D 273 -10.18 31.17 -17.00
CA ILE D 273 -11.18 30.70 -17.96
C ILE D 273 -12.56 30.66 -17.31
N LEU D 274 -12.63 30.22 -16.05
CA LEU D 274 -13.90 30.30 -15.32
C LEU D 274 -14.34 31.74 -15.17
N PHE D 275 -13.40 32.64 -14.86
CA PHE D 275 -13.73 34.07 -14.80
C PHE D 275 -14.18 34.58 -16.16
N CYS D 276 -13.54 34.10 -17.24
CA CYS D 276 -13.92 34.51 -18.58
C CYS D 276 -15.34 34.06 -18.91
N THR D 277 -15.71 32.83 -18.55
CA THR D 277 -17.06 32.35 -18.84
C THR D 277 -18.07 32.98 -17.88
N LEU D 278 -17.63 33.44 -16.72
CA LEU D 278 -18.52 34.21 -15.84
C LEU D 278 -18.74 35.60 -16.41
N LEU D 279 -17.66 36.25 -16.85
CA LEU D 279 -17.78 37.54 -17.51
C LEU D 279 -18.58 37.39 -18.80
N CYS D 280 -18.40 36.28 -19.52
CA CYS D 280 -19.09 36.14 -20.78
C CYS D 280 -20.56 35.80 -20.56
N LEU D 281 -20.86 35.10 -19.47
CA LEU D 281 -22.25 34.80 -19.09
C LEU D 281 -22.99 36.08 -18.76
N VAL D 282 -22.33 36.99 -18.03
CA VAL D 282 -22.97 38.26 -17.66
C VAL D 282 -23.17 39.12 -18.90
N PHE D 283 -22.14 39.26 -19.73
CA PHE D 283 -22.23 40.13 -20.89
C PHE D 283 -23.32 39.67 -21.85
N THR D 284 -23.45 38.35 -22.04
CA THR D 284 -24.54 37.83 -22.86
C THR D 284 -25.88 38.19 -22.26
N GLY D 285 -26.02 38.07 -20.94
CA GLY D 285 -27.27 38.41 -20.28
C GLY D 285 -27.59 39.89 -20.39
N THR D 286 -26.61 40.76 -20.12
CA THR D 286 -26.87 42.19 -20.08
C THR D 286 -27.33 42.72 -21.43
N CYS D 287 -26.58 42.40 -22.50
CA CYS D 287 -26.98 42.85 -23.83
C CYS D 287 -28.30 42.24 -24.24
N GLY D 288 -28.52 40.96 -23.92
CA GLY D 288 -29.78 40.33 -24.26
C GLY D 288 -30.95 40.91 -23.49
N ILE D 289 -30.77 41.12 -22.18
CA ILE D 289 -31.87 41.63 -21.36
C ILE D 289 -32.16 43.10 -21.68
N GLN D 290 -31.13 43.87 -22.02
CA GLN D 290 -31.34 45.28 -22.33
C GLN D 290 -32.11 45.44 -23.65
N HIS D 291 -31.66 44.76 -24.70
CA HIS D 291 -32.31 44.89 -26.01
C HIS D 291 -33.71 44.32 -25.98
N LEU D 292 -33.90 43.14 -25.36
CA LEU D 292 -35.21 42.55 -25.28
C LEU D 292 -36.15 43.39 -24.41
N GLU D 293 -35.58 44.27 -23.59
CA GLU D 293 -36.37 45.24 -22.83
C GLU D 293 -36.53 46.57 -23.56
N ARG D 294 -36.08 46.69 -24.80
CA ARG D 294 -36.36 47.89 -25.56
C ARG D 294 -37.83 47.97 -25.94
N ALA D 295 -38.53 46.83 -25.99
CA ALA D 295 -39.97 46.84 -26.18
C ALA D 295 -40.68 47.27 -24.89
N GLY D 296 -40.13 46.90 -23.74
CA GLY D 296 -40.75 47.24 -22.47
C GLY D 296 -39.77 47.61 -21.36
N GLU D 297 -40.07 48.72 -20.69
CA GLU D 297 -39.29 49.28 -19.57
C GLU D 297 -38.01 49.98 -20.00
N ASN D 298 -37.65 49.86 -21.29
CA ASN D 298 -36.50 50.54 -21.90
C ASN D 298 -35.32 50.65 -20.92
N LEU D 299 -34.87 49.49 -20.45
CA LEU D 299 -33.84 49.43 -19.43
C LEU D 299 -32.51 49.97 -19.97
N SER D 300 -31.86 50.82 -19.17
CA SER D 300 -30.52 51.28 -19.51
C SER D 300 -29.51 50.15 -19.34
N LEU D 301 -28.34 50.32 -19.98
CA LEU D 301 -27.33 49.27 -19.95
C LEU D 301 -26.82 49.02 -18.54
N LEU D 302 -26.57 50.08 -17.77
CA LEU D 302 -26.09 49.90 -16.40
C LEU D 302 -27.13 49.23 -15.53
N THR D 303 -28.41 49.62 -15.68
CA THR D 303 -29.47 49.00 -14.91
C THR D 303 -29.60 47.51 -15.27
N SER D 304 -29.49 47.19 -16.55
CA SER D 304 -29.53 45.79 -16.96
C SER D 304 -28.34 45.02 -16.41
N PHE D 305 -27.16 45.64 -16.38
CA PHE D 305 -25.98 44.97 -15.84
C PHE D 305 -26.15 44.66 -14.37
N TYR D 306 -26.71 45.60 -13.60
CA TYR D 306 -26.98 45.34 -12.19
C TYR D 306 -28.04 44.25 -12.03
N PHE D 307 -28.99 44.18 -12.97
CA PHE D 307 -30.03 43.16 -12.92
C PHE D 307 -29.42 41.76 -13.09
N CYS D 308 -28.48 41.61 -14.03
CA CYS D 308 -27.95 40.29 -14.32
C CYS D 308 -27.00 39.81 -13.22
N ILE D 309 -26.27 40.74 -12.59
CA ILE D 309 -25.35 40.35 -11.53
C ILE D 309 -26.12 39.77 -10.34
N VAL D 310 -27.21 40.42 -9.94
CA VAL D 310 -28.03 39.91 -8.85
C VAL D 310 -28.88 38.72 -9.27
N THR D 311 -28.96 38.44 -10.56
CA THR D 311 -29.71 37.27 -11.01
C THR D 311 -28.85 36.01 -10.97
N PHE D 312 -27.64 36.07 -11.51
CA PHE D 312 -26.76 34.91 -11.52
C PHE D 312 -26.19 34.59 -10.14
N SER D 313 -26.18 35.57 -9.24
CA SER D 313 -25.81 35.33 -7.84
C SER D 313 -26.99 34.86 -7.01
N THR D 314 -28.12 34.56 -7.65
CA THR D 314 -29.33 34.06 -7.00
C THR D 314 -29.85 34.99 -5.91
N VAL D 315 -29.59 36.29 -6.03
CA VAL D 315 -30.16 37.25 -5.08
C VAL D 315 -31.58 37.60 -5.46
N GLY D 316 -31.78 38.13 -6.67
CA GLY D 316 -33.10 38.39 -7.19
C GLY D 316 -33.95 39.41 -6.44
N TYR D 317 -33.44 40.63 -6.31
CA TYR D 317 -34.16 41.66 -5.57
C TYR D 317 -35.60 41.85 -6.02
N GLY D 318 -35.81 41.97 -7.33
CA GLY D 318 -37.13 42.21 -7.87
C GLY D 318 -37.47 43.66 -8.12
N ASP D 319 -36.52 44.58 -7.96
CA ASP D 319 -36.79 45.98 -8.27
C ASP D 319 -36.82 46.21 -9.78
N VAL D 320 -35.99 45.49 -10.53
CA VAL D 320 -36.03 45.49 -11.98
C VAL D 320 -36.21 44.05 -12.44
N THR D 321 -37.34 43.76 -13.07
CA THR D 321 -37.71 42.43 -13.50
C THR D 321 -38.19 42.47 -14.93
N PRO D 322 -38.13 41.35 -15.65
CA PRO D 322 -38.78 41.28 -16.96
C PRO D 322 -40.29 41.49 -16.83
N LYS D 323 -40.85 42.21 -17.80
CA LYS D 323 -42.28 42.48 -17.82
C LYS D 323 -42.97 42.02 -19.09
N ILE D 324 -42.23 41.48 -20.06
CA ILE D 324 -42.80 40.89 -21.26
C ILE D 324 -42.28 39.47 -21.39
N TRP D 325 -43.11 38.61 -22.00
CA TRP D 325 -42.77 37.20 -22.07
C TRP D 325 -41.45 36.88 -22.78
N PRO D 326 -41.07 37.53 -23.89
CA PRO D 326 -39.73 37.23 -24.45
C PRO D 326 -38.61 37.54 -23.46
N SER D 327 -38.73 38.63 -22.70
CA SER D 327 -37.72 38.98 -21.72
C SER D 327 -37.72 37.98 -20.56
N GLN D 328 -38.91 37.51 -20.16
CA GLN D 328 -38.99 36.46 -19.16
C GLN D 328 -38.37 35.17 -19.68
N LEU D 329 -38.63 34.83 -20.94
CA LEU D 329 -38.10 33.60 -21.51
C LEU D 329 -36.58 33.63 -21.56
N LEU D 330 -35.99 34.78 -21.89
CA LEU D 330 -34.54 34.88 -21.95
C LEU D 330 -33.91 34.61 -20.59
N VAL D 331 -34.49 35.16 -19.53
CA VAL D 331 -33.97 34.93 -18.18
C VAL D 331 -34.04 33.45 -17.83
N VAL D 332 -35.16 32.79 -18.16
CA VAL D 332 -35.30 31.37 -17.87
C VAL D 332 -34.26 30.57 -18.63
N ILE D 333 -34.05 30.89 -19.91
CA ILE D 333 -33.04 30.19 -20.70
C ILE D 333 -31.65 30.48 -20.15
N MET D 334 -31.37 31.74 -19.79
CA MET D 334 -30.04 32.11 -19.36
C MET D 334 -29.68 31.42 -18.05
N ILE D 335 -30.68 31.25 -17.16
CA ILE D 335 -30.47 30.48 -15.93
C ILE D 335 -30.17 29.03 -16.26
N CYS D 336 -30.91 28.45 -17.20
CA CYS D 336 -30.66 27.07 -17.60
C CYS D 336 -29.27 26.92 -18.22
N VAL D 337 -28.84 27.93 -18.97
CA VAL D 337 -27.50 27.90 -19.57
C VAL D 337 -26.44 27.93 -18.48
N ALA D 338 -26.63 28.76 -17.46
CA ALA D 338 -25.65 28.84 -16.37
C ALA D 338 -25.56 27.52 -15.62
N LEU D 339 -26.68 26.84 -15.44
CA LEU D 339 -26.68 25.59 -14.69
C LEU D 339 -26.04 24.45 -15.48
N VAL D 340 -25.83 24.61 -16.79
CA VAL D 340 -25.21 23.56 -17.60
C VAL D 340 -23.84 23.93 -18.13
N VAL D 341 -23.36 25.16 -17.88
CA VAL D 341 -22.06 25.62 -18.35
C VAL D 341 -21.08 25.77 -17.18
N LEU D 342 -21.51 26.45 -16.12
CA LEU D 342 -20.64 26.63 -14.96
C LEU D 342 -20.19 25.33 -14.31
N PRO D 343 -21.06 24.32 -14.11
CA PRO D 343 -20.57 23.05 -13.54
C PRO D 343 -19.45 22.41 -14.32
N LEU D 344 -19.42 22.58 -15.65
CA LEU D 344 -18.31 22.05 -16.44
C LEU D 344 -17.00 22.72 -16.04
N GLN D 345 -17.04 24.03 -15.83
CA GLN D 345 -15.85 24.73 -15.35
C GLN D 345 -15.47 24.29 -13.95
N PHE D 346 -16.46 24.11 -13.08
CA PHE D 346 -16.19 23.67 -11.71
C PHE D 346 -15.58 22.28 -11.70
N GLU D 347 -16.08 21.37 -12.53
CA GLU D 347 -15.55 20.01 -12.57
C GLU D 347 -14.09 20.00 -13.00
N GLU D 348 -13.75 20.81 -14.00
CA GLU D 348 -12.34 20.91 -14.43
C GLU D 348 -11.49 21.51 -13.31
N LEU D 349 -12.03 22.50 -12.60
CA LEU D 349 -11.30 23.08 -11.48
C LEU D 349 -11.07 22.05 -10.38
N VAL D 350 -12.07 21.20 -10.12
CA VAL D 350 -11.91 20.15 -9.12
C VAL D 350 -10.81 19.18 -9.52
N TYR D 351 -10.76 18.81 -10.81
CA TYR D 351 -9.74 17.90 -11.30
C TYR D 351 -8.35 18.50 -11.11
N LEU D 352 -8.17 19.76 -11.50
CA LEU D 352 -6.86 20.40 -11.36
C LEU D 352 -6.47 20.55 -9.90
N TRP D 353 -7.44 20.87 -9.03
CA TRP D 353 -7.15 20.98 -7.60
C TRP D 353 -6.77 19.63 -7.02
N MET D 354 -7.39 18.56 -7.51
CA MET D 354 -7.09 17.22 -7.01
C MET D 354 -5.67 16.81 -7.37
N GLU D 355 -5.27 17.01 -8.62
CA GLU D 355 -3.93 16.64 -9.05
C GLU D 355 -2.87 17.49 -8.38
N ARG D 356 -3.18 18.78 -8.12
CA ARG D 356 -2.24 19.66 -7.46
C ARG D 356 -1.94 19.20 -6.03
N GLN D 357 -2.85 18.43 -5.42
CA GLN D 357 -2.67 17.95 -4.05
C GLN D 357 -1.56 16.91 -3.92
N LYS D 358 -0.90 16.54 -5.01
CA LYS D 358 0.18 15.55 -4.96
C LYS D 358 1.36 16.00 -5.79
N GLN D 369 9.15 31.21 7.86
CA GLN D 369 8.75 31.48 9.23
C GLN D 369 9.71 32.49 9.87
N THR D 370 10.10 32.24 11.12
CA THR D 370 11.00 33.11 11.85
C THR D 370 12.44 32.63 11.67
N GLU D 371 13.34 33.19 12.46
CA GLU D 371 14.76 32.81 12.41
C GLU D 371 15.04 31.78 13.51
N LYS D 372 16.32 31.46 13.69
CA LYS D 372 16.79 30.62 14.80
C LYS D 372 16.12 29.24 14.78
N HIS D 373 16.43 28.48 13.73
CA HIS D 373 15.92 27.13 13.60
C HIS D 373 17.06 26.13 13.51
N VAL D 374 16.76 24.90 13.93
CA VAL D 374 17.69 23.78 13.84
C VAL D 374 17.03 22.69 12.99
N VAL D 375 17.84 21.94 12.26
CA VAL D 375 17.35 20.90 11.36
C VAL D 375 17.62 19.54 11.98
N LEU D 376 16.68 18.62 11.80
CA LEU D 376 16.75 17.27 12.38
C LEU D 376 16.65 16.28 11.22
N CYS D 377 17.80 15.91 10.67
CA CYS D 377 17.86 15.02 9.50
C CYS D 377 17.89 13.58 9.98
N VAL D 378 16.80 12.85 9.69
CA VAL D 378 16.67 11.45 10.07
C VAL D 378 16.19 10.67 8.84
N SER D 379 16.28 9.35 8.95
CA SER D 379 15.79 8.45 7.90
C SER D 379 14.33 8.08 8.08
N SER D 380 13.91 7.84 9.31
CA SER D 380 12.51 7.55 9.62
C SER D 380 12.22 8.05 11.03
N LEU D 381 11.24 8.95 11.16
CA LEU D 381 10.93 9.58 12.42
C LEU D 381 9.81 8.83 13.11
N LYS D 382 10.06 8.38 14.33
CA LYS D 382 9.06 7.73 15.17
C LYS D 382 8.70 8.64 16.33
N ILE D 383 7.53 8.39 16.92
CA ILE D 383 7.04 9.26 17.98
C ILE D 383 7.94 9.18 19.22
N ASP D 384 8.57 8.03 19.44
CA ASP D 384 9.48 7.91 20.59
C ASP D 384 10.68 8.82 20.43
N LEU D 385 11.24 8.88 19.22
CA LEU D 385 12.42 9.71 18.99
C LEU D 385 12.07 11.20 18.97
N LEU D 386 10.93 11.55 18.36
CA LEU D 386 10.54 12.95 18.28
C LEU D 386 10.27 13.54 19.67
N MET D 387 9.55 12.81 20.51
CA MET D 387 9.27 13.29 21.85
C MET D 387 10.53 13.42 22.69
N ASP D 388 11.47 12.48 22.54
CA ASP D 388 12.71 12.57 23.29
C ASP D 388 13.51 13.80 22.89
N PHE D 389 13.34 14.29 21.66
CA PHE D 389 14.03 15.50 21.22
C PHE D 389 13.32 16.75 21.72
N LEU D 390 12.01 16.84 21.51
CA LEU D 390 11.27 18.05 21.88
C LEU D 390 11.30 18.27 23.39
N ASN D 391 11.19 17.19 24.17
CA ASN D 391 11.24 17.31 25.62
C ASN D 391 12.59 17.81 26.10
N GLU D 392 13.65 17.56 25.33
CA GLU D 392 15.00 17.98 25.68
C GLU D 392 15.42 19.29 25.02
N PHE D 393 15.14 19.44 23.72
CA PHE D 393 15.51 20.67 23.02
C PHE D 393 14.77 21.88 23.58
N TYR D 394 13.49 21.71 23.90
CA TYR D 394 12.65 22.82 24.37
C TYR D 394 12.60 22.92 25.89
N ALA D 395 13.35 22.09 26.60
CA ALA D 395 13.44 22.21 28.05
C ALA D 395 14.29 23.40 28.49
N HIS D 396 15.02 24.03 27.56
CA HIS D 396 15.87 25.18 27.84
C HIS D 396 15.13 26.46 27.49
N PRO D 397 15.06 27.42 28.42
CA PRO D 397 14.38 28.69 28.10
C PRO D 397 15.02 29.46 26.96
N ARG D 398 16.34 29.31 26.77
CA ARG D 398 17.00 29.96 25.66
C ARG D 398 16.56 29.41 24.31
N LEU D 399 16.05 28.18 24.27
CA LEU D 399 15.64 27.52 23.03
C LEU D 399 14.12 27.52 22.85
N GLN D 400 13.44 28.57 23.28
CA GLN D 400 11.99 28.62 23.18
C GLN D 400 11.50 29.24 21.87
N ASP D 401 12.16 30.29 21.39
CA ASP D 401 11.79 30.90 20.12
C ASP D 401 12.21 30.07 18.93
N TYR D 402 13.01 29.03 19.13
CA TYR D 402 13.46 28.18 18.04
C TYR D 402 12.31 27.34 17.48
N TYR D 403 12.37 27.04 16.19
CA TYR D 403 11.49 26.07 15.57
C TYR D 403 12.35 24.99 14.92
N VAL D 404 11.77 23.81 14.75
CA VAL D 404 12.51 22.60 14.39
C VAL D 404 12.06 22.14 13.01
N VAL D 405 13.02 21.95 12.11
CA VAL D 405 12.77 21.42 10.78
C VAL D 405 13.21 19.97 10.75
N ILE D 406 12.31 19.09 10.32
CA ILE D 406 12.57 17.66 10.24
C ILE D 406 12.64 17.27 8.78
N LEU D 407 13.75 16.64 8.38
CA LEU D 407 14.00 16.27 7.00
C LEU D 407 14.12 14.75 6.94
N CYS D 408 12.97 14.09 6.76
CA CYS D 408 12.92 12.64 6.67
C CYS D 408 12.39 12.22 5.31
N PRO D 409 13.06 11.32 4.60
CA PRO D 409 12.64 10.98 3.23
C PRO D 409 11.34 10.18 3.15
N THR D 410 10.77 9.78 4.29
CA THR D 410 9.54 9.00 4.28
C THR D 410 8.35 9.86 4.69
N GLU D 411 7.17 9.34 4.39
CA GLU D 411 5.93 10.01 4.75
C GLU D 411 5.79 10.05 6.27
N MET D 412 5.17 11.12 6.77
CA MET D 412 5.03 11.31 8.20
C MET D 412 4.27 10.16 8.85
N ASP D 413 4.81 9.65 9.95
CA ASP D 413 4.13 8.61 10.70
C ASP D 413 2.84 9.18 11.29
N VAL D 414 1.80 8.34 11.35
CA VAL D 414 0.48 8.80 11.78
C VAL D 414 0.54 9.35 13.20
N GLN D 415 1.25 8.66 14.10
CA GLN D 415 1.40 9.15 15.45
C GLN D 415 2.15 10.48 15.50
N VAL D 416 3.02 10.72 14.52
CA VAL D 416 3.71 12.01 14.45
C VAL D 416 2.73 13.10 14.01
N ARG D 417 1.84 12.80 13.06
CA ARG D 417 0.88 13.79 12.60
C ARG D 417 -0.03 14.25 13.73
N ARG D 418 -0.47 13.31 14.58
CA ARG D 418 -1.34 13.67 15.70
C ARG D 418 -0.63 14.63 16.65
N VAL D 419 0.66 14.38 16.92
CA VAL D 419 1.42 15.28 17.77
C VAL D 419 1.65 16.62 17.08
N LEU D 420 1.96 16.59 15.78
CA LEU D 420 2.23 17.83 15.05
C LEU D 420 0.99 18.70 14.91
N GLN D 421 -0.20 18.15 15.11
CA GLN D 421 -1.42 18.94 15.11
C GLN D 421 -1.76 19.48 16.49
N ILE D 422 -1.02 19.11 17.52
CA ILE D 422 -1.20 19.70 18.85
C ILE D 422 -0.82 21.18 18.78
N PRO D 423 -1.59 22.08 19.41
CA PRO D 423 -1.26 23.51 19.29
C PRO D 423 0.14 23.88 19.76
N LEU D 424 0.69 23.13 20.73
CA LEU D 424 2.03 23.44 21.21
C LEU D 424 3.09 23.22 20.14
N TRP D 425 2.96 22.14 19.36
CA TRP D 425 3.99 21.76 18.40
C TRP D 425 3.65 22.13 16.96
N SER D 426 2.45 22.67 16.71
CA SER D 426 2.06 22.95 15.32
C SER D 426 2.95 24.01 14.69
N GLN D 427 3.25 25.08 15.42
CA GLN D 427 4.02 26.19 14.88
C GLN D 427 5.53 26.03 15.04
N ARG D 428 5.98 25.07 15.84
CA ARG D 428 7.41 24.87 16.08
C ARG D 428 8.01 23.78 15.21
N VAL D 429 7.35 22.63 15.10
CA VAL D 429 7.90 21.52 14.35
C VAL D 429 7.45 21.62 12.89
N ILE D 430 8.41 21.62 11.97
CA ILE D 430 8.14 21.63 10.53
C ILE D 430 8.69 20.35 9.95
N TYR D 431 7.84 19.59 9.28
CA TYR D 431 8.21 18.29 8.70
C TYR D 431 8.30 18.44 7.20
N LEU D 432 9.53 18.44 6.68
CA LEU D 432 9.78 18.41 5.24
C LEU D 432 10.21 17.02 4.83
N GLN D 433 9.52 16.46 3.83
CA GLN D 433 9.87 15.14 3.33
C GLN D 433 10.90 15.31 2.22
N GLY D 434 12.11 14.84 2.45
CA GLY D 434 13.17 14.99 1.48
C GLY D 434 14.43 14.33 1.98
N SER D 435 15.49 14.46 1.17
CA SER D 435 16.78 13.86 1.46
C SER D 435 17.83 14.93 1.67
N ALA D 436 18.74 14.69 2.61
CA ALA D 436 19.87 15.59 2.81
C ALA D 436 20.82 15.59 1.61
N LEU D 437 20.75 14.56 0.76
CA LEU D 437 21.60 14.49 -0.42
C LEU D 437 21.09 15.30 -1.59
N LYS D 438 19.86 15.82 -1.51
CA LYS D 438 19.30 16.69 -2.53
C LYS D 438 19.38 18.13 -2.03
N ASP D 439 20.02 19.00 -2.82
CA ASP D 439 20.22 20.37 -2.39
C ASP D 439 18.91 21.14 -2.27
N GLN D 440 17.90 20.80 -3.08
CA GLN D 440 16.62 21.48 -2.98
C GLN D 440 15.98 21.23 -1.62
N ASP D 441 16.00 19.99 -1.15
CA ASP D 441 15.49 19.70 0.19
C ASP D 441 16.31 20.41 1.25
N LEU D 442 17.62 20.49 1.04
CA LEU D 442 18.48 21.30 1.91
C LEU D 442 18.10 22.77 1.83
N MET D 443 17.74 23.24 0.63
CA MET D 443 17.34 24.64 0.47
C MET D 443 15.99 24.91 1.11
N ARG D 444 15.04 23.98 0.97
CA ARG D 444 13.74 24.14 1.61
C ARG D 444 13.86 24.19 3.12
N ALA D 445 14.81 23.46 3.69
CA ALA D 445 15.02 23.46 5.13
C ALA D 445 15.82 24.65 5.62
N LYS D 446 16.33 25.49 4.72
CA LYS D 446 17.10 26.68 5.08
C LYS D 446 18.30 26.31 5.95
N MET D 447 18.98 25.21 5.58
CA MET D 447 20.10 24.73 6.38
C MET D 447 21.24 25.74 6.46
N ASP D 448 21.39 26.58 5.42
CA ASP D 448 22.44 27.59 5.47
C ASP D 448 22.24 28.55 6.63
N ASN D 449 21.00 28.82 7.00
CA ASN D 449 20.69 29.65 8.15
C ASN D 449 20.42 28.85 9.42
N GLY D 450 20.45 27.52 9.34
CA GLY D 450 20.18 26.71 10.51
C GLY D 450 21.26 26.85 11.57
N GLU D 451 20.83 26.87 12.83
CA GLU D 451 21.76 26.96 13.95
C GLU D 451 22.47 25.64 14.23
N ALA D 452 21.92 24.52 13.76
CA ALA D 452 22.50 23.22 14.00
C ALA D 452 21.80 22.19 13.11
N CYS D 453 22.51 21.10 12.82
CA CYS D 453 21.96 19.96 12.10
C CYS D 453 22.20 18.71 12.92
N PHE D 454 21.11 18.02 13.26
CA PHE D 454 21.17 16.79 14.05
C PHE D 454 20.93 15.62 13.11
N ILE D 455 22.03 14.97 12.70
CA ILE D 455 21.96 13.80 11.82
C ILE D 455 21.93 12.58 12.72
N LEU D 456 20.74 12.07 12.99
CA LEU D 456 20.56 10.90 13.84
C LEU D 456 20.50 9.63 13.00
N SER D 457 20.86 8.51 13.62
CA SER D 457 20.87 7.22 12.95
C SER D 457 19.62 6.43 13.29
N SER D 458 19.34 5.43 12.46
CA SER D 458 18.19 4.55 12.66
C SER D 458 18.66 3.25 13.29
N ARG D 459 18.11 2.95 14.47
CA ARG D 459 18.48 1.74 15.20
C ARG D 459 17.61 0.54 14.83
N ASN D 460 16.38 0.76 14.36
CA ASN D 460 15.49 -0.33 13.99
C ASN D 460 15.93 -1.04 12.73
N GLU D 461 16.84 -0.45 11.94
CA GLU D 461 17.30 -1.07 10.71
C GLU D 461 18.08 -2.34 11.02
N VAL D 462 17.93 -3.34 10.14
CA VAL D 462 18.61 -4.61 10.34
C VAL D 462 20.05 -4.57 9.85
N ASP D 463 20.41 -3.59 9.03
CA ASP D 463 21.78 -3.43 8.53
C ASP D 463 22.34 -2.14 9.13
N ARG D 464 23.03 -2.29 10.27
CA ARG D 464 23.57 -1.13 10.96
C ARG D 464 24.68 -0.47 10.18
N THR D 465 25.50 -1.25 9.48
CA THR D 465 26.55 -0.66 8.65
C THR D 465 25.96 0.15 7.51
N ALA D 466 24.87 -0.34 6.91
CA ALA D 466 24.18 0.43 5.88
C ALA D 466 23.62 1.73 6.44
N ALA D 467 23.07 1.67 7.65
CA ALA D 467 22.57 2.89 8.29
C ALA D 467 23.71 3.87 8.55
N ASP D 468 24.86 3.38 9.00
CA ASP D 468 26.00 4.26 9.23
C ASP D 468 26.48 4.90 7.94
N HIS D 469 26.46 4.14 6.84
CA HIS D 469 26.86 4.69 5.55
C HIS D 469 25.93 5.80 5.09
N GLN D 470 24.69 5.81 5.59
CA GLN D 470 23.75 6.86 5.21
C GLN D 470 24.02 8.15 5.99
N THR D 471 24.20 8.05 7.30
CA THR D 471 24.47 9.25 8.09
C THR D 471 25.85 9.83 7.82
N ILE D 472 26.77 9.01 7.30
CA ILE D 472 28.05 9.55 6.85
C ILE D 472 27.84 10.44 5.63
N LEU D 473 27.04 9.97 4.67
CA LEU D 473 26.70 10.81 3.51
C LEU D 473 25.85 12.00 3.95
N ARG D 474 24.91 11.78 4.86
CA ARG D 474 24.09 12.89 5.36
C ARG D 474 24.93 13.93 6.09
N ALA D 475 26.05 13.51 6.69
CA ALA D 475 26.96 14.47 7.28
C ALA D 475 27.81 15.14 6.21
N TRP D 476 28.19 14.40 5.17
CA TRP D 476 28.94 14.99 4.07
C TRP D 476 28.05 15.93 3.24
N ALA D 477 26.79 15.55 3.05
CA ALA D 477 25.90 16.37 2.23
C ALA D 477 25.60 17.72 2.88
N VAL D 478 25.45 17.74 4.20
CA VAL D 478 25.19 19.00 4.89
C VAL D 478 26.46 19.83 5.01
N LYS D 479 27.60 19.18 5.28
CA LYS D 479 28.86 19.90 5.33
C LYS D 479 29.24 20.49 3.98
N ASP D 480 28.86 19.82 2.89
CA ASP D 480 29.13 20.35 1.56
C ASP D 480 28.20 21.52 1.22
N PHE D 481 26.95 21.44 1.66
CA PHE D 481 25.98 22.49 1.34
C PHE D 481 26.11 23.67 2.29
N ALA D 482 26.24 23.41 3.59
CA ALA D 482 26.34 24.43 4.62
C ALA D 482 27.58 24.15 5.46
N PRO D 483 28.77 24.51 4.96
CA PRO D 483 29.99 24.23 5.71
C PRO D 483 30.04 24.89 7.08
N ASN D 484 29.50 26.09 7.21
CA ASN D 484 29.47 26.79 8.51
C ASN D 484 28.18 26.50 9.26
N CYS D 485 27.86 25.22 9.41
CA CYS D 485 26.71 24.76 10.18
C CYS D 485 27.20 23.65 11.10
N PRO D 486 27.14 23.83 12.42
CA PRO D 486 27.67 22.81 13.34
C PRO D 486 26.89 21.51 13.21
N LEU D 487 27.59 20.43 12.89
CA LEU D 487 26.98 19.13 12.70
C LEU D 487 26.93 18.36 14.02
N TYR D 488 25.83 17.63 14.22
CA TYR D 488 25.65 16.76 15.38
C TYR D 488 25.25 15.40 14.85
N VAL D 489 26.17 14.44 14.92
CA VAL D 489 26.00 13.13 14.28
C VAL D 489 25.93 12.06 15.35
N GLN D 490 25.04 11.10 15.17
CA GLN D 490 24.88 9.95 16.05
C GLN D 490 25.25 8.71 15.24
N ILE D 491 26.43 8.16 15.53
CA ILE D 491 26.98 7.03 14.80
C ILE D 491 26.75 5.76 15.59
N LEU D 492 26.39 4.68 14.89
CA LEU D 492 26.13 3.39 15.53
C LEU D 492 27.41 2.58 15.71
N LYS D 493 28.11 2.30 14.61
CA LYS D 493 29.24 1.40 14.81
C LYS D 493 30.55 2.18 14.91
N PRO D 494 31.47 1.73 15.77
CA PRO D 494 32.72 2.49 15.99
C PRO D 494 33.59 2.62 14.76
N GLU D 495 33.56 1.64 13.86
CA GLU D 495 34.45 1.68 12.70
C GLU D 495 34.11 2.81 11.74
N ASN D 496 32.88 3.32 11.77
CA ASN D 496 32.46 4.42 10.92
C ASN D 496 32.59 5.78 11.61
N LYS D 497 33.18 5.82 12.80
CA LYS D 497 33.26 7.07 13.55
C LYS D 497 34.28 8.04 12.96
N PHE D 498 35.33 7.54 12.35
CA PHE D 498 36.41 8.41 11.88
C PHE D 498 36.11 9.06 10.54
N HIS D 499 35.03 8.67 9.87
CA HIS D 499 34.58 9.41 8.69
C HIS D 499 33.91 10.72 9.07
N VAL D 500 33.26 10.76 10.23
CA VAL D 500 32.55 11.95 10.68
C VAL D 500 33.31 12.65 11.81
N LYS D 501 34.63 12.42 11.91
CA LYS D 501 35.42 13.10 12.93
C LYS D 501 35.40 14.61 12.74
N PHE D 502 35.22 15.07 11.50
CA PHE D 502 35.12 16.50 11.22
C PHE D 502 33.93 17.15 11.91
N ALA D 503 32.91 16.38 12.29
CA ALA D 503 31.72 16.95 12.87
C ALA D 503 32.01 17.57 14.23
N ASP D 504 31.20 18.57 14.59
CA ASP D 504 31.42 19.29 15.84
C ASP D 504 31.22 18.39 17.04
N HIS D 505 30.18 17.55 17.01
CA HIS D 505 29.83 16.70 18.16
C HIS D 505 29.34 15.36 17.63
N VAL D 506 30.12 14.30 17.87
CA VAL D 506 29.81 12.96 17.41
C VAL D 506 29.56 12.07 18.62
N VAL D 507 28.52 11.25 18.53
CA VAL D 507 28.19 10.27 19.57
C VAL D 507 28.16 8.89 18.93
N CYS D 508 28.90 7.95 19.53
CA CYS D 508 28.93 6.57 19.06
C CYS D 508 28.12 5.71 20.01
N GLU D 509 27.09 5.05 19.46
CA GLU D 509 26.18 4.27 20.31
C GLU D 509 26.88 3.05 20.90
N GLU D 510 27.56 2.27 20.06
CA GLU D 510 28.17 1.03 20.54
C GLU D 510 29.31 1.31 21.51
N GLU D 511 30.03 2.42 21.32
CA GLU D 511 31.12 2.76 22.24
C GLU D 511 30.58 3.07 23.63
N CYS D 512 29.56 3.92 23.71
CA CYS D 512 29.06 4.36 25.01
C CYS D 512 28.25 3.26 25.70
N LYS D 513 27.45 2.52 24.93
CA LYS D 513 26.60 1.49 25.52
C LYS D 513 27.43 0.42 26.21
N TYR D 514 28.48 -0.06 25.53
CA TYR D 514 29.28 -1.14 26.08
C TYR D 514 30.21 -0.66 27.18
N ALA D 515 30.69 0.59 27.09
CA ALA D 515 31.45 1.16 28.19
C ALA D 515 30.58 1.39 29.42
N MET D 516 29.31 1.74 29.21
CA MET D 516 28.38 1.88 30.33
C MET D 516 28.08 0.54 30.98
N LEU D 517 27.88 -0.50 30.16
CA LEU D 517 27.63 -1.84 30.70
C LEU D 517 28.85 -2.36 31.46
N ALA D 518 30.04 -2.13 30.94
CA ALA D 518 31.25 -2.59 31.62
C ALA D 518 31.44 -1.87 32.95
N LEU D 519 31.12 -0.57 32.99
CA LEU D 519 31.26 0.17 34.24
C LEU D 519 30.23 -0.26 35.27
N ASN D 520 29.08 -0.76 34.83
CA ASN D 520 28.12 -1.33 35.76
C ASN D 520 28.71 -2.53 36.48
N CYS D 521 29.65 -3.23 35.86
CA CYS D 521 30.33 -4.37 36.47
C CYS D 521 31.39 -3.95 37.48
N ILE D 522 31.85 -2.70 37.45
CA ILE D 522 32.71 -2.15 38.49
C ILE D 522 31.94 -1.21 39.40
N CYS D 523 31.38 -0.13 38.84
CA CYS D 523 30.61 0.85 39.59
C CYS D 523 29.14 0.57 39.32
N PRO D 524 28.42 -0.10 40.22
CA PRO D 524 27.05 -0.49 39.92
C PRO D 524 26.16 0.72 39.68
N ALA D 525 25.23 0.56 38.74
CA ALA D 525 24.26 1.60 38.38
C ALA D 525 24.95 2.85 37.82
N THR D 526 26.09 2.67 37.16
CA THR D 526 26.72 3.80 36.46
C THR D 526 25.83 4.30 35.33
N SER D 527 25.19 3.38 34.61
CA SER D 527 24.28 3.79 33.53
C SER D 527 23.10 4.57 34.07
N THR D 528 22.77 4.41 35.36
CA THR D 528 21.73 5.25 35.96
C THR D 528 22.28 6.60 36.36
N LEU D 529 23.50 6.64 36.90
CA LEU D 529 24.11 7.91 37.26
C LEU D 529 24.36 8.77 36.02
N ILE D 530 24.82 8.15 34.93
CA ILE D 530 25.05 8.90 33.69
C ILE D 530 23.73 9.38 33.12
N THR D 531 22.71 8.52 33.12
CA THR D 531 21.43 8.88 32.53
C THR D 531 20.80 10.08 33.22
N LEU D 532 20.78 10.07 34.56
CA LEU D 532 20.17 11.18 35.29
C LEU D 532 20.99 12.46 35.20
N LEU D 533 22.25 12.38 34.80
CA LEU D 533 23.07 13.56 34.60
C LEU D 533 22.91 14.19 33.22
N VAL D 534 22.49 13.40 32.23
CA VAL D 534 22.36 13.89 30.87
C VAL D 534 20.91 14.23 30.54
N HIS D 535 20.04 14.33 31.54
CA HIS D 535 18.65 14.72 31.35
C HIS D 535 18.41 16.04 32.06
N THR D 536 17.88 17.01 31.31
CA THR D 536 17.61 18.34 31.87
C THR D 536 16.34 18.24 32.71
N SER D 537 16.49 18.29 34.03
CA SER D 537 15.36 18.27 34.94
C SER D 537 15.73 19.07 36.18
N ARG D 538 14.71 19.65 36.82
CA ARG D 538 14.90 20.54 37.96
C ARG D 538 14.74 19.83 39.30
N GLY D 539 14.69 18.50 39.30
CA GLY D 539 14.63 17.75 40.54
C GLY D 539 13.35 17.93 41.33
N GLN D 540 12.21 18.09 40.65
CA GLN D 540 10.92 18.20 41.31
C GLN D 540 10.15 16.89 41.30
N GLU D 541 10.78 15.79 40.88
CA GLU D 541 10.11 14.51 40.79
C GLU D 541 10.07 13.83 42.15
N GLY D 542 8.92 13.21 42.46
CA GLY D 542 8.78 12.47 43.70
C GLY D 542 8.86 13.31 44.95
N GLN D 543 8.61 14.62 44.84
CA GLN D 543 8.67 15.49 46.00
C GLN D 543 7.43 15.40 46.87
N GLU D 544 6.35 14.80 46.38
CA GLU D 544 5.14 14.57 47.16
C GLU D 544 5.02 13.13 47.64
N SER D 545 6.02 12.30 47.38
CA SER D 545 5.97 10.89 47.73
C SER D 545 6.16 10.71 49.24
N PRO D 546 5.42 9.80 49.87
CA PRO D 546 5.63 9.54 51.30
C PRO D 546 6.96 8.87 51.60
N GLU D 547 7.58 8.21 50.64
CA GLU D 547 8.84 7.51 50.86
C GLU D 547 10.00 8.49 50.95
N GLN D 548 10.97 8.18 51.80
CA GLN D 548 12.16 9.01 51.90
C GLN D 548 13.11 8.76 50.75
N TRP D 549 13.23 7.50 50.31
CA TRP D 549 14.13 7.18 49.20
C TRP D 549 13.65 7.75 47.88
N GLN D 550 12.37 8.10 47.77
CA GLN D 550 11.85 8.68 46.54
C GLN D 550 11.94 10.20 46.52
N ARG D 551 12.03 10.84 47.68
CA ARG D 551 12.20 12.28 47.74
C ARG D 551 13.66 12.69 47.59
N MET D 552 14.58 11.89 48.12
CA MET D 552 16.00 12.22 48.01
C MET D 552 16.58 11.77 46.68
N TYR D 553 16.20 10.59 46.19
CA TYR D 553 16.66 10.13 44.89
C TYR D 553 15.94 10.86 43.76
N GLY D 554 14.74 11.37 44.02
CA GLY D 554 14.03 12.20 43.06
C GLY D 554 14.46 13.64 43.04
N ARG D 555 15.07 14.13 44.12
CA ARG D 555 15.57 15.50 44.12
C ARG D 555 17.01 15.56 43.62
N CYS D 556 17.84 14.60 44.03
CA CYS D 556 19.22 14.54 43.56
C CYS D 556 19.32 14.19 42.08
N SER D 557 18.23 13.75 41.45
CA SER D 557 18.24 13.47 40.02
C SER D 557 18.25 14.74 39.18
N GLY D 558 18.07 15.90 39.79
CA GLY D 558 18.12 17.16 39.09
C GLY D 558 19.51 17.70 38.85
N ASN D 559 20.54 16.98 39.30
CA ASN D 559 21.91 17.43 39.07
C ASN D 559 22.28 17.32 37.60
N GLU D 560 23.01 18.32 37.12
CA GLU D 560 23.58 18.29 35.77
C GLU D 560 25.00 18.82 35.85
N VAL D 561 25.73 18.68 34.75
CA VAL D 561 27.12 19.13 34.67
C VAL D 561 27.13 20.49 33.98
N TYR D 562 27.56 21.51 34.72
CA TYR D 562 27.64 22.88 34.22
C TYR D 562 29.10 23.32 34.21
N HIS D 563 29.35 24.45 33.54
CA HIS D 563 30.69 25.00 33.45
C HIS D 563 30.64 26.50 33.66
N ILE D 564 31.73 27.03 34.20
CA ILE D 564 31.85 28.46 34.45
C ILE D 564 33.33 28.79 34.59
N ARG D 565 33.72 29.97 34.11
CA ARG D 565 35.09 30.42 34.28
C ARG D 565 35.36 30.65 35.76
N MET D 566 36.56 30.30 36.21
CA MET D 566 36.86 30.29 37.64
C MET D 566 36.77 31.68 38.25
N GLY D 567 37.26 32.70 37.53
CA GLY D 567 37.26 34.05 38.07
C GLY D 567 35.87 34.61 38.30
N ASP D 568 34.95 34.33 37.38
CA ASP D 568 33.58 34.83 37.46
C ASP D 568 32.62 33.82 38.07
N SER D 569 33.11 32.90 38.90
CA SER D 569 32.29 31.87 39.52
C SER D 569 32.15 32.17 41.00
N LYS D 570 30.93 32.54 41.42
CA LYS D 570 30.70 32.78 42.84
C LYS D 570 30.87 31.52 43.68
N PHE D 571 30.82 30.34 43.06
CA PHE D 571 31.05 29.10 43.79
C PHE D 571 32.53 28.91 44.12
N PHE D 572 33.42 29.30 43.21
CA PHE D 572 34.82 28.89 43.30
C PHE D 572 35.83 30.03 43.29
N ARG D 573 35.42 31.27 43.02
CA ARG D 573 36.40 32.33 42.80
C ARG D 573 37.24 32.62 44.04
N GLU D 574 36.74 32.27 45.23
CA GLU D 574 37.48 32.52 46.45
C GLU D 574 38.60 31.52 46.69
N TYR D 575 38.78 30.54 45.80
CA TYR D 575 39.81 29.52 45.93
C TYR D 575 40.97 29.76 44.97
N GLU D 576 41.20 31.00 44.56
CA GLU D 576 42.30 31.30 43.65
C GLU D 576 43.64 30.99 44.33
N GLY D 577 44.50 30.28 43.62
CA GLY D 577 45.75 29.83 44.17
C GLY D 577 45.67 28.62 45.05
N LYS D 578 44.49 28.04 45.24
CA LYS D 578 44.29 26.85 46.06
C LYS D 578 44.24 25.60 45.18
N SER D 579 44.49 24.47 45.80
CA SER D 579 44.49 23.20 45.07
C SER D 579 43.08 22.81 44.66
N PHE D 580 43.00 21.96 43.62
CA PHE D 580 41.71 21.52 43.12
C PHE D 580 40.96 20.71 44.17
N THR D 581 41.66 19.84 44.90
CA THR D 581 41.00 19.05 45.94
C THR D 581 40.49 19.93 47.08
N TYR D 582 41.21 21.00 47.40
CA TYR D 582 40.75 21.93 48.43
C TYR D 582 39.48 22.65 47.98
N ALA D 583 39.44 23.12 46.73
CA ALA D 583 38.27 23.84 46.24
C ALA D 583 37.07 22.92 46.10
N ALA D 584 37.28 21.68 45.66
CA ALA D 584 36.17 20.76 45.46
C ALA D 584 35.47 20.43 46.77
N PHE D 585 36.22 20.31 47.86
CA PHE D 585 35.62 19.97 49.15
C PHE D 585 34.83 21.13 49.72
N HIS D 586 35.49 22.29 49.88
CA HIS D 586 34.87 23.41 50.58
C HIS D 586 33.66 23.94 49.82
N ALA D 587 33.71 23.91 48.49
CA ALA D 587 32.54 24.29 47.71
C ALA D 587 31.37 23.35 47.97
N HIS D 588 31.65 22.05 48.06
CA HIS D 588 30.62 21.09 48.42
C HIS D 588 30.20 21.27 49.88
N LYS D 589 31.16 21.60 50.76
CA LYS D 589 30.83 21.86 52.15
C LYS D 589 29.95 23.09 52.31
N LYS D 590 30.19 24.12 51.50
CA LYS D 590 29.49 25.39 51.62
C LYS D 590 28.21 25.46 50.81
N TYR D 591 28.29 25.22 49.49
CA TYR D 591 27.15 25.38 48.61
C TYR D 591 26.58 24.07 48.09
N GLY D 592 27.29 22.97 48.21
CA GLY D 592 26.79 21.68 47.76
C GLY D 592 27.12 21.31 46.35
N VAL D 593 27.97 22.07 45.66
CA VAL D 593 28.38 21.76 44.30
C VAL D 593 29.54 20.79 44.33
N CYS D 594 29.64 19.94 43.31
CA CYS D 594 30.69 18.94 43.21
C CYS D 594 31.58 19.30 42.02
N LEU D 595 32.80 19.75 42.32
CA LEU D 595 33.75 20.16 41.28
C LEU D 595 34.45 18.90 40.76
N ILE D 596 34.00 18.42 39.61
CA ILE D 596 34.52 17.17 39.06
C ILE D 596 35.77 17.38 38.22
N GLY D 597 35.92 18.52 37.57
CA GLY D 597 37.09 18.75 36.74
C GLY D 597 37.13 20.17 36.24
N LEU D 598 38.23 20.48 35.53
CA LEU D 598 38.43 21.80 34.96
C LEU D 598 38.99 21.67 33.56
N LYS D 599 39.12 22.80 32.88
CA LYS D 599 39.74 22.89 31.56
C LYS D 599 40.56 24.17 31.50
N ARG D 600 41.87 24.03 31.37
CA ARG D 600 42.75 25.20 31.36
C ARG D 600 42.56 25.99 30.07
N GLU D 601 42.80 27.30 30.17
CA GLU D 601 42.66 28.16 28.99
C GLU D 601 43.72 27.87 27.94
N ASP D 602 44.87 27.33 28.35
CA ASP D 602 45.92 26.99 27.39
C ASP D 602 45.49 25.85 26.47
N ASN D 603 44.94 24.79 27.06
CA ASN D 603 44.60 23.60 26.30
C ASN D 603 43.09 23.55 26.01
N LYS D 604 42.69 22.52 25.28
CA LYS D 604 41.28 22.20 25.07
C LYS D 604 40.87 20.95 25.84
N SER D 605 41.82 20.13 26.27
CA SER D 605 41.50 18.91 26.98
C SER D 605 40.81 19.21 28.31
N ILE D 606 39.77 18.43 28.61
CA ILE D 606 39.05 18.53 29.88
C ILE D 606 39.56 17.44 30.80
N LEU D 607 40.00 17.84 32.00
CA LEU D 607 40.55 16.91 32.97
C LEU D 607 39.54 16.70 34.08
N LEU D 608 39.22 15.44 34.36
CA LEU D 608 38.39 15.11 35.52
C LEU D 608 39.28 14.84 36.71
N ASN D 609 39.08 15.61 37.78
CA ASN D 609 39.92 15.55 38.97
C ASN D 609 41.39 15.68 38.60
N PRO D 610 41.84 16.87 38.22
CA PRO D 610 43.25 17.02 37.81
C PRO D 610 44.24 16.66 38.90
N GLY D 611 43.83 16.68 40.16
CA GLY D 611 44.68 16.26 41.24
C GLY D 611 44.91 17.35 42.28
N PRO D 612 45.50 16.98 43.41
CA PRO D 612 45.80 17.97 44.45
C PRO D 612 46.98 18.85 44.06
N ARG D 613 47.86 18.32 43.20
CA ARG D 613 49.00 19.09 42.71
C ARG D 613 48.58 20.18 41.74
N HIS D 614 47.34 20.17 41.26
CA HIS D 614 46.87 21.20 40.35
C HIS D 614 46.42 22.42 41.14
N ILE D 615 46.91 23.59 40.74
CA ILE D 615 46.59 24.85 41.42
C ILE D 615 45.67 25.65 40.52
N LEU D 616 44.57 26.15 41.08
CA LEU D 616 43.58 26.86 40.30
C LEU D 616 44.14 28.19 39.79
N ALA D 617 43.53 28.69 38.71
CA ALA D 617 43.86 29.98 38.14
C ALA D 617 42.59 30.65 37.68
N ALA D 618 42.63 31.99 37.61
CA ALA D 618 41.44 32.77 37.28
C ALA D 618 40.91 32.51 35.88
N SER D 619 41.71 31.94 34.99
CA SER D 619 41.31 31.68 33.62
C SER D 619 40.79 30.26 33.39
N ASP D 620 40.77 29.43 34.43
CA ASP D 620 40.29 28.06 34.27
C ASP D 620 38.78 28.02 34.12
N THR D 621 38.29 27.02 33.40
CA THR D 621 36.87 26.75 33.28
C THR D 621 36.54 25.57 34.20
N CYS D 622 35.72 25.83 35.21
CA CYS D 622 35.41 24.84 36.24
C CYS D 622 34.14 24.09 35.87
N PHE D 623 34.21 22.76 35.89
CA PHE D 623 33.07 21.91 35.60
C PHE D 623 32.56 21.33 36.91
N TYR D 624 31.29 21.59 37.22
CA TYR D 624 30.71 21.19 38.49
C TYR D 624 29.36 20.52 38.26
N ILE D 625 28.99 19.68 39.22
CA ILE D 625 27.68 19.02 39.22
C ILE D 625 26.82 19.68 40.28
N ASN D 626 25.65 20.19 39.87
CA ASN D 626 24.76 20.89 40.78
C ASN D 626 23.34 20.80 40.24
N ILE D 627 22.38 21.00 41.14
CA ILE D 627 20.97 20.99 40.75
C ILE D 627 20.66 22.15 39.80
N THR D 628 21.14 23.35 40.14
CA THR D 628 20.83 24.55 39.40
C THR D 628 22.11 25.24 38.96
N LYS D 629 22.05 25.91 37.80
CA LYS D 629 23.18 26.65 37.28
C LYS D 629 23.56 27.79 38.23
N GLU D 630 24.86 28.12 38.23
CA GLU D 630 25.33 29.25 39.03
C GLU D 630 24.60 30.53 38.66
N GLU D 631 24.36 30.75 37.37
CA GLU D 631 23.57 31.91 36.95
C GLU D 631 22.14 31.81 37.46
N ASN D 632 21.57 30.60 37.44
CA ASN D 632 20.21 30.38 37.92
C ASN D 632 20.15 30.05 39.41
N SER D 633 21.28 30.10 40.12
CA SER D 633 21.31 29.87 41.56
C SER D 633 21.35 31.18 42.34
N ALA D 634 20.62 32.19 41.86
CA ALA D 634 20.57 33.47 42.57
C ALA D 634 19.93 33.35 43.95
N PHE D 635 19.14 32.29 44.19
CA PHE D 635 18.44 32.17 45.46
C PHE D 635 19.37 31.72 46.58
N ILE D 636 20.32 30.81 46.29
CA ILE D 636 21.18 30.30 47.35
C ILE D 636 22.12 31.39 47.86
N PHE D 637 22.59 32.26 46.96
CA PHE D 637 23.35 33.43 47.41
C PHE D 637 22.45 34.42 48.13
N LYS D 638 21.21 34.57 47.66
CA LYS D 638 20.24 35.38 48.40
C LYS D 638 19.93 34.76 49.76
N GLN D 639 19.82 33.43 49.81
CA GLN D 639 19.67 32.75 51.09
C GLN D 639 20.92 32.86 51.94
N GLU D 640 22.09 32.99 51.30
CA GLU D 640 23.33 33.19 52.05
C GLU D 640 23.35 34.56 52.71
N GLU D 641 22.83 35.59 52.05
CA GLU D 641 22.78 36.92 52.64
C GLU D 641 21.78 37.01 53.77
N LYS D 642 20.78 36.13 53.81
CA LYS D 642 19.81 36.16 54.89
C LYS D 642 20.45 35.80 56.23
N ARG D 643 21.33 34.80 56.25
CA ARG D 643 21.95 34.39 57.50
C ARG D 643 22.97 35.42 57.98
N LYS D 644 23.80 35.94 57.08
CA LYS D 644 24.81 36.91 57.45
C LYS D 644 24.22 38.32 57.49
N ILE D 710 39.39 13.29 61.54
CA ILE D 710 39.69 13.32 60.12
C ILE D 710 40.72 14.42 59.85
N ALA D 711 41.75 14.08 59.08
CA ALA D 711 42.79 15.05 58.77
C ALA D 711 42.21 16.18 57.93
N PRO D 712 42.66 17.42 58.15
CA PRO D 712 42.13 18.55 57.38
C PRO D 712 42.64 18.54 55.95
N VAL D 713 41.93 19.30 55.11
CA VAL D 713 42.26 19.36 53.69
C VAL D 713 43.30 20.45 53.46
N LEU D 714 44.43 20.07 52.88
CA LEU D 714 45.54 20.98 52.70
C LEU D 714 45.25 21.99 51.58
N GLU D 715 45.75 23.21 51.77
CA GLU D 715 45.62 24.23 50.73
C GLU D 715 46.50 23.94 49.51
N LEU D 716 47.55 23.14 49.68
CA LEU D 716 48.44 22.77 48.60
C LEU D 716 48.82 21.30 48.74
N ALA D 717 49.22 20.68 47.64
CA ALA D 717 49.66 19.30 47.66
C ALA D 717 51.05 19.17 48.27
N VAL D 747 50.41 -16.75 36.71
CA VAL D 747 50.88 -15.96 35.58
C VAL D 747 50.85 -14.46 35.93
N GLU D 748 51.95 -13.77 35.63
CA GLU D 748 52.06 -12.35 35.92
C GLU D 748 51.73 -11.55 34.67
N TYR D 749 50.80 -10.60 34.80
CA TYR D 749 50.34 -9.80 33.67
C TYR D 749 51.18 -8.53 33.55
N VAL D 750 51.54 -8.20 32.32
CA VAL D 750 52.28 -6.98 32.06
C VAL D 750 51.30 -5.84 31.81
N LYS D 751 51.78 -4.61 31.95
CA LYS D 751 50.99 -3.42 31.70
C LYS D 751 51.47 -2.77 30.41
N GLY D 752 50.56 -2.66 29.45
CA GLY D 752 50.89 -2.06 28.16
C GLY D 752 49.64 -1.88 27.32
N TYR D 753 49.80 -1.15 26.23
CA TYR D 753 48.68 -0.91 25.34
C TYR D 753 48.39 -2.14 24.48
N PRO D 754 47.12 -2.43 24.21
CA PRO D 754 46.80 -3.56 23.32
C PRO D 754 47.41 -3.36 21.95
N PRO D 755 47.96 -4.42 21.36
CA PRO D 755 48.68 -4.26 20.08
C PRO D 755 47.77 -3.89 18.91
N ASN D 756 46.67 -4.62 18.73
CA ASN D 756 45.81 -4.46 17.57
C ASN D 756 44.56 -3.68 17.96
N SER D 757 44.54 -2.39 17.64
CA SER D 757 43.32 -1.61 17.78
C SER D 757 42.36 -1.97 16.65
N PRO D 758 41.16 -2.46 16.95
CA PRO D 758 40.28 -2.95 15.87
C PRO D 758 39.81 -1.86 14.92
N TYR D 759 39.84 -0.59 15.32
CA TYR D 759 39.33 0.47 14.47
C TYR D 759 40.09 1.76 14.75
N ILE D 760 40.00 2.70 13.81
CA ILE D 760 40.65 3.99 13.94
C ILE D 760 39.85 4.85 14.90
N GLY D 761 40.55 5.59 15.75
CA GLY D 761 39.91 6.38 16.79
C GLY D 761 39.74 5.66 18.11
N SER D 762 40.06 4.37 18.17
CA SER D 762 40.02 3.63 19.43
C SER D 762 41.07 4.20 20.37
N SER D 763 40.63 4.88 21.41
CA SER D 763 41.55 5.56 22.33
C SER D 763 42.44 4.53 23.01
N PRO D 764 43.75 4.66 22.92
CA PRO D 764 44.65 3.68 23.56
C PRO D 764 44.61 3.79 25.07
N THR D 765 44.05 2.78 25.73
CA THR D 765 43.99 2.72 27.18
C THR D 765 44.98 1.68 27.69
N LEU D 766 45.78 2.06 28.68
CA LEU D 766 46.74 1.14 29.27
C LEU D 766 45.99 0.03 30.01
N CYS D 767 46.15 -1.21 29.54
CA CYS D 767 45.40 -2.34 30.06
C CYS D 767 46.34 -3.46 30.49
N HIS D 768 45.82 -4.31 31.36
CA HIS D 768 46.53 -5.54 31.71
C HIS D 768 46.59 -6.45 30.49
N LEU D 769 47.77 -7.01 30.22
CA LEU D 769 47.98 -7.82 29.04
C LEU D 769 48.71 -9.11 29.41
N LEU D 770 48.41 -10.17 28.67
CA LEU D 770 49.16 -11.39 28.80
C LEU D 770 50.57 -11.21 28.27
N PRO D 771 51.57 -11.86 28.88
CA PRO D 771 52.94 -11.73 28.36
C PRO D 771 53.07 -12.21 26.92
N VAL D 772 52.33 -13.24 26.54
CA VAL D 772 52.30 -13.75 25.17
C VAL D 772 50.85 -13.82 24.73
N LYS D 773 50.58 -13.36 23.50
CA LYS D 773 49.22 -13.36 22.98
C LYS D 773 48.62 -14.77 23.02
N ALA D 774 47.39 -14.86 23.50
CA ALA D 774 46.73 -16.16 23.64
C ALA D 774 46.33 -16.68 22.27
N PRO D 775 46.59 -17.95 21.98
CA PRO D 775 46.13 -18.52 20.71
C PRO D 775 44.60 -18.57 20.65
N PHE D 776 44.07 -18.55 19.43
CA PHE D 776 42.62 -18.54 19.24
C PHE D 776 41.96 -19.79 19.81
N CYS D 777 42.71 -20.86 20.01
CA CYS D 777 42.13 -22.07 20.59
C CYS D 777 41.88 -21.90 22.08
N CYS D 778 42.75 -21.17 22.77
CA CYS D 778 42.63 -21.01 24.22
C CYS D 778 41.55 -20.01 24.62
N LEU D 779 41.02 -19.23 23.67
CA LEU D 779 39.98 -18.27 23.96
C LEU D 779 38.58 -18.90 23.97
N ARG D 780 38.49 -20.21 23.85
CA ARG D 780 37.21 -20.91 23.72
C ARG D 780 36.95 -21.75 24.95
N LEU D 781 35.70 -21.72 25.44
CA LEU D 781 35.32 -22.43 26.65
C LEU D 781 34.94 -23.89 26.37
N ASP D 782 34.01 -24.11 25.44
CA ASP D 782 33.47 -25.45 25.23
C ASP D 782 34.52 -26.41 24.68
N LYS D 783 35.36 -25.94 23.76
CA LYS D 783 36.31 -26.81 23.08
C LYS D 783 37.67 -26.77 23.78
N GLY D 784 38.29 -27.94 23.90
CA GLY D 784 39.59 -28.08 24.52
C GLY D 784 40.71 -28.21 23.50
N CYS D 785 41.90 -27.77 23.91
CA CYS D 785 43.03 -27.68 22.99
C CYS D 785 44.27 -28.35 23.57
N LYS D 786 45.43 -28.13 22.96
CA LYS D 786 46.66 -28.71 23.47
C LYS D 786 47.01 -28.14 24.84
N HIS D 787 46.82 -26.83 25.04
CA HIS D 787 47.16 -26.22 26.32
C HIS D 787 46.23 -26.67 27.43
N ASN D 788 44.94 -26.84 27.13
CA ASN D 788 43.98 -27.23 28.15
C ASN D 788 42.85 -28.04 27.54
N SER D 789 42.29 -28.94 28.34
CA SER D 789 41.16 -29.78 27.93
C SER D 789 39.87 -29.38 28.63
N TYR D 790 39.86 -28.23 29.30
CA TYR D 790 38.66 -27.78 30.00
C TYR D 790 37.54 -27.49 29.02
N GLU D 791 36.32 -27.85 29.38
CA GLU D 791 35.17 -27.68 28.50
C GLU D 791 34.06 -26.80 29.09
N ASP D 792 34.22 -26.32 30.32
CA ASP D 792 33.30 -25.32 30.86
C ASP D 792 34.03 -24.54 31.94
N ALA D 793 33.35 -23.54 32.51
CA ALA D 793 33.94 -22.71 33.53
C ALA D 793 34.28 -23.48 34.81
N LYS D 794 33.60 -24.61 35.05
CA LYS D 794 33.88 -25.41 36.24
C LYS D 794 35.28 -26.00 36.19
N ALA D 795 35.70 -26.48 35.02
CA ALA D 795 37.02 -27.08 34.91
C ALA D 795 38.13 -26.04 35.00
N TYR D 796 37.86 -24.79 34.63
CA TYR D 796 38.87 -23.76 34.71
C TYR D 796 39.23 -23.42 36.16
N GLY D 797 38.28 -23.56 37.08
CA GLY D 797 38.54 -23.24 38.47
C GLY D 797 38.86 -21.77 38.72
N PHE D 798 38.03 -20.88 38.16
CA PHE D 798 38.27 -19.45 38.31
C PHE D 798 38.24 -19.04 39.77
N LYS D 799 39.09 -18.07 40.12
CA LYS D 799 39.18 -17.57 41.48
C LYS D 799 38.13 -16.52 41.80
N ASN D 800 37.73 -15.72 40.82
CA ASN D 800 36.76 -14.66 41.01
C ASN D 800 35.48 -14.98 40.25
N LYS D 801 34.43 -14.22 40.55
CA LYS D 801 33.16 -14.39 39.87
C LYS D 801 33.27 -13.99 38.41
N LEU D 802 32.44 -14.61 37.57
CA LEU D 802 32.50 -14.42 36.13
C LEU D 802 31.58 -13.30 35.68
N ILE D 803 31.90 -12.72 34.53
CA ILE D 803 31.05 -11.76 33.84
C ILE D 803 30.66 -12.39 32.51
N ILE D 804 29.37 -12.57 32.30
CA ILE D 804 28.85 -13.25 31.11
C ILE D 804 28.14 -12.22 30.26
N VAL D 805 28.55 -12.13 28.99
CA VAL D 805 27.97 -11.18 28.04
C VAL D 805 27.25 -11.99 26.98
N SER D 806 25.94 -11.81 26.89
CA SER D 806 25.12 -12.52 25.90
C SER D 806 24.91 -11.60 24.71
N ALA D 807 25.90 -11.59 23.81
CA ALA D 807 25.86 -10.78 22.61
C ALA D 807 25.54 -11.64 21.39
N GLU D 808 25.21 -10.96 20.30
CA GLU D 808 24.91 -11.66 19.03
C GLU D 808 26.18 -11.78 18.19
N THR D 809 26.77 -10.65 17.83
CA THR D 809 28.00 -10.64 17.03
C THR D 809 29.06 -9.85 17.78
N ALA D 810 30.25 -10.43 17.87
CA ALA D 810 31.37 -9.78 18.53
C ALA D 810 32.06 -8.85 17.55
N GLY D 811 31.90 -7.55 17.75
CA GLY D 811 32.47 -6.54 16.89
C GLY D 811 33.32 -5.56 17.69
N ASN D 812 33.44 -4.35 17.15
CA ASN D 812 34.23 -3.32 17.82
C ASN D 812 33.51 -2.78 19.04
N GLY D 813 32.18 -2.87 19.07
CA GLY D 813 31.45 -2.44 20.26
C GLY D 813 31.74 -3.32 21.46
N LEU D 814 31.77 -4.65 21.25
CA LEU D 814 32.09 -5.56 22.34
C LEU D 814 33.54 -5.43 22.78
N TYR D 815 34.40 -4.91 21.90
CA TYR D 815 35.77 -4.62 22.30
C TYR D 815 35.80 -3.53 23.36
N ASN D 816 34.93 -2.54 23.24
CA ASN D 816 34.83 -1.47 24.24
C ASN D 816 34.24 -1.95 25.55
N PHE D 817 33.72 -3.18 25.59
CA PHE D 817 33.28 -3.76 26.86
C PHE D 817 34.47 -4.29 27.66
N ILE D 818 35.47 -4.85 26.98
CA ILE D 818 36.57 -5.52 27.69
C ILE D 818 37.62 -4.52 28.15
N VAL D 819 37.81 -3.42 27.44
CA VAL D 819 38.88 -2.48 27.79
C VAL D 819 38.67 -1.87 29.18
N PRO D 820 37.49 -1.35 29.54
CA PRO D 820 37.32 -0.87 30.92
C PRO D 820 37.51 -1.94 31.98
N LEU D 821 37.12 -3.19 31.68
CA LEU D 821 37.28 -4.26 32.66
C LEU D 821 38.74 -4.66 32.82
N ARG D 822 39.61 -4.27 31.89
CA ARG D 822 41.01 -4.69 31.92
C ARG D 822 41.98 -3.52 32.02
N ALA D 823 41.50 -2.33 32.32
CA ALA D 823 42.37 -1.16 32.39
C ALA D 823 43.37 -1.30 33.53
N TYR D 824 44.48 -0.57 33.40
CA TYR D 824 45.59 -0.76 34.34
C TYR D 824 45.24 -0.29 35.75
N TYR D 825 44.37 0.71 35.88
CA TYR D 825 44.00 1.17 37.22
C TYR D 825 43.02 0.24 37.92
N ARG D 826 42.43 -0.72 37.19
CA ARG D 826 41.64 -1.75 37.84
C ARG D 826 42.55 -2.70 38.61
N SER D 827 41.97 -3.34 39.62
CA SER D 827 42.74 -4.24 40.47
C SER D 827 43.06 -5.53 39.73
N ARG D 828 44.32 -5.96 39.83
CA ARG D 828 44.71 -7.23 39.22
C ARG D 828 44.08 -8.40 39.96
N LYS D 829 44.06 -8.34 41.29
CA LYS D 829 43.48 -9.41 42.10
C LYS D 829 41.97 -9.53 41.91
N GLU D 830 41.31 -8.48 41.40
CA GLU D 830 39.87 -8.48 41.21
C GLU D 830 39.46 -8.57 39.75
N LEU D 831 40.36 -9.05 38.89
CA LEU D 831 40.06 -9.16 37.47
C LEU D 831 38.98 -10.21 37.24
N ASN D 832 37.82 -9.78 36.79
CA ASN D 832 36.69 -10.67 36.56
C ASN D 832 36.85 -11.36 35.23
N PRO D 833 36.86 -12.70 35.18
CA PRO D 833 36.87 -13.39 33.88
C PRO D 833 35.65 -13.03 33.06
N ILE D 834 35.86 -12.91 31.75
CA ILE D 834 34.81 -12.46 30.83
C ILE D 834 34.49 -13.62 29.88
N VAL D 835 33.23 -14.05 29.88
CA VAL D 835 32.76 -15.08 28.98
C VAL D 835 31.79 -14.45 27.99
N LEU D 836 32.15 -14.48 26.71
CA LEU D 836 31.32 -13.90 25.66
C LEU D 836 30.41 -14.99 25.08
N LEU D 837 29.16 -15.00 25.51
CA LEU D 837 28.20 -16.01 25.03
C LEU D 837 27.57 -15.46 23.75
N LEU D 838 28.22 -15.75 22.62
CA LEU D 838 27.78 -15.31 21.32
C LEU D 838 26.98 -16.41 20.64
N ASP D 839 26.17 -16.03 19.65
CA ASP D 839 25.47 -17.03 18.84
C ASP D 839 26.09 -17.22 17.48
N ASN D 840 26.93 -16.27 17.04
CA ASN D 840 27.70 -16.41 15.82
C ASN D 840 29.18 -16.56 16.17
N LYS D 841 29.88 -17.42 15.43
CA LYS D 841 31.29 -17.66 15.71
C LYS D 841 32.09 -16.39 15.42
N PRO D 842 32.84 -15.87 16.40
CA PRO D 842 33.48 -14.56 16.21
C PRO D 842 34.52 -14.58 15.11
N ASP D 843 34.59 -13.48 14.37
CA ASP D 843 35.58 -13.33 13.32
C ASP D 843 36.98 -13.21 13.89
N HIS D 844 37.97 -13.58 13.08
CA HIS D 844 39.36 -13.55 13.53
C HIS D 844 39.83 -12.15 13.84
N HIS D 845 39.22 -11.13 13.22
CA HIS D 845 39.59 -9.76 13.52
C HIS D 845 39.30 -9.43 14.97
N PHE D 846 38.13 -9.84 15.48
CA PHE D 846 37.81 -9.61 16.89
C PHE D 846 38.75 -10.37 17.81
N LEU D 847 39.00 -11.65 17.50
CA LEU D 847 39.89 -12.45 18.35
C LEU D 847 41.30 -11.90 18.37
N GLU D 848 41.77 -11.37 17.24
CA GLU D 848 43.10 -10.74 17.21
C GLU D 848 43.16 -9.53 18.13
N ALA D 849 42.02 -8.86 18.34
CA ALA D 849 41.99 -7.71 19.24
C ALA D 849 42.00 -8.14 20.70
N ILE D 850 41.36 -9.27 21.02
CA ILE D 850 41.19 -9.69 22.41
C ILE D 850 42.11 -10.84 22.79
N CYS D 851 42.97 -11.30 21.88
CA CYS D 851 43.87 -12.40 22.20
C CYS D 851 44.96 -11.99 23.20
N CYS D 852 45.11 -10.70 23.47
CA CYS D 852 46.11 -10.23 24.42
C CYS D 852 45.56 -10.01 25.82
N PHE D 853 44.25 -9.83 25.96
CA PHE D 853 43.66 -9.59 27.26
C PHE D 853 43.65 -10.87 28.09
N PRO D 854 43.87 -10.76 29.40
CA PRO D 854 43.87 -11.95 30.26
C PRO D 854 42.45 -12.37 30.67
N MET D 855 42.21 -13.67 30.63
CA MET D 855 40.95 -14.27 31.06
C MET D 855 39.75 -13.68 30.31
N VAL D 856 39.78 -13.86 28.99
CA VAL D 856 38.67 -13.48 28.11
C VAL D 856 38.34 -14.70 27.25
N TYR D 857 37.12 -15.21 27.39
CA TYR D 857 36.71 -16.43 26.70
C TYR D 857 35.38 -16.20 26.00
N TYR D 858 35.07 -17.09 25.06
CA TYR D 858 33.80 -17.05 24.33
C TYR D 858 33.30 -18.46 24.11
N MET D 859 31.99 -18.57 23.87
CA MET D 859 31.37 -19.85 23.57
C MET D 859 30.04 -19.61 22.87
N GLU D 860 29.71 -20.47 21.92
CA GLU D 860 28.45 -20.32 21.19
C GLU D 860 27.26 -20.60 22.10
N GLY D 861 26.22 -19.79 21.96
CA GLY D 861 25.02 -19.93 22.75
C GLY D 861 24.28 -18.61 22.84
N SER D 862 23.27 -18.57 23.70
CA SER D 862 22.46 -17.39 23.90
C SER D 862 21.73 -17.50 25.23
N VAL D 863 21.10 -16.40 25.64
CA VAL D 863 20.41 -16.35 26.93
C VAL D 863 19.13 -17.16 26.95
N ASP D 864 18.59 -17.52 25.79
CA ASP D 864 17.38 -18.34 25.73
C ASP D 864 17.67 -19.82 25.81
N ASN D 865 18.93 -20.21 25.92
CA ASN D 865 19.34 -21.61 26.01
C ASN D 865 19.98 -21.83 27.37
N LEU D 866 19.27 -22.57 28.24
CA LEU D 866 19.76 -22.77 29.60
C LEU D 866 21.01 -23.64 29.64
N ASP D 867 21.17 -24.55 28.67
CA ASP D 867 22.34 -25.41 28.66
C ASP D 867 23.62 -24.61 28.49
N SER D 868 23.60 -23.60 27.61
CA SER D 868 24.79 -22.81 27.35
C SER D 868 25.21 -22.00 28.58
N LEU D 869 24.25 -21.38 29.27
CA LEU D 869 24.57 -20.56 30.43
C LEU D 869 25.13 -21.40 31.57
N LEU D 870 24.62 -22.62 31.75
CA LEU D 870 25.17 -23.49 32.78
C LEU D 870 26.61 -23.87 32.47
N GLN D 871 26.93 -24.11 31.19
CA GLN D 871 28.31 -24.34 30.81
C GLN D 871 29.13 -23.05 30.89
N CYS D 872 28.49 -21.90 30.68
CA CYS D 872 29.18 -20.62 30.78
C CYS D 872 29.69 -20.37 32.20
N GLY D 873 29.00 -20.90 33.20
CA GLY D 873 29.37 -20.65 34.58
C GLY D 873 28.45 -19.66 35.26
N ILE D 874 27.17 -19.70 34.88
CA ILE D 874 26.19 -18.77 35.45
C ILE D 874 25.95 -19.02 36.92
N ILE D 875 26.39 -20.16 37.45
CA ILE D 875 26.22 -20.45 38.87
C ILE D 875 27.08 -19.53 39.70
N TYR D 876 28.29 -19.23 39.24
CA TYR D 876 29.24 -18.40 39.96
C TYR D 876 29.62 -17.16 39.14
N ALA D 877 28.61 -16.51 38.57
CA ALA D 877 28.79 -15.29 37.79
C ALA D 877 28.25 -14.11 38.57
N ASP D 878 29.04 -13.04 38.65
CA ASP D 878 28.60 -11.84 39.35
C ASP D 878 27.57 -11.06 38.54
N ASN D 879 27.72 -11.03 37.22
CA ASN D 879 26.81 -10.29 36.36
C ASN D 879 26.52 -11.11 35.11
N LEU D 880 25.41 -10.77 34.45
CA LEU D 880 25.05 -11.35 33.16
C LEU D 880 24.52 -10.22 32.29
N VAL D 881 25.32 -9.78 31.34
CA VAL D 881 24.98 -8.66 30.47
C VAL D 881 24.28 -9.21 29.23
N VAL D 882 23.09 -8.68 28.94
CA VAL D 882 22.30 -9.09 27.79
C VAL D 882 22.22 -7.91 26.83
N VAL D 883 22.73 -8.10 25.61
CA VAL D 883 22.75 -7.06 24.60
C VAL D 883 22.23 -7.54 23.26
N ASP D 884 21.69 -8.76 23.18
CA ASP D 884 21.31 -9.34 21.90
C ASP D 884 20.23 -8.50 21.23
N LYS D 885 20.33 -8.38 19.91
CA LYS D 885 19.34 -7.66 19.12
C LYS D 885 18.10 -8.52 18.90
N GLU D 886 17.00 -7.86 18.57
CA GLU D 886 15.73 -8.55 18.32
C GLU D 886 14.89 -7.78 17.32
N ALA D 891 9.08 -4.92 13.19
CA ALA D 891 7.79 -4.98 13.85
C ALA D 891 7.03 -3.67 13.68
N GLU D 892 5.75 -3.78 13.31
CA GLU D 892 4.93 -2.58 13.15
C GLU D 892 4.67 -1.92 14.50
N GLU D 893 4.25 -2.70 15.49
CA GLU D 893 4.08 -2.18 16.84
C GLU D 893 5.45 -1.92 17.45
N ASP D 894 5.81 -0.65 17.58
CA ASP D 894 7.19 -0.29 17.86
C ASP D 894 7.66 -0.79 19.22
N TYR D 895 6.79 -0.71 20.23
CA TYR D 895 7.19 -1.07 21.59
C TYR D 895 7.46 -2.56 21.76
N MET D 896 7.03 -3.39 20.81
CA MET D 896 7.25 -4.84 20.88
C MET D 896 8.63 -5.26 20.39
N ALA D 897 9.53 -4.32 20.09
CA ALA D 897 10.86 -4.69 19.62
C ALA D 897 11.67 -5.36 20.74
N ASP D 898 11.35 -5.04 21.99
CA ASP D 898 12.07 -5.58 23.14
C ASP D 898 11.35 -6.77 23.79
N ALA D 899 10.33 -7.31 23.11
CA ALA D 899 9.55 -8.39 23.71
C ALA D 899 10.39 -9.62 23.97
N LYS D 900 11.23 -10.01 23.01
CA LYS D 900 12.03 -11.22 23.18
C LYS D 900 13.08 -11.05 24.28
N THR D 901 13.76 -9.89 24.30
CA THR D 901 14.80 -9.67 25.29
C THR D 901 14.22 -9.65 26.71
N ILE D 902 13.06 -9.02 26.88
CA ILE D 902 12.47 -8.90 28.21
C ILE D 902 12.08 -10.28 28.76
N VAL D 903 11.45 -11.11 27.91
CA VAL D 903 10.97 -12.41 28.39
C VAL D 903 12.14 -13.34 28.65
N ASN D 904 13.16 -13.33 27.77
CA ASN D 904 14.32 -14.18 27.97
C ASN D 904 15.06 -13.82 29.25
N VAL D 905 15.20 -12.53 29.54
CA VAL D 905 15.78 -12.12 30.81
C VAL D 905 14.87 -12.47 31.97
N GLN D 906 13.55 -12.35 31.80
CA GLN D 906 12.62 -12.69 32.86
C GLN D 906 12.71 -14.15 33.26
N THR D 907 12.97 -15.05 32.30
CA THR D 907 13.14 -16.46 32.62
C THR D 907 14.30 -16.65 33.60
N MET D 908 15.41 -15.95 33.38
CA MET D 908 16.58 -16.11 34.25
C MET D 908 16.42 -15.31 35.54
N PHE D 909 15.52 -14.33 35.58
CA PHE D 909 15.16 -13.70 36.84
C PHE D 909 14.41 -14.67 37.74
N ARG D 910 13.68 -15.62 37.14
CA ARG D 910 12.98 -16.64 37.92
C ARG D 910 13.90 -17.81 38.25
N LEU D 911 14.65 -18.31 37.25
CA LEU D 911 15.54 -19.45 37.48
C LEU D 911 16.67 -19.09 38.45
N PHE D 912 17.25 -17.89 38.31
CA PHE D 912 18.37 -17.44 39.12
C PHE D 912 17.97 -16.13 39.78
N PRO D 913 17.22 -16.19 40.88
CA PRO D 913 16.78 -14.95 41.55
C PRO D 913 17.92 -14.14 42.14
N SER D 914 19.07 -14.76 42.42
CA SER D 914 20.20 -14.07 43.01
C SER D 914 21.15 -13.48 41.97
N LEU D 915 20.98 -13.79 40.70
CA LEU D 915 21.88 -13.31 39.66
C LEU D 915 21.59 -11.85 39.34
N SER D 916 22.66 -11.08 39.13
CA SER D 916 22.56 -9.67 38.77
C SER D 916 22.60 -9.56 37.25
N ILE D 917 21.45 -9.29 36.65
CA ILE D 917 21.31 -9.20 35.19
C ILE D 917 21.27 -7.75 34.79
N THR D 918 22.13 -7.38 33.83
CA THR D 918 22.14 -6.04 33.25
C THR D 918 21.67 -6.13 31.81
N THR D 919 20.73 -5.27 31.44
CA THR D 919 20.08 -5.34 30.14
C THR D 919 20.01 -3.95 29.52
N GLU D 920 19.98 -3.93 28.18
CA GLU D 920 19.78 -2.72 27.40
C GLU D 920 18.51 -2.88 26.59
N LEU D 921 17.66 -1.85 26.61
CA LEU D 921 16.38 -1.88 25.92
C LEU D 921 16.27 -0.70 24.97
N THR D 922 15.55 -0.91 23.87
CA THR D 922 15.42 0.13 22.85
C THR D 922 14.58 1.30 23.35
N HIS D 923 13.46 1.01 24.03
CA HIS D 923 12.53 2.03 24.47
C HIS D 923 12.54 2.11 25.99
N PRO D 924 12.75 3.31 26.57
CA PRO D 924 12.80 3.42 28.03
C PRO D 924 11.51 3.06 28.73
N SER D 925 10.37 3.10 28.03
CA SER D 925 9.10 2.74 28.65
C SER D 925 9.01 1.26 28.97
N ASN D 926 9.90 0.43 28.43
CA ASN D 926 9.93 -0.99 28.69
C ASN D 926 10.72 -1.36 29.94
N MET D 927 11.27 -0.37 30.65
CA MET D 927 12.03 -0.65 31.86
C MET D 927 11.20 -1.32 32.94
N ARG D 928 9.89 -1.06 32.95
CA ARG D 928 9.01 -1.65 33.96
C ARG D 928 8.91 -3.16 33.85
N PHE D 929 9.26 -3.72 32.70
CA PHE D 929 9.08 -5.14 32.43
C PHE D 929 10.31 -5.99 32.73
N MET D 930 11.43 -5.37 33.14
CA MET D 930 12.69 -6.10 33.24
C MET D 930 12.61 -7.20 34.30
N GLN D 931 12.23 -6.85 35.53
CA GLN D 931 12.07 -7.79 36.62
C GLN D 931 10.65 -7.61 37.13
N PHE D 932 9.71 -8.27 36.47
CA PHE D 932 8.29 -8.00 36.67
C PHE D 932 7.74 -8.92 37.75
N ARG D 933 7.34 -8.33 38.86
CA ARG D 933 6.67 -9.05 39.95
C ARG D 933 5.21 -8.62 39.91
N ALA D 934 4.38 -9.44 39.26
CA ALA D 934 2.98 -9.08 39.09
C ALA D 934 2.24 -9.08 40.42
N LYS D 935 2.56 -10.01 41.30
CA LYS D 935 1.93 -10.09 42.62
C LYS D 935 2.72 -9.30 43.65
N ASP D 936 2.99 -8.03 43.33
CA ASP D 936 3.78 -7.15 44.19
C ASP D 936 3.06 -5.83 44.35
N SER D 937 2.61 -5.53 45.57
CA SER D 937 1.90 -4.28 45.81
C SER D 937 2.81 -3.07 45.61
N TYR D 938 4.07 -3.17 46.05
CA TYR D 938 4.95 -2.01 46.00
C TYR D 938 5.33 -1.66 44.57
N SER D 939 5.70 -2.66 43.76
CA SER D 939 6.13 -2.39 42.39
C SER D 939 5.01 -1.81 41.55
N LEU D 940 3.79 -2.34 41.70
CA LEU D 940 2.65 -1.79 40.99
C LEU D 940 2.23 -0.44 41.55
N ALA D 941 2.57 -0.14 42.80
CA ALA D 941 2.33 1.20 43.34
C ALA D 941 3.20 2.24 42.65
N LEU D 942 4.42 1.87 42.26
CA LEU D 942 5.28 2.80 41.54
C LEU D 942 4.73 3.15 40.17
N SER D 943 3.81 2.35 39.63
CA SER D 943 3.18 2.70 38.37
C SER D 943 2.37 3.98 38.50
N LYS D 944 1.64 4.14 39.60
CA LYS D 944 0.87 5.36 39.83
C LYS D 944 1.79 6.56 40.01
N LEU D 945 2.89 6.38 40.75
CA LEU D 945 3.83 7.47 40.95
C LEU D 945 4.45 7.93 39.64
N GLU D 946 4.65 7.00 38.69
CA GLU D 946 5.17 7.37 37.38
C GLU D 946 4.13 8.14 36.57
N LYS D 947 2.84 7.85 36.78
CA LYS D 947 1.79 8.61 36.10
C LYS D 947 1.80 10.07 36.55
N ARG D 948 2.01 10.30 37.84
CA ARG D 948 2.04 11.68 38.35
C ARG D 948 3.18 12.47 37.75
N GLU D 949 4.35 11.84 37.58
CA GLU D 949 5.45 12.50 36.90
C GLU D 949 5.10 12.81 35.45
N ARG D 950 4.39 11.88 34.79
CA ARG D 950 3.98 12.12 33.41
C ARG D 950 3.00 13.28 33.30
N GLU D 951 2.09 13.42 34.28
CA GLU D 951 1.15 14.54 34.24
C GLU D 951 1.84 15.85 34.58
N ASN D 952 2.93 15.79 35.36
CA ASN D 952 3.71 16.97 35.69
C ASN D 952 4.72 17.35 34.62
N GLY D 953 4.64 16.74 33.44
CA GLY D 953 5.57 17.05 32.36
C GLY D 953 7.00 16.69 32.65
N SER D 954 7.24 15.53 33.24
CA SER D 954 8.59 15.09 33.57
C SER D 954 9.08 14.09 32.54
N ASN D 955 10.24 14.39 31.93
CA ASN D 955 10.83 13.46 30.98
C ASN D 955 11.50 12.28 31.68
N LEU D 956 11.78 12.39 32.98
CA LEU D 956 12.34 11.29 33.76
C LEU D 956 11.21 10.58 34.50
N ALA D 957 10.23 10.12 33.72
CA ALA D 957 9.11 9.39 34.31
C ALA D 957 9.52 7.98 34.74
N PHE D 958 10.35 7.31 33.93
CA PHE D 958 10.80 5.96 34.22
C PHE D 958 11.74 5.89 35.42
N MET D 959 12.15 7.04 35.97
CA MET D 959 13.23 7.09 36.93
C MET D 959 12.96 6.26 38.18
N PHE D 960 11.70 6.11 38.56
CA PHE D 960 11.36 5.50 39.85
C PHE D 960 11.18 3.98 39.78
N ARG D 961 11.41 3.37 38.63
CA ARG D 961 11.34 1.91 38.54
C ARG D 961 12.49 1.27 39.31
N LEU D 962 12.20 0.14 39.95
CA LEU D 962 13.23 -0.59 40.69
C LEU D 962 14.38 -1.07 39.81
N PRO D 963 14.16 -1.67 38.63
CA PRO D 963 15.32 -2.15 37.85
C PRO D 963 16.20 -1.02 37.35
N PHE D 964 15.60 0.06 36.81
CA PHE D 964 16.40 1.15 36.26
C PHE D 964 17.18 1.86 37.35
N ALA D 965 16.53 2.12 38.49
CA ALA D 965 17.19 2.83 39.58
C ALA D 965 18.38 2.04 40.12
N ALA D 966 18.23 0.72 40.22
CA ALA D 966 19.32 -0.13 40.69
C ALA D 966 20.38 -0.36 39.62
N GLY D 967 20.23 0.24 38.44
CA GLY D 967 21.20 0.08 37.38
C GLY D 967 21.09 -1.19 36.59
N ARG D 968 19.99 -1.94 36.73
CA ARG D 968 19.83 -3.18 35.98
C ARG D 968 19.56 -2.90 34.50
N VAL D 969 18.91 -1.78 34.19
CA VAL D 969 18.52 -1.46 32.82
C VAL D 969 18.93 -0.04 32.48
N PHE D 970 19.18 0.17 31.19
CA PHE D 970 19.20 1.51 30.63
C PHE D 970 18.80 1.40 29.17
N SER D 971 18.28 2.50 28.64
CA SER D 971 17.94 2.60 27.23
C SER D 971 19.03 3.41 26.54
N ILE D 972 19.32 3.06 25.29
CA ILE D 972 20.36 3.76 24.56
C ILE D 972 19.82 5.10 24.10
N SER D 973 18.53 5.33 24.34
CA SER D 973 17.93 6.62 24.02
C SER D 973 18.49 7.74 24.88
N MET D 974 19.18 7.41 25.98
CA MET D 974 19.88 8.42 26.76
C MET D 974 21.01 9.07 25.98
N LEU D 975 21.57 8.36 24.99
CA LEU D 975 22.56 8.99 24.10
C LEU D 975 21.91 10.01 23.19
N ASP D 976 20.63 9.83 22.85
CA ASP D 976 19.90 10.86 22.13
C ASP D 976 19.90 12.16 22.90
N THR D 977 19.58 12.09 24.21
CA THR D 977 19.57 13.28 25.04
C THR D 977 20.96 13.86 25.23
N LEU D 978 21.99 13.00 25.16
CA LEU D 978 23.36 13.50 25.26
C LEU D 978 23.74 14.34 24.05
N LEU D 979 23.22 13.99 22.87
CA LEU D 979 23.52 14.77 21.66
C LEU D 979 22.75 16.07 21.63
N TYR D 980 21.47 16.06 22.03
CA TYR D 980 20.69 17.30 22.01
C TYR D 980 21.17 18.26 23.09
N GLN D 981 21.59 17.73 24.24
CA GLN D 981 22.15 18.59 25.28
C GLN D 981 23.45 19.24 24.84
N SER D 982 24.17 18.62 23.91
CA SER D 982 25.42 19.16 23.41
C SER D 982 25.21 20.46 22.65
N PHE D 983 23.99 20.72 22.16
CA PHE D 983 23.70 22.01 21.54
C PHE D 983 23.82 23.15 22.55
N VAL D 984 23.54 22.87 23.82
CA VAL D 984 23.67 23.87 24.86
C VAL D 984 24.90 23.64 25.73
N LYS D 985 25.38 22.41 25.84
CA LYS D 985 26.57 22.08 26.63
C LYS D 985 27.51 21.28 25.73
N ASP D 986 28.41 21.99 25.04
CA ASP D 986 29.34 21.35 24.12
C ASP D 986 30.29 20.39 24.81
N TYR D 987 30.49 20.53 26.12
CA TYR D 987 31.38 19.68 26.89
C TYR D 987 30.73 18.37 27.33
N MET D 988 29.42 18.23 27.13
CA MET D 988 28.69 17.10 27.72
C MET D 988 29.18 15.77 27.15
N ILE D 989 29.45 15.72 25.85
CA ILE D 989 29.95 14.49 25.25
C ILE D 989 31.33 14.16 25.79
N THR D 990 32.22 15.15 25.84
CA THR D 990 33.58 14.92 26.33
C THR D 990 33.56 14.50 27.80
N ILE D 991 32.72 15.14 28.61
CA ILE D 991 32.65 14.82 30.03
C ILE D 991 32.20 13.38 30.23
N THR D 992 31.18 12.95 29.47
CA THR D 992 30.66 11.60 29.61
C THR D 992 31.71 10.56 29.20
N ARG D 993 32.40 10.79 28.08
CA ARG D 993 33.41 9.84 27.62
C ARG D 993 34.57 9.74 28.59
N LEU D 994 34.92 10.85 29.25
CA LEU D 994 35.97 10.82 30.26
C LEU D 994 35.59 9.92 31.43
N LEU D 995 34.32 9.98 31.84
CA LEU D 995 33.86 9.09 32.91
C LEU D 995 33.89 7.63 32.47
N LEU D 996 33.37 7.34 31.28
CA LEU D 996 33.38 5.98 30.76
C LEU D 996 34.77 5.51 30.33
N GLY D 997 35.73 6.42 30.19
CA GLY D 997 37.05 6.06 29.74
C GLY D 997 37.20 5.90 28.24
N LEU D 998 36.19 6.31 27.46
CA LEU D 998 36.26 6.17 26.01
C LEU D 998 37.34 7.06 25.40
N ASP D 999 37.74 8.12 26.09
CA ASP D 999 38.89 8.92 25.70
C ASP D 999 39.79 9.12 26.92
N THR D 1000 41.08 8.88 26.74
CA THR D 1000 42.05 8.87 27.83
C THR D 1000 42.95 10.10 27.69
N THR D 1001 42.52 11.20 28.29
CA THR D 1001 43.36 12.39 28.35
C THR D 1001 44.37 12.25 29.49
N PRO D 1002 45.66 12.41 29.22
CA PRO D 1002 46.64 12.35 30.31
C PRO D 1002 46.37 13.41 31.37
N GLY D 1003 46.54 13.02 32.63
CA GLY D 1003 46.23 13.89 33.74
C GLY D 1003 44.77 13.93 34.15
N SER D 1004 43.92 13.17 33.47
CA SER D 1004 42.49 13.12 33.77
C SER D 1004 42.17 11.86 34.55
N GLY D 1005 41.22 11.97 35.48
CA GLY D 1005 40.88 10.86 36.35
C GLY D 1005 39.94 9.86 35.70
N TYR D 1006 39.53 8.88 36.49
CA TYR D 1006 38.66 7.81 36.05
C TYR D 1006 37.59 7.55 37.11
N LEU D 1007 36.47 6.99 36.67
CA LEU D 1007 35.36 6.70 37.56
C LEU D 1007 35.63 5.42 38.34
N CYS D 1008 35.77 5.54 39.65
CA CYS D 1008 35.98 4.40 40.53
C CYS D 1008 34.78 4.27 41.48
N ALA D 1009 34.86 3.27 42.36
CA ALA D 1009 33.80 3.04 43.34
C ALA D 1009 34.41 2.41 44.58
N MET D 1010 33.95 2.87 45.74
CA MET D 1010 34.38 2.34 47.02
C MET D 1010 33.15 1.92 47.83
N LYS D 1011 33.33 0.86 48.60
CA LYS D 1011 32.25 0.26 49.37
C LYS D 1011 32.42 0.63 50.84
N ILE D 1012 31.39 1.25 51.42
CA ILE D 1012 31.41 1.64 52.82
C ILE D 1012 30.93 0.46 53.65
N THR D 1013 31.82 -0.08 54.47
CA THR D 1013 31.51 -1.16 55.38
C THR D 1013 31.31 -0.62 56.80
N GLU D 1014 31.14 -1.52 57.76
CA GLU D 1014 31.03 -1.11 59.15
C GLU D 1014 32.30 -0.45 59.67
N GLY D 1015 33.45 -0.75 59.05
CA GLY D 1015 34.69 -0.09 59.43
C GLY D 1015 34.76 1.37 59.06
N ASP D 1016 33.90 1.81 58.14
CA ASP D 1016 33.81 3.21 57.75
C ASP D 1016 32.59 3.91 58.32
N LEU D 1017 31.86 3.26 59.23
CA LEU D 1017 30.66 3.85 59.79
C LEU D 1017 30.97 4.97 60.78
N TRP D 1018 32.20 5.05 61.28
CA TRP D 1018 32.57 6.17 62.13
C TRP D 1018 32.53 7.49 61.37
N ILE D 1019 32.68 7.44 60.05
CA ILE D 1019 32.42 8.61 59.21
C ILE D 1019 30.90 8.77 59.10
N ARG D 1020 30.36 9.76 59.81
CA ARG D 1020 28.91 9.80 60.01
C ARG D 1020 28.18 10.20 58.74
N THR D 1021 28.67 11.19 58.01
CA THR D 1021 27.93 11.77 56.90
C THR D 1021 28.74 11.74 55.62
N TYR D 1022 28.06 12.08 54.53
CA TYR D 1022 28.70 12.15 53.21
C TYR D 1022 29.73 13.27 53.16
N GLY D 1023 29.46 14.38 53.83
CA GLY D 1023 30.42 15.48 53.85
C GLY D 1023 31.71 15.12 54.55
N ARG D 1024 31.62 14.39 55.66
CA ARG D 1024 32.82 13.96 56.37
C ARG D 1024 33.63 12.98 55.53
N LEU D 1025 32.98 12.10 54.78
CA LEU D 1025 33.71 11.23 53.87
C LEU D 1025 34.39 12.03 52.77
N PHE D 1026 33.73 13.09 52.29
CA PHE D 1026 34.35 13.96 51.30
C PHE D 1026 35.65 14.55 51.84
N GLN D 1027 35.64 15.01 53.09
CA GLN D 1027 36.84 15.57 53.69
C GLN D 1027 37.97 14.54 53.79
N LYS D 1028 37.63 13.31 54.18
CA LYS D 1028 38.65 12.28 54.35
C LYS D 1028 39.32 11.94 53.02
N LEU D 1029 38.53 11.83 51.95
CA LEU D 1029 39.09 11.37 50.68
C LEU D 1029 40.00 12.42 50.05
N CYS D 1030 39.55 13.68 50.00
CA CYS D 1030 40.34 14.72 49.35
C CYS D 1030 41.53 15.17 50.19
N SER D 1031 41.55 14.85 51.48
CA SER D 1031 42.70 15.18 52.32
C SER D 1031 43.75 14.09 52.34
N SER D 1032 43.38 12.86 51.98
CA SER D 1032 44.32 11.74 51.97
C SER D 1032 44.50 11.16 50.58
N SER D 1033 43.43 10.75 49.91
CA SER D 1033 43.53 10.07 48.61
C SER D 1033 43.17 10.96 47.44
N ALA D 1034 42.73 12.20 47.69
CA ALA D 1034 42.43 13.17 46.63
C ALA D 1034 41.34 12.66 45.67
N GLU D 1035 40.41 11.87 46.19
CA GLU D 1035 39.29 11.40 45.39
C GLU D 1035 38.08 12.32 45.58
N ILE D 1036 37.29 12.46 44.53
CA ILE D 1036 36.13 13.34 44.56
C ILE D 1036 34.88 12.51 44.33
N PRO D 1037 34.03 12.34 45.35
CA PRO D 1037 32.84 11.49 45.20
C PRO D 1037 31.74 12.22 44.43
N ILE D 1038 31.19 11.54 43.42
CA ILE D 1038 30.03 12.07 42.72
C ILE D 1038 28.75 11.76 43.50
N GLY D 1039 28.46 10.48 43.69
CA GLY D 1039 27.23 10.08 44.34
C GLY D 1039 27.33 8.86 45.23
N ILE D 1040 26.18 8.34 45.65
CA ILE D 1040 26.11 7.18 46.53
C ILE D 1040 25.16 6.16 45.91
N TYR D 1041 25.58 4.89 45.92
CA TYR D 1041 24.70 3.78 45.59
C TYR D 1041 24.13 3.24 46.89
N ARG D 1042 22.88 3.58 47.17
CA ARG D 1042 22.24 3.27 48.44
C ARG D 1042 21.38 2.03 48.29
N THR D 1043 21.54 1.08 49.20
CA THR D 1043 20.79 -0.17 49.19
C THR D 1043 20.03 -0.33 50.50
N GLU D 1044 18.77 -0.73 50.41
CA GLU D 1044 17.90 -0.92 51.56
C GLU D 1044 17.34 -2.34 51.56
N SER D 1045 16.64 -2.69 52.63
CA SER D 1045 15.98 -3.98 52.75
C SER D 1045 14.50 -3.81 52.43
N HIS D 1046 14.04 -4.46 51.36
CA HIS D 1046 12.69 -4.28 50.84
C HIS D 1046 12.07 -5.64 50.51
N VAL D 1047 12.07 -6.53 51.51
CA VAL D 1047 11.50 -7.87 51.38
C VAL D 1047 10.17 -7.82 50.65
N PHE D 1048 10.05 -8.60 49.57
CA PHE D 1048 8.89 -8.54 48.70
C PHE D 1048 7.82 -9.54 49.14
N ALA D 1128 1.63 -52.48 49.46
CA ALA D 1128 2.00 -51.38 50.35
C ALA D 1128 2.76 -50.30 49.60
N ALA D 1129 3.11 -50.58 48.35
CA ALA D 1129 3.82 -49.61 47.52
C ALA D 1129 2.94 -48.44 47.12
N ALA D 1130 1.61 -48.60 47.18
CA ALA D 1130 0.71 -47.52 46.83
C ALA D 1130 0.82 -46.35 47.80
N GLU D 1131 1.12 -46.63 49.07
CA GLU D 1131 1.30 -45.55 50.05
C GLU D 1131 2.47 -44.65 49.67
N TRP D 1132 3.59 -45.25 49.25
CA TRP D 1132 4.70 -44.44 48.74
C TRP D 1132 4.31 -43.75 47.44
N ILE D 1133 3.54 -44.43 46.59
CA ILE D 1133 3.06 -43.80 45.36
C ILE D 1133 2.18 -42.61 45.69
N SER D 1134 1.29 -42.76 46.67
CA SER D 1134 0.45 -41.65 47.09
C SER D 1134 1.23 -40.59 47.84
N GLN D 1135 2.29 -40.99 48.57
CA GLN D 1135 3.05 -40.02 49.36
C GLN D 1135 3.73 -39.00 48.47
N GLN D 1136 4.45 -39.45 47.44
CA GLN D 1136 5.03 -38.52 46.49
C GLN D 1136 3.95 -37.77 45.70
N ARG D 1137 2.78 -38.39 45.49
CA ARG D 1137 1.73 -37.72 44.74
C ARG D 1137 1.28 -36.45 45.43
N LEU D 1138 1.07 -36.51 46.74
CA LEU D 1138 0.61 -35.34 47.47
C LEU D 1138 1.70 -34.27 47.59
N SER D 1139 2.96 -34.66 47.56
CA SER D 1139 4.05 -33.71 47.73
C SER D 1139 4.26 -32.88 46.46
N LEU D 1140 4.25 -33.52 45.30
CA LEU D 1140 4.40 -32.79 44.04
C LEU D 1140 3.20 -31.87 43.79
N TYR D 1141 2.07 -32.15 44.43
CA TYR D 1141 0.93 -31.24 44.32
C TYR D 1141 1.21 -29.91 44.99
N ARG D 1142 1.78 -29.93 46.19
CA ARG D 1142 1.99 -28.73 46.98
C ARG D 1142 3.33 -28.05 46.71
N ARG D 1143 4.19 -28.66 45.90
CA ARG D 1143 5.50 -28.05 45.65
C ARG D 1143 5.34 -26.75 44.88
N SER D 1144 6.10 -25.74 45.29
CA SER D 1144 5.92 -24.39 44.80
C SER D 1144 6.53 -24.23 43.41
N GLU D 1145 6.28 -23.07 42.79
CA GLU D 1145 6.90 -22.77 41.52
C GLU D 1145 8.39 -22.58 41.67
N ARG D 1146 8.84 -22.08 42.84
CA ARG D 1146 10.27 -21.98 43.10
C ARG D 1146 10.93 -23.35 43.08
N GLN D 1147 10.29 -24.35 43.68
CA GLN D 1147 10.82 -25.71 43.61
C GLN D 1147 10.81 -26.24 42.18
N GLU D 1148 9.76 -25.92 41.42
CA GLU D 1148 9.71 -26.34 40.02
C GLU D 1148 10.84 -25.69 39.21
N LEU D 1149 11.10 -24.41 39.46
CA LEU D 1149 12.18 -23.74 38.75
C LEU D 1149 13.54 -24.22 39.24
N SER D 1150 13.67 -24.50 40.54
CA SER D 1150 14.94 -24.96 41.07
C SER D 1150 15.30 -26.35 40.53
N GLU D 1151 14.32 -27.25 40.48
CA GLU D 1151 14.60 -28.61 40.01
C GLU D 1151 14.90 -28.63 38.52
N LEU D 1152 14.31 -27.70 37.75
CA LEU D 1152 14.59 -27.65 36.31
C LEU D 1152 16.06 -27.36 36.04
N VAL D 1153 16.64 -26.42 36.77
CA VAL D 1153 18.06 -26.11 36.60
C VAL D 1153 18.92 -27.30 37.05
N LYS D 1154 18.61 -27.86 38.22
CA LYS D 1154 19.41 -28.97 38.75
C LYS D 1154 19.33 -30.19 37.84
N ASN D 1155 18.17 -30.43 37.22
CA ASN D 1155 18.06 -31.52 36.27
C ASN D 1155 18.97 -31.30 35.07
N ARG D 1156 19.08 -30.06 34.61
CA ARG D 1156 19.96 -29.77 33.49
C ARG D 1156 21.42 -29.80 33.91
N MET D 1157 21.72 -29.37 35.14
CA MET D 1157 23.11 -29.36 35.61
C MET D 1157 23.66 -30.78 35.72
N LYS D 1158 22.89 -31.68 36.32
CA LYS D 1158 23.32 -33.07 36.40
C LYS D 1158 23.26 -33.77 35.05
N HIS D 1159 22.48 -33.25 34.11
CA HIS D 1159 22.54 -33.73 32.74
C HIS D 1159 23.89 -33.40 32.11
N LEU D 1160 24.35 -32.16 32.28
CA LEU D 1160 25.65 -31.76 31.75
C LEU D 1160 26.79 -32.33 32.57
N GLY D 1161 26.64 -32.37 33.90
CA GLY D 1161 27.66 -32.90 34.79
C GLY D 1161 28.12 -31.95 35.86
N LEU D 1162 27.57 -30.74 35.95
CA LEU D 1162 27.99 -29.80 36.98
C LEU D 1162 27.54 -30.28 38.36
N PRO D 1163 28.27 -29.93 39.42
CA PRO D 1163 27.86 -30.32 40.77
C PRO D 1163 26.60 -29.58 41.18
N THR D 1164 25.59 -30.34 41.61
CA THR D 1164 24.31 -29.73 41.98
C THR D 1164 24.48 -28.75 43.13
N THR D 1165 25.29 -29.11 44.13
CA THR D 1165 25.64 -28.17 45.18
C THR D 1165 26.42 -27.01 44.58
N GLY D 1166 26.04 -25.79 44.96
CA GLY D 1166 26.55 -24.56 44.37
C GLY D 1166 25.45 -23.67 43.81
N TYR D 1167 24.38 -24.28 43.30
CA TYR D 1167 23.20 -23.52 42.91
C TYR D 1167 22.58 -22.79 44.09
N ASP D 1168 22.80 -23.28 45.31
CA ASP D 1168 22.27 -22.65 46.51
C ASP D 1168 22.89 -21.28 46.74
N HIS D 1173 14.73 -14.02 46.71
CA HIS D 1173 16.12 -14.15 47.10
C HIS D 1173 16.76 -12.77 47.31
N GLN D 1174 16.48 -11.86 46.39
CA GLN D 1174 17.03 -10.49 46.45
C GLN D 1174 15.98 -9.59 47.10
N ASN D 1175 16.04 -9.50 48.43
CA ASN D 1175 15.17 -8.61 49.18
C ASN D 1175 15.85 -7.27 49.44
N THR D 1176 16.21 -6.60 48.34
CA THR D 1176 16.94 -5.35 48.39
C THR D 1176 16.30 -4.35 47.45
N LEU D 1177 16.49 -3.06 47.78
CA LEU D 1177 16.03 -1.96 46.95
C LEU D 1177 17.14 -0.93 46.88
N SER D 1178 17.61 -0.62 45.67
CA SER D 1178 18.78 0.22 45.48
C SER D 1178 18.47 1.39 44.56
N TYR D 1179 19.22 2.47 44.74
CA TYR D 1179 19.03 3.69 43.95
C TYR D 1179 20.32 4.50 43.99
N VAL D 1180 20.39 5.51 43.12
CA VAL D 1180 21.57 6.34 42.95
C VAL D 1180 21.28 7.73 43.47
N LEU D 1181 22.22 8.30 44.22
CA LEU D 1181 22.07 9.63 44.81
C LEU D 1181 23.18 10.52 44.25
N ILE D 1182 22.91 11.20 43.14
CA ILE D 1182 23.92 12.05 42.51
C ILE D 1182 24.10 13.31 43.35
N ASN D 1183 25.32 13.53 43.81
CA ASN D 1183 25.69 14.72 44.59
C ASN D 1183 24.73 14.95 45.77
N PRO D 1184 24.69 14.05 46.74
CA PRO D 1184 23.85 14.28 47.92
C PRO D 1184 24.42 15.39 48.77
N PRO D 1185 23.59 16.05 49.58
CA PRO D 1185 24.09 17.10 50.47
C PRO D 1185 25.17 16.56 51.40
N PRO D 1186 26.00 17.43 51.96
CA PRO D 1186 27.10 16.96 52.82
C PRO D 1186 26.61 16.52 54.20
N ASP D 1187 25.29 16.46 54.40
CA ASP D 1187 24.72 16.08 55.67
C ASP D 1187 24.02 14.72 55.65
N THR D 1188 23.92 14.05 54.51
CA THR D 1188 23.23 12.77 54.44
C THR D 1188 24.02 11.71 55.19
N ARG D 1189 23.32 10.93 56.01
CA ARG D 1189 23.96 9.88 56.79
C ARG D 1189 24.48 8.78 55.86
N LEU D 1190 25.59 8.17 56.28
CA LEU D 1190 26.22 7.10 55.50
C LEU D 1190 25.81 5.76 56.08
N GLU D 1191 24.79 5.14 55.47
CA GLU D 1191 24.36 3.82 55.88
C GLU D 1191 25.38 2.78 55.45
N PRO D 1192 25.36 1.60 56.07
CA PRO D 1192 26.19 0.49 55.58
C PRO D 1192 25.74 0.04 54.20
N SER D 1193 26.62 -0.70 53.54
CA SER D 1193 26.39 -1.23 52.20
C SER D 1193 26.23 -0.13 51.15
N ASP D 1194 26.81 1.04 51.39
CA ASP D 1194 26.75 2.13 50.43
C ASP D 1194 27.99 2.11 49.54
N ILE D 1195 27.78 2.18 48.23
CA ILE D 1195 28.85 2.26 47.25
C ILE D 1195 28.92 3.71 46.78
N VAL D 1196 30.10 4.32 46.92
CA VAL D 1196 30.30 5.73 46.58
C VAL D 1196 31.08 5.80 45.28
N TYR D 1197 30.48 6.45 44.27
CA TYR D 1197 31.17 6.69 43.01
C TYR D 1197 32.28 7.72 43.23
N LEU D 1198 33.44 7.45 42.64
CA LEU D 1198 34.61 8.29 42.86
C LEU D 1198 35.26 8.65 41.53
N ILE D 1199 35.79 9.87 41.47
CA ILE D 1199 36.67 10.26 40.37
C ILE D 1199 38.07 10.34 40.92
N ARG D 1200 38.82 9.24 40.83
CA ARG D 1200 40.16 9.19 41.38
C ARG D 1200 41.15 9.78 40.39
N SER D 1201 42.08 10.57 40.91
CA SER D 1201 43.06 11.25 40.06
C SER D 1201 43.93 10.22 39.34
N ASP D 1202 44.44 10.63 38.18
CA ASP D 1202 45.19 9.73 37.31
C ASP D 1202 46.45 9.24 38.03
N PRO D 1203 46.66 7.93 38.12
CA PRO D 1203 47.86 7.42 38.80
C PRO D 1203 49.17 7.87 38.16
N LEU D 1204 49.18 8.05 36.84
CA LEU D 1204 50.39 8.41 36.11
C LEU D 1204 50.61 9.92 36.04
N ALA D 1205 49.73 10.71 36.64
CA ALA D 1205 49.88 12.16 36.63
C ALA D 1205 50.77 12.62 37.79
#